data_5OVS
#
_entry.id   5OVS
#
_cell.length_a   79.107
_cell.length_b   175.230
_cell.length_c   205.890
_cell.angle_alpha   90.00
_cell.angle_beta   90.00
_cell.angle_gamma   90.00
#
_symmetry.space_group_name_H-M   'P 21 21 21'
#
loop_
_entity.id
_entity.type
_entity.pdbx_description
1 polymer BPH
2 water water
#
_entity_poly.entity_id   1
_entity_poly.type   'polypeptide(L)'
_entity_poly.pdbx_seq_one_letter_code
;TTVTIVRKDGRIAIAADTLTKWGGGKESADYVANHEKIIRVGDSYVAITGSATFKLILADYFASLDEPPQLDSVARIFCV
WNTLHGALKEHYYLQAGEDKEDDLESSRMDVLIANPRGIFGVAAHRTVQEFSKFYAYGSGSPYALGAMYAAYRAPSLDAE
AVARLGVMAAAEFHDESGLPVQSFVMELSPDVGSGENLYFQ
;
_entity_poly.pdbx_strand_id   A,B,C,D,E,F,G,H,I,J,K,L,M,N
#
# COMPACT_ATOMS: atom_id res chain seq x y z
N THR A 1 -33.42 1.70 2.66
CA THR A 1 -34.55 0.75 2.85
C THR A 1 -34.84 0.50 4.34
N THR A 2 -36.13 0.36 4.66
CA THR A 2 -36.57 -0.15 5.94
C THR A 2 -37.64 -1.18 5.66
N VAL A 3 -37.48 -2.37 6.19
CA VAL A 3 -38.56 -3.34 6.22
C VAL A 3 -38.85 -3.69 7.68
N THR A 4 -40.13 -3.84 8.01
CA THR A 4 -40.53 -4.22 9.35
C THR A 4 -41.50 -5.40 9.30
N ILE A 5 -41.59 -6.09 10.42
CA ILE A 5 -42.44 -7.26 10.56
C ILE A 5 -42.93 -7.34 12.01
N VAL A 6 -44.21 -7.69 12.20
CA VAL A 6 -44.86 -7.61 13.52
C VAL A 6 -45.82 -8.80 13.80
N ARG A 7 -45.84 -9.21 15.06
CA ARG A 7 -46.69 -10.28 15.55
C ARG A 7 -47.38 -9.77 16.83
N LYS A 8 -48.71 -9.70 16.83
CA LYS A 8 -49.45 -9.18 17.98
C LYS A 8 -50.94 -9.50 17.92
N ASP A 9 -51.48 -10.01 19.02
CA ASP A 9 -52.92 -10.31 19.15
C ASP A 9 -53.43 -11.19 18.00
N GLY A 10 -52.72 -12.29 17.73
CA GLY A 10 -53.10 -13.20 16.67
C GLY A 10 -53.14 -12.57 15.29
N ARG A 11 -52.31 -11.55 15.07
CA ARG A 11 -52.18 -10.91 13.74
C ARG A 11 -50.72 -10.72 13.36
N ILE A 12 -50.43 -10.98 12.09
CA ILE A 12 -49.10 -10.86 11.54
C ILE A 12 -49.11 -9.78 10.46
N ALA A 13 -48.20 -8.82 10.58
CA ALA A 13 -48.14 -7.68 9.68
C ALA A 13 -46.71 -7.43 9.20
N ILE A 14 -46.59 -7.03 7.95
CA ILE A 14 -45.31 -6.76 7.34
C ILE A 14 -45.39 -5.45 6.59
N ALA A 15 -44.28 -4.70 6.58
CA ALA A 15 -44.27 -3.42 5.92
C ALA A 15 -42.91 -3.09 5.29
N ALA A 16 -42.92 -2.15 4.35
CA ALA A 16 -41.75 -1.69 3.64
C ALA A 16 -41.89 -0.20 3.26
N ASP A 17 -40.79 0.54 3.21
CA ASP A 17 -40.86 1.88 2.61
C ASP A 17 -40.85 1.67 1.10
N THR A 18 -40.91 2.76 0.32
CA THR A 18 -41.00 2.64 -1.15
C THR A 18 -39.89 3.32 -1.96
N LEU A 19 -38.92 3.96 -1.30
CA LEU A 19 -37.87 4.75 -1.97
C LEU A 19 -36.68 3.91 -2.47
N THR A 20 -36.35 4.05 -3.75
CA THR A 20 -35.09 3.50 -4.27
C THR A 20 -34.06 4.61 -4.42
N LYS A 21 -32.81 4.23 -4.18
CA LYS A 21 -31.68 5.12 -4.38
C LYS A 21 -30.79 4.63 -5.54
N TRP A 22 -30.18 5.61 -6.19
CA TRP A 22 -29.19 5.41 -7.25
C TRP A 22 -28.12 6.43 -6.89
N GLY A 23 -27.19 6.02 -6.05
CA GLY A 23 -26.26 6.93 -5.42
C GLY A 23 -27.03 7.77 -4.42
N GLY A 24 -26.78 9.08 -4.44
CA GLY A 24 -27.55 10.02 -3.65
C GLY A 24 -28.84 10.49 -4.30
N GLY A 25 -29.13 9.98 -5.51
CA GLY A 25 -30.37 10.26 -6.21
C GLY A 25 -31.55 9.52 -5.62
N LYS A 26 -32.70 10.17 -5.55
CA LYS A 26 -33.93 9.59 -5.03
C LYS A 26 -34.83 9.18 -6.17
N GLU A 27 -35.31 7.93 -6.10
CA GLU A 27 -36.26 7.40 -7.06
C GLU A 27 -37.52 6.95 -6.30
N SER A 28 -38.43 7.90 -6.08
CA SER A 28 -39.58 7.68 -5.21
C SER A 28 -40.73 6.92 -5.87
N ALA A 29 -41.75 6.60 -5.09
CA ALA A 29 -42.91 5.86 -5.61
C ALA A 29 -43.72 6.73 -6.57
N ASP A 30 -43.51 8.02 -6.45
CA ASP A 30 -44.05 9.00 -7.37
C ASP A 30 -43.51 8.88 -8.82
N TYR A 31 -42.28 8.41 -8.95
CA TYR A 31 -41.62 8.35 -10.26
C TYR A 31 -41.40 6.93 -10.80
N VAL A 32 -41.51 5.93 -9.94
CA VAL A 32 -41.33 4.53 -10.33
C VAL A 32 -42.63 3.77 -10.09
N ALA A 33 -43.14 3.12 -11.12
CA ALA A 33 -44.35 2.30 -10.97
C ALA A 33 -44.10 1.11 -10.08
N ASN A 34 -43.07 0.34 -10.40
CA ASN A 34 -42.79 -0.91 -9.69
C ASN A 34 -41.94 -0.66 -8.45
N HIS A 35 -42.47 0.11 -7.52
CA HIS A 35 -41.73 0.59 -6.33
C HIS A 35 -41.91 -0.29 -5.09
N GLU A 36 -42.61 -1.41 -5.24
CA GLU A 36 -42.88 -2.31 -4.12
C GLU A 36 -41.61 -3.08 -3.78
N LYS A 37 -41.32 -3.21 -2.50
CA LYS A 37 -40.19 -4.00 -2.02
C LYS A 37 -40.63 -5.33 -1.41
N ILE A 38 -41.95 -5.52 -1.32
CA ILE A 38 -42.53 -6.75 -0.81
C ILE A 38 -43.15 -7.50 -1.97
N ILE A 39 -42.71 -8.75 -2.13
CA ILE A 39 -43.25 -9.64 -3.15
C ILE A 39 -43.98 -10.78 -2.47
N ARG A 40 -44.90 -11.40 -3.20
CA ARG A 40 -45.60 -12.58 -2.70
C ARG A 40 -44.90 -13.84 -3.16
N VAL A 41 -44.64 -14.74 -2.22
CA VAL A 41 -44.15 -16.06 -2.55
C VAL A 41 -45.06 -17.06 -1.85
N GLY A 42 -45.82 -17.83 -2.61
CA GLY A 42 -46.83 -18.68 -2.02
C GLY A 42 -47.77 -17.85 -1.15
N ASP A 43 -47.94 -18.25 0.10
CA ASP A 43 -48.72 -17.46 1.06
C ASP A 43 -47.84 -16.62 2.01
N SER A 44 -46.54 -16.59 1.75
CA SER A 44 -45.62 -15.75 2.51
C SER A 44 -45.44 -14.41 1.81
N TYR A 45 -45.28 -13.37 2.60
CA TYR A 45 -44.83 -12.09 2.08
C TYR A 45 -43.35 -11.96 2.41
N VAL A 46 -42.55 -11.62 1.41
CA VAL A 46 -41.11 -11.47 1.54
C VAL A 46 -40.71 -10.02 1.26
N ALA A 47 -40.19 -9.36 2.30
CA ALA A 47 -39.75 -7.96 2.22
C ALA A 47 -38.24 -7.92 2.05
N ILE A 48 -37.77 -7.30 0.97
CA ILE A 48 -36.38 -7.39 0.56
C ILE A 48 -35.60 -6.06 0.66
N THR A 49 -34.41 -6.11 1.28
CA THR A 49 -33.47 -4.99 1.27
C THR A 49 -32.28 -5.37 0.40
N GLY A 50 -31.31 -4.47 0.28
CA GLY A 50 -30.17 -4.65 -0.61
C GLY A 50 -30.53 -4.11 -1.98
N SER A 51 -29.72 -4.39 -3.00
CA SER A 51 -29.98 -3.83 -4.33
C SER A 51 -31.43 -3.99 -4.76
N ALA A 52 -31.93 -2.97 -5.45
CA ALA A 52 -33.31 -2.99 -5.94
C ALA A 52 -33.54 -4.13 -6.94
N THR A 53 -32.47 -4.72 -7.45
CA THR A 53 -32.54 -5.83 -8.42
C THR A 53 -32.97 -7.16 -7.78
N PHE A 54 -32.90 -7.26 -6.46
CA PHE A 54 -33.13 -8.53 -5.78
C PHE A 54 -34.60 -8.97 -5.82
N LYS A 55 -35.53 -8.01 -5.71
CA LYS A 55 -36.96 -8.35 -5.81
C LYS A 55 -37.34 -8.91 -7.18
N LEU A 56 -36.58 -8.52 -8.22
CA LEU A 56 -36.78 -9.04 -9.57
C LEU A 56 -36.15 -10.41 -9.70
N ILE A 57 -34.96 -10.57 -9.12
CA ILE A 57 -34.29 -11.85 -9.08
C ILE A 57 -35.11 -12.91 -8.34
N LEU A 58 -35.54 -12.60 -7.11
CA LEU A 58 -36.29 -13.55 -6.28
C LEU A 58 -37.64 -13.95 -6.88
N ALA A 59 -38.40 -12.96 -7.36
CA ALA A 59 -39.67 -13.21 -8.04
C ALA A 59 -39.48 -14.16 -9.22
N ASP A 60 -38.43 -13.92 -9.99
CA ASP A 60 -38.07 -14.73 -11.15
C ASP A 60 -37.60 -16.12 -10.68
N TYR A 61 -36.75 -16.15 -9.65
CA TYR A 61 -36.20 -17.42 -9.18
C TYR A 61 -37.25 -18.34 -8.58
N PHE A 62 -38.02 -17.82 -7.62
CA PHE A 62 -39.05 -18.60 -6.98
C PHE A 62 -40.10 -19.08 -7.99
N ALA A 63 -40.46 -18.20 -8.93
CA ALA A 63 -41.41 -18.54 -10.00
C ALA A 63 -40.91 -19.68 -10.86
N SER A 64 -39.59 -19.80 -11.02
CA SER A 64 -38.97 -20.83 -11.86
C SER A 64 -38.92 -22.22 -11.19
N LEU A 65 -39.17 -22.28 -9.89
CA LEU A 65 -39.20 -23.56 -9.18
C LEU A 65 -40.45 -24.35 -9.55
N ASP A 66 -40.45 -25.64 -9.25
CA ASP A 66 -41.59 -26.51 -9.54
C ASP A 66 -42.84 -26.06 -8.78
N GLU A 67 -42.71 -25.95 -7.46
CA GLU A 67 -43.76 -25.39 -6.61
C GLU A 67 -43.14 -24.29 -5.75
N PRO A 68 -43.95 -23.30 -5.31
CA PRO A 68 -43.39 -22.34 -4.36
C PRO A 68 -42.90 -23.03 -3.07
N PRO A 69 -41.84 -22.48 -2.45
CA PRO A 69 -41.22 -23.15 -1.31
C PRO A 69 -41.95 -22.90 0.00
N GLN A 70 -41.68 -23.75 0.97
CA GLN A 70 -42.22 -23.62 2.32
C GLN A 70 -41.33 -22.70 3.12
N LEU A 71 -41.92 -21.63 3.65
CA LEU A 71 -41.15 -20.60 4.37
C LEU A 71 -41.73 -20.39 5.77
N ASP A 72 -41.98 -21.49 6.46
CA ASP A 72 -42.78 -21.50 7.70
C ASP A 72 -42.06 -22.12 8.91
N SER A 73 -40.80 -22.48 8.74
CA SER A 73 -39.97 -22.94 9.85
C SER A 73 -38.55 -22.54 9.53
N VAL A 74 -37.72 -22.51 10.56
CA VAL A 74 -36.34 -22.03 10.45
C VAL A 74 -35.52 -22.95 9.54
N ALA A 75 -35.66 -24.26 9.75
CA ALA A 75 -34.93 -25.26 8.98
C ALA A 75 -35.26 -25.17 7.49
N ARG A 76 -36.53 -24.94 7.20
CA ARG A 76 -36.97 -24.91 5.81
C ARG A 76 -36.54 -23.64 5.13
N ILE A 77 -36.70 -22.51 5.80
CA ILE A 77 -36.24 -21.24 5.28
C ILE A 77 -34.74 -21.30 5.01
N PHE A 78 -33.96 -21.79 5.98
CA PHE A 78 -32.52 -21.92 5.78
C PHE A 78 -32.17 -22.75 4.55
N CYS A 79 -32.84 -23.92 4.46
CA CYS A 79 -32.62 -24.87 3.37
C CYS A 79 -32.90 -24.21 2.02
N VAL A 80 -34.01 -23.49 1.92
CA VAL A 80 -34.35 -22.70 0.71
C VAL A 80 -33.33 -21.57 0.43
N TRP A 81 -32.92 -20.84 1.46
CA TRP A 81 -31.95 -19.76 1.23
C TRP A 81 -30.57 -20.26 0.79
N ASN A 82 -30.10 -21.35 1.41
CA ASN A 82 -28.82 -21.95 1.01
C ASN A 82 -28.80 -22.37 -0.47
N THR A 83 -29.92 -22.95 -0.93
CA THR A 83 -30.07 -23.32 -2.34
C THR A 83 -30.24 -22.08 -3.22
N LEU A 84 -31.01 -21.11 -2.75
CA LEU A 84 -31.11 -19.81 -3.44
C LEU A 84 -29.73 -19.20 -3.66
N HIS A 85 -28.83 -19.37 -2.69
CA HIS A 85 -27.51 -18.71 -2.77
C HIS A 85 -26.68 -19.17 -3.95
N GLY A 86 -26.72 -20.46 -4.25
CA GLY A 86 -25.97 -21.01 -5.36
C GLY A 86 -26.46 -20.50 -6.69
N ALA A 87 -27.78 -20.34 -6.79
CA ALA A 87 -28.41 -19.75 -7.96
C ALA A 87 -28.02 -18.29 -8.17
N LEU A 88 -28.02 -17.48 -7.10
CA LEU A 88 -27.58 -16.09 -7.21
C LEU A 88 -26.21 -15.98 -7.88
N LYS A 89 -25.26 -16.76 -7.39
CA LYS A 89 -23.91 -16.80 -7.96
C LYS A 89 -23.91 -17.37 -9.39
N GLU A 90 -24.55 -18.53 -9.56
CA GLU A 90 -24.48 -19.25 -10.82
C GLU A 90 -25.32 -18.61 -11.93
N HIS A 91 -26.50 -18.07 -11.60
CA HIS A 91 -27.43 -17.60 -12.62
C HIS A 91 -27.69 -16.09 -12.64
N TYR A 92 -27.52 -15.42 -11.52
CA TYR A 92 -27.87 -14.01 -11.43
C TYR A 92 -26.69 -13.11 -11.12
N TYR A 93 -25.48 -13.66 -11.24
CA TYR A 93 -24.24 -12.86 -11.21
C TYR A 93 -24.00 -12.14 -9.90
N LEU A 94 -24.25 -12.82 -8.79
CA LEU A 94 -23.87 -12.32 -7.46
C LEU A 94 -22.35 -12.43 -7.33
N GLN A 95 -21.74 -11.50 -6.58
CA GLN A 95 -20.28 -11.44 -6.43
C GLN A 95 -19.75 -12.08 -5.13
N GLU A 101 -12.76 -12.18 3.99
CA GLU A 101 -13.27 -11.26 5.00
C GLU A 101 -14.26 -11.96 5.94
N ASP A 102 -15.39 -12.41 5.37
CA ASP A 102 -16.51 -13.00 6.15
C ASP A 102 -16.30 -14.47 6.51
N ASP A 103 -17.03 -14.93 7.53
CA ASP A 103 -17.16 -16.35 7.85
C ASP A 103 -17.69 -17.13 6.66
N LEU A 104 -18.86 -16.69 6.19
CA LEU A 104 -19.56 -17.32 5.09
C LEU A 104 -19.78 -16.31 3.97
N GLU A 105 -20.08 -16.81 2.78
CA GLU A 105 -20.38 -15.91 1.67
C GLU A 105 -21.73 -15.23 1.89
N SER A 106 -21.74 -13.92 1.68
CA SER A 106 -22.93 -13.10 1.81
C SER A 106 -23.86 -13.26 0.61
N SER A 107 -25.16 -13.37 0.87
CA SER A 107 -26.16 -13.29 -0.19
C SER A 107 -26.57 -11.84 -0.49
N ARG A 108 -25.97 -10.89 0.24
CA ARG A 108 -26.09 -9.43 0.00
C ARG A 108 -27.47 -8.79 0.29
N MET A 109 -28.47 -9.58 0.66
CA MET A 109 -29.78 -9.01 0.97
C MET A 109 -30.18 -9.50 2.32
N ASP A 110 -30.94 -8.66 3.04
CA ASP A 110 -31.60 -9.06 4.28
C ASP A 110 -33.08 -9.10 3.97
N VAL A 111 -33.73 -10.22 4.26
CA VAL A 111 -35.18 -10.30 4.07
C VAL A 111 -35.96 -10.52 5.37
N LEU A 112 -37.20 -10.05 5.36
CA LEU A 112 -38.17 -10.44 6.37
C LEU A 112 -39.25 -11.29 5.70
N ILE A 113 -39.71 -12.31 6.40
CA ILE A 113 -40.74 -13.22 5.88
C ILE A 113 -41.93 -13.32 6.83
N ALA A 114 -43.11 -12.95 6.33
CA ALA A 114 -44.35 -13.01 7.09
C ALA A 114 -45.27 -14.06 6.46
N ASN A 115 -45.81 -14.94 7.28
CA ASN A 115 -46.90 -15.81 6.81
C ASN A 115 -47.74 -16.25 8.00
N PRO A 116 -48.82 -16.98 7.74
CA PRO A 116 -49.65 -17.36 8.88
C PRO A 116 -48.95 -18.16 9.99
N ARG A 117 -47.89 -18.90 9.67
CA ARG A 117 -47.26 -19.80 10.64
C ARG A 117 -46.06 -19.23 11.41
N GLY A 118 -45.74 -17.95 11.19
CA GLY A 118 -44.71 -17.26 11.99
C GLY A 118 -44.19 -16.00 11.34
N ILE A 119 -43.36 -15.25 12.06
CA ILE A 119 -42.60 -14.15 11.44
C ILE A 119 -41.09 -14.45 11.51
N PHE A 120 -40.42 -14.32 10.36
CA PHE A 120 -39.01 -14.72 10.23
C PHE A 120 -38.12 -13.66 9.56
N GLY A 121 -36.82 -13.81 9.79
CA GLY A 121 -35.83 -13.04 9.05
C GLY A 121 -34.79 -13.97 8.47
N VAL A 122 -34.15 -13.53 7.38
CA VAL A 122 -32.93 -14.16 6.90
C VAL A 122 -31.93 -13.06 6.58
N ALA A 123 -30.86 -13.03 7.37
CA ALA A 123 -29.80 -12.05 7.15
C ALA A 123 -28.94 -12.47 5.95
N ALA A 124 -28.11 -11.54 5.50
CA ALA A 124 -27.27 -11.73 4.33
C ALA A 124 -26.43 -13.00 4.40
N HIS A 125 -26.04 -13.42 5.61
CA HIS A 125 -25.20 -14.61 5.76
C HIS A 125 -26.05 -15.89 5.99
N ARG A 126 -27.35 -15.84 5.65
CA ARG A 126 -28.27 -16.97 5.81
C ARG A 126 -28.53 -17.34 7.28
N THR A 127 -28.47 -16.33 8.13
CA THR A 127 -28.88 -16.42 9.53
C THR A 127 -30.40 -16.35 9.61
N VAL A 128 -31.04 -17.50 9.53
CA VAL A 128 -32.49 -17.56 9.65
C VAL A 128 -32.91 -17.38 11.12
N GLN A 129 -33.89 -16.52 11.38
CA GLN A 129 -34.39 -16.35 12.73
C GLN A 129 -35.91 -16.28 12.76
N GLU A 130 -36.52 -16.80 13.82
CA GLU A 130 -37.95 -16.66 14.04
C GLU A 130 -38.12 -15.64 15.13
N PHE A 131 -38.92 -14.61 14.86
CA PHE A 131 -39.10 -13.49 15.79
C PHE A 131 -40.37 -13.66 16.61
N SER A 132 -40.35 -13.18 17.85
CA SER A 132 -41.49 -13.36 18.75
C SER A 132 -42.40 -12.13 18.82
N LYS A 133 -41.87 -10.95 18.53
CA LYS A 133 -42.64 -9.70 18.63
C LYS A 133 -42.54 -8.88 17.33
N PHE A 134 -41.34 -8.42 17.03
CA PHE A 134 -41.12 -7.60 15.84
C PHE A 134 -39.62 -7.53 15.53
N TYR A 135 -39.30 -7.23 14.27
CA TYR A 135 -37.93 -6.87 13.91
C TYR A 135 -37.90 -6.03 12.63
N ALA A 136 -36.73 -5.46 12.33
CA ALA A 136 -36.53 -4.66 11.13
C ALA A 136 -35.16 -4.89 10.49
N TYR A 137 -35.15 -4.81 9.16
CA TYR A 137 -33.91 -4.88 8.38
C TYR A 137 -33.79 -3.67 7.46
N GLY A 138 -32.63 -3.52 6.84
CA GLY A 138 -32.32 -2.37 6.02
C GLY A 138 -31.61 -1.29 6.82
N SER A 139 -31.09 -0.28 6.14
CA SER A 139 -30.31 0.77 6.83
C SER A 139 -31.17 1.56 7.80
N GLY A 140 -32.49 1.51 7.63
CA GLY A 140 -33.42 2.19 8.52
C GLY A 140 -33.90 1.43 9.75
N SER A 141 -33.48 0.16 9.86
CA SER A 141 -33.82 -0.73 10.97
C SER A 141 -33.77 -0.13 12.41
N PRO A 142 -32.64 0.47 12.79
CA PRO A 142 -32.55 1.06 14.14
C PRO A 142 -33.69 2.02 14.48
N TYR A 143 -34.07 2.86 13.51
CA TYR A 143 -35.15 3.82 13.70
C TYR A 143 -36.45 3.07 13.92
N ALA A 144 -36.74 2.11 13.04
CA ALA A 144 -37.93 1.27 13.16
C ALA A 144 -38.00 0.56 14.51
N LEU A 145 -36.91 -0.07 14.92
CA LEU A 145 -36.89 -0.80 16.20
C LEU A 145 -37.25 0.09 17.41
N GLY A 146 -36.62 1.26 17.50
CA GLY A 146 -36.97 2.26 18.51
C GLY A 146 -38.46 2.59 18.54
N ALA A 147 -39.01 2.96 17.39
CA ALA A 147 -40.43 3.30 17.28
C ALA A 147 -41.35 2.12 17.60
N MET A 148 -41.05 0.93 17.09
CA MET A 148 -41.90 -0.25 17.40
C MET A 148 -41.79 -0.62 18.88
N TYR A 149 -40.59 -0.52 19.45
CA TYR A 149 -40.43 -0.71 20.90
C TYR A 149 -41.34 0.24 21.70
N ALA A 150 -41.46 1.47 21.23
CA ALA A 150 -42.23 2.47 21.93
C ALA A 150 -43.73 2.19 21.81
N ALA A 151 -44.16 1.74 20.66
CA ALA A 151 -45.58 1.65 20.38
C ALA A 151 -46.08 0.21 20.34
N TYR A 152 -45.23 -0.76 20.65
CA TYR A 152 -45.65 -2.16 20.51
C TYR A 152 -46.85 -2.44 21.42
N ARG A 153 -46.77 -2.00 22.67
CA ARG A 153 -47.77 -2.35 23.68
C ARG A 153 -48.93 -1.37 23.80
N ALA A 154 -49.09 -0.49 22.82
CA ALA A 154 -50.19 0.47 22.82
C ALA A 154 -51.45 -0.22 22.35
N PRO A 155 -52.49 -0.28 23.22
CA PRO A 155 -53.69 -1.06 22.88
C PRO A 155 -54.38 -0.60 21.60
N SER A 156 -54.23 0.68 21.26
CA SER A 156 -54.86 1.25 20.08
C SER A 156 -54.23 0.84 18.74
N LEU A 157 -53.09 0.14 18.78
CA LEU A 157 -52.35 -0.21 17.57
C LEU A 157 -52.27 -1.71 17.33
N ASP A 158 -52.79 -2.15 16.19
CA ASP A 158 -52.69 -3.56 15.80
C ASP A 158 -51.33 -3.79 15.17
N ALA A 159 -51.03 -5.03 14.83
CA ALA A 159 -49.73 -5.38 14.23
C ALA A 159 -49.37 -4.47 13.06
N GLU A 160 -50.30 -4.31 12.12
CA GLU A 160 -50.06 -3.51 10.91
C GLU A 160 -49.71 -2.06 11.21
N ALA A 161 -50.37 -1.46 12.19
CA ALA A 161 -50.11 -0.06 12.53
C ALA A 161 -48.75 0.11 13.17
N VAL A 162 -48.29 -0.91 13.89
CA VAL A 162 -46.96 -0.89 14.51
C VAL A 162 -45.91 -1.06 13.43
N ALA A 163 -46.14 -1.98 12.50
CA ALA A 163 -45.21 -2.19 11.38
C ALA A 163 -45.01 -0.89 10.62
N ARG A 164 -46.12 -0.26 10.24
CA ARG A 164 -46.10 0.96 9.43
C ARG A 164 -45.44 2.12 10.18
N LEU A 165 -45.68 2.19 11.48
CA LEU A 165 -45.09 3.22 12.31
C LEU A 165 -43.57 3.12 12.33
N GLY A 166 -43.04 1.90 12.29
CA GLY A 166 -41.60 1.68 12.23
C GLY A 166 -40.97 2.22 10.95
N VAL A 167 -41.64 1.95 9.83
CA VAL A 167 -41.18 2.45 8.55
C VAL A 167 -41.26 3.98 8.51
N MET A 168 -42.30 4.54 9.14
CA MET A 168 -42.51 5.97 9.16
C MET A 168 -41.37 6.70 9.88
N ALA A 169 -40.91 6.10 10.98
CA ALA A 169 -39.82 6.64 11.78
C ALA A 169 -38.52 6.66 11.03
N ALA A 170 -38.23 5.59 10.30
CA ALA A 170 -37.05 5.54 9.44
C ALA A 170 -37.16 6.62 8.38
N ALA A 171 -38.32 6.66 7.72
CA ALA A 171 -38.55 7.60 6.65
C ALA A 171 -38.45 9.05 7.10
N GLU A 172 -38.68 9.30 8.38
CA GLU A 172 -38.60 10.64 8.93
C GLU A 172 -37.16 11.10 9.07
N PHE A 173 -36.27 10.16 9.40
CA PHE A 173 -34.92 10.52 9.83
C PHE A 173 -33.78 10.09 8.92
N HIS A 174 -34.04 9.15 8.02
CA HIS A 174 -32.97 8.56 7.24
C HIS A 174 -33.16 8.70 5.72
N ASP A 175 -32.04 8.97 5.04
CA ASP A 175 -32.06 9.37 3.64
C ASP A 175 -32.21 8.21 2.65
N GLU A 176 -32.26 6.98 3.15
CA GLU A 176 -32.46 5.81 2.28
C GLU A 176 -33.84 5.21 2.39
N SER A 177 -34.72 5.84 3.18
CA SER A 177 -36.12 5.42 3.28
C SER A 177 -37.03 6.57 2.93
N GLY A 178 -38.19 6.24 2.37
CA GLY A 178 -39.16 7.26 1.98
C GLY A 178 -40.60 6.78 1.87
N LEU A 179 -41.52 7.72 2.10
CA LEU A 179 -42.95 7.49 2.00
C LEU A 179 -43.37 7.43 0.54
N PRO A 180 -44.45 6.69 0.23
CA PRO A 180 -45.38 6.01 1.14
C PRO A 180 -44.83 4.72 1.73
N VAL A 181 -45.56 4.21 2.71
CA VAL A 181 -45.34 2.89 3.28
C VAL A 181 -46.27 1.88 2.62
N GLN A 182 -45.73 0.71 2.29
CA GLN A 182 -46.51 -0.40 1.81
C GLN A 182 -46.60 -1.36 2.99
N SER A 183 -47.75 -2.00 3.14
CA SER A 183 -47.92 -2.98 4.21
C SER A 183 -48.90 -4.09 3.83
N PHE A 184 -48.79 -5.21 4.53
CA PHE A 184 -49.79 -6.26 4.43
C PHE A 184 -50.04 -6.77 5.84
N VAL A 185 -51.20 -7.40 6.02
CA VAL A 185 -51.58 -7.96 7.30
C VAL A 185 -52.30 -9.28 7.06
N MET A 186 -52.13 -10.23 7.97
CA MET A 186 -52.81 -11.51 7.90
C MET A 186 -53.08 -12.04 9.29
N GLU A 187 -53.88 -13.11 9.34
CA GLU A 187 -54.21 -13.76 10.59
C GLU A 187 -53.21 -14.86 10.87
N LEU A 188 -52.88 -15.00 12.16
CA LEU A 188 -52.04 -16.10 12.64
C LEU A 188 -52.81 -17.41 12.52
N SER A 189 -52.15 -18.46 12.00
CA SER A 189 -52.77 -19.77 11.87
C SER A 189 -52.82 -20.47 13.23
N PRO A 190 -53.79 -21.40 13.43
CA PRO A 190 -53.86 -22.16 14.69
C PRO A 190 -53.23 -23.56 14.63
N THR B 1 -20.35 -14.32 22.14
CA THR B 1 -20.80 -15.67 22.59
C THR B 1 -19.92 -16.24 23.70
N THR B 2 -20.56 -16.82 24.71
CA THR B 2 -19.86 -17.66 25.66
C THR B 2 -20.49 -19.04 25.66
N VAL B 3 -19.64 -20.05 25.58
CA VAL B 3 -20.07 -21.42 25.84
C VAL B 3 -19.14 -22.03 26.88
N THR B 4 -19.73 -22.72 27.85
CA THR B 4 -18.99 -23.43 28.87
C THR B 4 -19.40 -24.91 28.93
N ILE B 5 -18.49 -25.72 29.43
CA ILE B 5 -18.71 -27.15 29.60
C ILE B 5 -18.00 -27.58 30.89
N VAL B 6 -18.67 -28.42 31.69
CA VAL B 6 -18.17 -28.77 33.03
C VAL B 6 -18.36 -30.25 33.35
N ARG B 7 -17.38 -30.80 34.08
CA ARG B 7 -17.39 -32.19 34.55
C ARG B 7 -17.04 -32.21 36.05
N LYS B 8 -17.99 -32.68 36.87
CA LYS B 8 -17.80 -32.70 38.33
C LYS B 8 -18.73 -33.70 39.00
N ASP B 9 -18.16 -34.57 39.83
CA ASP B 9 -18.90 -35.52 40.67
C ASP B 9 -19.82 -36.47 39.91
N GLY B 10 -19.31 -37.06 38.83
CA GLY B 10 -20.07 -38.00 38.02
C GLY B 10 -21.15 -37.35 37.16
N ARG B 11 -21.08 -36.03 37.02
CA ARG B 11 -22.07 -35.27 36.25
C ARG B 11 -21.38 -34.38 35.22
N ILE B 12 -22.05 -34.23 34.09
CA ILE B 12 -21.53 -33.49 32.95
C ILE B 12 -22.54 -32.43 32.53
N ALA B 13 -22.10 -31.18 32.43
CA ALA B 13 -22.96 -30.08 32.06
C ALA B 13 -22.37 -29.18 30.98
N ILE B 14 -23.26 -28.54 30.23
CA ILE B 14 -22.89 -27.68 29.11
C ILE B 14 -23.82 -26.47 29.12
N ALA B 15 -23.27 -25.29 28.87
CA ALA B 15 -24.06 -24.06 28.85
C ALA B 15 -23.67 -23.13 27.70
N ALA B 16 -24.53 -22.16 27.44
CA ALA B 16 -24.30 -21.13 26.45
C ALA B 16 -25.13 -19.92 26.83
N ASP B 17 -24.70 -18.72 26.46
CA ASP B 17 -25.59 -17.58 26.57
C ASP B 17 -26.59 -17.62 25.41
N THR B 18 -27.51 -16.67 25.36
CA THR B 18 -28.56 -16.62 24.33
C THR B 18 -28.48 -15.46 23.32
N LEU B 19 -27.57 -14.52 23.55
CA LEU B 19 -27.54 -13.26 22.80
C LEU B 19 -26.91 -13.41 21.42
N THR B 20 -27.61 -12.97 20.39
CA THR B 20 -27.04 -12.88 19.05
C THR B 20 -26.76 -11.42 18.72
N LYS B 21 -25.78 -11.21 17.85
CA LYS B 21 -25.33 -9.86 17.49
C LYS B 21 -25.40 -9.67 15.99
N TRP B 22 -25.71 -8.44 15.59
CA TRP B 22 -25.74 -8.04 14.20
C TRP B 22 -25.11 -6.66 14.19
N GLY B 23 -23.79 -6.62 13.99
CA GLY B 23 -23.01 -5.40 14.20
C GLY B 23 -23.01 -5.10 15.68
N GLY B 24 -23.10 -3.82 16.03
CA GLY B 24 -23.28 -3.40 17.42
C GLY B 24 -24.69 -3.61 17.95
N GLY B 25 -25.59 -4.12 17.11
CA GLY B 25 -26.97 -4.39 17.51
C GLY B 25 -27.15 -5.72 18.21
N LYS B 26 -28.02 -5.72 19.22
CA LYS B 26 -28.28 -6.87 20.03
C LYS B 26 -29.61 -7.48 19.64
N GLU B 27 -29.61 -8.79 19.40
CA GLU B 27 -30.83 -9.56 19.17
C GLU B 27 -30.94 -10.55 20.32
N SER B 28 -31.66 -10.18 21.38
CA SER B 28 -31.77 -11.04 22.57
C SER B 28 -32.78 -12.18 22.39
N ALA B 29 -32.79 -13.10 23.35
CA ALA B 29 -33.74 -14.20 23.39
C ALA B 29 -35.17 -13.72 23.52
N ASP B 30 -35.31 -12.50 24.03
CA ASP B 30 -36.58 -11.82 24.15
C ASP B 30 -37.25 -11.52 22.80
N TYR B 31 -36.44 -11.30 21.77
CA TYR B 31 -36.92 -10.98 20.43
C TYR B 31 -36.71 -12.12 19.43
N VAL B 32 -35.80 -13.04 19.73
CA VAL B 32 -35.51 -14.15 18.83
C VAL B 32 -35.98 -15.47 19.44
N ALA B 33 -36.90 -16.14 18.76
CA ALA B 33 -37.41 -17.43 19.24
C ALA B 33 -36.31 -18.47 19.27
N ASN B 34 -35.62 -18.65 18.15
CA ASN B 34 -34.55 -19.66 18.06
C ASN B 34 -33.22 -19.10 18.52
N HIS B 35 -33.18 -18.74 19.80
CA HIS B 35 -32.01 -18.09 20.39
C HIS B 35 -31.01 -19.08 20.97
N GLU B 36 -31.32 -20.37 20.84
CA GLU B 36 -30.53 -21.43 21.42
C GLU B 36 -29.24 -21.57 20.63
N LYS B 37 -28.11 -21.62 21.34
CA LYS B 37 -26.82 -21.81 20.70
C LYS B 37 -26.35 -23.24 20.86
N ILE B 38 -27.14 -24.07 21.55
CA ILE B 38 -26.80 -25.49 21.76
C ILE B 38 -27.79 -26.39 21.02
N ILE B 39 -27.26 -27.40 20.35
CA ILE B 39 -28.09 -28.37 19.63
C ILE B 39 -27.79 -29.78 20.09
N ARG B 40 -28.75 -30.69 19.85
CA ARG B 40 -28.57 -32.11 20.12
C ARG B 40 -28.07 -32.81 18.88
N VAL B 41 -27.11 -33.71 19.08
CA VAL B 41 -26.61 -34.55 18.00
C VAL B 41 -26.44 -35.96 18.60
N GLY B 42 -27.37 -36.86 18.29
CA GLY B 42 -27.44 -38.11 19.02
C GLY B 42 -27.60 -37.80 20.50
N ASP B 43 -26.75 -38.40 21.34
CA ASP B 43 -26.77 -38.11 22.78
C ASP B 43 -25.66 -37.14 23.20
N SER B 44 -25.04 -36.47 22.23
CA SER B 44 -24.16 -35.35 22.50
C SER B 44 -24.93 -34.06 22.45
N TYR B 45 -24.57 -33.12 23.32
CA TYR B 45 -24.94 -31.73 23.15
C TYR B 45 -23.73 -31.01 22.58
N VAL B 46 -23.97 -30.20 21.54
CA VAL B 46 -22.94 -29.41 20.89
C VAL B 46 -23.22 -27.92 21.05
N ALA B 47 -22.31 -27.20 21.71
CA ALA B 47 -22.43 -25.75 21.92
C ALA B 47 -21.53 -24.98 20.96
N ILE B 48 -22.14 -24.14 20.12
CA ILE B 48 -21.51 -23.62 18.93
C ILE B 48 -21.31 -22.11 19.03
N THR B 49 -20.10 -21.65 18.73
CA THR B 49 -19.78 -20.22 18.70
C THR B 49 -19.55 -19.80 17.26
N GLY B 50 -19.42 -18.50 17.04
CA GLY B 50 -19.19 -17.98 15.70
C GLY B 50 -20.51 -17.55 15.11
N SER B 51 -20.55 -17.42 13.78
CA SER B 51 -21.75 -16.98 13.09
C SER B 51 -22.99 -17.75 13.57
N ALA B 52 -24.09 -17.03 13.74
CA ALA B 52 -25.30 -17.64 14.23
C ALA B 52 -25.91 -18.66 13.23
N THR B 53 -25.45 -18.61 11.97
CA THR B 53 -25.85 -19.55 10.94
C THR B 53 -25.33 -20.95 11.16
N PHE B 54 -24.26 -21.11 11.93
CA PHE B 54 -23.56 -22.40 12.02
C PHE B 54 -24.40 -23.49 12.69
N LYS B 55 -25.18 -23.11 13.69
CA LYS B 55 -26.08 -24.04 14.36
C LYS B 55 -27.08 -24.61 13.35
N LEU B 56 -27.45 -23.76 12.38
CA LEU B 56 -28.35 -24.16 11.32
C LEU B 56 -27.61 -25.07 10.37
N ILE B 57 -26.40 -24.71 9.99
CA ILE B 57 -25.63 -25.59 9.10
C ILE B 57 -25.38 -26.95 9.74
N LEU B 58 -24.92 -26.97 10.99
CA LEU B 58 -24.60 -28.24 11.65
C LEU B 58 -25.80 -29.14 11.82
N ALA B 59 -26.87 -28.59 12.40
CA ALA B 59 -28.14 -29.31 12.57
C ALA B 59 -28.56 -29.97 11.25
N ASP B 60 -28.61 -29.16 10.21
CA ASP B 60 -28.90 -29.59 8.85
C ASP B 60 -27.92 -30.66 8.34
N TYR B 61 -26.62 -30.44 8.58
CA TYR B 61 -25.59 -31.38 8.11
C TYR B 61 -25.68 -32.74 8.76
N PHE B 62 -25.71 -32.74 10.10
CA PHE B 62 -25.74 -33.99 10.84
C PHE B 62 -27.04 -34.75 10.56
N ALA B 63 -28.14 -34.01 10.46
CA ALA B 63 -29.43 -34.59 10.10
C ALA B 63 -29.35 -35.39 8.79
N SER B 64 -28.54 -34.90 7.85
CA SER B 64 -28.44 -35.51 6.52
C SER B 64 -27.59 -36.78 6.47
N LEU B 65 -26.89 -37.11 7.55
CA LEU B 65 -26.07 -38.31 7.57
C LEU B 65 -26.93 -39.56 7.81
N ASP B 66 -26.36 -40.72 7.49
CA ASP B 66 -27.05 -42.01 7.63
C ASP B 66 -27.38 -42.31 9.09
N GLU B 67 -26.37 -42.25 9.95
CA GLU B 67 -26.54 -42.28 11.40
C GLU B 67 -25.83 -41.09 12.02
N PRO B 68 -26.31 -40.64 13.20
CA PRO B 68 -25.53 -39.65 13.91
C PRO B 68 -24.07 -40.12 14.07
N PRO B 69 -23.12 -39.17 14.15
CA PRO B 69 -21.72 -39.54 14.30
C PRO B 69 -21.38 -39.88 15.74
N GLN B 70 -20.35 -40.69 15.94
CA GLN B 70 -19.85 -40.91 17.29
C GLN B 70 -18.94 -39.74 17.64
N LEU B 71 -19.27 -39.06 18.74
CA LEU B 71 -18.54 -37.89 19.17
C LEU B 71 -18.10 -38.07 20.61
N ASP B 72 -17.57 -39.26 20.90
CA ASP B 72 -17.25 -39.65 22.26
C ASP B 72 -15.77 -39.95 22.46
N SER B 73 -14.94 -39.63 21.47
CA SER B 73 -13.49 -39.79 21.58
C SER B 73 -12.77 -38.72 20.75
N VAL B 74 -11.53 -38.40 21.14
CA VAL B 74 -10.75 -37.36 20.44
C VAL B 74 -10.57 -37.74 18.97
N ALA B 75 -10.21 -39.00 18.72
CA ALA B 75 -9.96 -39.47 17.36
C ALA B 75 -11.20 -39.38 16.47
N ARG B 76 -12.34 -39.81 17.00
CA ARG B 76 -13.58 -39.83 16.23
C ARG B 76 -14.16 -38.45 15.93
N ILE B 77 -14.07 -37.56 16.91
CA ILE B 77 -14.51 -36.17 16.76
C ILE B 77 -13.73 -35.45 15.65
N PHE B 78 -12.41 -35.63 15.65
CA PHE B 78 -11.55 -35.07 14.60
C PHE B 78 -11.94 -35.53 13.20
N CYS B 79 -12.04 -36.84 13.04
CA CYS B 79 -12.43 -37.46 11.77
C CYS B 79 -13.74 -36.83 11.26
N VAL B 80 -14.73 -36.79 12.15
CA VAL B 80 -16.02 -36.15 11.88
C VAL B 80 -15.87 -34.70 11.47
N TRP B 81 -15.10 -33.93 12.25
CA TRP B 81 -14.93 -32.51 11.97
C TRP B 81 -14.19 -32.26 10.66
N ASN B 82 -13.14 -33.05 10.43
CA ASN B 82 -12.41 -32.98 9.17
C ASN B 82 -13.36 -33.13 7.96
N THR B 83 -14.19 -34.18 7.99
CA THR B 83 -15.19 -34.42 6.94
C THR B 83 -16.20 -33.28 6.87
N LEU B 84 -16.64 -32.81 8.05
CA LEU B 84 -17.53 -31.64 8.15
C LEU B 84 -16.96 -30.43 7.45
N HIS B 85 -15.65 -30.22 7.58
CA HIS B 85 -15.05 -29.02 7.01
C HIS B 85 -15.17 -29.02 5.51
N GLY B 86 -15.03 -30.19 4.90
CA GLY B 86 -15.20 -30.32 3.46
C GLY B 86 -16.59 -29.89 3.02
N ALA B 87 -17.59 -30.27 3.82
CA ALA B 87 -18.97 -29.96 3.51
C ALA B 87 -19.21 -28.45 3.63
N LEU B 88 -18.76 -27.87 4.73
CA LEU B 88 -18.80 -26.41 4.92
C LEU B 88 -18.36 -25.66 3.67
N LYS B 89 -17.21 -26.05 3.11
CA LYS B 89 -16.76 -25.48 1.84
C LYS B 89 -17.63 -25.88 0.66
N GLU B 90 -17.91 -27.17 0.53
CA GLU B 90 -18.54 -27.66 -0.68
C GLU B 90 -20.04 -27.39 -0.78
N HIS B 91 -20.73 -27.35 0.35
CA HIS B 91 -22.18 -27.18 0.35
C HIS B 91 -22.70 -25.92 1.05
N TYR B 92 -22.01 -25.43 2.07
CA TYR B 92 -22.54 -24.34 2.88
C TYR B 92 -21.80 -23.02 2.67
N TYR B 93 -20.98 -22.94 1.63
CA TYR B 93 -20.27 -21.70 1.25
C TYR B 93 -19.45 -21.08 2.38
N LEU B 94 -18.63 -21.92 3.01
CA LEU B 94 -17.59 -21.45 3.92
C LEU B 94 -16.43 -20.91 3.12
N GLN B 95 -15.93 -19.74 3.54
CA GLN B 95 -14.76 -19.14 2.88
C GLN B 95 -13.44 -19.70 3.42
N GLU B 101 -2.67 -17.11 5.48
CA GLU B 101 -2.51 -16.66 6.86
C GLU B 101 -2.09 -17.81 7.81
N ASP B 102 -3.02 -18.76 8.05
CA ASP B 102 -2.91 -19.76 9.13
C ASP B 102 -2.22 -21.08 8.74
N ASP B 103 -1.88 -21.87 9.75
CA ASP B 103 -1.33 -23.22 9.57
C ASP B 103 -2.26 -24.09 8.72
N LEU B 104 -3.51 -24.19 9.17
CA LEU B 104 -4.55 -24.92 8.44
C LEU B 104 -5.74 -24.00 8.16
N GLU B 105 -6.64 -24.45 7.30
CA GLU B 105 -7.87 -23.71 7.03
C GLU B 105 -8.72 -23.68 8.30
N SER B 106 -9.31 -22.53 8.60
CA SER B 106 -10.22 -22.36 9.74
C SER B 106 -11.62 -22.81 9.36
N SER B 107 -12.31 -23.41 10.31
CA SER B 107 -13.73 -23.74 10.16
C SER B 107 -14.61 -22.62 10.73
N ARG B 108 -13.97 -21.58 11.29
CA ARG B 108 -14.64 -20.35 11.73
C ARG B 108 -15.57 -20.53 12.93
N MET B 109 -15.46 -21.63 13.66
CA MET B 109 -16.29 -21.85 14.82
C MET B 109 -15.51 -22.65 15.85
N ASP B 110 -15.79 -22.38 17.11
CA ASP B 110 -15.23 -23.15 18.21
C ASP B 110 -16.43 -23.82 18.86
N VAL B 111 -16.34 -25.12 19.15
CA VAL B 111 -17.45 -25.80 19.81
C VAL B 111 -17.03 -26.58 21.05
N LEU B 112 -18.02 -26.88 21.88
CA LEU B 112 -17.87 -27.78 22.99
C LEU B 112 -18.87 -28.92 22.85
N ILE B 113 -18.43 -30.12 23.16
CA ILE B 113 -19.27 -31.30 23.01
C ILE B 113 -19.37 -32.00 24.37
N ALA B 114 -20.60 -32.12 24.85
CA ALA B 114 -20.90 -32.83 26.09
C ALA B 114 -21.70 -34.07 25.76
N ASN B 115 -21.19 -35.22 26.13
CA ASN B 115 -22.01 -36.42 26.17
C ASN B 115 -21.69 -37.19 27.44
N PRO B 116 -22.43 -38.30 27.68
CA PRO B 116 -22.14 -39.09 28.86
C PRO B 116 -20.72 -39.69 28.96
N ARG B 117 -20.01 -39.78 27.83
CA ARG B 117 -18.68 -40.39 27.82
C ARG B 117 -17.51 -39.42 27.78
N GLY B 118 -17.74 -38.14 28.08
CA GLY B 118 -16.64 -37.15 28.23
C GLY B 118 -17.08 -35.72 27.92
N ILE B 119 -16.22 -34.76 28.26
CA ILE B 119 -16.41 -33.37 27.81
C ILE B 119 -15.26 -32.95 26.89
N PHE B 120 -15.61 -32.51 25.68
CA PHE B 120 -14.63 -32.21 24.64
C PHE B 120 -14.81 -30.81 24.04
N GLY B 121 -13.81 -30.37 23.28
CA GLY B 121 -13.93 -29.16 22.47
C GLY B 121 -13.25 -29.31 21.13
N VAL B 122 -13.69 -28.52 20.16
CA VAL B 122 -13.05 -28.43 18.84
C VAL B 122 -12.89 -26.96 18.49
N ALA B 123 -11.64 -26.50 18.51
CA ALA B 123 -11.33 -25.15 18.08
C ALA B 123 -11.54 -25.04 16.55
N ALA B 124 -11.34 -23.83 16.03
CA ALA B 124 -11.64 -23.50 14.64
C ALA B 124 -10.70 -24.17 13.63
N HIS B 125 -9.49 -24.54 14.06
CA HIS B 125 -8.56 -25.25 13.20
C HIS B 125 -8.57 -26.76 13.46
N ARG B 126 -9.72 -27.26 13.92
CA ARG B 126 -9.95 -28.67 14.23
C ARG B 126 -9.02 -29.27 15.30
N THR B 127 -8.56 -28.43 16.22
CA THR B 127 -7.84 -28.87 17.41
C THR B 127 -8.84 -29.48 18.36
N VAL B 128 -8.90 -30.81 18.38
CA VAL B 128 -9.80 -31.54 19.27
C VAL B 128 -9.17 -31.76 20.64
N GLN B 129 -9.94 -31.53 21.70
CA GLN B 129 -9.41 -31.68 23.04
C GLN B 129 -10.42 -32.27 24.01
N GLU B 130 -9.97 -33.21 24.83
CA GLU B 130 -10.76 -33.72 25.93
C GLU B 130 -10.41 -32.94 27.18
N PHE B 131 -11.42 -32.37 27.83
CA PHE B 131 -11.21 -31.58 29.04
C PHE B 131 -11.45 -32.45 30.28
N SER B 132 -10.71 -32.19 31.35
CA SER B 132 -10.81 -32.99 32.58
C SER B 132 -11.59 -32.31 33.70
N LYS B 133 -11.90 -31.02 33.56
CA LYS B 133 -12.58 -30.24 34.60
C LYS B 133 -13.64 -29.33 33.97
N PHE B 134 -13.18 -28.33 33.23
CA PHE B 134 -14.05 -27.40 32.56
C PHE B 134 -13.29 -26.70 31.44
N TYR B 135 -14.04 -26.08 30.54
CA TYR B 135 -13.48 -25.12 29.60
C TYR B 135 -14.55 -24.20 29.06
N ALA B 136 -14.12 -23.17 28.33
CA ALA B 136 -15.03 -22.24 27.71
C ALA B 136 -14.50 -21.79 26.36
N TYR B 137 -15.44 -21.56 25.45
CA TYR B 137 -15.16 -21.02 24.11
C TYR B 137 -16.04 -19.80 23.79
N GLY B 138 -15.70 -19.10 22.71
CA GLY B 138 -16.36 -17.85 22.33
C GLY B 138 -15.63 -16.65 22.93
N SER B 139 -16.09 -15.46 22.59
CA SER B 139 -15.41 -14.22 23.04
C SER B 139 -15.49 -14.03 24.56
N GLY B 140 -16.45 -14.69 25.21
CA GLY B 140 -16.62 -14.55 26.64
C GLY B 140 -15.88 -15.54 27.53
N SER B 141 -15.12 -16.47 26.93
CA SER B 141 -14.48 -17.55 27.70
C SER B 141 -13.50 -17.10 28.78
N PRO B 142 -12.66 -16.09 28.52
CA PRO B 142 -11.75 -15.68 29.61
C PRO B 142 -12.47 -15.34 30.92
N TYR B 143 -13.62 -14.68 30.77
CA TYR B 143 -14.48 -14.38 31.89
C TYR B 143 -15.02 -15.68 32.50
N ALA B 144 -15.53 -16.56 31.63
CA ALA B 144 -16.11 -17.81 32.09
C ALA B 144 -15.10 -18.65 32.87
N LEU B 145 -13.88 -18.75 32.35
CA LEU B 145 -12.85 -19.60 32.93
C LEU B 145 -12.46 -19.12 34.33
N GLY B 146 -12.30 -17.81 34.48
CA GLY B 146 -12.03 -17.19 35.76
C GLY B 146 -13.13 -17.44 36.79
N ALA B 147 -14.37 -17.19 36.40
CA ALA B 147 -15.50 -17.45 37.29
C ALA B 147 -15.62 -18.95 37.63
N MET B 148 -15.44 -19.80 36.63
CA MET B 148 -15.48 -21.27 36.84
C MET B 148 -14.30 -21.77 37.66
N TYR B 149 -13.10 -21.25 37.38
CA TYR B 149 -11.95 -21.52 38.23
C TYR B 149 -12.26 -21.25 39.70
N ALA B 150 -12.86 -20.09 39.97
CA ALA B 150 -13.16 -19.66 41.33
C ALA B 150 -14.27 -20.48 41.99
N ALA B 151 -15.09 -21.14 41.19
CA ALA B 151 -16.26 -21.86 41.71
C ALA B 151 -16.26 -23.38 41.47
N TYR B 152 -15.25 -23.92 40.81
CA TYR B 152 -15.26 -25.35 40.50
C TYR B 152 -15.36 -26.23 41.76
N ARG B 153 -14.65 -25.82 42.80
CA ARG B 153 -14.50 -26.63 44.02
C ARG B 153 -15.41 -26.20 45.19
N ALA B 154 -16.48 -25.46 44.90
CA ALA B 154 -17.50 -25.18 45.91
C ALA B 154 -18.45 -26.37 45.95
N PRO B 155 -18.61 -26.99 47.14
CA PRO B 155 -19.39 -28.22 47.28
C PRO B 155 -20.89 -28.05 47.00
N SER B 156 -21.39 -26.84 47.24
CA SER B 156 -22.80 -26.53 47.01
C SER B 156 -23.15 -26.48 45.53
N LEU B 157 -22.17 -26.20 44.68
CA LEU B 157 -22.41 -25.97 43.26
C LEU B 157 -22.09 -27.24 42.48
N ASP B 158 -23.10 -27.82 41.85
CA ASP B 158 -22.91 -28.97 40.96
C ASP B 158 -22.37 -28.49 39.61
N ALA B 159 -22.14 -29.44 38.71
CA ALA B 159 -21.58 -29.16 37.38
C ALA B 159 -22.34 -28.09 36.60
N GLU B 160 -23.67 -28.18 36.62
CA GLU B 160 -24.50 -27.28 35.86
C GLU B 160 -24.53 -25.88 36.46
N ALA B 161 -24.45 -25.77 37.79
CA ALA B 161 -24.34 -24.47 38.44
C ALA B 161 -23.01 -23.79 38.09
N VAL B 162 -21.96 -24.58 37.95
CA VAL B 162 -20.66 -24.05 37.60
C VAL B 162 -20.64 -23.68 36.11
N ALA B 163 -21.32 -24.46 35.27
CA ALA B 163 -21.42 -24.15 33.85
C ALA B 163 -22.18 -22.83 33.62
N ARG B 164 -23.35 -22.72 34.24
CA ARG B 164 -24.19 -21.53 34.11
C ARG B 164 -23.52 -20.28 34.65
N LEU B 165 -22.74 -20.45 35.71
CA LEU B 165 -22.08 -19.32 36.37
C LEU B 165 -21.02 -18.70 35.48
N GLY B 166 -20.32 -19.52 34.71
CA GLY B 166 -19.31 -19.03 33.77
C GLY B 166 -19.94 -18.10 32.75
N VAL B 167 -21.06 -18.55 32.19
CA VAL B 167 -21.78 -17.78 31.21
C VAL B 167 -22.25 -16.45 31.81
N MET B 168 -22.84 -16.51 33.01
CA MET B 168 -23.31 -15.33 33.73
C MET B 168 -22.19 -14.30 33.86
N ALA B 169 -20.99 -14.77 34.21
CA ALA B 169 -19.85 -13.89 34.39
C ALA B 169 -19.51 -13.20 33.08
N ALA B 170 -19.62 -13.97 32.00
CA ALA B 170 -19.35 -13.42 30.68
C ALA B 170 -20.40 -12.36 30.32
N ALA B 171 -21.66 -12.64 30.65
CA ALA B 171 -22.76 -11.73 30.34
C ALA B 171 -22.67 -10.46 31.14
N GLU B 172 -22.09 -10.54 32.33
CA GLU B 172 -21.96 -9.38 33.18
C GLU B 172 -21.02 -8.34 32.56
N PHE B 173 -19.97 -8.80 31.90
CA PHE B 173 -18.86 -7.93 31.49
C PHE B 173 -18.58 -7.79 29.99
N HIS B 174 -19.10 -8.71 29.17
CA HIS B 174 -18.84 -8.61 27.73
C HIS B 174 -20.07 -8.35 26.88
N ASP B 175 -19.87 -7.50 25.87
CA ASP B 175 -20.97 -7.01 25.04
C ASP B 175 -21.48 -8.01 23.98
N GLU B 176 -20.88 -9.19 23.89
CA GLU B 176 -21.31 -10.23 22.95
C GLU B 176 -21.98 -11.42 23.64
N SER B 177 -22.20 -11.29 24.96
CA SER B 177 -22.89 -12.31 25.74
C SER B 177 -24.02 -11.66 26.53
N GLY B 178 -25.18 -12.33 26.57
CA GLY B 178 -26.34 -11.80 27.27
C GLY B 178 -27.19 -12.91 27.83
N LEU B 179 -27.77 -12.67 29.01
CA LEU B 179 -28.67 -13.61 29.65
C LEU B 179 -29.97 -13.66 28.85
N PRO B 180 -30.72 -14.76 28.95
CA PRO B 180 -30.57 -15.91 29.84
C PRO B 180 -29.47 -16.87 29.45
N VAL B 181 -29.18 -17.78 30.38
CA VAL B 181 -28.26 -18.88 30.17
C VAL B 181 -29.06 -20.15 29.90
N GLN B 182 -28.84 -20.76 28.75
CA GLN B 182 -29.31 -22.12 28.50
C GLN B 182 -28.28 -23.07 29.11
N SER B 183 -28.71 -24.26 29.50
CA SER B 183 -27.81 -25.27 30.03
C SER B 183 -28.43 -26.65 29.94
N PHE B 184 -27.59 -27.67 30.01
CA PHE B 184 -28.05 -29.06 30.09
C PHE B 184 -27.13 -29.84 31.01
N VAL B 185 -27.67 -30.86 31.66
CA VAL B 185 -26.86 -31.71 32.55
C VAL B 185 -27.16 -33.18 32.25
N MET B 186 -26.18 -34.04 32.50
CA MET B 186 -26.35 -35.48 32.33
C MET B 186 -25.35 -36.24 33.20
N GLU B 187 -25.59 -37.53 33.35
CA GLU B 187 -24.74 -38.37 34.19
C GLU B 187 -23.56 -38.85 33.38
N LEU B 188 -22.42 -39.02 34.04
CA LEU B 188 -21.26 -39.70 33.45
C LEU B 188 -21.53 -41.21 33.32
N SER B 189 -21.12 -41.78 32.18
CA SER B 189 -21.31 -43.20 31.91
C SER B 189 -20.12 -44.02 32.44
N PRO B 190 -20.37 -45.26 32.90
CA PRO B 190 -19.30 -46.12 33.42
C PRO B 190 -18.64 -46.99 32.36
N THR C 1 6.14 -24.38 22.25
CA THR C 1 6.33 -25.85 22.31
C THR C 1 7.80 -26.19 22.30
N THR C 2 8.18 -27.20 23.08
CA THR C 2 9.51 -27.76 23.02
C THR C 2 9.44 -29.28 22.89
N VAL C 3 10.18 -29.81 21.92
CA VAL C 3 10.44 -31.23 21.83
C VAL C 3 11.95 -31.42 21.71
N THR C 4 12.48 -32.45 22.37
CA THR C 4 13.92 -32.75 22.33
C THR C 4 14.15 -34.22 22.01
N ILE C 5 15.37 -34.52 21.58
CA ILE C 5 15.75 -35.88 21.25
C ILE C 5 17.23 -36.02 21.58
N VAL C 6 17.60 -37.15 22.18
CA VAL C 6 18.96 -37.37 22.68
C VAL C 6 19.45 -38.81 22.48
N ARG C 7 20.68 -38.90 21.97
CA ARG C 7 21.40 -40.15 21.80
C ARG C 7 22.63 -40.11 22.72
N LYS C 8 22.75 -41.11 23.62
CA LYS C 8 23.87 -41.17 24.58
C LYS C 8 24.03 -42.54 25.25
N ASP C 9 25.24 -43.10 25.19
CA ASP C 9 25.58 -44.40 25.80
C ASP C 9 24.66 -45.52 25.36
N GLY C 10 24.45 -45.63 24.05
CA GLY C 10 23.57 -46.67 23.51
C GLY C 10 22.11 -46.53 23.91
N ARG C 11 21.71 -45.33 24.34
CA ARG C 11 20.32 -45.06 24.70
C ARG C 11 19.78 -43.87 23.91
N ILE C 12 18.51 -43.96 23.55
CA ILE C 12 17.86 -42.96 22.70
C ILE C 12 16.60 -42.51 23.40
N ALA C 13 16.50 -41.20 23.65
CA ALA C 13 15.35 -40.64 24.35
C ALA C 13 14.75 -39.48 23.57
N ILE C 14 13.50 -39.18 23.88
CA ILE C 14 12.78 -38.12 23.22
C ILE C 14 11.78 -37.57 24.23
N ALA C 15 11.59 -36.26 24.22
CA ALA C 15 10.78 -35.64 25.26
C ALA C 15 10.06 -34.38 24.74
N ALA C 16 8.88 -34.11 25.31
CA ALA C 16 8.07 -32.97 24.91
C ALA C 16 7.42 -32.36 26.13
N ASP C 17 7.10 -31.08 26.03
CA ASP C 17 6.30 -30.40 27.06
C ASP C 17 4.84 -30.67 26.76
N THR C 18 3.96 -30.22 27.65
CA THR C 18 2.54 -30.56 27.54
C THR C 18 1.59 -29.39 27.32
N LEU C 19 2.11 -28.17 27.25
CA LEU C 19 1.26 -26.99 27.15
C LEU C 19 0.70 -26.77 25.73
N THR C 20 -0.57 -26.39 25.65
CA THR C 20 -1.14 -25.90 24.40
C THR C 20 -1.49 -24.43 24.54
N LYS C 21 -1.42 -23.69 23.44
CA LYS C 21 -1.78 -22.27 23.45
C LYS C 21 -2.95 -22.00 22.51
N TRP C 22 -3.82 -21.08 22.94
CA TRP C 22 -4.92 -20.60 22.12
C TRP C 22 -4.86 -19.11 22.32
N GLY C 23 -4.01 -18.47 21.53
CA GLY C 23 -3.64 -17.07 21.74
C GLY C 23 -2.74 -16.99 22.95
N GLY C 24 -3.05 -16.06 23.86
CA GLY C 24 -2.35 -15.98 25.15
C GLY C 24 -2.86 -17.00 26.15
N GLY C 25 -4.00 -17.61 25.84
CA GLY C 25 -4.60 -18.63 26.70
C GLY C 25 -3.74 -19.86 26.85
N LYS C 26 -3.58 -20.31 28.08
CA LYS C 26 -2.84 -21.54 28.37
C LYS C 26 -3.83 -22.68 28.52
N GLU C 27 -3.52 -23.81 27.88
CA GLU C 27 -4.31 -25.03 28.01
C GLU C 27 -3.37 -26.13 28.50
N SER C 28 -3.30 -26.29 29.82
CA SER C 28 -2.31 -27.18 30.44
C SER C 28 -2.79 -28.63 30.57
N ALA C 29 -1.86 -29.51 30.89
CA ALA C 29 -2.16 -30.91 31.14
C ALA C 29 -3.17 -31.07 32.30
N ASP C 30 -3.24 -30.04 33.14
CA ASP C 30 -4.20 -29.97 34.25
C ASP C 30 -5.64 -29.88 33.73
N TYR C 31 -5.83 -29.18 32.62
CA TYR C 31 -7.16 -28.94 32.06
C TYR C 31 -7.46 -29.75 30.79
N VAL C 32 -6.42 -30.14 30.05
CA VAL C 32 -6.57 -30.97 28.85
C VAL C 32 -6.03 -32.36 29.15
N ALA C 33 -6.83 -33.38 28.83
CA ALA C 33 -6.47 -34.77 29.04
C ALA C 33 -5.49 -35.23 27.98
N ASN C 34 -5.83 -34.99 26.71
CA ASN C 34 -4.95 -35.34 25.59
C ASN C 34 -3.87 -34.26 25.33
N HIS C 35 -2.97 -34.12 26.29
CA HIS C 35 -1.90 -33.10 26.27
C HIS C 35 -0.56 -33.61 25.71
N GLU C 36 -0.56 -34.82 25.15
CA GLU C 36 0.66 -35.49 24.69
C GLU C 36 1.00 -34.98 23.29
N LYS C 37 2.26 -34.57 23.10
CA LYS C 37 2.73 -34.07 21.81
C LYS C 37 3.54 -35.12 21.03
N ILE C 38 3.90 -36.21 21.70
CA ILE C 38 4.57 -37.32 21.06
C ILE C 38 3.54 -38.41 20.77
N ILE C 39 3.68 -39.07 19.63
CA ILE C 39 2.82 -40.19 19.26
C ILE C 39 3.71 -41.34 18.86
N ARG C 40 3.14 -42.55 18.84
CA ARG C 40 3.85 -43.74 18.37
C ARG C 40 3.50 -43.96 16.93
N VAL C 41 4.48 -44.39 16.14
CA VAL C 41 4.26 -44.81 14.76
C VAL C 41 5.17 -46.00 14.49
N GLY C 42 4.60 -47.20 14.49
CA GLY C 42 5.41 -48.41 14.49
C GLY C 42 6.20 -48.46 15.78
N ASP C 43 7.53 -48.53 15.67
CA ASP C 43 8.40 -48.48 16.84
C ASP C 43 9.13 -47.13 16.95
N SER C 44 8.64 -46.14 16.21
CA SER C 44 9.17 -44.77 16.29
C SER C 44 8.28 -43.90 17.18
N TYR C 45 8.90 -42.96 17.86
CA TYR C 45 8.18 -41.92 18.58
C TYR C 45 8.37 -40.63 17.81
N VAL C 46 7.29 -39.87 17.62
CA VAL C 46 7.29 -38.67 16.79
C VAL C 46 6.82 -37.47 17.61
N ALA C 47 7.72 -36.52 17.84
CA ALA C 47 7.42 -35.32 18.64
C ALA C 47 7.11 -34.12 17.73
N ILE C 48 5.91 -33.57 17.86
CA ILE C 48 5.33 -32.66 16.86
C ILE C 48 5.15 -31.24 17.41
N THR C 49 5.75 -30.27 16.73
CA THR C 49 5.55 -28.85 17.04
C THR C 49 4.58 -28.24 16.04
N GLY C 50 3.98 -27.12 16.43
CA GLY C 50 3.04 -26.40 15.58
C GLY C 50 1.63 -26.51 16.11
N SER C 51 0.66 -26.31 15.23
CA SER C 51 -0.73 -26.49 15.60
C SER C 51 -0.92 -27.82 16.29
N ALA C 52 -1.58 -27.76 17.44
CA ALA C 52 -1.96 -28.91 18.20
C ALA C 52 -2.81 -29.89 17.39
N THR C 53 -3.37 -29.43 16.27
CA THR C 53 -4.15 -30.28 15.39
C THR C 53 -3.28 -31.30 14.64
N PHE C 54 -1.99 -31.00 14.50
CA PHE C 54 -1.11 -31.87 13.71
C PHE C 54 -0.93 -33.29 14.24
N LYS C 55 -0.82 -33.45 15.55
CA LYS C 55 -0.66 -34.78 16.14
C LYS C 55 -1.86 -35.67 15.84
N LEU C 56 -3.03 -35.04 15.72
CA LEU C 56 -4.26 -35.74 15.38
C LEU C 56 -4.24 -36.11 13.91
N ILE C 57 -3.77 -35.19 13.07
CA ILE C 57 -3.66 -35.44 11.63
C ILE C 57 -2.69 -36.56 11.32
N LEU C 58 -1.54 -36.57 11.99
CA LEU C 58 -0.52 -37.59 11.72
C LEU C 58 -0.99 -38.95 12.23
N ALA C 59 -1.44 -39.01 13.46
CA ALA C 59 -2.02 -40.24 13.99
C ALA C 59 -3.06 -40.78 13.01
N ASP C 60 -3.97 -39.91 12.59
CA ASP C 60 -5.02 -40.26 11.64
C ASP C 60 -4.42 -40.77 10.33
N TYR C 61 -3.50 -40.00 9.77
CA TYR C 61 -2.87 -40.38 8.49
C TYR C 61 -2.07 -41.68 8.58
N PHE C 62 -1.20 -41.76 9.58
CA PHE C 62 -0.35 -42.93 9.74
C PHE C 62 -1.19 -44.18 9.94
N ALA C 63 -2.25 -44.06 10.74
CA ALA C 63 -3.17 -45.17 11.00
C ALA C 63 -4.03 -45.57 9.78
N SER C 64 -4.04 -44.75 8.72
CA SER C 64 -4.77 -45.10 7.50
C SER C 64 -3.87 -45.74 6.44
N LEU C 65 -2.56 -45.77 6.67
CA LEU C 65 -1.67 -46.54 5.77
C LEU C 65 -1.83 -48.04 6.03
N ASP C 66 -1.34 -48.87 5.09
CA ASP C 66 -1.40 -50.33 5.25
C ASP C 66 -0.55 -50.81 6.41
N GLU C 67 0.72 -50.44 6.37
CA GLU C 67 1.66 -50.74 7.44
C GLU C 67 2.23 -49.42 7.95
N PRO C 68 2.71 -49.44 9.21
CA PRO C 68 3.48 -48.28 9.66
C PRO C 68 4.73 -48.13 8.78
N PRO C 69 5.09 -46.89 8.44
CA PRO C 69 6.23 -46.65 7.56
C PRO C 69 7.57 -46.88 8.24
N GLN C 70 8.61 -47.07 7.44
CA GLN C 70 9.98 -47.14 7.93
C GLN C 70 10.47 -45.71 8.13
N LEU C 71 10.85 -45.37 9.36
CA LEU C 71 11.34 -44.02 9.66
C LEU C 71 12.73 -44.07 10.25
N ASP C 72 13.61 -44.83 9.60
CA ASP C 72 14.94 -45.13 10.15
C ASP C 72 16.13 -44.81 9.25
N SER C 73 15.88 -44.16 8.13
CA SER C 73 16.95 -43.66 7.27
C SER C 73 16.52 -42.32 6.68
N VAL C 74 17.48 -41.41 6.53
CA VAL C 74 17.19 -40.08 5.98
C VAL C 74 16.31 -40.17 4.74
N ALA C 75 16.65 -41.07 3.82
CA ALA C 75 16.00 -41.18 2.51
C ALA C 75 14.53 -41.60 2.62
N ARG C 76 14.25 -42.49 3.57
CA ARG C 76 12.90 -43.02 3.76
C ARG C 76 12.04 -42.02 4.50
N ILE C 77 12.64 -41.28 5.43
CA ILE C 77 11.90 -40.25 6.14
C ILE C 77 11.48 -39.16 5.14
N PHE C 78 12.39 -38.77 4.26
CA PHE C 78 12.03 -37.80 3.23
C PHE C 78 10.87 -38.28 2.37
N CYS C 79 11.05 -39.45 1.77
CA CYS C 79 10.03 -40.09 0.92
C CYS C 79 8.65 -40.08 1.58
N VAL C 80 8.59 -40.50 2.85
CA VAL C 80 7.35 -40.53 3.63
C VAL C 80 6.78 -39.14 3.86
N TRP C 81 7.63 -38.15 4.16
CA TRP C 81 7.17 -36.79 4.44
C TRP C 81 6.70 -36.04 3.20
N ASN C 82 7.48 -36.13 2.13
CA ASN C 82 7.08 -35.57 0.85
C ASN C 82 5.66 -36.03 0.49
N THR C 83 5.40 -37.34 0.58
CA THR C 83 4.07 -37.90 0.32
C THR C 83 3.00 -37.35 1.29
N LEU C 84 3.30 -37.42 2.58
CA LEU C 84 2.44 -36.86 3.62
C LEU C 84 2.02 -35.41 3.32
N HIS C 85 2.96 -34.60 2.86
CA HIS C 85 2.66 -33.22 2.50
C HIS C 85 1.55 -33.15 1.43
N GLY C 86 1.54 -34.11 0.52
CA GLY C 86 0.46 -34.21 -0.46
C GLY C 86 -0.89 -34.40 0.21
N ALA C 87 -0.90 -35.26 1.24
CA ALA C 87 -2.12 -35.52 2.01
C ALA C 87 -2.55 -34.35 2.89
N LEU C 88 -1.60 -33.67 3.51
CA LEU C 88 -1.90 -32.48 4.31
C LEU C 88 -2.67 -31.45 3.48
N LYS C 89 -2.22 -31.23 2.25
CA LYS C 89 -2.91 -30.35 1.32
C LYS C 89 -4.24 -30.92 0.84
N GLU C 90 -4.24 -32.14 0.34
CA GLU C 90 -5.44 -32.69 -0.27
C GLU C 90 -6.53 -33.02 0.75
N HIS C 91 -6.17 -33.73 1.82
CA HIS C 91 -7.16 -34.29 2.75
C HIS C 91 -7.34 -33.54 4.06
N TYR C 92 -6.36 -32.75 4.47
CA TYR C 92 -6.41 -32.14 5.80
C TYR C 92 -6.45 -30.61 5.78
N TYR C 93 -6.58 -30.02 4.60
CA TYR C 93 -6.75 -28.56 4.45
C TYR C 93 -5.58 -27.76 5.00
N LEU C 94 -4.38 -28.11 4.54
CA LEU C 94 -3.18 -27.32 4.81
C LEU C 94 -3.06 -26.19 3.79
N GLN C 95 -2.70 -25.00 4.28
CA GLN C 95 -2.50 -23.83 3.41
C GLN C 95 -1.05 -23.70 2.95
N GLU C 101 7.82 -16.40 -0.73
CA GLU C 101 9.13 -16.11 -0.16
C GLU C 101 10.00 -17.37 0.02
N ASP C 102 9.36 -18.54 0.10
CA ASP C 102 10.07 -19.81 0.37
C ASP C 102 10.42 -20.61 -0.88
N ASP C 103 11.50 -21.39 -0.79
CA ASP C 103 11.96 -22.26 -1.88
C ASP C 103 10.92 -23.36 -2.14
N LEU C 104 10.52 -24.00 -1.05
CA LEU C 104 9.55 -25.08 -1.09
C LEU C 104 8.37 -24.72 -0.20
N GLU C 105 7.25 -25.40 -0.41
CA GLU C 105 6.07 -25.22 0.44
C GLU C 105 6.40 -25.75 1.82
N SER C 106 5.80 -25.15 2.84
CA SER C 106 6.04 -25.51 4.22
C SER C 106 4.97 -26.48 4.66
N SER C 107 5.36 -27.54 5.35
CA SER C 107 4.40 -28.46 5.95
C SER C 107 3.96 -27.97 7.34
N ARG C 108 4.56 -26.86 7.81
CA ARG C 108 4.12 -26.12 9.01
C ARG C 108 4.37 -26.84 10.33
N MET C 109 5.23 -27.85 10.31
CA MET C 109 5.52 -28.59 11.52
C MET C 109 6.94 -29.10 11.45
N ASP C 110 7.59 -29.03 12.59
CA ASP C 110 8.91 -29.57 12.78
C ASP C 110 8.69 -30.75 13.70
N VAL C 111 9.19 -31.91 13.28
CA VAL C 111 9.09 -33.07 14.12
C VAL C 111 10.47 -33.63 14.37
N LEU C 112 10.63 -34.25 15.54
CA LEU C 112 11.76 -35.13 15.83
C LEU C 112 11.26 -36.57 15.82
N ILE C 113 12.15 -37.48 15.46
CA ILE C 113 11.83 -38.90 15.32
C ILE C 113 12.89 -39.74 16.01
N ALA C 114 12.54 -40.31 17.16
CA ALA C 114 13.38 -41.27 17.86
C ALA C 114 12.92 -42.71 17.60
N ASN C 115 13.87 -43.60 17.31
CA ASN C 115 13.63 -45.04 17.22
C ASN C 115 14.93 -45.78 17.54
N PRO C 116 14.88 -47.12 17.61
CA PRO C 116 16.12 -47.83 17.96
C PRO C 116 17.26 -47.67 16.96
N ARG C 117 16.94 -47.42 15.68
CA ARG C 117 17.97 -47.33 14.65
C ARG C 117 18.53 -45.92 14.42
N GLY C 118 18.11 -44.93 15.23
CA GLY C 118 18.73 -43.60 15.19
C GLY C 118 17.81 -42.46 15.63
N ILE C 119 18.36 -41.24 15.68
CA ILE C 119 17.56 -40.06 15.99
C ILE C 119 17.55 -39.05 14.84
N PHE C 120 16.36 -38.59 14.49
CA PHE C 120 16.17 -37.75 13.32
C PHE C 120 15.30 -36.52 13.58
N GLY C 121 15.21 -35.68 12.57
CA GLY C 121 14.23 -34.60 12.57
C GLY C 121 13.84 -34.24 11.15
N VAL C 122 12.64 -33.66 11.02
CA VAL C 122 12.15 -33.17 9.75
C VAL C 122 11.62 -31.78 9.97
N ALA C 123 12.34 -30.78 9.46
CA ALA C 123 11.89 -29.40 9.57
C ALA C 123 10.67 -29.15 8.64
N ALA C 124 10.12 -27.94 8.76
CA ALA C 124 8.85 -27.60 8.12
C ALA C 124 8.88 -27.76 6.59
N HIS C 125 10.04 -27.46 6.00
CA HIS C 125 10.24 -27.56 4.54
C HIS C 125 10.87 -28.88 4.09
N ARG C 126 10.59 -29.92 4.88
CA ARG C 126 11.01 -31.29 4.59
C ARG C 126 12.54 -31.47 4.52
N THR C 127 13.24 -30.70 5.35
CA THR C 127 14.64 -30.93 5.58
C THR C 127 14.75 -32.11 6.55
N VAL C 128 15.28 -33.22 6.06
CA VAL C 128 15.47 -34.41 6.89
C VAL C 128 16.90 -34.49 7.38
N GLN C 129 17.09 -34.60 8.69
CA GLN C 129 18.43 -34.69 9.24
C GLN C 129 18.54 -35.86 10.18
N GLU C 130 19.72 -36.48 10.21
CA GLU C 130 20.03 -37.41 11.28
C GLU C 130 20.99 -36.72 12.24
N PHE C 131 20.65 -36.79 13.52
CA PHE C 131 21.38 -36.13 14.57
C PHE C 131 22.35 -37.09 15.26
N SER C 132 23.51 -36.57 15.65
CA SER C 132 24.59 -37.39 16.24
C SER C 132 24.62 -37.38 17.78
N LYS C 133 24.00 -36.36 18.39
CA LYS C 133 24.07 -36.16 19.84
C LYS C 133 22.69 -35.82 20.40
N PHE C 134 22.19 -34.65 20.05
CA PHE C 134 20.87 -34.18 20.48
C PHE C 134 20.39 -33.06 19.58
N TYR C 135 19.10 -32.77 19.65
CA TYR C 135 18.56 -31.57 19.03
C TYR C 135 17.19 -31.25 19.63
N ALA C 136 16.57 -30.16 19.17
CA ALA C 136 15.26 -29.74 19.64
C ALA C 136 14.57 -28.90 18.58
N TYR C 137 13.26 -28.78 18.70
CA TYR C 137 12.43 -27.99 17.81
C TYR C 137 11.35 -27.25 18.64
N GLY C 138 10.57 -26.42 17.97
CA GLY C 138 9.60 -25.57 18.64
C GLY C 138 10.19 -24.23 19.06
N SER C 139 9.32 -23.31 19.43
CA SER C 139 9.72 -21.99 19.90
C SER C 139 10.67 -22.11 21.10
N GLY C 140 10.54 -23.20 21.85
CA GLY C 140 11.40 -23.45 23.00
C GLY C 140 12.78 -24.04 22.74
N SER C 141 13.10 -24.38 21.48
CA SER C 141 14.35 -25.11 21.18
C SER C 141 15.66 -24.43 21.60
N PRO C 142 15.82 -23.13 21.32
CA PRO C 142 17.10 -22.53 21.73
C PRO C 142 17.44 -22.74 23.20
N TYR C 143 16.43 -22.61 24.07
CA TYR C 143 16.60 -22.83 25.50
C TYR C 143 16.99 -24.28 25.75
N ALA C 144 16.31 -25.21 25.09
CA ALA C 144 16.58 -26.63 25.25
C ALA C 144 17.98 -26.99 24.77
N LEU C 145 18.39 -26.42 23.63
CA LEU C 145 19.74 -26.63 23.12
C LEU C 145 20.80 -26.10 24.09
N GLY C 146 20.49 -24.99 24.77
CA GLY C 146 21.38 -24.44 25.79
C GLY C 146 21.58 -25.38 26.97
N ALA C 147 20.48 -25.72 27.62
CA ALA C 147 20.52 -26.66 28.73
C ALA C 147 21.18 -27.99 28.35
N MET C 148 20.86 -28.55 27.18
CA MET C 148 21.38 -29.87 26.80
C MET C 148 22.89 -29.84 26.51
N TYR C 149 23.34 -28.80 25.80
CA TYR C 149 24.76 -28.57 25.56
C TYR C 149 25.56 -28.60 26.85
N ALA C 150 25.02 -27.95 27.88
CA ALA C 150 25.66 -27.88 29.18
C ALA C 150 25.68 -29.22 29.91
N ALA C 151 24.63 -30.02 29.76
CA ALA C 151 24.44 -31.24 30.55
C ALA C 151 24.71 -32.55 29.81
N TYR C 152 25.12 -32.47 28.55
CA TYR C 152 25.21 -33.66 27.70
C TYR C 152 26.31 -34.61 28.16
N ARG C 153 27.39 -34.05 28.67
CA ARG C 153 28.54 -34.85 29.06
C ARG C 153 28.58 -35.17 30.55
N ALA C 154 27.54 -34.81 31.28
CA ALA C 154 27.45 -35.12 32.69
C ALA C 154 27.27 -36.64 32.83
N PRO C 155 28.23 -37.31 33.49
CA PRO C 155 28.14 -38.77 33.58
C PRO C 155 26.87 -39.27 34.29
N SER C 156 26.40 -38.53 35.29
CA SER C 156 25.22 -38.92 36.06
C SER C 156 23.90 -38.83 35.30
N LEU C 157 23.88 -38.15 34.15
CA LEU C 157 22.64 -37.92 33.41
C LEU C 157 22.57 -38.75 32.13
N ASP C 158 21.59 -39.65 32.07
CA ASP C 158 21.37 -40.47 30.88
C ASP C 158 20.61 -39.67 29.80
N ALA C 159 20.49 -40.26 28.61
CA ALA C 159 19.80 -39.63 27.49
C ALA C 159 18.45 -39.03 27.86
N GLU C 160 17.64 -39.81 28.59
CA GLU C 160 16.31 -39.38 28.98
C GLU C 160 16.36 -38.22 29.96
N ALA C 161 17.36 -38.21 30.83
CA ALA C 161 17.53 -37.09 31.75
C ALA C 161 17.90 -35.81 31.00
N VAL C 162 18.79 -35.94 30.03
CA VAL C 162 19.24 -34.78 29.25
C VAL C 162 18.10 -34.22 28.40
N ALA C 163 17.33 -35.11 27.77
CA ALA C 163 16.16 -34.71 26.99
C ALA C 163 15.14 -33.92 27.82
N ARG C 164 14.81 -34.46 29.01
CA ARG C 164 13.81 -33.86 29.89
C ARG C 164 14.25 -32.49 30.39
N LEU C 165 15.55 -32.38 30.70
CA LEU C 165 16.13 -31.13 31.14
C LEU C 165 16.04 -30.07 30.05
N GLY C 166 16.09 -30.51 28.79
CA GLY C 166 15.90 -29.61 27.67
C GLY C 166 14.54 -28.95 27.76
N VAL C 167 13.51 -29.78 27.86
CA VAL C 167 12.12 -29.30 27.96
C VAL C 167 11.91 -28.44 29.21
N MET C 168 12.52 -28.84 30.32
CA MET C 168 12.42 -28.09 31.58
C MET C 168 12.92 -26.65 31.45
N ALA C 169 14.06 -26.47 30.81
CA ALA C 169 14.67 -25.16 30.64
C ALA C 169 13.75 -24.23 29.85
N ALA C 170 13.10 -24.78 28.83
CA ALA C 170 12.22 -24.00 27.98
C ALA C 170 10.96 -23.60 28.75
N ALA C 171 10.45 -24.55 29.53
CA ALA C 171 9.27 -24.30 30.36
C ALA C 171 9.58 -23.25 31.42
N GLU C 172 10.83 -23.17 31.82
CA GLU C 172 11.26 -22.15 32.76
C GLU C 172 11.16 -20.75 32.17
N PHE C 173 11.52 -20.59 30.90
CA PHE C 173 11.75 -19.26 30.35
C PHE C 173 10.85 -18.78 29.22
N HIS C 174 10.01 -19.65 28.66
CA HIS C 174 9.24 -19.30 27.48
C HIS C 174 7.75 -19.60 27.60
N ASP C 175 6.93 -18.61 27.27
CA ASP C 175 5.50 -18.66 27.55
C ASP C 175 4.71 -19.74 26.77
N GLU C 176 5.33 -20.35 25.76
CA GLU C 176 4.67 -21.39 24.94
C GLU C 176 5.06 -22.82 25.26
N SER C 177 5.83 -23.02 26.34
CA SER C 177 6.20 -24.35 26.81
C SER C 177 5.82 -24.49 28.27
N GLY C 178 5.42 -25.70 28.67
CA GLY C 178 4.99 -25.91 30.05
C GLY C 178 5.04 -27.34 30.57
N LEU C 179 5.29 -27.43 31.87
CA LEU C 179 5.32 -28.67 32.60
C LEU C 179 3.91 -29.26 32.78
N PRO C 180 3.80 -30.58 33.00
CA PRO C 180 4.89 -31.53 33.13
C PRO C 180 5.53 -31.85 31.79
N VAL C 181 6.67 -32.54 31.88
CA VAL C 181 7.38 -33.07 30.72
C VAL C 181 6.96 -34.51 30.48
N GLN C 182 6.70 -34.83 29.21
CA GLN C 182 6.52 -36.22 28.77
C GLN C 182 7.83 -36.65 28.12
N SER C 183 8.15 -37.93 28.22
CA SER C 183 9.36 -38.49 27.60
C SER C 183 9.30 -40.01 27.50
N PHE C 184 10.05 -40.55 26.55
CA PHE C 184 10.20 -41.98 26.39
C PHE C 184 11.65 -42.28 26.03
N VAL C 185 12.12 -43.45 26.44
CA VAL C 185 13.51 -43.83 26.26
C VAL C 185 13.57 -45.24 25.69
N MET C 186 14.64 -45.53 24.95
CA MET C 186 14.83 -46.85 24.33
C MET C 186 16.31 -47.15 24.09
N GLU C 187 16.60 -48.42 23.87
CA GLU C 187 17.96 -48.89 23.69
C GLU C 187 18.31 -48.75 22.21
N LEU C 188 19.55 -48.37 21.93
CA LEU C 188 20.07 -48.39 20.56
C LEU C 188 20.22 -49.86 20.14
N SER C 189 19.86 -50.18 18.90
CA SER C 189 19.95 -51.55 18.39
C SER C 189 21.33 -51.82 17.74
N PRO C 190 21.74 -53.10 17.66
CA PRO C 190 22.97 -53.48 16.96
C PRO C 190 22.70 -53.98 15.54
N THR D 1 25.82 -21.11 2.54
CA THR D 1 26.53 -22.24 1.85
C THR D 1 27.53 -21.73 0.84
N THR D 2 28.65 -22.43 0.75
CA THR D 2 29.60 -22.22 -0.33
C THR D 2 29.88 -23.53 -1.01
N VAL D 3 29.87 -23.51 -2.33
CA VAL D 3 30.36 -24.65 -3.09
C VAL D 3 31.28 -24.16 -4.17
N THR D 4 32.37 -24.90 -4.40
CA THR D 4 33.40 -24.51 -5.35
C THR D 4 33.76 -25.68 -6.25
N ILE D 5 34.33 -25.34 -7.41
CA ILE D 5 34.73 -26.32 -8.39
C ILE D 5 35.95 -25.76 -9.10
N VAL D 6 36.94 -26.60 -9.37
CA VAL D 6 38.23 -26.15 -9.88
C VAL D 6 38.80 -27.14 -10.90
N ARG D 7 39.50 -26.60 -11.88
CA ARG D 7 40.13 -27.37 -12.94
C ARG D 7 41.56 -26.87 -13.09
N LYS D 8 42.55 -27.77 -12.94
CA LYS D 8 43.96 -27.38 -12.98
C LYS D 8 44.85 -28.59 -13.17
N ASP D 9 45.79 -28.50 -14.12
CA ASP D 9 46.80 -29.55 -14.37
C ASP D 9 46.23 -30.96 -14.55
N GLY D 10 45.22 -31.10 -15.41
CA GLY D 10 44.63 -32.41 -15.65
C GLY D 10 43.75 -32.96 -14.53
N ARG D 11 43.46 -32.16 -13.51
CA ARG D 11 42.59 -32.61 -12.43
C ARG D 11 41.39 -31.69 -12.27
N ILE D 12 40.30 -32.28 -11.80
CA ILE D 12 39.10 -31.57 -11.43
C ILE D 12 38.81 -31.85 -9.97
N ALA D 13 38.35 -30.83 -9.25
CA ALA D 13 37.98 -30.95 -7.85
C ALA D 13 36.70 -30.18 -7.61
N ILE D 14 36.09 -30.41 -6.46
CA ILE D 14 34.80 -29.81 -6.13
C ILE D 14 34.68 -29.87 -4.63
N ALA D 15 34.11 -28.83 -4.03
CA ALA D 15 34.05 -28.77 -2.57
C ALA D 15 32.84 -28.00 -2.08
N ALA D 16 32.58 -28.08 -0.78
CA ALA D 16 31.42 -27.45 -0.15
C ALA D 16 31.61 -27.44 1.36
N ASP D 17 31.03 -26.43 2.03
CA ASP D 17 31.04 -26.44 3.49
C ASP D 17 30.02 -27.47 3.94
N THR D 18 29.77 -27.60 5.24
CA THR D 18 28.87 -28.64 5.79
C THR D 18 27.81 -28.08 6.75
N LEU D 19 27.65 -26.77 6.77
CA LEU D 19 26.75 -26.08 7.70
C LEU D 19 25.37 -25.88 7.10
N THR D 20 24.35 -26.11 7.92
CA THR D 20 22.96 -25.86 7.55
C THR D 20 22.45 -24.82 8.52
N LYS D 21 21.54 -23.98 8.06
CA LYS D 21 20.97 -22.95 8.93
C LYS D 21 19.50 -23.21 9.17
N TRP D 22 19.05 -22.95 10.39
CA TRP D 22 17.64 -22.90 10.70
C TRP D 22 17.39 -21.50 11.26
N GLY D 23 17.08 -20.58 10.36
CA GLY D 23 17.07 -19.15 10.70
C GLY D 23 18.49 -18.72 11.00
N GLY D 24 18.69 -18.08 12.15
CA GLY D 24 20.02 -17.71 12.63
C GLY D 24 20.68 -18.85 13.41
N GLY D 25 19.98 -19.97 13.53
CA GLY D 25 20.51 -21.15 14.21
C GLY D 25 21.56 -21.82 13.35
N LYS D 26 22.61 -22.35 13.99
CA LYS D 26 23.60 -23.18 13.30
C LYS D 26 23.31 -24.68 13.48
N GLU D 27 23.42 -25.45 12.42
CA GLU D 27 23.38 -26.91 12.54
C GLU D 27 24.66 -27.46 11.89
N SER D 28 25.70 -27.61 12.71
CA SER D 28 27.01 -28.01 12.20
C SER D 28 27.12 -29.51 11.95
N ALA D 29 28.20 -29.89 11.29
CA ALA D 29 28.54 -31.30 11.05
C ALA D 29 28.66 -32.08 12.36
N ASP D 30 28.99 -31.38 13.44
CA ASP D 30 29.14 -32.00 14.76
C ASP D 30 27.80 -32.47 15.37
N TYR D 31 26.70 -31.86 14.93
CA TYR D 31 25.36 -32.24 15.38
C TYR D 31 24.53 -32.99 14.33
N VAL D 32 24.80 -32.70 13.05
CA VAL D 32 24.09 -33.31 11.96
C VAL D 32 25.00 -34.30 11.26
N ALA D 33 24.54 -35.54 11.17
CA ALA D 33 25.32 -36.63 10.55
C ALA D 33 25.32 -36.53 9.04
N ASN D 34 24.14 -36.33 8.46
CA ASN D 34 24.02 -36.16 7.00
C ASN D 34 24.21 -34.69 6.60
N HIS D 35 25.46 -34.24 6.73
CA HIS D 35 25.85 -32.84 6.55
C HIS D 35 26.55 -32.61 5.20
N GLU D 36 26.54 -33.64 4.36
CA GLU D 36 27.15 -33.58 3.06
C GLU D 36 26.25 -32.71 2.18
N LYS D 37 26.86 -31.82 1.40
CA LYS D 37 26.10 -31.00 0.45
C LYS D 37 26.39 -31.41 -0.98
N ILE D 38 27.26 -32.39 -1.15
CA ILE D 38 27.62 -32.94 -2.45
C ILE D 38 27.04 -34.33 -2.60
N ILE D 39 26.52 -34.65 -3.78
CA ILE D 39 25.98 -35.99 -4.04
C ILE D 39 26.62 -36.60 -5.29
N ARG D 40 26.41 -37.89 -5.47
CA ARG D 40 26.90 -38.61 -6.64
C ARG D 40 25.75 -38.79 -7.59
N VAL D 41 25.98 -38.53 -8.86
CA VAL D 41 25.00 -38.74 -9.91
C VAL D 41 25.78 -39.33 -11.07
N GLY D 42 25.63 -40.63 -11.28
CA GLY D 42 26.48 -41.33 -12.25
C GLY D 42 27.92 -41.20 -11.82
N ASP D 43 28.78 -40.73 -12.73
CA ASP D 43 30.18 -40.47 -12.39
C ASP D 43 30.44 -38.98 -12.10
N SER D 44 29.36 -38.22 -11.95
CA SER D 44 29.42 -36.81 -11.62
C SER D 44 29.16 -36.59 -10.15
N TYR D 45 29.81 -35.56 -9.59
CA TYR D 45 29.50 -35.05 -8.28
C TYR D 45 28.68 -33.77 -8.46
N VAL D 46 27.65 -33.56 -7.64
CA VAL D 46 26.80 -32.39 -7.77
C VAL D 46 26.72 -31.70 -6.44
N ALA D 47 27.38 -30.53 -6.35
CA ALA D 47 27.36 -29.68 -5.17
C ALA D 47 26.16 -28.73 -5.23
N ILE D 48 25.40 -28.66 -4.15
CA ILE D 48 24.07 -28.07 -4.18
C ILE D 48 23.91 -26.96 -3.15
N THR D 49 23.47 -25.78 -3.59
CA THR D 49 23.18 -24.67 -2.69
C THR D 49 21.66 -24.43 -2.61
N GLY D 50 21.26 -23.50 -1.75
CA GLY D 50 19.86 -23.26 -1.46
C GLY D 50 19.40 -24.05 -0.25
N SER D 51 18.10 -24.36 -0.21
CA SER D 51 17.55 -25.16 0.87
C SER D 51 18.25 -26.50 0.98
N ALA D 52 18.41 -26.93 2.23
CA ALA D 52 19.07 -28.19 2.57
C ALA D 52 18.23 -29.41 2.17
N THR D 53 16.95 -29.19 1.89
CA THR D 53 16.08 -30.24 1.32
C THR D 53 16.46 -30.64 -0.10
N PHE D 54 17.03 -29.72 -0.87
CA PHE D 54 17.27 -29.96 -2.29
C PHE D 54 18.13 -31.20 -2.61
N LYS D 55 19.12 -31.48 -1.76
CA LYS D 55 20.02 -32.61 -1.97
C LYS D 55 19.27 -33.94 -1.82
N LEU D 56 18.21 -33.91 -1.01
CA LEU D 56 17.39 -35.09 -0.80
C LEU D 56 16.50 -35.24 -2.01
N ILE D 57 15.86 -34.13 -2.40
CA ILE D 57 15.04 -34.11 -3.60
C ILE D 57 15.86 -34.61 -4.79
N LEU D 58 17.00 -33.99 -5.07
CA LEU D 58 17.76 -34.39 -6.27
C LEU D 58 18.18 -35.87 -6.23
N ALA D 59 18.56 -36.34 -5.05
CA ALA D 59 19.03 -37.71 -4.87
C ALA D 59 17.86 -38.66 -5.10
N ASP D 60 16.70 -38.30 -4.54
CA ASP D 60 15.47 -39.03 -4.76
C ASP D 60 15.11 -39.02 -6.25
N TYR D 61 15.22 -37.85 -6.87
CA TYR D 61 14.84 -37.65 -8.29
C TYR D 61 15.73 -38.42 -9.26
N PHE D 62 17.03 -38.23 -9.15
CA PHE D 62 17.97 -38.88 -10.07
C PHE D 62 17.98 -40.40 -9.96
N ALA D 63 17.77 -40.93 -8.76
CA ALA D 63 17.74 -42.37 -8.53
C ALA D 63 16.57 -43.01 -9.24
N SER D 64 15.45 -42.28 -9.33
CA SER D 64 14.24 -42.78 -9.95
C SER D 64 14.26 -42.78 -11.49
N LEU D 65 15.31 -42.22 -12.10
CA LEU D 65 15.47 -42.23 -13.57
C LEU D 65 15.98 -43.60 -14.06
N ASP D 66 15.57 -44.01 -15.26
CA ASP D 66 15.90 -45.35 -15.81
C ASP D 66 17.41 -45.64 -15.76
N GLU D 67 18.20 -44.63 -16.12
CA GLU D 67 19.65 -44.69 -15.94
C GLU D 67 20.14 -43.31 -15.59
N PRO D 68 21.41 -43.20 -15.13
CA PRO D 68 21.91 -41.88 -14.77
C PRO D 68 21.95 -40.91 -15.96
N PRO D 69 21.67 -39.63 -15.71
CA PRO D 69 21.78 -38.64 -16.78
C PRO D 69 23.23 -38.37 -17.18
N GLN D 70 23.42 -37.96 -18.43
CA GLN D 70 24.71 -37.51 -18.90
C GLN D 70 24.88 -36.03 -18.55
N LEU D 71 25.89 -35.70 -17.75
CA LEU D 71 26.06 -34.34 -17.27
C LEU D 71 27.39 -33.76 -17.73
N ASP D 72 27.74 -34.02 -18.98
CA ASP D 72 29.06 -33.70 -19.48
C ASP D 72 29.03 -32.84 -20.71
N SER D 73 27.93 -32.12 -20.93
CA SER D 73 27.93 -31.01 -21.87
C SER D 73 26.86 -29.99 -21.50
N VAL D 74 27.01 -28.79 -22.05
CA VAL D 74 26.10 -27.72 -21.71
C VAL D 74 24.70 -28.08 -22.21
N ALA D 75 24.57 -28.45 -23.48
CA ALA D 75 23.25 -28.81 -24.01
C ALA D 75 22.55 -29.89 -23.19
N ARG D 76 23.29 -30.91 -22.78
CA ARG D 76 22.72 -32.06 -22.05
C ARG D 76 22.30 -31.71 -20.64
N ILE D 77 23.13 -30.92 -19.97
CA ILE D 77 22.84 -30.47 -18.63
C ILE D 77 21.55 -29.65 -18.63
N PHE D 78 21.48 -28.65 -19.50
CA PHE D 78 20.29 -27.82 -19.60
C PHE D 78 19.06 -28.70 -19.77
N CYS D 79 19.11 -29.56 -20.78
CA CYS D 79 18.05 -30.55 -21.03
C CYS D 79 17.64 -31.22 -19.70
N VAL D 80 18.62 -31.79 -19.01
CA VAL D 80 18.35 -32.45 -17.73
C VAL D 80 17.68 -31.48 -16.75
N TRP D 81 18.29 -30.30 -16.56
CA TRP D 81 17.77 -29.34 -15.56
C TRP D 81 16.39 -28.77 -15.89
N ASN D 82 16.12 -28.61 -17.17
CA ASN D 82 14.83 -28.13 -17.59
C ASN D 82 13.72 -29.16 -17.28
N THR D 83 14.01 -30.45 -17.52
CA THR D 83 13.08 -31.50 -17.12
C THR D 83 12.91 -31.53 -15.60
N LEU D 84 14.03 -31.45 -14.89
CA LEU D 84 14.03 -31.50 -13.43
C LEU D 84 13.09 -30.45 -12.84
N HIS D 85 13.21 -29.22 -13.33
CA HIS D 85 12.38 -28.12 -12.86
C HIS D 85 10.91 -28.48 -12.92
N GLY D 86 10.50 -29.13 -14.00
CA GLY D 86 9.14 -29.71 -14.10
C GLY D 86 8.79 -30.59 -12.91
N ALA D 87 9.69 -31.51 -12.57
CA ALA D 87 9.50 -32.42 -11.45
C ALA D 87 9.49 -31.72 -10.08
N LEU D 88 10.41 -30.78 -9.87
CA LEU D 88 10.41 -30.01 -8.62
C LEU D 88 9.03 -29.43 -8.31
N LYS D 89 8.42 -28.78 -9.30
CA LYS D 89 7.11 -28.20 -9.15
C LYS D 89 6.07 -29.29 -8.93
N GLU D 90 5.94 -30.21 -9.89
CA GLU D 90 4.90 -31.24 -9.79
C GLU D 90 5.04 -32.12 -8.54
N HIS D 91 6.23 -32.69 -8.32
CA HIS D 91 6.38 -33.75 -7.32
C HIS D 91 6.98 -33.34 -5.99
N TYR D 92 7.74 -32.24 -5.95
CA TYR D 92 8.49 -31.87 -4.75
C TYR D 92 8.12 -30.49 -4.17
N TYR D 93 7.00 -29.93 -4.62
CA TYR D 93 6.41 -28.75 -3.99
C TYR D 93 7.32 -27.53 -3.99
N LEU D 94 7.98 -27.30 -5.12
CA LEU D 94 8.69 -26.06 -5.37
C LEU D 94 7.68 -24.94 -5.68
N GLN D 95 7.99 -23.71 -5.26
CA GLN D 95 7.11 -22.56 -5.50
C GLN D 95 7.62 -21.65 -6.63
N GLU D 101 7.88 -11.52 -11.38
CA GLU D 101 9.21 -11.05 -10.94
C GLU D 101 10.28 -11.21 -12.05
N ASP D 102 10.85 -12.41 -12.17
CA ASP D 102 12.04 -12.66 -13.03
C ASP D 102 11.68 -12.96 -14.50
N ASP D 103 12.71 -13.07 -15.34
CA ASP D 103 12.58 -13.53 -16.74
C ASP D 103 11.93 -14.89 -16.85
N LEU D 104 12.54 -15.85 -16.18
CA LEU D 104 12.14 -17.24 -16.18
C LEU D 104 11.92 -17.64 -14.76
N GLU D 105 11.24 -18.76 -14.56
CA GLU D 105 11.06 -19.30 -13.23
C GLU D 105 12.40 -19.71 -12.65
N SER D 106 12.51 -19.61 -11.34
CA SER D 106 13.72 -19.98 -10.62
C SER D 106 13.53 -21.35 -10.03
N SER D 107 14.51 -22.22 -10.25
CA SER D 107 14.54 -23.53 -9.59
C SER D 107 15.06 -23.42 -8.15
N ARG D 108 15.41 -22.21 -7.71
CA ARG D 108 15.68 -21.89 -6.30
C ARG D 108 16.96 -22.51 -5.75
N MET D 109 17.87 -22.87 -6.63
CA MET D 109 19.10 -23.49 -6.21
C MET D 109 20.12 -23.37 -7.31
N ASP D 110 21.37 -23.22 -6.90
CA ASP D 110 22.49 -23.11 -7.78
C ASP D 110 23.28 -24.37 -7.53
N VAL D 111 23.81 -24.96 -8.59
CA VAL D 111 24.65 -26.12 -8.41
C VAL D 111 25.88 -26.02 -9.28
N LEU D 112 26.90 -26.76 -8.85
CA LEU D 112 28.12 -27.01 -9.61
C LEU D 112 28.20 -28.50 -9.88
N ILE D 113 28.67 -28.84 -11.07
CA ILE D 113 28.78 -30.23 -11.49
C ILE D 113 30.20 -30.48 -11.95
N ALA D 114 30.86 -31.40 -11.26
CA ALA D 114 32.17 -31.90 -11.66
C ALA D 114 32.03 -33.31 -12.23
N ASN D 115 32.63 -33.54 -13.39
CA ASN D 115 32.87 -34.89 -13.91
C ASN D 115 34.15 -34.95 -14.73
N PRO D 116 34.59 -36.16 -15.14
CA PRO D 116 35.87 -36.25 -15.85
C PRO D 116 35.96 -35.46 -17.14
N ARG D 117 34.81 -35.14 -17.75
CA ARG D 117 34.77 -34.45 -19.03
C ARG D 117 34.58 -32.92 -18.95
N GLY D 118 34.57 -32.36 -17.74
CA GLY D 118 34.59 -30.90 -17.56
C GLY D 118 34.00 -30.38 -16.24
N ILE D 119 34.16 -29.07 -16.00
CA ILE D 119 33.51 -28.39 -14.87
C ILE D 119 32.38 -27.46 -15.34
N PHE D 120 31.25 -27.55 -14.66
CA PHE D 120 30.03 -26.85 -15.08
C PHE D 120 29.26 -26.32 -13.88
N GLY D 121 28.34 -25.41 -14.18
CA GLY D 121 27.38 -24.97 -13.19
C GLY D 121 26.03 -24.72 -13.80
N VAL D 122 25.03 -24.65 -12.93
CA VAL D 122 23.66 -24.39 -13.31
C VAL D 122 23.08 -23.49 -12.25
N ALA D 123 22.78 -22.26 -12.63
CA ALA D 123 22.27 -21.31 -11.67
C ALA D 123 20.76 -21.50 -11.57
N ALA D 124 20.14 -20.80 -10.63
CA ALA D 124 18.73 -20.99 -10.29
C ALA D 124 17.80 -20.90 -11.50
N HIS D 125 18.12 -19.98 -12.41
CA HIS D 125 17.32 -19.77 -13.61
C HIS D 125 17.82 -20.61 -14.78
N ARG D 126 18.47 -21.73 -14.49
CA ARG D 126 18.90 -22.72 -15.47
C ARG D 126 19.91 -22.19 -16.50
N THR D 127 20.67 -21.17 -16.10
CA THR D 127 21.83 -20.78 -16.84
C THR D 127 22.87 -21.86 -16.64
N VAL D 128 23.11 -22.66 -17.67
CA VAL D 128 24.13 -23.69 -17.63
C VAL D 128 25.43 -23.14 -18.19
N GLN D 129 26.52 -23.30 -17.44
CA GLN D 129 27.81 -22.78 -17.88
C GLN D 129 28.85 -23.86 -17.75
N GLU D 130 29.79 -23.87 -18.70
CA GLU D 130 31.05 -24.60 -18.52
C GLU D 130 32.11 -23.57 -18.15
N PHE D 131 32.81 -23.86 -17.06
CA PHE D 131 33.85 -22.99 -16.53
C PHE D 131 35.21 -23.48 -17.01
N SER D 132 36.18 -22.57 -17.11
CA SER D 132 37.51 -22.91 -17.64
C SER D 132 38.58 -23.03 -16.55
N LYS D 133 38.30 -22.50 -15.36
CA LYS D 133 39.29 -22.46 -14.29
C LYS D 133 38.69 -22.91 -12.97
N PHE D 134 37.73 -22.11 -12.48
CA PHE D 134 37.06 -22.36 -11.22
C PHE D 134 35.82 -21.50 -11.16
N TYR D 135 34.90 -21.84 -10.26
CA TYR D 135 33.78 -20.96 -9.94
C TYR D 135 33.20 -21.39 -8.61
N ALA D 136 32.28 -20.59 -8.07
CA ALA D 136 31.67 -20.88 -6.76
C ALA D 136 30.23 -20.41 -6.72
N TYR D 137 29.43 -21.05 -5.87
CA TYR D 137 28.04 -20.65 -5.65
C TYR D 137 27.71 -20.67 -4.17
N GLY D 138 26.53 -20.17 -3.86
CA GLY D 138 26.06 -20.04 -2.51
C GLY D 138 26.34 -18.63 -2.03
N SER D 139 25.82 -18.30 -0.85
CA SER D 139 26.02 -17.00 -0.28
C SER D 139 27.50 -16.72 -0.07
N GLY D 140 28.31 -17.77 0.05
CA GLY D 140 29.74 -17.59 0.27
C GLY D 140 30.60 -17.39 -0.98
N SER D 141 30.01 -17.49 -2.17
CA SER D 141 30.83 -17.43 -3.40
C SER D 141 31.77 -16.21 -3.57
N PRO D 142 31.33 -14.98 -3.25
CA PRO D 142 32.30 -13.84 -3.37
C PRO D 142 33.64 -14.10 -2.67
N TYR D 143 33.57 -14.47 -1.40
CA TYR D 143 34.75 -14.83 -0.61
C TYR D 143 35.55 -15.94 -1.27
N ALA D 144 34.86 -16.98 -1.76
CA ALA D 144 35.50 -18.14 -2.38
C ALA D 144 36.13 -17.82 -3.75
N LEU D 145 35.46 -17.02 -4.56
CA LEU D 145 36.08 -16.54 -5.80
C LEU D 145 37.30 -15.65 -5.52
N GLY D 146 37.27 -14.89 -4.43
CA GLY D 146 38.44 -14.08 -4.08
C GLY D 146 39.63 -14.96 -3.72
N ALA D 147 39.40 -15.93 -2.83
CA ALA D 147 40.50 -16.78 -2.36
C ALA D 147 41.10 -17.61 -3.49
N MET D 148 40.23 -18.20 -4.30
CA MET D 148 40.65 -19.04 -5.43
C MET D 148 41.34 -18.25 -6.53
N TYR D 149 40.98 -16.99 -6.69
CA TYR D 149 41.66 -16.10 -7.66
C TYR D 149 43.11 -15.92 -7.27
N ALA D 150 43.34 -15.68 -5.99
CA ALA D 150 44.67 -15.43 -5.45
C ALA D 150 45.57 -16.67 -5.49
N ALA D 151 44.96 -17.84 -5.25
CA ALA D 151 45.70 -19.07 -5.03
C ALA D 151 45.74 -19.99 -6.24
N TYR D 152 45.08 -19.62 -7.31
CA TYR D 152 44.97 -20.49 -8.47
C TYR D 152 46.32 -20.85 -9.08
N ARG D 153 47.20 -19.86 -9.21
CA ARG D 153 48.45 -20.06 -9.95
C ARG D 153 49.62 -20.48 -9.08
N ALA D 154 49.39 -20.66 -7.79
CA ALA D 154 50.37 -21.21 -6.87
C ALA D 154 50.60 -22.69 -7.16
N PRO D 155 51.84 -23.05 -7.56
CA PRO D 155 52.13 -24.44 -7.88
C PRO D 155 52.08 -25.40 -6.67
N SER D 156 52.19 -24.87 -5.45
CA SER D 156 52.07 -25.72 -4.26
C SER D 156 50.65 -26.17 -3.95
N LEU D 157 49.67 -25.59 -4.64
CA LEU D 157 48.27 -25.98 -4.50
C LEU D 157 47.78 -26.62 -5.78
N ASP D 158 47.12 -27.77 -5.65
CA ASP D 158 46.50 -28.46 -6.77
C ASP D 158 45.02 -28.03 -6.87
N ALA D 159 44.21 -28.77 -7.62
CA ALA D 159 42.81 -28.41 -7.82
C ALA D 159 41.99 -28.52 -6.53
N GLU D 160 42.25 -29.55 -5.74
CA GLU D 160 41.52 -29.77 -4.49
C GLU D 160 41.87 -28.73 -3.43
N ALA D 161 43.16 -28.41 -3.31
CA ALA D 161 43.59 -27.39 -2.34
C ALA D 161 42.93 -26.06 -2.61
N VAL D 162 42.86 -25.69 -3.89
CA VAL D 162 42.22 -24.43 -4.29
C VAL D 162 40.73 -24.47 -4.00
N ALA D 163 40.07 -25.54 -4.42
CA ALA D 163 38.65 -25.76 -4.15
C ALA D 163 38.32 -25.70 -2.67
N ARG D 164 39.14 -26.37 -1.87
CA ARG D 164 38.98 -26.36 -0.41
C ARG D 164 39.30 -24.98 0.20
N LEU D 165 40.27 -24.28 -0.37
CA LEU D 165 40.61 -22.95 0.16
C LEU D 165 39.48 -21.94 -0.05
N GLY D 166 38.74 -22.10 -1.15
CA GLY D 166 37.60 -21.25 -1.45
C GLY D 166 36.52 -21.39 -0.37
N VAL D 167 36.17 -22.62 -0.03
CA VAL D 167 35.20 -22.85 1.02
C VAL D 167 35.72 -22.32 2.37
N MET D 168 37.00 -22.52 2.65
CA MET D 168 37.56 -22.08 3.92
C MET D 168 37.43 -20.57 4.07
N ALA D 169 37.66 -19.84 2.98
CA ALA D 169 37.56 -18.37 2.98
C ALA D 169 36.14 -17.86 3.35
N ALA D 170 35.14 -18.59 2.86
CA ALA D 170 33.76 -18.25 3.12
C ALA D 170 33.39 -18.54 4.58
N ALA D 171 33.79 -19.71 5.07
CA ALA D 171 33.57 -20.08 6.48
C ALA D 171 34.23 -19.12 7.44
N GLU D 172 35.38 -18.60 7.04
CA GLU D 172 36.08 -17.61 7.83
C GLU D 172 35.19 -16.39 8.06
N PHE D 173 34.52 -15.93 6.99
CA PHE D 173 33.92 -14.58 7.00
C PHE D 173 32.42 -14.47 6.88
N HIS D 174 31.74 -15.58 6.59
CA HIS D 174 30.31 -15.48 6.36
C HIS D 174 29.52 -16.47 7.18
N ASP D 175 28.42 -15.98 7.75
CA ASP D 175 27.72 -16.73 8.77
C ASP D 175 26.83 -17.84 8.23
N GLU D 176 26.82 -18.07 6.91
CA GLU D 176 26.09 -19.21 6.33
C GLU D 176 26.99 -20.32 5.85
N SER D 177 28.31 -20.15 6.00
CA SER D 177 29.28 -21.21 5.71
C SER D 177 30.03 -21.68 6.97
N GLY D 178 30.23 -22.99 7.07
CA GLY D 178 30.96 -23.58 8.20
C GLY D 178 31.79 -24.81 7.87
N LEU D 179 32.92 -24.92 8.57
CA LEU D 179 33.84 -26.05 8.44
C LEU D 179 33.26 -27.26 9.17
N PRO D 180 33.70 -28.47 8.83
CA PRO D 180 34.70 -28.81 7.83
C PRO D 180 34.23 -28.61 6.38
N VAL D 181 35.22 -28.68 5.50
CA VAL D 181 35.03 -28.72 4.08
C VAL D 181 34.97 -30.18 3.69
N GLN D 182 34.16 -30.51 2.70
CA GLN D 182 34.18 -31.80 2.03
C GLN D 182 34.68 -31.55 0.62
N SER D 183 35.50 -32.46 0.09
CA SER D 183 35.97 -32.30 -1.27
C SER D 183 36.24 -33.63 -1.96
N PHE D 184 36.15 -33.61 -3.29
CA PHE D 184 36.46 -34.75 -4.11
C PHE D 184 37.31 -34.27 -5.27
N VAL D 185 38.22 -35.10 -5.73
CA VAL D 185 39.07 -34.79 -6.88
C VAL D 185 38.96 -35.93 -7.89
N MET D 186 39.21 -35.63 -9.16
CA MET D 186 39.19 -36.65 -10.21
C MET D 186 40.07 -36.23 -11.37
N GLU D 187 40.31 -37.16 -12.28
CA GLU D 187 41.20 -36.93 -13.40
C GLU D 187 40.41 -36.36 -14.56
N LEU D 188 40.98 -35.36 -15.22
CA LEU D 188 40.44 -34.88 -16.47
C LEU D 188 40.54 -36.02 -17.47
N SER D 189 39.44 -36.32 -18.16
CA SER D 189 39.43 -37.41 -19.14
C SER D 189 40.05 -36.97 -20.46
N PRO D 190 40.69 -37.91 -21.18
CA PRO D 190 41.20 -37.61 -22.52
C PRO D 190 40.15 -37.88 -23.60
N THR E 1 24.58 -6.53 -21.68
CA THR E 1 24.79 -7.22 -22.97
C THR E 1 24.62 -6.22 -24.08
N THR E 2 25.46 -6.35 -25.10
CA THR E 2 25.37 -5.53 -26.29
C THR E 2 25.50 -6.43 -27.48
N VAL E 3 24.63 -6.21 -28.46
CA VAL E 3 24.74 -6.89 -29.73
C VAL E 3 24.43 -5.87 -30.78
N THR E 4 25.13 -6.01 -31.90
CA THR E 4 25.00 -5.10 -32.98
C THR E 4 24.89 -5.87 -34.26
N ILE E 5 24.40 -5.20 -35.30
CA ILE E 5 24.26 -5.78 -36.62
C ILE E 5 24.47 -4.66 -37.64
N VAL E 6 25.23 -4.94 -38.69
CA VAL E 6 25.56 -3.89 -39.67
C VAL E 6 25.58 -4.46 -41.06
N ARG E 7 25.15 -3.63 -42.00
CA ARG E 7 25.10 -3.97 -43.40
C ARG E 7 25.76 -2.82 -44.17
N LYS E 8 26.78 -3.14 -44.97
CA LYS E 8 27.59 -2.13 -45.65
C LYS E 8 28.47 -2.76 -46.73
N ASP E 9 28.48 -2.16 -47.92
CA ASP E 9 29.36 -2.53 -49.03
C ASP E 9 29.28 -4.02 -49.38
N GLY E 10 28.06 -4.52 -49.54
CA GLY E 10 27.86 -5.92 -49.86
C GLY E 10 28.17 -6.89 -48.72
N ARG E 11 28.43 -6.36 -47.53
CA ARG E 11 28.71 -7.19 -46.36
C ARG E 11 27.69 -6.94 -45.29
N ILE E 12 27.33 -8.03 -44.62
CA ILE E 12 26.51 -8.04 -43.42
C ILE E 12 27.37 -8.56 -42.27
N ALA E 13 27.26 -7.96 -41.09
CA ALA E 13 28.04 -8.39 -39.94
C ALA E 13 27.18 -8.32 -38.68
N ILE E 14 27.50 -9.17 -37.72
CA ILE E 14 26.75 -9.28 -36.47
C ILE E 14 27.76 -9.42 -35.35
N ALA E 15 27.54 -8.75 -34.22
CA ALA E 15 28.50 -8.85 -33.11
C ALA E 15 27.83 -8.84 -31.74
N ALA E 16 28.57 -9.34 -30.75
CA ALA E 16 28.12 -9.45 -29.37
C ALA E 16 29.29 -9.35 -28.41
N ASP E 17 29.02 -8.87 -27.20
CA ASP E 17 30.03 -8.91 -26.15
C ASP E 17 30.04 -10.34 -25.60
N THR E 18 30.85 -10.61 -24.58
CA THR E 18 30.99 -11.96 -24.08
C THR E 18 30.83 -12.08 -22.56
N LEU E 19 30.29 -11.06 -21.93
CA LEU E 19 30.26 -11.01 -20.47
C LEU E 19 28.90 -11.42 -19.98
N THR E 20 28.88 -12.24 -18.94
CA THR E 20 27.66 -12.65 -18.31
C THR E 20 27.67 -12.04 -16.94
N LYS E 21 26.49 -11.77 -16.38
CA LYS E 21 26.36 -11.17 -15.08
C LYS E 21 25.50 -12.01 -14.17
N TRP E 22 25.86 -12.03 -12.89
CA TRP E 22 25.11 -12.72 -11.88
C TRP E 22 24.95 -11.77 -10.72
N GLY E 23 23.93 -10.93 -10.79
CA GLY E 23 23.83 -9.76 -9.92
C GLY E 23 24.93 -8.79 -10.32
N GLY E 24 25.65 -8.26 -9.35
CA GLY E 24 26.81 -7.41 -9.63
C GLY E 24 28.01 -8.27 -10.01
N GLY E 25 27.82 -9.59 -9.99
CA GLY E 25 28.86 -10.54 -10.39
C GLY E 25 29.21 -10.50 -11.86
N LYS E 26 30.50 -10.58 -12.15
CA LYS E 26 31.01 -10.70 -13.51
C LYS E 26 31.42 -12.14 -13.79
N GLU E 27 31.07 -12.61 -14.97
CA GLU E 27 31.47 -13.92 -15.43
C GLU E 27 31.96 -13.69 -16.84
N SER E 28 33.25 -13.44 -16.98
CA SER E 28 33.82 -13.11 -18.27
C SER E 28 34.15 -14.37 -19.03
N ALA E 29 34.54 -14.20 -20.30
CA ALA E 29 34.93 -15.30 -21.17
C ALA E 29 36.18 -15.99 -20.66
N ASP E 30 36.98 -15.26 -19.90
CA ASP E 30 38.14 -15.80 -19.20
C ASP E 30 37.78 -16.91 -18.19
N TYR E 31 36.57 -16.83 -17.64
CA TYR E 31 36.11 -17.80 -16.66
C TYR E 31 35.03 -18.76 -17.19
N VAL E 32 34.30 -18.33 -18.23
CA VAL E 32 33.20 -19.13 -18.80
C VAL E 32 33.56 -19.49 -20.23
N ALA E 33 33.55 -20.79 -20.51
CA ALA E 33 33.96 -21.31 -21.82
C ALA E 33 32.87 -21.07 -22.87
N ASN E 34 31.62 -21.34 -22.50
CA ASN E 34 30.48 -21.07 -23.39
C ASN E 34 29.97 -19.63 -23.25
N HIS E 35 30.75 -18.68 -23.72
CA HIS E 35 30.47 -17.26 -23.52
C HIS E 35 29.97 -16.65 -24.82
N GLU E 36 29.52 -17.48 -25.76
CA GLU E 36 28.99 -17.00 -27.03
C GLU E 36 27.54 -16.60 -26.80
N LYS E 37 27.21 -15.34 -27.14
CA LYS E 37 25.84 -14.83 -27.08
C LYS E 37 25.17 -14.86 -28.44
N ILE E 38 25.91 -15.28 -29.47
CA ILE E 38 25.37 -15.45 -30.82
C ILE E 38 25.27 -16.96 -31.13
N ILE E 39 24.13 -17.41 -31.64
CA ILE E 39 23.97 -18.82 -32.07
C ILE E 39 23.69 -18.91 -33.56
N ARG E 40 23.87 -20.10 -34.11
CA ARG E 40 23.54 -20.37 -35.50
C ARG E 40 22.21 -21.09 -35.56
N VAL E 41 21.32 -20.61 -36.44
CA VAL E 41 20.01 -21.21 -36.71
C VAL E 41 19.86 -21.28 -38.24
N GLY E 42 20.10 -22.45 -38.81
CA GLY E 42 20.21 -22.56 -40.26
C GLY E 42 21.28 -21.59 -40.73
N ASP E 43 21.06 -20.96 -41.87
CA ASP E 43 22.06 -20.03 -42.38
C ASP E 43 22.00 -18.64 -41.73
N SER E 44 21.29 -18.50 -40.61
CA SER E 44 21.17 -17.24 -39.88
C SER E 44 21.96 -17.25 -38.59
N TYR E 45 22.49 -16.07 -38.24
CA TYR E 45 23.08 -15.86 -36.94
C TYR E 45 22.06 -15.11 -36.10
N VAL E 46 21.90 -15.50 -34.84
CA VAL E 46 20.96 -14.86 -33.92
C VAL E 46 21.70 -14.39 -32.67
N ALA E 47 21.87 -13.08 -32.55
CA ALA E 47 22.48 -12.48 -31.38
C ALA E 47 21.44 -12.18 -30.30
N ILE E 48 21.68 -12.69 -29.09
CA ILE E 48 20.63 -12.78 -28.07
C ILE E 48 20.93 -11.95 -26.82
N THR E 49 19.95 -11.17 -26.38
CA THR E 49 20.08 -10.39 -25.14
C THR E 49 19.01 -10.84 -24.17
N GLY E 50 19.18 -10.47 -22.90
CA GLY E 50 18.34 -10.94 -21.81
C GLY E 50 19.10 -11.93 -20.95
N SER E 51 18.36 -12.83 -20.29
CA SER E 51 18.96 -13.86 -19.45
C SER E 51 19.96 -14.69 -20.25
N ALA E 52 21.09 -14.99 -19.62
CA ALA E 52 22.07 -15.88 -20.24
C ALA E 52 21.53 -17.29 -20.57
N THR E 53 20.33 -17.63 -20.10
CA THR E 53 19.71 -18.93 -20.39
C THR E 53 19.03 -19.00 -21.75
N PHE E 54 18.67 -17.84 -22.31
CA PHE E 54 17.91 -17.81 -23.56
C PHE E 54 18.65 -18.42 -24.75
N LYS E 55 19.98 -18.24 -24.80
CA LYS E 55 20.77 -18.86 -25.86
C LYS E 55 20.64 -20.40 -25.84
N LEU E 56 20.45 -20.96 -24.66
CA LEU E 56 20.33 -22.39 -24.51
C LEU E 56 18.94 -22.80 -24.90
N ILE E 57 17.95 -22.06 -24.40
CA ILE E 57 16.57 -22.30 -24.75
C ILE E 57 16.37 -22.25 -26.27
N LEU E 58 16.89 -21.20 -26.88
CA LEU E 58 16.68 -21.06 -28.31
C LEU E 58 17.34 -22.21 -29.07
N ALA E 59 18.61 -22.48 -28.74
CA ALA E 59 19.37 -23.55 -29.40
C ALA E 59 18.59 -24.88 -29.35
N ASP E 60 18.09 -25.18 -28.17
CA ASP E 60 17.38 -26.42 -27.87
C ASP E 60 16.04 -26.45 -28.59
N TYR E 61 15.33 -25.33 -28.56
CA TYR E 61 14.03 -25.24 -29.24
C TYR E 61 14.16 -25.38 -30.74
N PHE E 62 15.10 -24.66 -31.34
CA PHE E 62 15.25 -24.70 -32.80
C PHE E 62 15.84 -26.00 -33.29
N ALA E 63 16.55 -26.70 -32.43
CA ALA E 63 17.12 -27.99 -32.77
C ALA E 63 16.01 -29.04 -32.85
N SER E 64 14.97 -28.87 -32.05
CA SER E 64 13.87 -29.83 -31.98
C SER E 64 12.92 -29.75 -33.17
N LEU E 65 12.96 -28.65 -33.92
CA LEU E 65 12.08 -28.49 -35.08
C LEU E 65 12.53 -29.38 -36.23
N ASP E 66 11.58 -29.88 -37.00
CA ASP E 66 11.88 -30.74 -38.15
C ASP E 66 12.95 -30.14 -39.07
N GLU E 67 12.93 -28.82 -39.21
CA GLU E 67 13.93 -28.11 -40.00
C GLU E 67 14.17 -26.69 -39.48
N PRO E 68 15.32 -26.11 -39.83
CA PRO E 68 15.54 -24.75 -39.37
C PRO E 68 14.54 -23.81 -40.04
N PRO E 69 14.02 -22.82 -39.29
CA PRO E 69 13.06 -21.89 -39.85
C PRO E 69 13.69 -20.91 -40.84
N GLN E 70 12.90 -20.47 -41.80
CA GLN E 70 13.33 -19.43 -42.73
C GLN E 70 13.21 -18.11 -41.99
N LEU E 71 14.33 -17.40 -41.83
CA LEU E 71 14.36 -16.18 -41.04
C LEU E 71 14.77 -14.99 -41.90
N ASP E 72 14.15 -14.85 -43.07
CA ASP E 72 14.63 -13.88 -44.07
C ASP E 72 13.58 -12.89 -44.60
N SER E 73 12.52 -12.70 -43.84
CA SER E 73 11.57 -11.63 -44.10
C SER E 73 10.90 -11.31 -42.79
N VAL E 74 10.44 -10.08 -42.66
CA VAL E 74 9.69 -9.66 -41.49
C VAL E 74 8.54 -10.65 -41.23
N ALA E 75 7.72 -10.94 -42.24
CA ALA E 75 6.59 -11.84 -42.03
C ALA E 75 7.02 -13.21 -41.50
N ARG E 76 8.05 -13.79 -42.10
CA ARG E 76 8.51 -15.14 -41.68
C ARG E 76 9.06 -15.22 -40.25
N ILE E 77 9.82 -14.21 -39.87
CA ILE E 77 10.42 -14.14 -38.57
C ILE E 77 9.32 -13.98 -37.54
N PHE E 78 8.30 -13.19 -37.86
CA PHE E 78 7.23 -12.93 -36.92
C PHE E 78 6.49 -14.22 -36.63
N CYS E 79 6.14 -14.96 -37.69
CA CYS E 79 5.51 -16.27 -37.53
C CYS E 79 6.32 -17.07 -36.56
N VAL E 80 7.63 -17.15 -36.82
CA VAL E 80 8.55 -17.97 -36.04
C VAL E 80 8.54 -17.57 -34.57
N TRP E 81 8.74 -16.29 -34.30
CA TRP E 81 8.81 -15.79 -32.94
C TRP E 81 7.48 -15.85 -32.22
N ASN E 82 6.39 -15.66 -32.94
CA ASN E 82 5.07 -15.84 -32.32
C ASN E 82 4.88 -17.29 -31.84
N THR E 83 5.23 -18.26 -32.69
CA THR E 83 5.16 -19.68 -32.30
C THR E 83 6.16 -20.01 -31.17
N LEU E 84 7.34 -19.40 -31.24
CA LEU E 84 8.39 -19.53 -30.21
C LEU E 84 7.92 -19.06 -28.83
N HIS E 85 7.23 -17.93 -28.79
CA HIS E 85 6.74 -17.41 -27.52
C HIS E 85 5.86 -18.44 -26.82
N GLY E 86 4.98 -19.08 -27.58
CA GLY E 86 4.15 -20.17 -27.05
C GLY E 86 4.99 -21.23 -26.35
N ALA E 87 6.08 -21.63 -27.00
CA ALA E 87 6.95 -22.69 -26.49
C ALA E 87 7.71 -22.30 -25.23
N LEU E 88 8.18 -21.05 -25.19
CA LEU E 88 8.83 -20.51 -24.00
C LEU E 88 7.91 -20.62 -22.78
N LYS E 89 6.64 -20.30 -22.94
CA LYS E 89 5.67 -20.41 -21.85
C LYS E 89 5.39 -21.86 -21.52
N GLU E 90 5.11 -22.62 -22.56
CA GLU E 90 4.64 -23.99 -22.44
C GLU E 90 5.74 -24.98 -22.02
N HIS E 91 7.00 -24.73 -22.39
CA HIS E 91 8.08 -25.72 -22.17
C HIS E 91 9.24 -25.23 -21.30
N TYR E 92 9.57 -23.95 -21.36
CA TYR E 92 10.79 -23.44 -20.74
C TYR E 92 10.56 -22.44 -19.61
N TYR E 93 9.33 -22.40 -19.09
CA TYR E 93 9.04 -21.71 -17.83
C TYR E 93 9.30 -20.19 -17.89
N LEU E 94 8.82 -19.57 -18.95
CA LEU E 94 8.81 -18.13 -19.10
C LEU E 94 7.72 -17.56 -18.20
N GLN E 95 7.96 -16.39 -17.60
CA GLN E 95 6.97 -15.74 -16.72
C GLN E 95 6.23 -14.58 -17.38
N GLU E 101 0.41 -4.52 -17.48
CA GLU E 101 1.46 -3.53 -17.75
C GLU E 101 1.54 -3.21 -19.26
N ASP E 102 1.81 -4.23 -20.08
CA ASP E 102 2.13 -4.07 -21.51
C ASP E 102 0.99 -4.39 -22.47
N ASP E 103 1.11 -3.89 -23.70
CA ASP E 103 0.19 -4.20 -24.80
C ASP E 103 0.09 -5.72 -24.98
N LEU E 104 1.25 -6.32 -25.25
CA LEU E 104 1.37 -7.74 -25.53
C LEU E 104 2.27 -8.35 -24.48
N GLU E 105 2.22 -9.68 -24.34
CA GLU E 105 3.14 -10.39 -23.45
C GLU E 105 4.55 -10.24 -23.97
N SER E 106 5.51 -10.10 -23.06
CA SER E 106 6.91 -9.97 -23.43
C SER E 106 7.58 -11.33 -23.47
N SER E 107 8.28 -11.59 -24.56
CA SER E 107 9.19 -12.73 -24.68
C SER E 107 10.49 -12.57 -23.89
N ARG E 108 10.71 -11.40 -23.28
CA ARG E 108 11.83 -11.17 -22.35
C ARG E 108 13.23 -11.15 -23.00
N MET E 109 13.30 -11.01 -24.31
CA MET E 109 14.58 -10.90 -24.97
C MET E 109 14.45 -10.10 -26.23
N ASP E 110 15.48 -9.32 -26.53
CA ASP E 110 15.62 -8.70 -27.83
C ASP E 110 16.70 -9.46 -28.61
N VAL E 111 16.49 -9.67 -29.90
CA VAL E 111 17.49 -10.34 -30.73
C VAL E 111 17.73 -9.57 -32.01
N LEU E 112 18.92 -9.77 -32.56
CA LEU E 112 19.27 -9.35 -33.91
C LEU E 112 19.48 -10.61 -34.73
N ILE E 113 19.09 -10.56 -35.99
CA ILE E 113 19.25 -11.70 -36.86
C ILE E 113 19.95 -11.26 -38.13
N ALA E 114 21.03 -11.96 -38.45
CA ALA E 114 21.75 -11.77 -39.71
C ALA E 114 21.66 -13.03 -40.55
N ASN E 115 21.49 -12.82 -41.85
CA ASN E 115 21.68 -13.87 -42.83
C ASN E 115 21.95 -13.19 -44.18
N PRO E 116 22.30 -13.96 -45.20
CA PRO E 116 22.66 -13.31 -46.46
C PRO E 116 21.56 -12.47 -47.10
N ARG E 117 20.32 -12.63 -46.67
CA ARG E 117 19.22 -11.94 -47.31
C ARG E 117 18.78 -10.64 -46.62
N GLY E 118 19.33 -10.34 -45.44
CA GLY E 118 19.07 -9.06 -44.77
C GLY E 118 19.47 -9.02 -43.30
N ILE E 119 19.37 -7.84 -42.69
CA ILE E 119 19.54 -7.70 -41.26
C ILE E 119 18.21 -7.33 -40.58
N PHE E 120 17.97 -7.90 -39.40
CA PHE E 120 16.68 -7.82 -38.75
C PHE E 120 16.84 -7.82 -37.25
N GLY E 121 15.80 -7.41 -36.55
CA GLY E 121 15.78 -7.54 -35.11
C GLY E 121 14.39 -7.90 -34.68
N VAL E 122 14.30 -8.54 -33.52
CA VAL E 122 13.02 -8.80 -32.88
C VAL E 122 13.13 -8.31 -31.47
N ALA E 123 12.21 -7.44 -31.06
CA ALA E 123 12.19 -6.95 -29.69
C ALA E 123 11.34 -7.88 -28.83
N ALA E 124 11.35 -7.63 -27.53
CA ALA E 124 10.71 -8.53 -26.57
C ALA E 124 9.22 -8.72 -26.83
N HIS E 125 8.56 -7.69 -27.36
CA HIS E 125 7.14 -7.76 -27.69
C HIS E 125 6.88 -8.16 -29.14
N ARG E 126 7.87 -8.81 -29.74
CA ARG E 126 7.80 -9.36 -31.11
C ARG E 126 7.65 -8.33 -32.24
N THR E 127 8.21 -7.15 -31.99
CA THR E 127 8.38 -6.12 -32.98
C THR E 127 9.51 -6.52 -33.93
N VAL E 128 9.14 -7.22 -35.01
CA VAL E 128 10.12 -7.61 -36.02
C VAL E 128 10.43 -6.43 -36.93
N GLN E 129 11.70 -6.20 -37.18
CA GLN E 129 12.13 -5.07 -38.02
C GLN E 129 13.25 -5.47 -38.95
N GLU E 130 13.20 -4.99 -40.20
CA GLU E 130 14.36 -5.05 -41.08
C GLU E 130 15.12 -3.70 -41.07
N PHE E 131 16.44 -3.74 -40.90
CA PHE E 131 17.26 -2.52 -40.82
C PHE E 131 17.99 -2.23 -42.13
N SER E 132 18.20 -0.95 -42.40
CA SER E 132 18.80 -0.51 -43.64
C SER E 132 20.30 -0.34 -43.50
N LYS E 133 20.74 -0.09 -42.27
CA LYS E 133 22.12 0.22 -42.03
C LYS E 133 22.66 -0.57 -40.85
N PHE E 134 22.11 -0.32 -39.67
CA PHE E 134 22.59 -0.96 -38.44
C PHE E 134 21.62 -0.76 -37.31
N TYR E 135 21.85 -1.45 -36.21
CA TYR E 135 21.06 -1.24 -34.98
C TYR E 135 21.72 -1.97 -33.83
N ALA E 136 21.17 -1.84 -32.64
CA ALA E 136 21.72 -2.53 -31.49
C ALA E 136 20.70 -2.77 -30.42
N TYR E 137 20.95 -3.80 -29.63
CA TYR E 137 20.08 -4.21 -28.57
C TYR E 137 20.88 -4.59 -27.35
N GLY E 138 20.16 -4.76 -26.24
CA GLY E 138 20.77 -4.98 -24.95
C GLY E 138 21.06 -3.64 -24.31
N SER E 139 21.41 -3.68 -23.04
CA SER E 139 21.54 -2.51 -22.22
C SER E 139 22.66 -1.61 -22.72
N GLY E 140 23.57 -2.16 -23.52
CA GLY E 140 24.63 -1.35 -24.12
C GLY E 140 24.29 -0.63 -25.41
N SER E 141 23.07 -0.80 -25.94
CA SER E 141 22.75 -0.32 -27.30
C SER E 141 22.87 1.19 -27.53
N PRO E 142 22.48 2.02 -26.57
CA PRO E 142 22.66 3.45 -26.89
C PRO E 142 24.11 3.81 -27.19
N TYR E 143 25.03 3.25 -26.43
CA TYR E 143 26.47 3.47 -26.63
C TYR E 143 26.90 2.98 -28.02
N ALA E 144 26.39 1.80 -28.39
CA ALA E 144 26.70 1.16 -29.65
C ALA E 144 26.16 1.94 -30.82
N LEU E 145 24.88 2.32 -30.73
CA LEU E 145 24.29 3.11 -31.77
C LEU E 145 25.07 4.41 -31.94
N GLY E 146 25.35 5.11 -30.85
CA GLY E 146 26.20 6.30 -30.90
C GLY E 146 27.46 6.06 -31.71
N ALA E 147 28.20 5.03 -31.31
CA ALA E 147 29.46 4.69 -31.92
C ALA E 147 29.35 4.41 -33.41
N MET E 148 28.36 3.60 -33.77
CA MET E 148 28.18 3.17 -35.16
C MET E 148 27.65 4.29 -36.06
N TYR E 149 26.80 5.16 -35.52
CA TYR E 149 26.46 6.42 -36.19
C TYR E 149 27.71 7.20 -36.57
N ALA E 150 28.68 7.26 -35.68
CA ALA E 150 29.92 8.00 -35.94
C ALA E 150 30.81 7.29 -36.96
N ALA E 151 30.78 5.97 -36.97
CA ALA E 151 31.78 5.18 -37.71
C ALA E 151 31.28 4.67 -39.04
N TYR E 152 29.96 4.62 -39.21
CA TYR E 152 29.36 3.94 -40.33
C TYR E 152 29.86 4.43 -41.69
N ARG E 153 30.07 5.74 -41.85
CA ARG E 153 30.41 6.28 -43.16
C ARG E 153 31.90 6.37 -43.41
N ALA E 154 32.70 5.97 -42.43
CA ALA E 154 34.15 5.97 -42.59
C ALA E 154 34.53 4.85 -43.54
N PRO E 155 35.12 5.19 -44.70
CA PRO E 155 35.40 4.20 -45.76
C PRO E 155 36.37 3.09 -45.33
N SER E 156 37.27 3.41 -44.40
CA SER E 156 38.25 2.43 -43.92
C SER E 156 37.64 1.37 -43.01
N LEU E 157 36.44 1.59 -42.50
CA LEU E 157 35.78 0.60 -41.63
C LEU E 157 34.75 -0.20 -42.41
N ASP E 158 34.92 -1.51 -42.48
CA ASP E 158 33.92 -2.35 -43.11
C ASP E 158 32.76 -2.66 -42.14
N ALA E 159 31.82 -3.48 -42.58
CA ALA E 159 30.62 -3.81 -41.82
C ALA E 159 30.95 -4.41 -40.46
N GLU E 160 31.93 -5.30 -40.45
CA GLU E 160 32.33 -5.94 -39.22
C GLU E 160 33.12 -5.00 -38.34
N ALA E 161 34.02 -4.21 -38.90
CA ALA E 161 34.69 -3.21 -38.08
C ALA E 161 33.65 -2.34 -37.37
N VAL E 162 32.61 -1.91 -38.09
CA VAL E 162 31.58 -1.06 -37.50
C VAL E 162 30.81 -1.76 -36.38
N ALA E 163 30.35 -3.00 -36.65
CA ALA E 163 29.60 -3.78 -35.70
C ALA E 163 30.37 -4.05 -34.40
N ARG E 164 31.66 -4.39 -34.54
CA ARG E 164 32.54 -4.57 -33.41
C ARG E 164 32.81 -3.25 -32.66
N LEU E 165 32.97 -2.15 -33.36
CA LEU E 165 33.22 -0.88 -32.66
C LEU E 165 32.04 -0.52 -31.74
N GLY E 166 30.82 -0.87 -32.15
CA GLY E 166 29.63 -0.63 -31.35
C GLY E 166 29.69 -1.36 -30.03
N VAL E 167 30.13 -2.61 -30.08
CA VAL E 167 30.22 -3.44 -28.87
C VAL E 167 31.34 -2.94 -27.99
N MET E 168 32.45 -2.56 -28.60
CA MET E 168 33.57 -1.94 -27.89
C MET E 168 33.15 -0.73 -27.07
N ALA E 169 32.38 0.17 -27.67
CA ALA E 169 31.97 1.41 -27.00
C ALA E 169 31.13 1.14 -25.75
N ALA E 170 30.25 0.15 -25.85
CA ALA E 170 29.41 -0.24 -24.74
C ALA E 170 30.25 -0.82 -23.61
N ALA E 171 31.24 -1.64 -23.96
CA ALA E 171 32.11 -2.27 -22.97
C ALA E 171 33.02 -1.23 -22.30
N GLU E 172 33.33 -0.18 -23.03
CA GLU E 172 34.09 0.91 -22.44
C GLU E 172 33.31 1.57 -21.30
N PHE E 173 32.00 1.78 -21.49
CA PHE E 173 31.23 2.64 -20.57
C PHE E 173 30.10 1.99 -19.76
N HIS E 174 29.79 0.71 -19.99
CA HIS E 174 28.65 0.11 -19.30
C HIS E 174 28.96 -1.24 -18.67
N ASP E 175 28.51 -1.41 -17.44
CA ASP E 175 28.91 -2.50 -16.59
C ASP E 175 28.25 -3.88 -16.92
N GLU E 176 27.41 -3.95 -17.94
CA GLU E 176 26.81 -5.22 -18.38
C GLU E 176 27.39 -5.70 -19.70
N SER E 177 28.35 -4.94 -20.23
CA SER E 177 29.04 -5.37 -21.44
C SER E 177 30.52 -5.55 -21.18
N GLY E 178 31.12 -6.59 -21.76
CA GLY E 178 32.54 -6.89 -21.57
C GLY E 178 33.26 -7.54 -22.76
N LEU E 179 34.48 -7.11 -22.96
CA LEU E 179 35.35 -7.71 -23.96
C LEU E 179 35.62 -9.21 -23.63
N PRO E 180 36.14 -10.00 -24.57
CA PRO E 180 36.35 -9.72 -25.99
C PRO E 180 35.03 -9.57 -26.74
N VAL E 181 35.12 -8.99 -27.93
CA VAL E 181 33.99 -8.89 -28.86
C VAL E 181 34.01 -10.12 -29.76
N GLN E 182 32.83 -10.60 -30.09
CA GLN E 182 32.69 -11.76 -30.94
C GLN E 182 31.88 -11.28 -32.14
N SER E 183 32.39 -11.50 -33.35
CA SER E 183 31.68 -11.04 -34.55
C SER E 183 31.71 -12.08 -35.68
N PHE E 184 30.71 -12.00 -36.55
CA PHE E 184 30.67 -12.82 -37.76
C PHE E 184 30.23 -11.97 -38.93
N VAL E 185 30.67 -12.36 -40.10
CA VAL E 185 30.41 -11.62 -41.34
C VAL E 185 29.96 -12.63 -42.40
N MET E 186 29.16 -12.15 -43.34
CA MET E 186 28.75 -12.95 -44.47
C MET E 186 28.46 -12.03 -45.65
N GLU E 187 28.22 -12.61 -46.83
CA GLU E 187 28.05 -11.81 -48.05
C GLU E 187 26.60 -11.58 -48.32
N LEU E 188 26.27 -10.35 -48.70
CA LEU E 188 24.90 -10.01 -49.10
C LEU E 188 24.55 -10.79 -50.36
N SER E 189 23.48 -11.58 -50.31
CA SER E 189 23.04 -12.34 -51.49
C SER E 189 22.50 -11.42 -52.62
N PRO E 190 22.58 -11.87 -53.89
CA PRO E 190 22.02 -11.11 -55.02
C PRO E 190 20.71 -11.70 -55.57
N THR F 1 2.97 7.76 -32.34
CA THR F 1 2.27 7.56 -33.63
C THR F 1 1.16 8.59 -33.85
N THR F 2 1.06 9.07 -35.09
CA THR F 2 -0.07 9.87 -35.54
C THR F 2 -0.58 9.21 -36.80
N VAL F 3 -1.88 8.93 -36.85
CA VAL F 3 -2.52 8.52 -38.11
C VAL F 3 -3.72 9.41 -38.41
N THR F 4 -3.92 9.73 -39.69
CA THR F 4 -4.98 10.62 -40.09
C THR F 4 -5.76 10.06 -41.24
N ILE F 5 -6.96 10.60 -41.41
CA ILE F 5 -7.86 10.14 -42.44
C ILE F 5 -8.76 11.34 -42.82
N VAL F 6 -9.01 11.51 -44.12
CA VAL F 6 -9.72 12.69 -44.62
C VAL F 6 -10.61 12.33 -45.79
N ARG F 7 -11.73 13.04 -45.86
CA ARG F 7 -12.73 12.86 -46.90
C ARG F 7 -13.13 14.24 -47.38
N LYS F 8 -12.77 14.57 -48.62
CA LYS F 8 -13.02 15.90 -49.17
C LYS F 8 -13.12 15.85 -50.69
N ASP F 9 -14.20 16.43 -51.23
CA ASP F 9 -14.40 16.57 -52.70
C ASP F 9 -14.35 15.24 -53.47
N GLY F 10 -15.02 14.22 -52.95
CA GLY F 10 -15.03 12.90 -53.59
C GLY F 10 -13.70 12.15 -53.54
N ARG F 11 -12.84 12.49 -52.60
CA ARG F 11 -11.56 11.81 -52.46
C ARG F 11 -11.31 11.45 -51.01
N ILE F 12 -11.04 10.18 -50.78
CA ILE F 12 -10.63 9.68 -49.48
C ILE F 12 -9.11 9.63 -49.42
N ALA F 13 -8.54 9.90 -48.26
CA ALA F 13 -7.09 9.83 -48.09
C ALA F 13 -6.72 9.51 -46.65
N ILE F 14 -5.61 8.80 -46.48
CA ILE F 14 -5.17 8.32 -45.18
C ILE F 14 -3.68 8.59 -45.07
N ALA F 15 -3.17 8.76 -43.86
CA ALA F 15 -1.76 9.07 -43.70
C ALA F 15 -1.24 8.73 -42.31
N ALA F 16 0.06 8.52 -42.22
CA ALA F 16 0.68 8.10 -40.97
C ALA F 16 2.10 8.62 -40.93
N ASP F 17 2.64 8.77 -39.72
CA ASP F 17 4.07 9.07 -39.59
C ASP F 17 4.82 7.76 -39.76
N THR F 18 6.15 7.81 -39.68
CA THR F 18 6.97 6.63 -39.94
C THR F 18 7.89 6.24 -38.80
N LEU F 19 7.72 6.88 -37.65
CA LEU F 19 8.66 6.74 -36.54
C LEU F 19 8.21 5.70 -35.55
N THR F 20 9.13 4.81 -35.21
CA THR F 20 8.85 3.84 -34.16
C THR F 20 9.66 4.21 -32.95
N LYS F 21 9.09 4.00 -31.78
CA LYS F 21 9.73 4.30 -30.52
C LYS F 21 10.02 3.04 -29.74
N TRP F 22 11.16 3.02 -29.07
CA TRP F 22 11.56 1.93 -28.19
C TRP F 22 11.99 2.62 -26.93
N GLY F 23 11.06 2.74 -25.99
CA GLY F 23 11.22 3.65 -24.88
C GLY F 23 11.42 5.06 -25.44
N GLY F 24 12.43 5.78 -24.92
CA GLY F 24 12.79 7.09 -25.46
C GLY F 24 13.52 7.02 -26.81
N GLY F 25 14.00 5.82 -27.18
CA GLY F 25 14.76 5.62 -28.40
C GLY F 25 13.92 5.83 -29.64
N LYS F 26 14.54 6.32 -30.71
CA LYS F 26 13.88 6.66 -31.96
C LYS F 26 14.37 5.70 -33.00
N GLU F 27 13.42 5.12 -33.73
CA GLU F 27 13.72 4.17 -34.78
C GLU F 27 12.99 4.68 -36.01
N SER F 28 13.67 5.56 -36.74
CA SER F 28 13.08 6.28 -37.86
C SER F 28 13.20 5.48 -39.13
N ALA F 29 12.46 5.92 -40.15
CA ALA F 29 12.43 5.32 -41.50
C ALA F 29 13.80 5.18 -42.13
N ASP F 30 14.68 6.11 -41.79
CA ASP F 30 16.05 6.10 -42.23
C ASP F 30 16.80 4.86 -41.74
N TYR F 31 16.41 4.32 -40.58
CA TYR F 31 17.05 3.14 -40.03
C TYR F 31 16.21 1.87 -40.12
N VAL F 32 14.91 2.01 -40.33
CA VAL F 32 14.01 0.88 -40.35
C VAL F 32 13.37 0.77 -41.72
N ALA F 33 13.54 -0.37 -42.36
CA ALA F 33 13.07 -0.55 -43.73
C ALA F 33 11.56 -0.78 -43.79
N ASN F 34 11.02 -1.49 -42.81
CA ASN F 34 9.56 -1.74 -42.75
C ASN F 34 8.89 -0.74 -41.82
N HIS F 35 9.02 0.54 -42.15
CA HIS F 35 8.58 1.63 -41.26
C HIS F 35 7.11 2.02 -41.45
N GLU F 36 6.44 1.36 -42.41
CA GLU F 36 5.06 1.68 -42.79
C GLU F 36 4.06 1.22 -41.72
N LYS F 37 3.16 2.12 -41.35
CA LYS F 37 2.13 1.83 -40.35
C LYS F 37 0.76 1.59 -40.97
N ILE F 38 0.64 1.77 -42.29
CA ILE F 38 -0.59 1.51 -43.01
C ILE F 38 -0.41 0.21 -43.82
N ILE F 39 -1.34 -0.74 -43.66
CA ILE F 39 -1.32 -1.97 -44.46
C ILE F 39 -2.53 -2.01 -45.36
N ARG F 40 -2.50 -2.90 -46.34
CA ARG F 40 -3.65 -3.16 -47.18
C ARG F 40 -4.41 -4.38 -46.68
N VAL F 41 -5.73 -4.26 -46.60
CA VAL F 41 -6.58 -5.41 -46.34
C VAL F 41 -7.73 -5.34 -47.33
N GLY F 42 -7.76 -6.30 -48.25
CA GLY F 42 -8.73 -6.28 -49.34
C GLY F 42 -8.55 -4.99 -50.10
N ASP F 43 -9.61 -4.19 -50.21
CA ASP F 43 -9.51 -2.87 -50.87
C ASP F 43 -9.55 -1.72 -49.85
N SER F 44 -9.17 -2.02 -48.61
CA SER F 44 -9.06 -1.02 -47.57
C SER F 44 -7.60 -0.74 -47.19
N TYR F 45 -7.35 0.49 -46.77
CA TYR F 45 -6.09 0.87 -46.14
C TYR F 45 -6.35 0.97 -44.63
N VAL F 46 -5.51 0.32 -43.83
CA VAL F 46 -5.67 0.29 -42.38
C VAL F 46 -4.44 0.90 -41.69
N ALA F 47 -4.61 2.06 -41.06
CA ALA F 47 -3.52 2.76 -40.43
C ALA F 47 -3.57 2.41 -38.97
N ILE F 48 -2.45 1.99 -38.40
CA ILE F 48 -2.46 1.30 -37.12
C ILE F 48 -1.60 1.99 -36.08
N THR F 49 -2.19 2.24 -34.91
CA THR F 49 -1.47 2.83 -33.80
C THR F 49 -1.33 1.81 -32.67
N GLY F 50 -0.45 2.15 -31.74
CA GLY F 50 -0.11 1.26 -30.64
C GLY F 50 1.22 0.61 -30.91
N SER F 51 1.44 -0.57 -30.34
CA SER F 51 2.69 -1.27 -30.55
C SER F 51 2.92 -1.52 -32.04
N ALA F 52 4.19 -1.46 -32.44
CA ALA F 52 4.60 -1.69 -33.82
C ALA F 52 4.45 -3.15 -34.23
N THR F 53 4.16 -4.02 -33.28
CA THR F 53 3.90 -5.42 -33.55
C THR F 53 2.51 -5.63 -34.13
N PHE F 54 1.63 -4.66 -33.96
CA PHE F 54 0.24 -4.85 -34.35
C PHE F 54 0.07 -4.88 -35.87
N LYS F 55 0.87 -4.11 -36.60
CA LYS F 55 0.79 -4.17 -38.06
C LYS F 55 1.17 -5.55 -38.59
N LEU F 56 2.08 -6.23 -37.89
CA LEU F 56 2.52 -7.55 -38.27
C LEU F 56 1.47 -8.61 -37.90
N ILE F 57 0.80 -8.40 -36.77
CA ILE F 57 -0.24 -9.28 -36.27
C ILE F 57 -1.46 -9.24 -37.18
N LEU F 58 -1.88 -8.04 -37.57
CA LEU F 58 -3.05 -7.90 -38.45
C LEU F 58 -2.81 -8.44 -39.85
N ALA F 59 -1.65 -8.16 -40.44
CA ALA F 59 -1.34 -8.69 -41.76
C ALA F 59 -1.33 -10.20 -41.73
N ASP F 60 -0.75 -10.77 -40.68
CA ASP F 60 -0.70 -12.20 -40.50
C ASP F 60 -2.10 -12.76 -40.31
N TYR F 61 -2.89 -12.08 -39.48
CA TYR F 61 -4.23 -12.53 -39.16
C TYR F 61 -5.18 -12.47 -40.36
N PHE F 62 -5.23 -11.33 -41.03
CA PHE F 62 -6.16 -11.16 -42.14
C PHE F 62 -5.77 -12.03 -43.34
N ALA F 63 -4.47 -12.34 -43.49
CA ALA F 63 -4.01 -13.27 -44.54
C ALA F 63 -4.39 -14.72 -44.23
N SER F 64 -4.51 -15.06 -42.96
CA SER F 64 -4.90 -16.40 -42.55
C SER F 64 -6.38 -16.71 -42.86
N LEU F 65 -7.20 -15.66 -43.04
CA LEU F 65 -8.62 -15.83 -43.31
C LEU F 65 -8.89 -16.29 -44.74
N ASP F 66 -9.99 -17.04 -44.90
CA ASP F 66 -10.40 -17.60 -46.20
C ASP F 66 -10.45 -16.55 -47.31
N GLU F 67 -10.76 -15.32 -46.92
CA GLU F 67 -10.81 -14.19 -47.82
C GLU F 67 -10.82 -12.91 -46.98
N PRO F 68 -10.37 -11.79 -47.56
CA PRO F 68 -10.32 -10.54 -46.80
C PRO F 68 -11.72 -10.07 -46.38
N PRO F 69 -11.83 -9.44 -45.20
CA PRO F 69 -13.13 -8.96 -44.72
C PRO F 69 -13.61 -7.73 -45.47
N GLN F 70 -14.88 -7.40 -45.29
CA GLN F 70 -15.40 -6.16 -45.83
C GLN F 70 -15.43 -5.14 -44.70
N LEU F 71 -14.68 -4.07 -44.89
CA LEU F 71 -14.52 -3.04 -43.89
C LEU F 71 -15.17 -1.75 -44.38
N ASP F 72 -16.41 -1.88 -44.85
CA ASP F 72 -17.11 -0.80 -45.54
C ASP F 72 -18.41 -0.40 -44.88
N SER F 73 -18.65 -0.87 -43.66
CA SER F 73 -19.76 -0.37 -42.86
C SER F 73 -19.38 -0.46 -41.41
N VAL F 74 -20.11 0.26 -40.56
CA VAL F 74 -19.89 0.23 -39.12
C VAL F 74 -20.22 -1.15 -38.56
N ALA F 75 -21.40 -1.68 -38.90
CA ALA F 75 -21.80 -3.01 -38.45
C ALA F 75 -20.77 -4.08 -38.82
N ARG F 76 -20.31 -4.05 -40.07
CA ARG F 76 -19.37 -5.08 -40.56
C ARG F 76 -17.99 -5.02 -39.91
N ILE F 77 -17.44 -3.80 -39.83
CA ILE F 77 -16.17 -3.56 -39.19
C ILE F 77 -16.22 -4.03 -37.74
N PHE F 78 -17.31 -3.72 -37.03
CA PHE F 78 -17.44 -4.18 -35.65
C PHE F 78 -17.43 -5.71 -35.53
N CYS F 79 -18.19 -6.42 -36.37
CA CYS F 79 -18.13 -7.89 -36.42
C CYS F 79 -16.69 -8.38 -36.58
N VAL F 80 -15.99 -7.80 -37.56
CA VAL F 80 -14.59 -8.16 -37.83
C VAL F 80 -13.69 -7.96 -36.61
N TRP F 81 -13.72 -6.76 -36.04
CA TRP F 81 -12.86 -6.41 -34.90
C TRP F 81 -13.19 -7.15 -33.62
N ASN F 82 -14.46 -7.41 -33.34
CA ASN F 82 -14.84 -8.25 -32.20
C ASN F 82 -14.27 -9.68 -32.35
N THR F 83 -14.24 -10.22 -33.56
CA THR F 83 -13.65 -11.54 -33.79
C THR F 83 -12.13 -11.46 -33.66
N LEU F 84 -11.54 -10.43 -34.27
CA LEU F 84 -10.10 -10.15 -34.13
C LEU F 84 -9.61 -10.06 -32.69
N HIS F 85 -10.37 -9.41 -31.82
CA HIS F 85 -9.97 -9.31 -30.40
C HIS F 85 -9.82 -10.70 -29.80
N GLY F 86 -10.78 -11.58 -30.09
CA GLY F 86 -10.71 -12.97 -29.66
C GLY F 86 -9.39 -13.62 -30.05
N ALA F 87 -9.00 -13.42 -31.31
CA ALA F 87 -7.77 -13.96 -31.84
C ALA F 87 -6.53 -13.32 -31.22
N LEU F 88 -6.56 -11.99 -31.03
CA LEU F 88 -5.42 -11.30 -30.40
C LEU F 88 -5.11 -11.96 -29.07
N LYS F 89 -6.14 -12.22 -28.28
CA LYS F 89 -5.97 -12.91 -27.01
C LYS F 89 -5.45 -14.33 -27.21
N GLU F 90 -6.16 -15.12 -28.01
CA GLU F 90 -5.88 -16.55 -28.11
C GLU F 90 -4.57 -16.91 -28.84
N HIS F 91 -4.20 -16.17 -29.88
CA HIS F 91 -3.05 -16.54 -30.73
C HIS F 91 -1.89 -15.54 -30.73
N TYR F 92 -2.10 -14.32 -30.28
CA TYR F 92 -1.05 -13.30 -30.40
C TYR F 92 -0.66 -12.69 -29.05
N TYR F 93 -1.12 -13.33 -27.97
CA TYR F 93 -0.64 -13.06 -26.61
C TYR F 93 -0.87 -11.61 -26.16
N LEU F 94 -2.03 -11.08 -26.56
CA LEU F 94 -2.49 -9.78 -26.09
C LEU F 94 -2.85 -9.86 -24.60
N GLN F 95 -2.64 -8.77 -23.88
CA GLN F 95 -3.05 -8.67 -22.47
C GLN F 95 -4.21 -7.67 -22.29
N GLU F 101 -10.61 -2.71 -14.50
CA GLU F 101 -10.27 -1.38 -14.99
C GLU F 101 -11.45 -0.78 -15.81
N ASP F 102 -11.51 -1.13 -17.10
CA ASP F 102 -12.44 -0.50 -18.07
C ASP F 102 -13.80 -1.20 -18.23
N ASP F 103 -14.71 -0.56 -18.95
CA ASP F 103 -15.99 -1.14 -19.34
C ASP F 103 -15.82 -2.47 -20.10
N LEU F 104 -15.15 -2.39 -21.24
CA LEU F 104 -14.86 -3.53 -22.08
C LEU F 104 -13.36 -3.76 -22.13
N GLU F 105 -12.96 -4.97 -22.51
CA GLU F 105 -11.54 -5.26 -22.69
C GLU F 105 -11.01 -4.41 -23.82
N SER F 106 -9.75 -4.00 -23.68
CA SER F 106 -9.09 -3.21 -24.70
C SER F 106 -8.32 -4.10 -25.68
N SER F 107 -8.33 -3.68 -26.95
CA SER F 107 -7.54 -4.30 -28.02
C SER F 107 -6.18 -3.61 -28.17
N ARG F 108 -5.94 -2.59 -27.35
CA ARG F 108 -4.66 -1.86 -27.29
C ARG F 108 -4.23 -1.13 -28.56
N MET F 109 -5.11 -1.04 -29.56
CA MET F 109 -4.79 -0.29 -30.77
C MET F 109 -5.98 0.49 -31.28
N ASP F 110 -5.71 1.69 -31.73
CA ASP F 110 -6.69 2.48 -32.43
C ASP F 110 -6.29 2.46 -33.90
N VAL F 111 -7.27 2.33 -34.78
CA VAL F 111 -7.01 2.27 -36.19
C VAL F 111 -7.95 3.18 -36.96
N LEU F 112 -7.51 3.63 -38.13
CA LEU F 112 -8.38 4.29 -39.06
C LEU F 112 -8.51 3.37 -40.25
N ILE F 113 -9.69 3.34 -40.86
CA ILE F 113 -9.90 2.53 -42.05
C ILE F 113 -10.43 3.40 -43.18
N ALA F 114 -9.75 3.31 -44.31
CA ALA F 114 -10.18 3.95 -45.54
C ALA F 114 -10.48 2.88 -46.58
N ASN F 115 -11.60 3.04 -47.26
CA ASN F 115 -11.82 2.37 -48.53
C ASN F 115 -12.79 3.25 -49.33
N PRO F 116 -13.05 2.90 -50.59
CA PRO F 116 -13.91 3.79 -51.39
C PRO F 116 -15.30 4.09 -50.80
N ARG F 117 -15.85 3.17 -50.01
CA ARG F 117 -17.18 3.37 -49.46
C ARG F 117 -17.24 4.28 -48.22
N GLY F 118 -16.10 4.68 -47.65
CA GLY F 118 -16.11 5.65 -46.55
C GLY F 118 -14.86 5.67 -45.69
N ILE F 119 -14.81 6.61 -44.74
CA ILE F 119 -13.70 6.68 -43.81
C ILE F 119 -14.20 6.34 -42.42
N PHE F 120 -13.47 5.43 -41.77
CA PHE F 120 -13.88 4.88 -40.48
C PHE F 120 -12.75 4.80 -39.50
N GLY F 121 -13.11 4.60 -38.24
CA GLY F 121 -12.11 4.31 -37.21
C GLY F 121 -12.61 3.28 -36.22
N VAL F 122 -11.67 2.60 -35.57
CA VAL F 122 -12.00 1.64 -34.55
C VAL F 122 -11.05 1.88 -33.40
N ALA F 123 -11.61 2.32 -32.28
CA ALA F 123 -10.83 2.59 -31.08
C ALA F 123 -10.56 1.30 -30.34
N ALA F 124 -9.65 1.38 -29.38
CA ALA F 124 -9.18 0.24 -28.60
C ALA F 124 -10.30 -0.60 -28.00
N HIS F 125 -11.37 0.05 -27.51
CA HIS F 125 -12.51 -0.66 -26.95
C HIS F 125 -13.59 -0.93 -28.00
N ARG F 126 -13.15 -1.11 -29.26
CA ARG F 126 -14.01 -1.52 -30.41
C ARG F 126 -15.16 -0.57 -30.68
N THR F 127 -14.95 0.70 -30.40
CA THR F 127 -15.86 1.75 -30.81
C THR F 127 -15.62 2.09 -32.28
N VAL F 128 -16.50 1.57 -33.12
CA VAL F 128 -16.42 1.78 -34.54
C VAL F 128 -17.17 3.07 -34.83
N GLN F 129 -16.60 3.87 -35.71
CA GLN F 129 -17.19 5.13 -36.08
C GLN F 129 -16.91 5.42 -37.55
N GLU F 130 -17.93 5.90 -38.27
CA GLU F 130 -17.75 6.50 -39.58
C GLU F 130 -17.57 8.01 -39.38
N PHE F 131 -16.61 8.58 -40.09
CA PHE F 131 -16.33 10.00 -39.96
C PHE F 131 -16.85 10.73 -41.19
N SER F 132 -17.24 11.98 -41.01
CA SER F 132 -17.84 12.76 -42.09
C SER F 132 -16.83 13.66 -42.79
N LYS F 133 -15.80 14.11 -42.07
CA LYS F 133 -14.80 15.01 -42.62
C LYS F 133 -13.39 14.43 -42.48
N PHE F 134 -12.93 14.33 -41.24
CA PHE F 134 -11.60 13.89 -40.96
C PHE F 134 -11.51 13.47 -39.51
N TYR F 135 -10.53 12.63 -39.21
CA TYR F 135 -10.16 12.32 -37.83
C TYR F 135 -8.71 11.86 -37.80
N ALA F 136 -8.23 11.57 -36.59
CA ALA F 136 -6.87 11.15 -36.37
C ALA F 136 -6.77 10.27 -35.13
N TYR F 137 -5.81 9.36 -35.11
CA TYR F 137 -5.55 8.53 -33.93
C TYR F 137 -4.06 8.54 -33.55
N GLY F 138 -3.76 8.08 -32.34
CA GLY F 138 -2.40 8.01 -31.81
C GLY F 138 -2.11 9.14 -30.84
N SER F 139 -0.97 9.08 -30.18
CA SER F 139 -0.58 10.16 -29.26
C SER F 139 -0.54 11.51 -29.98
N GLY F 140 -0.31 11.54 -31.29
CA GLY F 140 -0.27 12.80 -32.03
C GLY F 140 -1.59 13.43 -32.49
N SER F 141 -2.71 12.69 -32.42
CA SER F 141 -4.00 13.17 -32.95
C SER F 141 -4.45 14.58 -32.52
N PRO F 142 -4.27 14.95 -31.24
CA PRO F 142 -4.66 16.32 -30.90
C PRO F 142 -4.03 17.35 -31.83
N TYR F 143 -2.77 17.14 -32.18
CA TYR F 143 -2.06 18.05 -33.04
C TYR F 143 -2.65 17.98 -34.48
N ALA F 144 -2.89 16.76 -34.94
CA ALA F 144 -3.42 16.50 -36.26
C ALA F 144 -4.81 17.10 -36.48
N LEU F 145 -5.69 16.90 -35.50
CA LEU F 145 -7.05 17.46 -35.60
C LEU F 145 -7.02 18.99 -35.65
N GLY F 146 -6.19 19.60 -34.82
CA GLY F 146 -6.02 21.05 -34.84
C GLY F 146 -5.61 21.53 -36.22
N ALA F 147 -4.53 20.95 -36.74
CA ALA F 147 -4.05 21.29 -38.06
C ALA F 147 -5.14 21.08 -39.15
N MET F 148 -5.77 19.90 -39.17
CA MET F 148 -6.79 19.59 -40.17
C MET F 148 -8.05 20.49 -40.04
N TYR F 149 -8.50 20.74 -38.82
CA TYR F 149 -9.59 21.70 -38.62
C TYR F 149 -9.28 23.03 -39.31
N ALA F 150 -8.03 23.50 -39.17
CA ALA F 150 -7.62 24.77 -39.77
C ALA F 150 -7.49 24.71 -41.28
N ALA F 151 -7.13 23.55 -41.81
CA ALA F 151 -6.79 23.43 -43.21
C ALA F 151 -7.87 22.77 -44.07
N TYR F 152 -8.85 22.12 -43.45
CA TYR F 152 -9.83 21.34 -44.22
C TYR F 152 -10.53 22.10 -45.34
N ARG F 153 -10.81 23.40 -45.13
CA ARG F 153 -11.58 24.19 -46.10
C ARG F 153 -10.73 25.11 -46.98
N ALA F 154 -9.41 24.99 -46.89
CA ALA F 154 -8.53 25.72 -47.79
C ALA F 154 -8.71 25.12 -49.17
N PRO F 155 -9.00 25.97 -50.19
CA PRO F 155 -9.31 25.45 -51.53
C PRO F 155 -8.13 24.73 -52.15
N SER F 156 -6.95 25.27 -51.91
CA SER F 156 -5.68 24.72 -52.30
C SER F 156 -5.46 23.22 -52.02
N LEU F 157 -5.96 22.76 -50.87
CA LEU F 157 -5.59 21.44 -50.35
C LEU F 157 -6.67 20.40 -50.58
N ASP F 158 -6.31 19.30 -51.23
CA ASP F 158 -7.21 18.17 -51.41
C ASP F 158 -7.17 17.27 -50.17
N ALA F 159 -7.89 16.16 -50.21
CA ALA F 159 -7.96 15.25 -49.07
C ALA F 159 -6.57 14.75 -48.58
N GLU F 160 -5.72 14.33 -49.50
CA GLU F 160 -4.39 13.81 -49.16
C GLU F 160 -3.53 14.90 -48.55
N ALA F 161 -3.52 16.07 -49.16
CA ALA F 161 -2.75 17.19 -48.62
C ALA F 161 -3.17 17.50 -47.19
N VAL F 162 -4.46 17.36 -46.89
CA VAL F 162 -4.97 17.65 -45.54
C VAL F 162 -4.50 16.60 -44.55
N ALA F 163 -4.69 15.33 -44.92
CA ALA F 163 -4.29 14.21 -44.12
C ALA F 163 -2.82 14.31 -43.76
N ARG F 164 -2.01 14.56 -44.77
CA ARG F 164 -0.57 14.66 -44.60
C ARG F 164 -0.19 15.78 -43.64
N LEU F 165 -0.81 16.94 -43.80
CA LEU F 165 -0.52 18.11 -42.98
C LEU F 165 -0.75 17.85 -41.48
N GLY F 166 -1.77 17.06 -41.16
CA GLY F 166 -2.06 16.69 -39.78
C GLY F 166 -0.93 15.88 -39.16
N VAL F 167 -0.32 15.02 -39.97
CA VAL F 167 0.79 14.20 -39.51
C VAL F 167 2.03 15.08 -39.34
N MET F 168 2.22 16.04 -40.22
CA MET F 168 3.36 16.93 -40.11
C MET F 168 3.30 17.73 -38.83
N ALA F 169 2.11 18.26 -38.52
CA ALA F 169 1.91 19.05 -37.31
C ALA F 169 2.26 18.25 -36.06
N ALA F 170 1.83 17.00 -36.04
CA ALA F 170 2.14 16.11 -34.95
C ALA F 170 3.65 15.87 -34.84
N ALA F 171 4.28 15.66 -36.00
CA ALA F 171 5.72 15.43 -36.03
C ALA F 171 6.49 16.68 -35.58
N GLU F 172 5.96 17.85 -35.90
CA GLU F 172 6.63 19.08 -35.47
C GLU F 172 6.74 19.16 -33.94
N PHE F 173 5.69 18.73 -33.25
CA PHE F 173 5.52 19.05 -31.83
C PHE F 173 5.46 17.87 -30.88
N HIS F 174 5.40 16.65 -31.38
CA HIS F 174 5.32 15.52 -30.46
C HIS F 174 6.44 14.52 -30.68
N ASP F 175 6.93 13.96 -29.58
CA ASP F 175 8.12 13.09 -29.62
C ASP F 175 7.88 11.62 -30.03
N GLU F 176 6.64 11.22 -30.23
CA GLU F 176 6.32 9.88 -30.74
C GLU F 176 5.94 9.89 -32.22
N SER F 177 6.06 11.05 -32.87
CA SER F 177 5.77 11.08 -34.30
C SER F 177 6.94 11.63 -35.06
N GLY F 178 7.17 11.10 -36.26
CA GLY F 178 8.29 11.56 -37.09
C GLY F 178 8.13 11.44 -38.58
N LEU F 179 8.78 12.35 -39.30
CA LEU F 179 8.78 12.35 -40.76
C LEU F 179 9.69 11.24 -41.26
N PRO F 180 9.51 10.81 -42.52
CA PRO F 180 8.52 11.28 -43.48
C PRO F 180 7.11 10.77 -43.20
N VAL F 181 6.17 11.30 -43.97
CA VAL F 181 4.76 10.92 -43.92
C VAL F 181 4.49 9.98 -45.06
N GLN F 182 3.81 8.88 -44.78
CA GLN F 182 3.25 8.02 -45.81
C GLN F 182 1.78 8.39 -45.96
N SER F 183 1.30 8.46 -47.20
CA SER F 183 -0.12 8.71 -47.43
C SER F 183 -0.64 7.97 -48.63
N PHE F 184 -1.92 7.63 -48.61
CA PHE F 184 -2.60 7.03 -49.76
C PHE F 184 -3.88 7.79 -50.03
N VAL F 185 -4.24 7.89 -51.31
CA VAL F 185 -5.47 8.56 -51.71
C VAL F 185 -6.28 7.60 -52.58
N MET F 186 -7.61 7.76 -52.59
CA MET F 186 -8.46 6.98 -53.48
C MET F 186 -9.76 7.72 -53.73
N GLU F 187 -10.48 7.30 -54.76
CA GLU F 187 -11.71 8.00 -55.13
C GLU F 187 -12.88 7.44 -54.31
N LEU F 188 -13.75 8.34 -53.86
CA LEU F 188 -14.95 7.98 -53.12
C LEU F 188 -15.92 7.21 -54.00
N SER F 189 -16.13 5.93 -53.70
CA SER F 189 -17.12 5.12 -54.39
C SER F 189 -18.49 5.71 -54.15
N PRO F 190 -19.16 6.13 -55.22
CA PRO F 190 -20.42 6.84 -55.10
C PRO F 190 -21.59 5.86 -54.87
N THR G 1 -22.83 11.57 -21.47
CA THR G 1 -24.10 11.18 -22.16
C THR G 1 -25.32 11.54 -21.32
N THR G 2 -26.38 11.99 -21.99
CA THR G 2 -27.70 12.14 -21.35
C THR G 2 -28.74 11.45 -22.22
N VAL G 3 -29.51 10.55 -21.62
CA VAL G 3 -30.71 10.02 -22.28
C VAL G 3 -31.91 10.29 -21.37
N THR G 4 -33.01 10.78 -21.96
CA THR G 4 -34.24 11.04 -21.20
C THR G 4 -35.41 10.25 -21.78
N ILE G 5 -36.45 10.10 -20.97
CA ILE G 5 -37.66 9.39 -21.38
C ILE G 5 -38.86 10.06 -20.68
N VAL G 6 -39.99 10.16 -21.38
CA VAL G 6 -41.13 10.96 -20.92
C VAL G 6 -42.45 10.36 -21.34
N ARG G 7 -43.43 10.42 -20.44
CA ARG G 7 -44.77 9.92 -20.66
C ARG G 7 -45.75 11.00 -20.22
N LYS G 8 -46.54 11.52 -21.16
CA LYS G 8 -47.45 12.63 -20.87
C LYS G 8 -48.62 12.68 -21.83
N ASP G 9 -49.83 12.63 -21.28
CA ASP G 9 -51.07 12.86 -22.05
C ASP G 9 -51.18 11.93 -23.23
N GLY G 10 -51.00 10.63 -22.99
CA GLY G 10 -51.08 9.63 -24.05
C GLY G 10 -49.93 9.62 -25.05
N ARG G 11 -48.82 10.27 -24.71
CA ARG G 11 -47.66 10.29 -25.59
C ARG G 11 -46.39 9.85 -24.85
N ILE G 12 -45.59 9.04 -25.54
CA ILE G 12 -44.33 8.52 -25.02
C ILE G 12 -43.20 9.02 -25.92
N ALA G 13 -42.20 9.66 -25.31
CA ALA G 13 -41.05 10.11 -26.06
C ALA G 13 -39.73 9.77 -25.36
N ILE G 14 -38.66 9.71 -26.16
CA ILE G 14 -37.34 9.29 -25.69
C ILE G 14 -36.30 10.15 -26.42
N ALA G 15 -35.28 10.60 -25.71
CA ALA G 15 -34.30 11.51 -26.30
C ALA G 15 -32.88 11.21 -25.83
N ALA G 16 -31.92 11.47 -26.71
CA ALA G 16 -30.51 11.29 -26.39
C ALA G 16 -29.71 12.47 -26.93
N ASP G 17 -28.59 12.80 -26.28
CA ASP G 17 -27.63 13.74 -26.92
C ASP G 17 -26.83 12.97 -28.00
N THR G 18 -25.88 13.62 -28.64
CA THR G 18 -25.18 12.98 -29.76
C THR G 18 -23.67 13.07 -29.68
N LEU G 19 -23.15 13.39 -28.50
CA LEU G 19 -21.72 13.64 -28.33
C LEU G 19 -21.06 12.39 -27.81
N THR G 20 -20.01 11.94 -28.51
CA THR G 20 -19.15 10.88 -27.96
C THR G 20 -17.83 11.49 -27.50
N LYS G 21 -17.31 10.96 -26.41
CA LYS G 21 -16.06 11.38 -25.83
C LYS G 21 -15.03 10.26 -25.95
N TRP G 22 -13.79 10.67 -26.18
CA TRP G 22 -12.63 9.82 -26.13
C TRP G 22 -11.68 10.59 -25.22
N GLY G 23 -11.59 10.15 -23.97
CA GLY G 23 -10.87 10.90 -22.94
C GLY G 23 -11.53 12.25 -22.77
N GLY G 24 -10.71 13.32 -22.79
CA GLY G 24 -11.22 14.69 -22.80
C GLY G 24 -11.63 15.21 -24.16
N GLY G 25 -11.35 14.45 -25.22
CA GLY G 25 -11.67 14.86 -26.59
C GLY G 25 -13.13 14.73 -26.97
N LYS G 26 -13.59 15.59 -27.87
CA LYS G 26 -14.99 15.63 -28.26
C LYS G 26 -15.22 15.07 -29.66
N GLU G 27 -16.17 14.15 -29.80
CA GLU G 27 -16.54 13.57 -31.10
C GLU G 27 -18.02 13.86 -31.40
N SER G 28 -18.27 15.04 -31.95
CA SER G 28 -19.63 15.54 -32.13
C SER G 28 -20.28 15.01 -33.40
N ALA G 29 -21.60 15.11 -33.48
CA ALA G 29 -22.36 14.67 -34.65
C ALA G 29 -21.88 15.31 -35.97
N ASP G 30 -21.23 16.47 -35.88
CA ASP G 30 -20.63 17.13 -37.05
C ASP G 30 -19.38 16.38 -37.58
N TYR G 31 -18.78 15.53 -36.75
CA TYR G 31 -17.58 14.77 -37.13
C TYR G 31 -17.81 13.27 -37.22
N VAL G 32 -18.70 12.75 -36.39
CA VAL G 32 -19.08 11.36 -36.46
C VAL G 32 -20.43 11.27 -37.13
N ALA G 33 -20.51 10.42 -38.16
CA ALA G 33 -21.74 10.19 -38.89
C ALA G 33 -22.70 9.30 -38.09
N ASN G 34 -22.21 8.19 -37.54
CA ASN G 34 -23.05 7.29 -36.75
C ASN G 34 -23.16 7.69 -35.27
N HIS G 35 -23.65 8.90 -35.03
CA HIS G 35 -23.60 9.54 -33.71
C HIS G 35 -24.87 9.32 -32.88
N GLU G 36 -25.79 8.50 -33.38
CA GLU G 36 -27.05 8.23 -32.68
C GLU G 36 -26.85 7.24 -31.53
N LYS G 37 -27.39 7.54 -30.35
CA LYS G 37 -27.29 6.67 -29.16
C LYS G 37 -28.59 5.91 -28.89
N ILE G 38 -29.62 6.15 -29.70
CA ILE G 38 -30.87 5.40 -29.61
C ILE G 38 -30.96 4.41 -30.77
N ILE G 39 -31.26 3.15 -30.47
CA ILE G 39 -31.46 2.12 -31.49
C ILE G 39 -32.87 1.56 -31.45
N ARG G 40 -33.29 1.00 -32.59
CA ARG G 40 -34.60 0.34 -32.71
C ARG G 40 -34.44 -1.14 -32.49
N VAL G 41 -35.26 -1.69 -31.61
CA VAL G 41 -35.35 -3.11 -31.38
C VAL G 41 -36.83 -3.47 -31.43
N GLY G 42 -37.25 -4.20 -32.46
CA GLY G 42 -38.68 -4.46 -32.65
C GLY G 42 -39.41 -3.14 -32.72
N ASP G 43 -40.44 -2.98 -31.88
CA ASP G 43 -41.15 -1.69 -31.80
C ASP G 43 -40.72 -0.80 -30.61
N SER G 44 -39.61 -1.18 -29.94
CA SER G 44 -39.05 -0.39 -28.85
C SER G 44 -37.90 0.48 -29.34
N TYR G 45 -37.73 1.64 -28.69
CA TYR G 45 -36.52 2.47 -28.83
C TYR G 45 -35.67 2.33 -27.58
N VAL G 46 -34.41 1.92 -27.75
CA VAL G 46 -33.50 1.72 -26.64
C VAL G 46 -32.40 2.80 -26.65
N ALA G 47 -32.40 3.67 -25.64
CA ALA G 47 -31.38 4.71 -25.51
C ALA G 47 -30.30 4.21 -24.57
N ILE G 48 -29.04 4.30 -25.03
CA ILE G 48 -27.92 3.65 -24.37
C ILE G 48 -26.84 4.65 -23.91
N THR G 49 -26.46 4.54 -22.65
CA THR G 49 -25.35 5.28 -22.05
C THR G 49 -24.24 4.28 -21.82
N GLY G 50 -23.08 4.79 -21.40
CA GLY G 50 -21.88 3.97 -21.23
C GLY G 50 -21.12 3.99 -22.54
N SER G 51 -20.10 3.14 -22.66
CA SER G 51 -19.24 3.16 -23.84
C SER G 51 -20.00 3.15 -25.15
N ALA G 52 -19.49 3.93 -26.11
CA ALA G 52 -20.10 4.06 -27.44
C ALA G 52 -20.13 2.75 -28.23
N THR G 53 -19.36 1.78 -27.78
CA THR G 53 -19.41 0.41 -28.30
C THR G 53 -20.73 -0.31 -28.01
N PHE G 54 -21.33 -0.04 -26.85
CA PHE G 54 -22.50 -0.80 -26.42
C PHE G 54 -23.67 -0.74 -27.41
N LYS G 55 -23.89 0.41 -28.03
CA LYS G 55 -24.94 0.47 -29.06
C LYS G 55 -24.66 -0.45 -30.24
N LEU G 56 -23.38 -0.73 -30.51
CA LEU G 56 -22.99 -1.69 -31.55
C LEU G 56 -23.12 -3.11 -31.06
N ILE G 57 -22.78 -3.36 -29.80
CA ILE G 57 -22.94 -4.69 -29.24
C ILE G 57 -24.43 -5.07 -29.19
N LEU G 58 -25.26 -4.15 -28.68
CA LEU G 58 -26.69 -4.41 -28.55
C LEU G 58 -27.37 -4.57 -29.89
N ALA G 59 -27.05 -3.68 -30.83
CA ALA G 59 -27.56 -3.80 -32.19
C ALA G 59 -27.20 -5.17 -32.77
N ASP G 60 -25.95 -5.59 -32.58
CA ASP G 60 -25.47 -6.88 -33.10
C ASP G 60 -26.21 -8.02 -32.40
N TYR G 61 -26.20 -8.00 -31.07
CA TYR G 61 -26.82 -9.02 -30.24
C TYR G 61 -28.31 -9.20 -30.53
N PHE G 62 -29.07 -8.12 -30.44
CA PHE G 62 -30.49 -8.23 -30.71
C PHE G 62 -30.79 -8.68 -32.14
N ALA G 63 -30.03 -8.18 -33.11
CA ALA G 63 -30.18 -8.64 -34.50
C ALA G 63 -29.81 -10.11 -34.68
N SER G 64 -29.13 -10.72 -33.71
CA SER G 64 -28.80 -12.15 -33.73
C SER G 64 -29.94 -13.09 -33.29
N LEU G 65 -30.87 -12.58 -32.48
CA LEU G 65 -31.91 -13.42 -31.90
C LEU G 65 -32.93 -13.90 -32.96
N ASP G 66 -33.66 -14.96 -32.63
CA ASP G 66 -34.67 -15.52 -33.55
C ASP G 66 -35.85 -14.60 -33.76
N GLU G 67 -36.37 -14.09 -32.66
CA GLU G 67 -37.44 -13.11 -32.68
C GLU G 67 -37.03 -11.92 -31.84
N PRO G 68 -37.47 -10.72 -32.24
CA PRO G 68 -37.19 -9.61 -31.35
C PRO G 68 -37.70 -9.92 -29.95
N PRO G 69 -37.03 -9.39 -28.92
CA PRO G 69 -37.44 -9.65 -27.56
C PRO G 69 -38.67 -8.87 -27.16
N GLN G 70 -39.19 -9.17 -25.97
CA GLN G 70 -40.32 -8.44 -25.42
C GLN G 70 -39.80 -7.48 -24.36
N LEU G 71 -40.03 -6.19 -24.56
CA LEU G 71 -39.44 -5.18 -23.68
C LEU G 71 -40.50 -4.27 -23.09
N ASP G 72 -41.66 -4.85 -22.79
CA ASP G 72 -42.85 -4.10 -22.37
C ASP G 72 -43.34 -4.44 -20.97
N SER G 73 -42.55 -5.17 -20.21
CA SER G 73 -42.83 -5.33 -18.79
C SER G 73 -41.52 -5.48 -18.05
N VAL G 74 -41.59 -5.19 -16.75
CA VAL G 74 -40.42 -5.26 -15.86
C VAL G 74 -39.85 -6.68 -15.82
N ALA G 75 -40.75 -7.64 -15.63
CA ALA G 75 -40.39 -9.06 -15.58
C ALA G 75 -39.73 -9.51 -16.86
N ARG G 76 -40.32 -9.14 -18.00
CA ARG G 76 -39.77 -9.52 -19.30
C ARG G 76 -38.42 -8.89 -19.59
N ILE G 77 -38.35 -7.58 -19.39
CA ILE G 77 -37.12 -6.83 -19.64
C ILE G 77 -36.02 -7.41 -18.77
N PHE G 78 -36.32 -7.64 -17.50
CA PHE G 78 -35.35 -8.22 -16.58
C PHE G 78 -34.76 -9.52 -17.12
N CYS G 79 -35.63 -10.38 -17.62
CA CYS G 79 -35.21 -11.67 -18.14
C CYS G 79 -34.31 -11.48 -19.36
N VAL G 80 -34.72 -10.62 -20.28
CA VAL G 80 -33.90 -10.30 -21.46
C VAL G 80 -32.53 -9.71 -21.09
N TRP G 81 -32.48 -8.85 -20.08
CA TRP G 81 -31.23 -8.21 -19.71
C TRP G 81 -30.31 -9.17 -18.96
N ASN G 82 -30.89 -10.02 -18.12
CA ASN G 82 -30.11 -11.03 -17.41
C ASN G 82 -29.50 -12.07 -18.35
N THR G 83 -30.08 -12.21 -19.52
CA THR G 83 -29.49 -13.08 -20.52
C THR G 83 -28.47 -12.31 -21.35
N LEU G 84 -28.80 -11.06 -21.70
CA LEU G 84 -27.86 -10.14 -22.36
C LEU G 84 -26.53 -10.00 -21.62
N HIS G 85 -26.56 -9.97 -20.28
CA HIS G 85 -25.34 -9.76 -19.49
C HIS G 85 -24.35 -10.93 -19.64
N GLY G 86 -24.87 -12.14 -19.67
CA GLY G 86 -24.06 -13.32 -19.92
C GLY G 86 -23.39 -13.27 -21.27
N ALA G 87 -24.12 -12.78 -22.27
CA ALA G 87 -23.58 -12.65 -23.60
C ALA G 87 -22.55 -11.54 -23.64
N LEU G 88 -22.80 -10.44 -22.93
CA LEU G 88 -21.81 -9.37 -22.88
C LEU G 88 -20.44 -9.91 -22.49
N LYS G 89 -20.40 -10.70 -21.42
CA LYS G 89 -19.15 -11.22 -20.89
C LYS G 89 -18.51 -12.20 -21.88
N GLU G 90 -19.30 -13.17 -22.30
CA GLU G 90 -18.80 -14.28 -23.10
C GLU G 90 -18.35 -13.84 -24.52
N HIS G 91 -19.26 -13.23 -25.27
CA HIS G 91 -19.00 -12.92 -26.68
C HIS G 91 -18.55 -11.49 -26.94
N TYR G 92 -18.71 -10.59 -25.97
CA TYR G 92 -18.37 -9.17 -26.22
C TYR G 92 -17.34 -8.59 -25.27
N TYR G 93 -16.73 -9.44 -24.45
CA TYR G 93 -15.54 -9.07 -23.66
C TYR G 93 -15.77 -7.93 -22.65
N LEU G 94 -16.90 -8.01 -21.96
CA LEU G 94 -17.21 -7.10 -20.87
C LEU G 94 -16.36 -7.46 -19.65
N GLN G 95 -15.91 -6.44 -18.91
CA GLN G 95 -15.25 -6.64 -17.62
C GLN G 95 -16.19 -6.31 -16.46
N GLU G 101 -16.78 -5.84 -4.39
CA GLU G 101 -17.26 -4.47 -4.49
C GLU G 101 -18.81 -4.42 -4.41
N ASP G 102 -19.49 -4.55 -5.56
CA ASP G 102 -20.95 -4.42 -5.64
C ASP G 102 -21.68 -5.71 -5.26
N ASP G 103 -22.98 -5.58 -4.99
CA ASP G 103 -23.85 -6.72 -4.74
C ASP G 103 -23.80 -7.71 -5.92
N LEU G 104 -24.07 -7.17 -7.10
CA LEU G 104 -24.19 -7.93 -8.33
C LEU G 104 -23.22 -7.40 -9.38
N GLU G 105 -22.86 -8.24 -10.35
CA GLU G 105 -22.04 -7.78 -11.47
C GLU G 105 -22.73 -6.68 -12.26
N SER G 106 -21.93 -5.77 -12.78
CA SER G 106 -22.41 -4.63 -13.53
C SER G 106 -22.39 -4.93 -15.02
N SER G 107 -23.42 -4.50 -15.73
CA SER G 107 -23.44 -4.57 -17.17
C SER G 107 -22.84 -3.33 -17.82
N ARG G 108 -22.47 -2.34 -16.99
CA ARG G 108 -21.74 -1.14 -17.40
C ARG G 108 -22.46 -0.26 -18.41
N MET G 109 -23.79 -0.27 -18.39
CA MET G 109 -24.56 0.67 -19.19
C MET G 109 -25.89 0.85 -18.52
N ASP G 110 -26.47 2.02 -18.71
CA ASP G 110 -27.84 2.28 -18.30
C ASP G 110 -28.60 2.55 -19.58
N VAL G 111 -29.76 1.90 -19.73
CA VAL G 111 -30.62 2.15 -20.88
C VAL G 111 -32.00 2.66 -20.46
N LEU G 112 -32.64 3.39 -21.35
CA LEU G 112 -34.05 3.70 -21.21
C LEU G 112 -34.76 2.96 -22.35
N ILE G 113 -35.94 2.46 -22.08
CA ILE G 113 -36.72 1.74 -23.09
C ILE G 113 -38.10 2.38 -23.26
N ALA G 114 -38.41 2.80 -24.49
CA ALA G 114 -39.71 3.34 -24.82
C ALA G 114 -40.42 2.50 -25.89
N ASN G 115 -41.66 2.13 -25.61
CA ASN G 115 -42.56 1.56 -26.62
C ASN G 115 -44.00 1.96 -26.32
N PRO G 116 -44.94 1.59 -27.19
CA PRO G 116 -46.33 1.95 -26.95
C PRO G 116 -46.96 1.41 -25.66
N ARG G 117 -46.31 0.45 -24.99
CA ARG G 117 -46.89 -0.19 -23.82
C ARG G 117 -46.21 0.23 -22.52
N GLY G 118 -45.38 1.27 -22.59
CA GLY G 118 -44.83 1.90 -21.39
C GLY G 118 -43.42 2.46 -21.56
N ILE G 119 -42.97 3.16 -20.52
CA ILE G 119 -41.59 3.64 -20.47
C ILE G 119 -40.84 2.98 -19.31
N PHE G 120 -39.63 2.51 -19.61
CA PHE G 120 -38.87 1.63 -18.74
C PHE G 120 -37.39 1.99 -18.70
N GLY G 121 -36.71 1.47 -17.70
CA GLY G 121 -35.28 1.63 -17.59
C GLY G 121 -34.64 0.41 -16.99
N VAL G 122 -33.36 0.20 -17.34
CA VAL G 122 -32.52 -0.81 -16.73
C VAL G 122 -31.19 -0.17 -16.36
N ALA G 123 -30.91 -0.05 -15.06
CA ALA G 123 -29.62 0.46 -14.62
C ALA G 123 -28.57 -0.61 -14.86
N ALA G 124 -27.31 -0.24 -14.69
CA ALA G 124 -26.17 -1.12 -14.94
C ALA G 124 -26.22 -2.43 -14.15
N HIS G 125 -26.80 -2.39 -12.95
CA HIS G 125 -26.88 -3.58 -12.11
C HIS G 125 -28.18 -4.39 -12.31
N ARG G 126 -28.79 -4.25 -13.47
CA ARG G 126 -30.05 -4.92 -13.86
C ARG G 126 -31.28 -4.65 -12.97
N THR G 127 -31.28 -3.44 -12.39
CA THR G 127 -32.44 -2.87 -11.77
C THR G 127 -33.43 -2.39 -12.85
N VAL G 128 -34.42 -3.22 -13.14
CA VAL G 128 -35.49 -2.86 -14.05
C VAL G 128 -36.62 -2.09 -13.35
N GLN G 129 -37.08 -1.05 -14.03
CA GLN G 129 -38.01 -0.09 -13.47
C GLN G 129 -39.00 0.35 -14.54
N GLU G 130 -40.26 0.49 -14.18
CA GLU G 130 -41.24 1.13 -15.04
C GLU G 130 -41.44 2.55 -14.54
N PHE G 131 -41.33 3.51 -15.42
CA PHE G 131 -41.49 4.92 -15.03
C PHE G 131 -42.91 5.40 -15.31
N SER G 132 -43.38 6.33 -14.47
CA SER G 132 -44.73 6.85 -14.59
C SER G 132 -44.77 8.22 -15.26
N LYS G 133 -43.67 8.96 -15.18
CA LYS G 133 -43.62 10.34 -15.67
C LYS G 133 -42.43 10.54 -16.61
N PHE G 134 -41.25 10.69 -16.03
CA PHE G 134 -40.06 10.89 -16.82
C PHE G 134 -38.87 10.38 -16.03
N TYR G 135 -37.78 10.13 -16.73
CA TYR G 135 -36.52 9.80 -16.08
C TYR G 135 -35.38 10.01 -17.05
N ALA G 136 -34.16 9.84 -16.56
CA ALA G 136 -32.98 10.12 -17.32
C ALA G 136 -31.75 9.39 -16.78
N TYR G 137 -30.87 8.98 -17.70
CA TYR G 137 -29.64 8.28 -17.36
C TYR G 137 -28.46 8.95 -18.03
N GLY G 138 -27.27 8.64 -17.52
CA GLY G 138 -26.03 9.21 -18.01
C GLY G 138 -25.46 10.22 -17.04
N SER G 139 -24.24 10.65 -17.28
CA SER G 139 -23.63 11.70 -16.43
C SER G 139 -24.47 12.98 -16.40
N GLY G 140 -25.11 13.32 -17.52
CA GLY G 140 -26.02 14.47 -17.60
C GLY G 140 -27.40 14.38 -16.93
N SER G 141 -27.83 13.20 -16.47
CA SER G 141 -29.22 13.02 -16.01
C SER G 141 -29.72 13.94 -14.87
N PRO G 142 -28.85 14.30 -13.90
CA PRO G 142 -29.36 15.24 -12.88
C PRO G 142 -29.94 16.48 -13.53
N TYR G 143 -29.24 16.99 -14.53
CA TYR G 143 -29.60 18.24 -15.18
C TYR G 143 -30.94 18.05 -15.88
N ALA G 144 -31.02 16.94 -16.61
CA ALA G 144 -32.22 16.52 -17.31
C ALA G 144 -33.39 16.43 -16.36
N LEU G 145 -33.19 15.76 -15.23
CA LEU G 145 -34.25 15.63 -14.22
C LEU G 145 -34.76 16.97 -13.72
N GLY G 146 -33.84 17.87 -13.36
CA GLY G 146 -34.21 19.24 -12.95
C GLY G 146 -34.99 19.99 -14.02
N ALA G 147 -34.51 19.94 -15.25
CA ALA G 147 -35.21 20.61 -16.33
C ALA G 147 -36.59 20.03 -16.64
N MET G 148 -36.73 18.69 -16.57
CA MET G 148 -38.02 18.05 -16.87
C MET G 148 -39.03 18.24 -15.73
N TYR G 149 -38.54 18.24 -14.49
CA TYR G 149 -39.35 18.63 -13.35
C TYR G 149 -39.90 20.04 -13.55
N ALA G 150 -39.06 20.98 -13.94
CA ALA G 150 -39.53 22.33 -14.21
C ALA G 150 -40.60 22.34 -15.29
N ALA G 151 -40.40 21.55 -16.35
CA ALA G 151 -41.16 21.69 -17.58
C ALA G 151 -42.29 20.68 -17.79
N TYR G 152 -42.28 19.58 -17.04
CA TYR G 152 -43.23 18.49 -17.30
C TYR G 152 -44.68 18.98 -17.39
N ARG G 153 -45.07 19.90 -16.52
CA ARG G 153 -46.46 20.31 -16.43
C ARG G 153 -46.84 21.49 -17.31
N ALA G 154 -45.87 22.06 -18.03
CA ALA G 154 -46.14 23.19 -18.91
C ALA G 154 -47.07 22.78 -20.06
N PRO G 155 -48.22 23.46 -20.21
CA PRO G 155 -49.24 23.01 -21.14
C PRO G 155 -48.83 23.06 -22.62
N SER G 156 -47.95 23.99 -22.96
CA SER G 156 -47.49 24.13 -24.34
C SER G 156 -46.58 22.98 -24.83
N LEU G 157 -46.00 22.19 -23.91
CA LEU G 157 -44.99 21.17 -24.26
C LEU G 157 -45.49 19.71 -24.15
N ASP G 158 -45.46 18.99 -25.27
CA ASP G 158 -45.81 17.56 -25.26
C ASP G 158 -44.66 16.71 -24.69
N ALA G 159 -44.84 15.39 -24.68
CA ALA G 159 -43.82 14.48 -24.18
C ALA G 159 -42.44 14.71 -24.85
N GLU G 160 -42.42 14.80 -26.19
CA GLU G 160 -41.17 14.93 -26.93
C GLU G 160 -40.41 16.19 -26.57
N ALA G 161 -41.11 17.32 -26.47
CA ALA G 161 -40.50 18.60 -26.19
C ALA G 161 -39.89 18.64 -24.79
N VAL G 162 -40.49 17.87 -23.87
CA VAL G 162 -40.02 17.79 -22.48
C VAL G 162 -38.75 16.95 -22.42
N ALA G 163 -38.78 15.80 -23.10
CA ALA G 163 -37.61 14.92 -23.25
C ALA G 163 -36.44 15.64 -23.91
N ARG G 164 -36.69 16.31 -25.03
CA ARG G 164 -35.65 17.09 -25.73
C ARG G 164 -35.05 18.21 -24.85
N LEU G 165 -35.89 18.85 -24.03
CA LEU G 165 -35.42 19.91 -23.14
C LEU G 165 -34.48 19.34 -22.07
N GLY G 166 -34.76 18.12 -21.60
CA GLY G 166 -33.91 17.48 -20.60
C GLY G 166 -32.47 17.31 -21.07
N VAL G 167 -32.33 16.91 -22.34
CA VAL G 167 -31.02 16.68 -22.93
C VAL G 167 -30.32 18.04 -23.18
N MET G 168 -31.09 19.01 -23.63
CA MET G 168 -30.57 20.37 -23.82
C MET G 168 -29.96 20.90 -22.53
N ALA G 169 -30.69 20.74 -21.44
CA ALA G 169 -30.24 21.19 -20.13
C ALA G 169 -28.87 20.58 -19.79
N ALA G 170 -28.76 19.27 -19.95
CA ALA G 170 -27.51 18.54 -19.71
C ALA G 170 -26.44 19.04 -20.62
N ALA G 171 -26.79 19.20 -21.89
CA ALA G 171 -25.82 19.62 -22.89
C ALA G 171 -25.33 21.04 -22.66
N GLU G 172 -26.09 21.83 -21.93
CA GLU G 172 -25.74 23.23 -21.61
C GLU G 172 -24.65 23.30 -20.55
N PHE G 173 -24.75 22.43 -19.55
CA PHE G 173 -23.89 22.52 -18.39
C PHE G 173 -22.92 21.36 -18.19
N HIS G 174 -23.00 20.28 -18.99
CA HIS G 174 -22.09 19.15 -18.79
C HIS G 174 -21.24 18.72 -20.00
N ASP G 175 -19.99 18.39 -19.72
CA ASP G 175 -19.01 18.17 -20.78
C ASP G 175 -19.05 16.79 -21.44
N GLU G 176 -19.99 15.95 -21.02
CA GLU G 176 -20.18 14.65 -21.66
C GLU G 176 -21.47 14.56 -22.49
N SER G 177 -22.17 15.68 -22.64
CA SER G 177 -23.35 15.76 -23.50
C SER G 177 -23.21 16.93 -24.46
N GLY G 178 -23.75 16.77 -25.66
CA GLY G 178 -23.67 17.81 -26.69
C GLY G 178 -24.77 17.72 -27.74
N LEU G 179 -25.20 18.87 -28.24
CA LEU G 179 -26.22 18.94 -29.28
C LEU G 179 -25.66 18.48 -30.63
N PRO G 180 -26.55 18.13 -31.59
CA PRO G 180 -28.02 18.10 -31.52
C PRO G 180 -28.59 16.95 -30.69
N VAL G 181 -29.88 17.06 -30.41
CA VAL G 181 -30.65 16.08 -29.68
C VAL G 181 -31.42 15.21 -30.65
N GLN G 182 -31.31 13.91 -30.49
CA GLN G 182 -32.16 12.98 -31.21
C GLN G 182 -33.36 12.64 -30.34
N SER G 183 -34.56 12.69 -30.91
CA SER G 183 -35.77 12.28 -30.18
C SER G 183 -36.70 11.46 -31.04
N PHE G 184 -37.52 10.63 -30.40
CA PHE G 184 -38.59 9.88 -31.06
C PHE G 184 -39.86 10.01 -30.23
N VAL G 185 -41.00 10.00 -30.89
CA VAL G 185 -42.26 10.05 -30.17
C VAL G 185 -43.25 9.04 -30.74
N MET G 186 -44.12 8.52 -29.88
CA MET G 186 -45.14 7.55 -30.29
C MET G 186 -46.34 7.61 -29.35
N GLU G 187 -47.47 7.10 -29.82
CA GLU G 187 -48.71 7.08 -29.04
C GLU G 187 -48.70 5.93 -28.05
N LEU G 188 -49.23 6.19 -26.85
CA LEU G 188 -49.46 5.14 -25.88
C LEU G 188 -50.59 4.25 -26.40
N SER G 189 -50.39 2.93 -26.36
CA SER G 189 -51.36 1.99 -26.94
C SER G 189 -52.52 1.70 -25.98
N PRO G 190 -53.71 1.37 -26.53
CA PRO G 190 -54.83 0.99 -25.67
C PRO G 190 -54.85 -0.51 -25.33
N THR H 1 -23.04 5.03 23.58
CA THR H 1 -23.74 6.05 24.41
C THR H 1 -25.00 6.54 23.68
N THR H 2 -26.00 6.91 24.48
CA THR H 2 -27.19 7.58 23.98
C THR H 2 -27.48 8.79 24.85
N VAL H 3 -27.70 9.93 24.22
CA VAL H 3 -28.21 11.08 24.94
C VAL H 3 -29.39 11.63 24.19
N THR H 4 -30.48 11.90 24.91
CA THR H 4 -31.68 12.48 24.32
C THR H 4 -32.01 13.82 24.96
N ILE H 5 -32.81 14.61 24.26
CA ILE H 5 -33.23 15.92 24.73
C ILE H 5 -34.62 16.20 24.17
N VAL H 6 -35.51 16.70 25.03
CA VAL H 6 -36.90 16.87 24.65
C VAL H 6 -37.46 18.20 25.13
N ARG H 7 -38.30 18.78 24.28
CA ARG H 7 -38.98 20.03 24.56
C ARG H 7 -40.44 19.78 24.32
N LYS H 8 -41.26 19.85 25.38
CA LYS H 8 -42.71 19.56 25.29
C LYS H 8 -43.55 20.16 26.43
N ASP H 9 -44.63 20.86 26.07
CA ASP H 9 -45.59 21.44 27.03
C ASP H 9 -44.94 22.36 28.06
N GLY H 10 -44.03 23.22 27.62
CA GLY H 10 -43.35 24.16 28.51
C GLY H 10 -42.31 23.55 29.45
N ARG H 11 -41.95 22.29 29.23
CA ARG H 11 -40.90 21.65 30.00
C ARG H 11 -39.78 21.13 29.08
N ILE H 12 -38.57 21.17 29.60
CA ILE H 12 -37.39 20.75 28.88
C ILE H 12 -36.74 19.62 29.67
N ALA H 13 -36.43 18.52 28.98
CA ALA H 13 -35.83 17.34 29.61
C ALA H 13 -34.63 16.84 28.81
N ILE H 14 -33.64 16.32 29.52
CA ILE H 14 -32.42 15.78 28.92
C ILE H 14 -32.16 14.46 29.61
N ALA H 15 -31.70 13.46 28.88
CA ALA H 15 -31.50 12.13 29.47
C ALA H 15 -30.35 11.38 28.82
N ALA H 16 -29.73 10.48 29.58
CA ALA H 16 -28.60 9.69 29.10
C ALA H 16 -28.58 8.29 29.72
N ASP H 17 -27.94 7.35 29.04
CA ASP H 17 -27.64 6.03 29.64
C ASP H 17 -26.42 6.12 30.57
N THR H 18 -26.04 4.98 31.15
CA THR H 18 -25.02 4.93 32.21
C THR H 18 -23.89 3.90 31.99
N LEU H 19 -23.91 3.22 30.84
CA LEU H 19 -22.92 2.19 30.53
C LEU H 19 -21.67 2.80 29.89
N THR H 20 -20.49 2.48 30.43
CA THR H 20 -19.23 2.85 29.79
C THR H 20 -18.67 1.59 29.15
N LYS H 21 -18.00 1.75 28.01
CA LYS H 21 -17.43 0.63 27.28
C LYS H 21 -15.91 0.75 27.19
N TRP H 22 -15.25 -0.38 27.39
CA TRP H 22 -13.80 -0.50 27.34
C TRP H 22 -13.55 -1.63 26.37
N GLY H 23 -13.47 -1.27 25.08
CA GLY H 23 -13.47 -2.26 24.01
C GLY H 23 -14.84 -2.93 23.94
N GLY H 24 -14.85 -4.26 24.02
CA GLY H 24 -16.09 -5.04 24.15
C GLY H 24 -16.48 -5.25 25.61
N GLY H 25 -15.67 -4.71 26.52
CA GLY H 25 -15.94 -4.80 27.96
C GLY H 25 -17.03 -3.83 28.38
N LYS H 26 -17.86 -4.28 29.33
CA LYS H 26 -18.95 -3.46 29.86
C LYS H 26 -18.60 -3.00 31.26
N GLU H 27 -18.77 -1.70 31.50
CA GLU H 27 -18.52 -1.06 32.80
C GLU H 27 -19.80 -0.34 33.27
N SER H 28 -20.76 -1.12 33.77
CA SER H 28 -22.09 -0.61 34.10
C SER H 28 -22.13 0.20 35.39
N ALA H 29 -23.22 0.94 35.61
CA ALA H 29 -23.40 1.80 36.80
C ALA H 29 -23.29 0.98 38.08
N ASP H 30 -23.69 -0.28 37.96
CA ASP H 30 -23.50 -1.30 38.98
C ASP H 30 -22.06 -1.32 39.51
N TYR H 31 -21.07 -1.13 38.62
CA TYR H 31 -19.66 -1.21 38.99
C TYR H 31 -18.90 0.12 39.03
N VAL H 32 -19.48 1.17 38.44
CA VAL H 32 -18.85 2.49 38.38
C VAL H 32 -19.69 3.55 39.10
N ALA H 33 -19.07 4.25 40.06
CA ALA H 33 -19.77 5.25 40.89
C ALA H 33 -20.05 6.53 40.10
N ASN H 34 -19.07 6.95 39.30
CA ASN H 34 -19.17 8.13 38.44
C ASN H 34 -19.59 7.75 37.01
N HIS H 35 -20.76 7.12 36.92
CA HIS H 35 -21.33 6.59 35.66
C HIS H 35 -22.16 7.65 34.93
N GLU H 36 -22.34 8.81 35.56
CA GLU H 36 -23.12 9.91 34.99
C GLU H 36 -22.48 10.49 33.74
N LYS H 37 -23.28 10.64 32.68
CA LYS H 37 -22.84 11.25 31.42
C LYS H 37 -23.35 12.68 31.25
N ILE H 38 -24.16 13.14 32.21
CA ILE H 38 -24.60 14.54 32.21
C ILE H 38 -23.92 15.30 33.35
N ILE H 39 -23.45 16.51 33.03
CA ILE H 39 -22.82 17.41 34.00
C ILE H 39 -23.53 18.76 33.96
N ARG H 40 -23.29 19.62 34.95
CA ARG H 40 -23.82 20.99 34.91
C ARG H 40 -22.79 21.91 34.27
N VAL H 41 -23.27 22.91 33.54
CA VAL H 41 -22.42 24.00 33.03
C VAL H 41 -23.25 25.30 33.07
N GLY H 42 -23.04 26.11 34.11
CA GLY H 42 -23.97 27.18 34.45
C GLY H 42 -25.24 26.55 35.01
N ASP H 43 -26.39 26.96 34.47
CA ASP H 43 -27.67 26.29 34.74
C ASP H 43 -27.98 25.25 33.66
N SER H 44 -27.08 25.12 32.69
CA SER H 44 -27.25 24.13 31.63
C SER H 44 -26.83 22.77 32.08
N TYR H 45 -27.61 21.79 31.67
CA TYR H 45 -27.23 20.40 31.70
C TYR H 45 -26.63 20.08 30.33
N VAL H 46 -25.50 19.41 30.34
CA VAL H 46 -24.77 19.03 29.12
C VAL H 46 -24.51 17.52 29.11
N ALA H 47 -25.15 16.81 28.20
CA ALA H 47 -24.98 15.37 28.09
C ALA H 47 -23.91 15.08 27.06
N ILE H 48 -22.97 14.21 27.41
CA ILE H 48 -21.76 14.00 26.61
C ILE H 48 -21.59 12.57 26.07
N THR H 49 -21.31 12.45 24.78
CA THR H 49 -21.02 11.18 24.13
C THR H 49 -19.56 11.18 23.69
N GLY H 50 -19.08 10.03 23.26
CA GLY H 50 -17.67 9.88 22.92
C GLY H 50 -16.93 9.39 24.15
N SER H 51 -15.63 9.61 24.19
CA SER H 51 -14.83 9.04 25.24
C SER H 51 -15.33 9.46 26.64
N ALA H 52 -15.29 8.51 27.57
CA ALA H 52 -15.73 8.73 28.95
C ALA H 52 -14.86 9.74 29.68
N THR H 53 -13.73 10.07 29.08
CA THR H 53 -12.84 11.08 29.62
C THR H 53 -13.38 12.48 29.42
N PHE H 54 -14.18 12.68 28.38
CA PHE H 54 -14.60 14.03 28.02
C PHE H 54 -15.36 14.76 29.14
N LYS H 55 -16.20 14.06 29.88
CA LYS H 55 -16.91 14.68 31.01
C LYS H 55 -15.95 15.17 32.09
N LEU H 56 -14.83 14.49 32.23
CA LEU H 56 -13.81 14.88 33.20
C LEU H 56 -13.05 16.10 32.66
N ILE H 57 -12.79 16.09 31.36
CA ILE H 57 -12.15 17.22 30.68
C ILE H 57 -12.99 18.49 30.75
N LEU H 58 -14.26 18.41 30.36
CA LEU H 58 -15.12 19.60 30.38
C LEU H 58 -15.35 20.11 31.79
N ALA H 59 -15.54 19.18 32.73
CA ALA H 59 -15.64 19.54 34.13
C ALA H 59 -14.41 20.34 34.56
N ASP H 60 -13.24 19.82 34.23
CA ASP H 60 -11.98 20.46 34.56
C ASP H 60 -11.83 21.79 33.81
N TYR H 61 -12.23 21.81 32.54
CA TYR H 61 -12.09 23.00 31.69
C TYR H 61 -12.96 24.14 32.21
N PHE H 62 -14.25 23.87 32.31
CA PHE H 62 -15.23 24.89 32.70
C PHE H 62 -15.03 25.35 34.14
N ALA H 63 -14.57 24.46 35.02
CA ALA H 63 -14.31 24.83 36.41
C ALA H 63 -13.16 25.83 36.55
N SER H 64 -12.27 25.86 35.55
CA SER H 64 -11.10 26.73 35.55
C SER H 64 -11.38 28.04 34.81
N LEU H 65 -12.44 28.08 34.00
CA LEU H 65 -12.78 29.30 33.27
C LEU H 65 -13.11 30.41 34.25
N ASP H 66 -13.19 31.61 33.69
CA ASP H 66 -13.82 32.69 34.40
C ASP H 66 -15.32 32.33 34.57
N GLU H 67 -16.25 33.27 34.35
CA GLU H 67 -17.63 33.00 34.75
C GLU H 67 -18.22 31.93 33.84
N PRO H 68 -19.08 31.05 34.41
CA PRO H 68 -19.66 30.02 33.56
C PRO H 68 -20.15 30.60 32.22
N PRO H 69 -20.10 29.78 31.16
CA PRO H 69 -20.58 30.25 29.87
C PRO H 69 -22.11 30.31 29.83
N GLN H 70 -22.64 31.12 28.93
CA GLN H 70 -24.07 31.24 28.74
C GLN H 70 -24.44 30.43 27.52
N LEU H 71 -24.95 29.22 27.75
CA LEU H 71 -25.22 28.28 26.69
C LEU H 71 -26.68 28.34 26.28
N ASP H 72 -27.16 29.54 25.99
CA ASP H 72 -28.57 29.77 25.76
C ASP H 72 -28.87 30.40 24.42
N SER H 73 -27.90 30.39 23.52
CA SER H 73 -28.18 30.65 22.11
C SER H 73 -27.11 29.98 21.28
N VAL H 74 -27.45 29.80 20.01
CA VAL H 74 -26.60 29.12 19.05
C VAL H 74 -25.26 29.85 18.97
N ALA H 75 -25.30 31.13 18.62
CA ALA H 75 -24.08 31.95 18.53
C ALA H 75 -23.19 31.84 19.78
N ARG H 76 -23.80 31.92 20.95
CA ARG H 76 -23.05 31.80 22.21
C ARG H 76 -22.45 30.41 22.43
N ILE H 77 -23.24 29.38 22.19
CA ILE H 77 -22.74 28.01 22.29
C ILE H 77 -21.58 27.83 21.31
N PHE H 78 -21.78 28.25 20.07
CA PHE H 78 -20.72 28.11 19.08
C PHE H 78 -19.43 28.79 19.55
N CYS H 79 -19.57 30.01 20.05
CA CYS H 79 -18.42 30.77 20.55
C CYS H 79 -17.69 29.93 21.60
N VAL H 80 -18.44 29.42 22.57
CA VAL H 80 -17.88 28.65 23.68
C VAL H 80 -17.19 27.35 23.20
N TRP H 81 -17.85 26.60 22.32
CA TRP H 81 -17.29 25.34 21.83
C TRP H 81 -16.08 25.53 20.92
N ASN H 82 -16.10 26.56 20.10
CA ASN H 82 -14.94 26.85 19.26
C ASN H 82 -13.71 27.03 20.13
N THR H 83 -13.83 27.83 21.18
CA THR H 83 -12.73 28.07 22.11
C THR H 83 -12.37 26.82 22.90
N LEU H 84 -13.39 26.06 23.30
CA LEU H 84 -13.19 24.75 23.93
C LEU H 84 -12.29 23.83 23.11
N HIS H 85 -12.51 23.80 21.81
CA HIS H 85 -11.75 22.92 20.92
C HIS H 85 -10.26 23.24 20.96
N GLY H 86 -9.93 24.54 20.93
CA GLY H 86 -8.56 25.02 21.11
C GLY H 86 -7.90 24.55 22.39
N ALA H 87 -8.71 24.41 23.45
CA ALA H 87 -8.23 23.93 24.74
C ALA H 87 -8.13 22.40 24.78
N LEU H 88 -9.07 21.69 24.14
CA LEU H 88 -8.98 20.25 24.07
C LEU H 88 -7.63 19.84 23.44
N LYS H 89 -7.21 20.58 22.42
CA LYS H 89 -5.97 20.30 21.74
C LYS H 89 -4.75 20.68 22.56
N GLU H 90 -4.78 21.89 23.12
CA GLU H 90 -3.61 22.48 23.76
C GLU H 90 -3.32 21.89 25.15
N HIS H 91 -4.36 21.67 25.96
CA HIS H 91 -4.21 21.24 27.36
C HIS H 91 -4.65 19.80 27.70
N TYR H 92 -5.42 19.14 26.83
CA TYR H 92 -5.98 17.82 27.15
C TYR H 92 -5.70 16.69 26.14
N TYR H 93 -4.80 16.96 25.19
CA TYR H 93 -4.23 15.95 24.29
C TYR H 93 -5.26 15.32 23.35
N LEU H 94 -6.09 16.15 22.72
CA LEU H 94 -7.02 15.68 21.70
C LEU H 94 -6.26 15.28 20.44
N GLN H 95 -6.78 14.29 19.72
CA GLN H 95 -6.29 13.97 18.37
C GLN H 95 -7.35 14.24 17.29
N GLU H 101 -9.73 14.26 5.21
CA GLU H 101 -11.09 13.77 5.10
C GLU H 101 -12.10 14.88 5.40
N ASP H 102 -12.20 15.26 6.67
CA ASP H 102 -13.25 16.19 7.15
C ASP H 102 -12.95 17.67 6.83
N ASP H 103 -14.01 18.47 6.70
CA ASP H 103 -13.91 19.91 6.46
C ASP H 103 -13.19 20.64 7.58
N LEU H 104 -13.69 20.42 8.80
CA LEU H 104 -13.16 21.03 10.01
C LEU H 104 -12.59 19.94 10.91
N GLU H 105 -11.71 20.35 11.82
CA GLU H 105 -11.21 19.43 12.84
C GLU H 105 -12.37 18.96 13.71
N SER H 106 -12.28 17.73 14.17
CA SER H 106 -13.29 17.16 15.04
C SER H 106 -12.91 17.39 16.51
N SER H 107 -13.93 17.67 17.32
CA SER H 107 -13.80 17.71 18.76
C SER H 107 -14.04 16.33 19.38
N ARG H 108 -14.54 15.39 18.56
CA ARG H 108 -14.64 13.95 18.89
C ARG H 108 -15.78 13.57 19.82
N MET H 109 -16.55 14.54 20.30
CA MET H 109 -17.73 14.28 21.12
C MET H 109 -18.93 15.03 20.53
N ASP H 110 -20.10 14.42 20.61
CA ASP H 110 -21.34 15.12 20.33
C ASP H 110 -21.97 15.40 21.71
N VAL H 111 -22.46 16.62 21.93
CA VAL H 111 -23.16 16.95 23.18
C VAL H 111 -24.58 17.47 22.89
N LEU H 112 -25.45 17.31 23.88
CA LEU H 112 -26.75 18.00 23.91
C LEU H 112 -26.74 18.97 25.07
N ILE H 113 -27.50 20.06 24.94
CA ILE H 113 -27.52 21.12 25.96
C ILE H 113 -28.94 21.55 26.25
N ALA H 114 -29.31 21.40 27.53
CA ALA H 114 -30.64 21.73 28.01
C ALA H 114 -30.52 22.89 29.01
N ASN H 115 -31.28 23.95 28.77
CA ASN H 115 -31.47 24.98 29.78
C ASN H 115 -32.86 25.60 29.59
N PRO H 116 -33.32 26.40 30.57
CA PRO H 116 -34.69 26.92 30.49
C PRO H 116 -34.99 27.72 29.23
N ARG H 117 -33.96 28.19 28.51
CA ARG H 117 -34.16 29.05 27.35
C ARG H 117 -34.25 28.26 26.04
N GLY H 118 -34.11 26.94 26.12
CA GLY H 118 -34.27 26.08 24.94
C GLY H 118 -33.40 24.84 24.98
N ILE H 119 -33.53 24.01 23.95
CA ILE H 119 -32.71 22.80 23.81
C ILE H 119 -31.81 22.93 22.58
N PHE H 120 -30.57 22.48 22.74
CA PHE H 120 -29.55 22.69 21.73
C PHE H 120 -28.65 21.46 21.61
N GLY H 121 -27.87 21.43 20.54
CA GLY H 121 -26.87 20.37 20.33
C GLY H 121 -25.64 20.88 19.62
N VAL H 122 -24.49 20.33 20.02
CA VAL H 122 -23.24 20.55 19.31
C VAL H 122 -22.68 19.20 18.85
N ALA H 123 -22.50 19.05 17.54
CA ALA H 123 -21.88 17.84 16.99
C ALA H 123 -20.38 18.02 16.95
N ALA H 124 -19.67 16.91 16.83
CA ALA H 124 -18.20 16.87 16.81
C ALA H 124 -17.51 17.99 16.01
N HIS H 125 -18.14 18.44 14.92
CA HIS H 125 -17.55 19.47 14.09
C HIS H 125 -18.08 20.88 14.41
N ARG H 126 -18.48 21.09 15.67
CA ARG H 126 -18.95 22.38 16.21
C ARG H 126 -20.22 22.92 15.56
N THR H 127 -21.00 21.97 15.02
CA THR H 127 -22.29 22.24 14.43
C THR H 127 -23.33 22.45 15.53
N VAL H 128 -23.57 23.71 15.88
CA VAL H 128 -24.55 24.07 16.90
C VAL H 128 -25.94 24.15 16.26
N GLN H 129 -26.88 23.39 16.81
CA GLN H 129 -28.28 23.49 16.42
C GLN H 129 -29.18 23.74 17.63
N GLU H 130 -30.17 24.62 17.48
CA GLU H 130 -31.28 24.64 18.42
C GLU H 130 -32.33 23.66 17.92
N PHE H 131 -32.88 22.85 18.80
CA PHE H 131 -33.88 21.88 18.42
C PHE H 131 -35.26 22.37 18.82
N SER H 132 -36.26 22.01 18.02
CA SER H 132 -37.62 22.49 18.22
C SER H 132 -38.50 21.45 18.89
N LYS H 133 -38.16 20.16 18.77
CA LYS H 133 -38.96 19.10 19.36
C LYS H 133 -38.12 18.18 20.25
N PHE H 134 -37.21 17.45 19.65
CA PHE H 134 -36.36 16.51 20.37
C PHE H 134 -35.18 16.08 19.50
N TYR H 135 -34.14 15.55 20.13
CA TYR H 135 -33.04 14.97 19.36
C TYR H 135 -32.27 14.02 20.22
N ALA H 136 -31.33 13.33 19.56
CA ALA H 136 -30.46 12.37 20.21
C ALA H 136 -29.11 12.32 19.53
N TYR H 137 -28.10 12.03 20.32
CA TYR H 137 -26.75 11.90 19.82
C TYR H 137 -26.14 10.67 20.46
N GLY H 138 -25.03 10.21 19.89
CA GLY H 138 -24.37 8.98 20.31
C GLY H 138 -24.78 7.83 19.39
N SER H 139 -24.13 6.68 19.56
CA SER H 139 -24.34 5.53 18.67
C SER H 139 -25.72 4.90 18.82
N GLY H 140 -26.40 5.20 19.92
CA GLY H 140 -27.78 4.77 20.10
C GLY H 140 -28.84 5.69 19.52
N SER H 141 -28.47 6.88 19.06
CA SER H 141 -29.48 7.89 18.67
C SER H 141 -30.48 7.44 17.60
N PRO H 142 -30.09 6.58 16.66
CA PRO H 142 -31.13 6.14 15.72
C PRO H 142 -32.34 5.47 16.41
N TYR H 143 -32.04 4.63 17.39
CA TYR H 143 -33.05 3.92 18.17
C TYR H 143 -33.90 4.90 18.97
N ALA H 144 -33.22 5.87 19.56
CA ALA H 144 -33.84 6.85 20.42
C ALA H 144 -34.78 7.73 19.63
N LEU H 145 -34.30 8.21 18.48
CA LEU H 145 -35.08 9.08 17.61
C LEU H 145 -36.32 8.32 17.16
N GLY H 146 -36.14 7.06 16.76
CA GLY H 146 -37.26 6.20 16.42
C GLY H 146 -38.32 6.17 17.51
N ALA H 147 -37.90 5.73 18.68
CA ALA H 147 -38.78 5.65 19.83
C ALA H 147 -39.52 6.96 20.11
N MET H 148 -38.74 8.04 20.25
CA MET H 148 -39.27 9.36 20.59
C MET H 148 -40.20 9.93 19.51
N TYR H 149 -39.92 9.68 18.25
CA TYR H 149 -40.88 9.97 17.18
C TYR H 149 -42.26 9.32 17.44
N ALA H 150 -42.26 8.08 17.91
CA ALA H 150 -43.50 7.33 18.11
C ALA H 150 -44.21 7.71 19.41
N ALA H 151 -43.56 8.46 20.29
CA ALA H 151 -44.15 8.79 21.60
C ALA H 151 -44.31 10.28 21.87
N TYR H 152 -43.73 11.12 21.02
CA TYR H 152 -43.68 12.54 21.31
C TYR H 152 -45.04 13.15 21.59
N ARG H 153 -46.06 12.72 20.86
CA ARG H 153 -47.37 13.36 20.91
C ARG H 153 -48.36 12.65 21.85
N ALA H 154 -47.91 11.59 22.54
CA ALA H 154 -48.77 10.91 23.50
C ALA H 154 -48.98 11.82 24.70
N PRO H 155 -50.26 12.12 25.03
CA PRO H 155 -50.55 13.05 26.14
C PRO H 155 -50.12 12.55 27.52
N SER H 156 -50.13 11.24 27.74
CA SER H 156 -49.69 10.65 29.03
C SER H 156 -48.19 10.76 29.34
N LEU H 157 -47.40 11.23 28.37
CA LEU H 157 -45.94 11.25 28.48
C LEU H 157 -45.41 12.67 28.36
N ASP H 158 -44.84 13.18 29.45
CA ASP H 158 -44.24 14.51 29.43
C ASP H 158 -42.84 14.47 28.78
N ALA H 159 -42.15 15.61 28.79
CA ALA H 159 -40.86 15.75 28.16
C ALA H 159 -39.87 14.69 28.66
N GLU H 160 -39.83 14.51 29.97
CA GLU H 160 -38.88 13.62 30.62
C GLU H 160 -39.19 12.18 30.29
N ALA H 161 -40.46 11.81 30.36
CA ALA H 161 -40.86 10.46 30.03
C ALA H 161 -40.38 10.11 28.65
N VAL H 162 -40.55 11.04 27.70
CA VAL H 162 -40.17 10.80 26.29
C VAL H 162 -38.66 10.69 26.14
N ALA H 163 -37.93 11.65 26.70
CA ALA H 163 -36.46 11.61 26.71
C ALA H 163 -35.95 10.29 27.25
N ARG H 164 -36.52 9.84 28.37
CA ARG H 164 -36.16 8.55 29.00
C ARG H 164 -36.47 7.36 28.10
N LEU H 165 -37.64 7.36 27.49
CA LEU H 165 -38.02 6.28 26.57
C LEU H 165 -37.02 6.17 25.42
N GLY H 166 -36.41 7.30 25.07
CA GLY H 166 -35.45 7.35 23.98
C GLY H 166 -34.25 6.49 24.34
N VAL H 167 -33.73 6.72 25.53
CA VAL H 167 -32.57 5.99 26.03
C VAL H 167 -32.90 4.51 26.22
N MET H 168 -34.09 4.22 26.72
CA MET H 168 -34.51 2.82 26.93
C MET H 168 -34.44 2.03 25.65
N ALA H 169 -34.91 2.65 24.57
CA ALA H 169 -34.88 2.07 23.24
C ALA H 169 -33.49 1.71 22.78
N ALA H 170 -32.54 2.65 22.93
CA ALA H 170 -31.15 2.38 22.55
C ALA H 170 -30.59 1.19 23.31
N ALA H 171 -30.76 1.24 24.63
CA ALA H 171 -30.27 0.17 25.54
C ALA H 171 -30.89 -1.21 25.28
N GLU H 172 -32.10 -1.23 24.75
CA GLU H 172 -32.73 -2.49 24.41
C GLU H 172 -31.99 -3.15 23.24
N PHE H 173 -31.54 -2.37 22.28
CA PHE H 173 -31.03 -2.93 21.04
C PHE H 173 -29.55 -2.71 20.71
N HIS H 174 -28.85 -1.83 21.43
CA HIS H 174 -27.45 -1.53 21.08
C HIS H 174 -26.48 -1.77 22.22
N ASP H 175 -25.32 -2.34 21.89
CA ASP H 175 -24.36 -2.78 22.88
C ASP H 175 -23.50 -1.68 23.51
N GLU H 176 -23.69 -0.42 23.12
CA GLU H 176 -22.93 0.69 23.75
C GLU H 176 -23.80 1.56 24.65
N SER H 177 -25.07 1.16 24.85
CA SER H 177 -25.96 1.89 25.77
C SER H 177 -26.49 0.93 26.81
N GLY H 178 -26.59 1.41 28.06
CA GLY H 178 -27.09 0.55 29.14
C GLY H 178 -27.83 1.25 30.27
N LEU H 179 -28.83 0.56 30.80
CA LEU H 179 -29.63 1.06 31.92
C LEU H 179 -28.76 1.04 33.16
N PRO H 180 -29.13 1.83 34.19
CA PRO H 180 -30.29 2.73 34.26
C PRO H 180 -30.16 4.01 33.46
N VAL H 181 -31.29 4.68 33.27
CA VAL H 181 -31.32 5.98 32.63
C VAL H 181 -31.18 7.10 33.66
N GLN H 182 -30.34 8.07 33.36
CA GLN H 182 -30.26 9.30 34.13
C GLN H 182 -31.05 10.39 33.40
N SER H 183 -31.83 11.20 34.11
CA SER H 183 -32.55 12.30 33.47
C SER H 183 -32.76 13.52 34.37
N PHE H 184 -33.02 14.64 33.72
CA PHE H 184 -33.34 15.90 34.38
C PHE H 184 -34.43 16.65 33.60
N VAL H 185 -35.35 17.28 34.33
CA VAL H 185 -36.40 18.07 33.70
C VAL H 185 -36.37 19.48 34.27
N MET H 186 -36.77 20.46 33.46
CA MET H 186 -36.89 21.83 33.94
C MET H 186 -38.02 22.58 33.24
N GLU H 187 -38.29 23.79 33.72
CA GLU H 187 -39.34 24.61 33.14
C GLU H 187 -38.78 25.49 32.03
N LEU H 188 -39.53 25.61 30.95
CA LEU H 188 -39.22 26.62 29.94
C LEU H 188 -39.41 28.00 30.56
N SER H 189 -38.38 28.85 30.46
CA SER H 189 -38.51 30.22 30.96
C SER H 189 -39.28 31.10 29.94
N PRO H 190 -40.07 32.06 30.45
CA PRO H 190 -40.77 32.98 29.55
C PRO H 190 -39.85 34.05 28.96
N THR I 1 -27.06 19.94 0.21
CA THR I 1 -27.40 21.38 0.08
C THR I 1 -27.55 21.82 -1.37
N THR I 2 -28.54 22.67 -1.62
CA THR I 2 -28.68 23.35 -2.88
C THR I 2 -28.88 24.80 -2.57
N VAL I 3 -28.08 25.66 -3.17
CA VAL I 3 -28.37 27.09 -3.13
C VAL I 3 -28.41 27.63 -4.56
N THR I 4 -29.35 28.53 -4.82
CA THR I 4 -29.44 29.13 -6.15
C THR I 4 -29.42 30.64 -6.04
N ILE I 5 -29.13 31.27 -7.17
CA ILE I 5 -29.12 32.72 -7.26
C ILE I 5 -29.54 33.10 -8.67
N VAL I 6 -30.37 34.13 -8.79
CA VAL I 6 -30.97 34.48 -10.09
C VAL I 6 -31.07 36.00 -10.28
N ARG I 7 -30.83 36.40 -11.52
CA ARG I 7 -30.90 37.79 -11.94
C ARG I 7 -31.88 37.86 -13.12
N LYS I 8 -32.96 38.62 -12.97
CA LYS I 8 -34.01 38.71 -14.00
C LYS I 8 -34.88 39.97 -13.87
N ASP I 9 -35.09 40.65 -14.99
CA ASP I 9 -36.04 41.78 -15.07
C ASP I 9 -35.81 42.87 -14.03
N GLY I 10 -34.55 43.17 -13.75
CA GLY I 10 -34.21 44.16 -12.72
C GLY I 10 -34.32 43.65 -11.29
N ARG I 11 -34.45 42.34 -11.11
CA ARG I 11 -34.54 41.76 -9.78
C ARG I 11 -33.51 40.66 -9.57
N ILE I 12 -33.06 40.54 -8.33
CA ILE I 12 -32.08 39.56 -7.91
C ILE I 12 -32.75 38.69 -6.85
N ALA I 13 -32.54 37.37 -6.93
CA ALA I 13 -33.12 36.45 -5.96
C ALA I 13 -32.12 35.40 -5.56
N ILE I 14 -32.16 35.01 -4.29
CA ILE I 14 -31.27 33.98 -3.76
C ILE I 14 -32.11 32.95 -3.00
N ALA I 15 -31.78 31.68 -3.10
CA ALA I 15 -32.62 30.64 -2.51
C ALA I 15 -31.83 29.42 -2.02
N ALA I 16 -32.23 28.88 -0.87
CA ALA I 16 -31.57 27.70 -0.28
C ALA I 16 -32.59 26.65 0.18
N ASP I 17 -32.16 25.39 0.29
CA ASP I 17 -32.96 24.39 1.00
C ASP I 17 -32.68 24.56 2.49
N THR I 18 -33.24 23.70 3.34
CA THR I 18 -33.13 23.88 4.78
C THR I 18 -32.72 22.63 5.52
N LEU I 19 -32.38 21.57 4.77
CA LEU I 19 -32.10 20.26 5.33
C LEU I 19 -30.63 20.13 5.70
N THR I 20 -30.37 19.65 6.90
CA THR I 20 -29.03 19.26 7.33
C THR I 20 -28.90 17.75 7.46
N LYS I 21 -27.72 17.26 7.10
CA LYS I 21 -27.40 15.84 7.08
C LYS I 21 -26.38 15.48 8.17
N TRP I 22 -26.54 14.31 8.76
CA TRP I 22 -25.57 13.79 9.72
C TRP I 22 -25.38 12.33 9.32
N GLY I 23 -24.40 12.11 8.43
CA GLY I 23 -24.27 10.84 7.74
C GLY I 23 -25.47 10.69 6.82
N GLY I 24 -26.18 9.57 6.94
CA GLY I 24 -27.44 9.40 6.26
C GLY I 24 -28.62 9.98 7.03
N GLY I 25 -28.36 10.50 8.23
CA GLY I 25 -29.39 11.13 9.03
C GLY I 25 -29.85 12.45 8.43
N LYS I 26 -31.16 12.66 8.48
CA LYS I 26 -31.80 13.90 8.07
C LYS I 26 -32.15 14.71 9.29
N GLU I 27 -31.87 16.01 9.22
CA GLU I 27 -32.22 16.97 10.23
C GLU I 27 -32.98 18.10 9.52
N SER I 28 -34.28 17.94 9.36
CA SER I 28 -35.06 18.90 8.58
C SER I 28 -35.38 20.15 9.40
N ALA I 29 -35.92 21.17 8.72
CA ALA I 29 -36.32 22.41 9.38
C ALA I 29 -37.37 22.12 10.43
N ASP I 30 -38.04 20.98 10.32
CA ASP I 30 -39.08 20.61 11.28
C ASP I 30 -38.53 20.21 12.65
N TYR I 31 -37.27 19.80 12.70
CA TYR I 31 -36.61 19.46 13.96
C TYR I 31 -35.55 20.49 14.36
N VAL I 32 -35.06 21.26 13.39
CA VAL I 32 -33.98 22.20 13.66
C VAL I 32 -34.46 23.64 13.49
N ALA I 33 -34.30 24.43 14.54
CA ALA I 33 -34.81 25.78 14.53
C ALA I 33 -33.97 26.70 13.66
N ASN I 34 -32.66 26.53 13.70
CA ASN I 34 -31.74 27.40 12.98
C ASN I 34 -31.32 26.78 11.66
N HIS I 35 -32.31 26.54 10.80
CA HIS I 35 -32.15 25.71 9.60
C HIS I 35 -31.87 26.52 8.34
N GLU I 36 -31.76 27.84 8.50
CA GLU I 36 -31.45 28.76 7.43
C GLU I 36 -30.02 28.55 6.96
N LYS I 37 -29.79 28.58 5.64
CA LYS I 37 -28.45 28.49 5.09
C LYS I 37 -27.99 29.82 4.48
N ILE I 38 -28.82 30.85 4.61
CA ILE I 38 -28.54 32.17 4.06
C ILE I 38 -28.39 33.13 5.23
N ILE I 39 -27.39 33.98 5.16
CA ILE I 39 -27.11 34.94 6.22
C ILE I 39 -26.98 36.33 5.63
N ARG I 40 -27.19 37.33 6.46
CA ARG I 40 -27.05 38.71 6.03
C ARG I 40 -25.64 39.13 6.34
N VAL I 41 -24.95 39.64 5.35
CA VAL I 41 -23.67 40.31 5.60
C VAL I 41 -23.73 41.69 4.98
N GLY I 42 -23.79 42.73 5.82
CA GLY I 42 -24.02 44.10 5.38
C GLY I 42 -25.34 44.17 4.63
N ASP I 43 -25.31 44.64 3.39
CA ASP I 43 -26.51 44.62 2.54
C ASP I 43 -26.44 43.52 1.47
N SER I 44 -25.70 42.46 1.76
CA SER I 44 -25.67 41.27 0.93
C SER I 44 -26.35 40.10 1.63
N TYR I 45 -26.86 39.15 0.85
CA TYR I 45 -27.29 37.84 1.34
C TYR I 45 -26.27 36.83 0.85
N VAL I 46 -25.82 35.97 1.77
CA VAL I 46 -24.81 34.95 1.49
C VAL I 46 -25.42 33.56 1.75
N ALA I 47 -25.47 32.72 0.72
CA ALA I 47 -26.01 31.35 0.81
C ALA I 47 -24.86 30.35 0.86
N ILE I 48 -24.84 29.50 1.88
CA ILE I 48 -23.65 28.72 2.23
C ILE I 48 -23.85 27.21 2.05
N THR I 49 -22.85 26.55 1.44
CA THR I 49 -22.83 25.10 1.30
C THR I 49 -21.65 24.52 2.05
N GLY I 50 -21.65 23.20 2.20
CA GLY I 50 -20.62 22.51 2.96
C GLY I 50 -21.11 22.30 4.37
N SER I 51 -20.21 21.94 5.28
CA SER I 51 -20.60 21.68 6.68
C SER I 51 -21.54 22.72 7.24
N ALA I 52 -22.54 22.26 7.99
CA ALA I 52 -23.51 23.17 8.60
C ALA I 52 -22.88 24.13 9.64
N THR I 53 -21.61 23.88 9.99
CA THR I 53 -20.85 24.76 10.89
C THR I 53 -20.42 26.07 10.23
N PHE I 54 -20.34 26.08 8.90
CA PHE I 54 -19.83 27.25 8.19
C PHE I 54 -20.69 28.50 8.36
N LYS I 55 -22.00 28.34 8.35
CA LYS I 55 -22.88 29.48 8.54
C LYS I 55 -22.64 30.18 9.88
N LEU I 56 -22.25 29.42 10.89
CA LEU I 56 -21.97 29.95 12.22
C LEU I 56 -20.62 30.65 12.26
N ILE I 57 -19.64 30.01 11.61
CA ILE I 57 -18.30 30.54 11.49
C ILE I 57 -18.34 31.92 10.81
N LEU I 58 -18.96 31.99 9.63
CA LEU I 58 -19.01 33.25 8.88
C LEU I 58 -19.78 34.32 9.61
N ALA I 59 -20.94 33.96 10.16
CA ALA I 59 -21.69 34.88 11.01
C ALA I 59 -20.80 35.47 12.12
N ASP I 60 -20.04 34.59 12.77
CA ASP I 60 -19.16 34.97 13.86
C ASP I 60 -18.04 35.89 13.36
N TYR I 61 -17.37 35.47 12.28
CA TYR I 61 -16.27 36.22 11.67
C TYR I 61 -16.69 37.58 11.14
N PHE I 62 -17.75 37.61 10.33
CA PHE I 62 -18.19 38.89 9.77
C PHE I 62 -18.69 39.84 10.85
N ALA I 63 -19.36 39.31 11.86
CA ALA I 63 -19.83 40.11 13.00
C ALA I 63 -18.66 40.72 13.78
N SER I 64 -17.51 40.04 13.75
CA SER I 64 -16.33 40.54 14.45
C SER I 64 -15.65 41.72 13.73
N LEU I 65 -15.85 41.85 12.41
CA LEU I 65 -15.18 42.90 11.63
C LEU I 65 -15.68 44.29 12.01
N ASP I 66 -14.82 45.29 11.85
CA ASP I 66 -15.15 46.68 12.17
C ASP I 66 -16.24 47.27 11.29
N GLU I 67 -16.15 47.01 9.98
CA GLU I 67 -17.21 47.38 9.03
C GLU I 67 -17.71 46.17 8.28
N PRO I 68 -19.02 46.12 7.98
CA PRO I 68 -19.45 45.03 7.12
C PRO I 68 -18.69 45.14 5.80
N PRO I 69 -18.29 44.00 5.23
CA PRO I 69 -17.49 44.04 4.02
C PRO I 69 -18.33 44.40 2.80
N GLN I 70 -17.67 44.91 1.78
CA GLN I 70 -18.31 45.24 0.52
C GLN I 70 -18.16 44.03 -0.39
N LEU I 71 -19.27 43.42 -0.75
CA LEU I 71 -19.24 42.22 -1.56
C LEU I 71 -19.89 42.48 -2.91
N ASP I 72 -19.46 43.57 -3.56
CA ASP I 72 -20.11 44.10 -4.76
C ASP I 72 -19.25 44.15 -6.04
N SER I 73 -18.12 43.44 -6.03
CA SER I 73 -17.30 43.27 -7.24
C SER I 73 -16.43 42.05 -7.04
N VAL I 74 -15.94 41.51 -8.14
CA VAL I 74 -15.12 40.30 -8.10
C VAL I 74 -13.87 40.52 -7.24
N ALA I 75 -13.09 41.54 -7.59
CA ALA I 75 -11.88 41.90 -6.83
C ALA I 75 -12.14 42.06 -5.34
N ARG I 76 -13.19 42.81 -5.00
CA ARG I 76 -13.56 43.00 -3.59
C ARG I 76 -13.88 41.70 -2.89
N ILE I 77 -14.76 40.91 -3.49
CA ILE I 77 -15.13 39.62 -2.93
C ILE I 77 -13.87 38.80 -2.76
N PHE I 78 -13.02 38.76 -3.78
CA PHE I 78 -11.78 38.00 -3.69
C PHE I 78 -10.88 38.34 -2.48
N CYS I 79 -10.60 39.64 -2.24
CA CYS I 79 -9.84 40.05 -1.06
C CYS I 79 -10.48 39.56 0.22
N VAL I 80 -11.79 39.75 0.30
CA VAL I 80 -12.54 39.30 1.49
C VAL I 80 -12.43 37.78 1.69
N TRP I 81 -12.55 37.01 0.63
CA TRP I 81 -12.49 35.57 0.81
C TRP I 81 -11.07 35.08 1.06
N ASN I 82 -10.10 35.72 0.45
CA ASN I 82 -8.71 35.35 0.69
C ASN I 82 -8.33 35.57 2.15
N THR I 83 -8.81 36.66 2.73
CA THR I 83 -8.54 36.95 4.13
C THR I 83 -9.35 36.03 5.03
N LEU I 84 -10.59 35.76 4.64
CA LEU I 84 -11.42 34.76 5.32
C LEU I 84 -10.70 33.41 5.43
N HIS I 85 -10.11 32.95 4.34
CA HIS I 85 -9.44 31.64 4.35
C HIS I 85 -8.39 31.54 5.44
N GLY I 86 -7.67 32.64 5.65
CA GLY I 86 -6.65 32.72 6.69
C GLY I 86 -7.26 32.55 8.07
N ALA I 87 -8.44 33.16 8.28
CA ALA I 87 -9.15 33.06 9.57
C ALA I 87 -9.79 31.69 9.79
N LEU I 88 -10.24 31.05 8.71
CA LEU I 88 -10.77 29.69 8.80
C LEU I 88 -9.71 28.76 9.39
N LYS I 89 -8.53 28.76 8.78
CA LYS I 89 -7.42 27.93 9.27
C LYS I 89 -6.98 28.28 10.68
N GLU I 90 -6.90 29.57 10.98
CA GLU I 90 -6.26 30.02 12.21
C GLU I 90 -7.17 29.96 13.44
N HIS I 91 -8.42 30.38 13.31
CA HIS I 91 -9.32 30.48 14.47
C HIS I 91 -10.46 29.49 14.46
N TYR I 92 -10.73 28.84 13.34
CA TYR I 92 -11.91 27.98 13.21
C TYR I 92 -11.60 26.53 12.87
N TYR I 93 -10.32 26.18 12.88
CA TYR I 93 -9.86 24.79 12.77
C TYR I 93 -10.20 24.14 11.43
N LEU I 94 -10.10 24.94 10.37
CA LEU I 94 -10.24 24.41 9.03
C LEU I 94 -9.05 23.48 8.77
N GLN I 95 -9.29 22.39 8.03
CA GLN I 95 -8.23 21.44 7.68
C GLN I 95 -7.56 21.68 6.32
N GLU I 101 -2.55 17.56 -3.46
CA GLU I 101 -3.77 17.20 -4.18
C GLU I 101 -4.21 18.32 -5.17
N ASP I 102 -4.58 19.49 -4.63
CA ASP I 102 -5.10 20.62 -5.43
C ASP I 102 -4.06 21.71 -5.76
N ASP I 103 -4.42 22.56 -6.74
CA ASP I 103 -3.68 23.78 -7.07
C ASP I 103 -3.53 24.68 -5.85
N LEU I 104 -4.65 24.93 -5.18
CA LEU I 104 -4.72 25.81 -4.04
C LEU I 104 -5.42 25.12 -2.89
N GLU I 105 -5.21 25.64 -1.70
CA GLU I 105 -5.95 25.19 -0.53
C GLU I 105 -7.44 25.39 -0.77
N SER I 106 -8.25 24.46 -0.27
CA SER I 106 -9.68 24.58 -0.35
C SER I 106 -10.21 25.23 0.92
N SER I 107 -11.20 26.10 0.77
CA SER I 107 -11.94 26.64 1.89
C SER I 107 -13.15 25.73 2.21
N ARG I 108 -13.37 24.67 1.42
CA ARG I 108 -14.37 23.63 1.73
C ARG I 108 -15.84 24.02 1.59
N MET I 109 -16.14 25.29 1.28
CA MET I 109 -17.53 25.70 1.07
C MET I 109 -17.64 26.53 -0.21
N ASP I 110 -18.76 26.37 -0.90
CA ASP I 110 -19.13 27.19 -2.04
C ASP I 110 -20.26 28.14 -1.58
N VAL I 111 -20.10 29.44 -1.81
CA VAL I 111 -21.15 30.39 -1.49
C VAL I 111 -21.68 31.15 -2.71
N LEU I 112 -22.93 31.61 -2.60
CA LEU I 112 -23.52 32.52 -3.56
C LEU I 112 -23.80 33.80 -2.82
N ILE I 113 -23.60 34.93 -3.47
CA ILE I 113 -23.76 36.25 -2.84
C ILE I 113 -24.70 37.13 -3.66
N ALA I 114 -25.78 37.58 -3.03
CA ALA I 114 -26.72 38.48 -3.67
C ALA I 114 -26.62 39.85 -3.01
N ASN I 115 -26.48 40.89 -3.81
CA ASN I 115 -26.74 42.25 -3.33
C ASN I 115 -27.19 43.13 -4.47
N PRO I 116 -27.50 44.40 -4.17
CA PRO I 116 -28.12 45.14 -5.25
C PRO I 116 -27.19 45.44 -6.41
N ARG I 117 -25.87 45.34 -6.22
CA ARG I 117 -24.96 45.59 -7.33
C ARG I 117 -24.75 44.40 -8.27
N GLY I 118 -25.23 43.21 -7.90
CA GLY I 118 -25.10 42.03 -8.76
C GLY I 118 -25.20 40.69 -8.03
N ILE I 119 -25.14 39.61 -8.81
CA ILE I 119 -25.10 38.27 -8.25
C ILE I 119 -23.73 37.64 -8.45
N PHE I 120 -23.21 37.02 -7.38
CA PHE I 120 -21.85 36.50 -7.39
C PHE I 120 -21.75 35.10 -6.78
N GLY I 121 -20.63 34.43 -7.06
CA GLY I 121 -20.31 33.15 -6.44
C GLY I 121 -18.86 33.09 -5.98
N VAL I 122 -18.59 32.32 -4.94
CA VAL I 122 -17.23 32.04 -4.54
C VAL I 122 -17.11 30.54 -4.26
N ALA I 123 -16.43 29.83 -5.16
CA ALA I 123 -16.19 28.39 -4.99
C ALA I 123 -15.16 28.08 -3.92
N ALA I 124 -15.09 26.81 -3.52
CA ALA I 124 -14.20 26.36 -2.46
C ALA I 124 -12.75 26.84 -2.64
N HIS I 125 -12.31 26.93 -3.89
CA HIS I 125 -10.93 27.31 -4.16
C HIS I 125 -10.75 28.84 -4.35
N ARG I 126 -11.68 29.63 -3.82
CA ARG I 126 -11.70 31.10 -3.94
C ARG I 126 -11.86 31.64 -5.36
N THR I 127 -12.56 30.87 -6.18
CA THR I 127 -12.91 31.28 -7.54
C THR I 127 -14.13 32.21 -7.50
N VAL I 128 -13.86 33.51 -7.48
CA VAL I 128 -14.91 34.53 -7.49
C VAL I 128 -15.44 34.74 -8.92
N GLN I 129 -16.75 34.64 -9.07
CA GLN I 129 -17.38 34.79 -10.36
C GLN I 129 -18.58 35.70 -10.24
N GLU I 130 -18.76 36.63 -11.18
CA GLU I 130 -20.03 37.31 -11.31
C GLU I 130 -20.85 36.55 -12.31
N PHE I 131 -22.14 36.36 -12.03
CA PHE I 131 -23.03 35.64 -12.94
C PHE I 131 -23.99 36.59 -13.62
N SER I 132 -24.40 36.23 -14.84
CA SER I 132 -25.25 37.06 -15.69
C SER I 132 -26.74 36.68 -15.69
N LYS I 133 -27.06 35.41 -15.39
CA LYS I 133 -28.42 34.92 -15.50
C LYS I 133 -28.83 34.22 -14.22
N PHE I 134 -28.24 33.05 -13.98
CA PHE I 134 -28.43 32.31 -12.75
C PHE I 134 -27.27 31.38 -12.51
N TYR I 135 -27.18 30.86 -11.28
CA TYR I 135 -26.30 29.74 -10.99
C TYR I 135 -26.73 29.00 -9.72
N ALA I 136 -26.09 27.86 -9.46
CA ALA I 136 -26.34 27.06 -8.26
C ALA I 136 -25.06 26.38 -7.75
N TYR I 137 -24.99 26.21 -6.43
CA TYR I 137 -23.92 25.43 -5.79
C TYR I 137 -24.50 24.40 -4.84
N GLY I 138 -23.60 23.57 -4.32
CA GLY I 138 -23.97 22.44 -3.49
C GLY I 138 -24.12 21.21 -4.35
N SER I 139 -24.29 20.06 -3.70
CA SER I 139 -24.46 18.80 -4.39
C SER I 139 -25.74 18.78 -5.19
N GLY I 140 -26.67 19.65 -4.83
CA GLY I 140 -27.94 19.74 -5.54
C GLY I 140 -27.93 20.52 -6.84
N SER I 141 -26.83 21.20 -7.14
CA SER I 141 -26.83 22.23 -8.19
C SER I 141 -27.08 21.74 -9.62
N PRO I 142 -26.67 20.53 -9.96
CA PRO I 142 -26.97 20.08 -11.32
C PRO I 142 -28.48 20.09 -11.63
N TYR I 143 -29.27 19.65 -10.65
CA TYR I 143 -30.72 19.60 -10.78
C TYR I 143 -31.26 21.02 -10.86
N ALA I 144 -30.76 21.88 -9.96
CA ALA I 144 -31.16 23.29 -9.91
C ALA I 144 -30.85 23.98 -11.24
N LEU I 145 -29.66 23.74 -11.75
CA LEU I 145 -29.23 24.29 -13.03
C LEU I 145 -30.15 23.89 -14.18
N GLY I 146 -30.47 22.59 -14.28
CA GLY I 146 -31.42 22.10 -15.27
C GLY I 146 -32.77 22.77 -15.16
N ALA I 147 -33.32 22.80 -13.94
CA ALA I 147 -34.62 23.44 -13.70
C ALA I 147 -34.63 24.90 -14.11
N MET I 148 -33.68 25.65 -13.57
CA MET I 148 -33.61 27.08 -13.84
C MET I 148 -33.37 27.35 -15.32
N TYR I 149 -32.60 26.49 -15.98
CA TYR I 149 -32.43 26.57 -17.44
C TYR I 149 -33.77 26.40 -18.18
N ALA I 150 -34.55 25.41 -17.76
CA ALA I 150 -35.85 25.19 -18.38
C ALA I 150 -36.80 26.40 -18.19
N ALA I 151 -36.76 27.02 -17.03
CA ALA I 151 -37.76 27.99 -16.61
C ALA I 151 -37.36 29.45 -16.76
N TYR I 152 -36.07 29.73 -16.89
CA TYR I 152 -35.57 31.10 -16.76
C TYR I 152 -36.30 32.12 -17.63
N ARG I 153 -36.65 31.73 -18.86
CA ARG I 153 -37.30 32.65 -19.79
C ARG I 153 -38.83 32.56 -19.79
N ALA I 154 -39.40 31.72 -18.94
CA ALA I 154 -40.85 31.71 -18.76
C ALA I 154 -41.30 33.02 -18.11
N PRO I 155 -42.11 33.83 -18.82
CA PRO I 155 -42.51 35.14 -18.29
C PRO I 155 -43.38 35.09 -17.03
N SER I 156 -44.02 33.95 -16.78
CA SER I 156 -44.81 33.76 -15.56
C SER I 156 -43.98 33.51 -14.28
N LEU I 157 -42.67 33.34 -14.43
CA LEU I 157 -41.78 33.14 -13.28
C LEU I 157 -40.83 34.32 -13.16
N ASP I 158 -40.79 34.96 -11.99
CA ASP I 158 -39.84 36.06 -11.78
C ASP I 158 -38.58 35.46 -11.20
N ALA I 159 -37.59 36.31 -10.90
CA ALA I 159 -36.31 35.83 -10.38
C ALA I 159 -36.48 34.92 -9.17
N GLU I 160 -37.35 35.32 -8.23
CA GLU I 160 -37.60 34.52 -7.02
C GLU I 160 -38.19 33.15 -7.36
N ALA I 161 -39.16 33.09 -8.27
CA ALA I 161 -39.80 31.84 -8.66
C ALA I 161 -38.82 30.87 -9.32
N VAL I 162 -37.88 31.41 -10.10
CA VAL I 162 -36.83 30.57 -10.72
C VAL I 162 -35.90 30.00 -9.64
N ALA I 163 -35.40 30.87 -8.77
CA ALA I 163 -34.48 30.46 -7.71
C ALA I 163 -35.05 29.34 -6.85
N ARG I 164 -36.32 29.50 -6.43
CA ARG I 164 -37.03 28.51 -5.60
C ARG I 164 -37.23 27.18 -6.33
N LEU I 165 -37.61 27.25 -7.59
CA LEU I 165 -37.80 26.07 -8.43
C LEU I 165 -36.50 25.28 -8.55
N GLY I 166 -35.37 25.99 -8.66
CA GLY I 166 -34.08 25.32 -8.71
C GLY I 166 -33.89 24.44 -7.50
N VAL I 167 -34.19 24.97 -6.31
CA VAL I 167 -34.04 24.22 -5.06
C VAL I 167 -35.06 23.08 -4.95
N MET I 168 -36.27 23.30 -5.46
CA MET I 168 -37.32 22.29 -5.37
C MET I 168 -36.97 21.07 -6.21
N ALA I 169 -36.44 21.33 -7.40
CA ALA I 169 -35.94 20.31 -8.31
C ALA I 169 -34.92 19.42 -7.64
N ALA I 170 -33.96 20.05 -6.99
CA ALA I 170 -32.92 19.35 -6.25
C ALA I 170 -33.50 18.47 -5.15
N ALA I 171 -34.43 19.02 -4.35
CA ALA I 171 -35.03 18.30 -3.20
C ALA I 171 -35.95 17.15 -3.61
N GLU I 172 -36.42 17.21 -4.84
CA GLU I 172 -37.25 16.18 -5.37
C GLU I 172 -36.40 14.94 -5.59
N PHE I 173 -35.14 15.14 -5.99
CA PHE I 173 -34.33 14.06 -6.53
C PHE I 173 -33.04 13.73 -5.78
N HIS I 174 -32.61 14.57 -4.84
CA HIS I 174 -31.33 14.30 -4.19
C HIS I 174 -31.47 14.29 -2.68
N ASP I 175 -30.74 13.39 -2.03
CA ASP I 175 -30.94 13.15 -0.60
C ASP I 175 -30.23 14.10 0.34
N GLU I 176 -29.50 15.07 -0.19
CA GLU I 176 -28.85 16.11 0.64
C GLU I 176 -29.54 17.48 0.54
N SER I 177 -30.75 17.49 -0.01
CA SER I 177 -31.55 18.69 -0.09
C SER I 177 -32.99 18.35 0.32
N GLY I 178 -33.62 19.30 1.01
CA GLY I 178 -35.00 19.08 1.45
C GLY I 178 -35.72 20.37 1.75
N LEU I 179 -37.04 20.33 1.56
CA LEU I 179 -37.90 21.49 1.77
C LEU I 179 -38.15 21.65 3.26
N PRO I 180 -38.55 22.86 3.71
CA PRO I 180 -38.86 24.04 2.88
C PRO I 180 -37.67 24.73 2.20
N VAL I 181 -38.01 25.50 1.17
CA VAL I 181 -37.10 26.41 0.52
C VAL I 181 -37.23 27.75 1.18
N GLN I 182 -36.11 28.40 1.38
CA GLN I 182 -36.11 29.81 1.73
C GLN I 182 -35.60 30.60 0.57
N SER I 183 -36.09 31.83 0.45
CA SER I 183 -35.60 32.74 -0.57
C SER I 183 -35.66 34.19 -0.11
N PHE I 184 -34.91 35.02 -0.81
CA PHE I 184 -34.96 36.47 -0.63
C PHE I 184 -34.80 37.13 -2.00
N VAL I 185 -35.46 38.27 -2.18
CA VAL I 185 -35.41 38.99 -3.43
C VAL I 185 -35.08 40.44 -3.11
N MET I 186 -34.36 41.10 -4.01
CA MET I 186 -34.10 42.52 -3.85
C MET I 186 -34.02 43.21 -5.20
N GLU I 187 -33.95 44.53 -5.17
CA GLU I 187 -33.87 45.34 -6.38
C GLU I 187 -32.41 45.41 -6.82
N LEU I 188 -32.20 45.33 -8.13
CA LEU I 188 -30.93 45.68 -8.74
C LEU I 188 -30.72 47.19 -8.64
N SER I 189 -29.48 47.62 -8.39
CA SER I 189 -29.18 49.04 -8.25
C SER I 189 -28.90 49.68 -9.61
N PRO I 190 -29.23 50.98 -9.76
CA PRO I 190 -28.84 51.74 -10.96
C PRO I 190 -27.48 52.42 -10.79
N THR J 1 -8.70 24.77 -20.62
CA THR J 1 -8.22 26.12 -20.99
C THR J 1 -7.21 26.04 -22.13
N THR J 2 -7.34 26.97 -23.09
CA THR J 2 -6.34 27.16 -24.12
C THR J 2 -5.89 28.61 -24.16
N VAL J 3 -4.59 28.85 -24.18
CA VAL J 3 -4.06 30.19 -24.45
C VAL J 3 -3.00 30.12 -25.55
N THR J 4 -3.14 31.02 -26.53
CA THR J 4 -2.24 31.08 -27.66
C THR J 4 -1.57 32.46 -27.73
N ILE J 5 -0.41 32.49 -28.35
CA ILE J 5 0.33 33.73 -28.50
C ILE J 5 1.07 33.63 -29.82
N VAL J 6 1.13 34.73 -30.57
CA VAL J 6 1.61 34.70 -31.94
C VAL J 6 2.34 35.98 -32.31
N ARG J 7 3.44 35.82 -33.04
CA ARG J 7 4.27 36.93 -33.50
C ARG J 7 4.47 36.78 -35.01
N LYS J 8 4.02 37.77 -35.78
CA LYS J 8 4.02 37.68 -37.24
C LYS J 8 3.94 39.05 -37.90
N ASP J 9 4.96 39.38 -38.70
CA ASP J 9 4.99 40.58 -39.53
C ASP J 9 4.91 41.89 -38.75
N GLY J 10 5.60 41.96 -37.62
CA GLY J 10 5.58 43.15 -36.79
C GLY J 10 4.31 43.32 -35.96
N ARG J 11 3.47 42.28 -35.88
CA ARG J 11 2.32 42.29 -35.01
C ARG J 11 2.45 41.19 -33.95
N ILE J 12 1.90 41.45 -32.77
CA ILE J 12 1.90 40.49 -31.68
C ILE J 12 0.46 40.36 -31.19
N ALA J 13 -0.02 39.12 -31.10
CA ALA J 13 -1.36 38.86 -30.64
C ALA J 13 -1.36 37.78 -29.56
N ILE J 14 -2.44 37.74 -28.78
CA ILE J 14 -2.60 36.80 -27.69
C ILE J 14 -4.09 36.42 -27.57
N ALA J 15 -4.38 35.15 -27.31
CA ALA J 15 -5.77 34.69 -27.31
C ALA J 15 -6.02 33.60 -26.29
N ALA J 16 -7.27 33.54 -25.84
CA ALA J 16 -7.69 32.61 -24.81
C ALA J 16 -9.14 32.20 -25.08
N ASP J 17 -9.53 30.99 -24.64
CA ASP J 17 -10.94 30.61 -24.65
C ASP J 17 -11.64 31.26 -23.46
N THR J 18 -12.92 30.99 -23.25
CA THR J 18 -13.64 31.66 -22.15
C THR J 18 -14.36 30.74 -21.17
N LEU J 19 -14.28 29.43 -21.42
CA LEU J 19 -14.98 28.43 -20.65
C LEU J 19 -14.23 28.09 -19.39
N THR J 20 -14.94 28.10 -18.26
CA THR J 20 -14.42 27.61 -16.98
C THR J 20 -15.12 26.27 -16.61
N LYS J 21 -14.41 25.41 -15.89
CA LYS J 21 -14.89 24.08 -15.56
C LYS J 21 -15.00 23.89 -14.06
N TRP J 22 -16.06 23.22 -13.65
CA TRP J 22 -16.29 22.83 -12.27
C TRP J 22 -16.63 21.33 -12.29
N GLY J 23 -15.60 20.51 -12.11
CA GLY J 23 -15.69 19.07 -12.39
C GLY J 23 -15.94 18.91 -13.87
N GLY J 24 -16.95 18.09 -14.22
CA GLY J 24 -17.45 18.00 -15.60
C GLY J 24 -18.38 19.14 -16.00
N GLY J 25 -18.83 19.91 -15.01
CA GLY J 25 -19.71 21.05 -15.25
C GLY J 25 -19.03 22.18 -16.02
N LYS J 26 -19.79 22.76 -16.97
CA LYS J 26 -19.33 23.86 -17.81
C LYS J 26 -19.89 25.17 -17.31
N GLU J 27 -19.11 26.24 -17.49
CA GLU J 27 -19.48 27.56 -17.02
C GLU J 27 -19.13 28.59 -18.11
N SER J 28 -19.98 28.68 -19.12
CA SER J 28 -19.61 29.42 -20.34
C SER J 28 -19.69 30.93 -20.12
N ALA J 29 -19.20 31.69 -21.09
CA ALA J 29 -19.25 33.15 -21.03
C ALA J 29 -20.70 33.64 -21.04
N ASP J 30 -21.61 32.79 -21.46
CA ASP J 30 -23.03 33.08 -21.36
C ASP J 30 -23.51 33.20 -19.91
N TYR J 31 -22.86 32.51 -18.99
CA TYR J 31 -23.27 32.49 -17.58
C TYR J 31 -22.35 33.25 -16.66
N VAL J 32 -21.07 33.36 -17.00
CA VAL J 32 -20.13 34.06 -16.16
C VAL J 32 -19.74 35.37 -16.80
N ALA J 33 -20.00 36.46 -16.10
CA ALA J 33 -19.65 37.80 -16.61
C ALA J 33 -18.14 38.00 -16.74
N ASN J 34 -17.40 37.58 -15.72
CA ASN J 34 -15.95 37.73 -15.71
C ASN J 34 -15.26 36.48 -16.25
N HIS J 35 -15.46 36.22 -17.53
CA HIS J 35 -15.04 34.95 -18.16
C HIS J 35 -13.69 35.03 -18.85
N GLU J 36 -13.07 36.21 -18.78
CA GLU J 36 -11.81 36.53 -19.46
C GLU J 36 -10.70 35.83 -18.73
N LYS J 37 -9.78 35.23 -19.49
CA LYS J 37 -8.62 34.57 -18.91
C LYS J 37 -7.33 35.36 -19.11
N ILE J 38 -7.43 36.49 -19.80
CA ILE J 38 -6.28 37.36 -20.04
C ILE J 38 -6.43 38.58 -19.17
N ILE J 39 -5.36 39.00 -18.54
CA ILE J 39 -5.33 40.25 -17.80
C ILE J 39 -4.31 41.20 -18.36
N ARG J 40 -4.45 42.45 -17.98
CA ARG J 40 -3.56 43.48 -18.39
C ARG J 40 -2.62 43.70 -17.24
N VAL J 41 -1.31 43.70 -17.51
CA VAL J 41 -0.32 44.05 -16.49
C VAL J 41 0.67 45.04 -17.12
N GLY J 42 0.48 46.32 -16.82
CA GLY J 42 1.19 47.37 -17.52
C GLY J 42 0.78 47.29 -18.98
N ASP J 43 1.74 47.42 -19.88
CA ASP J 43 1.45 47.27 -21.30
C ASP J 43 1.69 45.83 -21.78
N SER J 44 1.69 44.87 -20.85
CA SER J 44 1.71 43.45 -21.17
C SER J 44 0.33 42.86 -21.02
N TYR J 45 0.05 41.84 -21.83
CA TYR J 45 -1.14 41.02 -21.67
C TYR J 45 -0.69 39.66 -21.24
N VAL J 46 -1.32 39.14 -20.19
CA VAL J 46 -0.89 37.91 -19.56
C VAL J 46 -2.08 36.92 -19.54
N ALA J 47 -1.97 35.85 -20.32
CA ALA J 47 -3.03 34.83 -20.46
C ALA J 47 -2.71 33.70 -19.53
N ILE J 48 -3.67 33.32 -18.70
CA ILE J 48 -3.44 32.40 -17.58
C ILE J 48 -4.20 31.06 -17.73
N THR J 49 -3.55 29.96 -17.37
CA THR J 49 -4.19 28.65 -17.34
C THR J 49 -4.03 28.07 -15.94
N GLY J 50 -4.75 26.99 -15.67
CA GLY J 50 -4.82 26.42 -14.33
C GLY J 50 -6.06 26.95 -13.65
N SER J 51 -6.09 26.93 -12.32
CA SER J 51 -7.28 27.36 -11.58
C SER J 51 -7.78 28.73 -12.00
N ALA J 52 -9.10 28.84 -12.10
CA ALA J 52 -9.75 30.12 -12.47
C ALA J 52 -9.49 31.20 -11.43
N THR J 53 -8.99 30.80 -10.27
CA THR J 53 -8.63 31.70 -9.21
C THR J 53 -7.33 32.47 -9.49
N PHE J 54 -6.51 31.98 -10.42
CA PHE J 54 -5.18 32.56 -10.60
C PHE J 54 -5.22 33.97 -11.18
N LYS J 55 -6.18 34.24 -12.06
CA LYS J 55 -6.33 35.58 -12.62
C LYS J 55 -6.73 36.60 -11.56
N LEU J 56 -7.41 36.14 -10.52
CA LEU J 56 -7.73 36.99 -9.39
C LEU J 56 -6.48 37.21 -8.55
N ILE J 57 -5.74 36.12 -8.32
CA ILE J 57 -4.51 36.21 -7.53
C ILE J 57 -3.54 37.15 -8.22
N LEU J 58 -3.35 36.96 -9.52
CA LEU J 58 -2.33 37.73 -10.23
C LEU J 58 -2.69 39.22 -10.30
N ALA J 59 -3.93 39.53 -10.71
CA ALA J 59 -4.36 40.92 -10.78
C ALA J 59 -4.11 41.55 -9.43
N ASP J 60 -4.48 40.83 -8.37
CA ASP J 60 -4.34 41.32 -7.01
C ASP J 60 -2.88 41.53 -6.64
N TYR J 61 -2.04 40.55 -6.94
CA TYR J 61 -0.62 40.65 -6.64
C TYR J 61 0.05 41.85 -7.32
N PHE J 62 -0.13 41.95 -8.64
CA PHE J 62 0.55 42.98 -9.42
C PHE J 62 0.06 44.39 -9.07
N ALA J 63 -1.26 44.52 -8.90
CA ALA J 63 -1.84 45.76 -8.45
C ALA J 63 -1.26 46.22 -7.11
N SER J 64 -0.86 45.27 -6.27
CA SER J 64 -0.32 45.61 -4.95
C SER J 64 1.17 46.02 -4.93
N LEU J 65 1.90 45.81 -6.04
CA LEU J 65 3.30 46.25 -6.15
C LEU J 65 3.41 47.77 -6.39
N ASP J 66 4.53 48.36 -5.98
CA ASP J 66 4.82 49.80 -6.18
C ASP J 66 4.52 50.29 -7.60
N GLU J 67 4.98 49.53 -8.60
CA GLU J 67 4.60 49.74 -9.99
C GLU J 67 4.41 48.40 -10.72
N PRO J 68 3.85 48.42 -11.94
CA PRO J 68 3.72 47.18 -12.69
C PRO J 68 5.08 46.66 -13.16
N PRO J 69 5.27 45.33 -13.08
CA PRO J 69 6.57 44.74 -13.36
C PRO J 69 6.95 44.82 -14.83
N GLN J 70 8.25 44.82 -15.10
CA GLN J 70 8.75 44.73 -16.47
C GLN J 70 8.73 43.26 -16.87
N LEU J 71 8.02 42.95 -17.95
CA LEU J 71 7.86 41.57 -18.39
C LEU J 71 8.33 41.40 -19.84
N ASP J 72 9.47 42.01 -20.16
CA ASP J 72 9.89 42.12 -21.55
C ASP J 72 11.26 41.53 -21.84
N SER J 73 11.76 40.72 -20.93
CA SER J 73 12.97 39.94 -21.16
C SER J 73 12.90 38.69 -20.31
N VAL J 74 13.42 37.61 -20.85
CA VAL J 74 13.47 36.32 -20.14
C VAL J 74 13.97 36.45 -18.69
N ALA J 75 15.08 37.18 -18.52
CA ALA J 75 15.70 37.35 -17.20
C ALA J 75 14.80 38.11 -16.26
N ARG J 76 14.13 39.15 -16.77
CA ARG J 76 13.26 39.99 -15.95
C ARG J 76 12.00 39.23 -15.58
N ILE J 77 11.42 38.55 -16.54
CA ILE J 77 10.22 37.75 -16.28
C ILE J 77 10.53 36.69 -15.24
N PHE J 78 11.70 36.07 -15.35
CA PHE J 78 12.09 35.08 -14.35
C PHE J 78 12.10 35.63 -12.93
N CYS J 79 12.74 36.79 -12.71
CA CYS J 79 12.85 37.38 -11.36
C CYS J 79 11.48 37.65 -10.77
N VAL J 80 10.62 38.23 -11.60
CA VAL J 80 9.25 38.53 -11.25
C VAL J 80 8.55 37.26 -10.81
N TRP J 81 8.61 36.22 -11.63
CA TRP J 81 7.89 34.98 -11.29
C TRP J 81 8.45 34.23 -10.08
N ASN J 82 9.77 34.28 -9.90
CA ASN J 82 10.37 33.64 -8.74
C ASN J 82 9.89 34.29 -7.45
N THR J 83 9.82 35.63 -7.47
CA THR J 83 9.29 36.41 -6.36
C THR J 83 7.78 36.19 -6.21
N LEU J 84 7.05 36.18 -7.32
CA LEU J 84 5.64 35.79 -7.32
C LEU J 84 5.38 34.42 -6.67
N HIS J 85 6.24 33.44 -6.94
CA HIS J 85 5.98 32.09 -6.41
C HIS J 85 6.00 32.07 -4.88
N GLY J 86 6.86 32.90 -4.27
CA GLY J 86 6.91 33.04 -2.81
C GLY J 86 5.62 33.60 -2.24
N ALA J 87 4.99 34.47 -3.02
CA ALA J 87 3.76 35.15 -2.63
C ALA J 87 2.56 34.22 -2.82
N LEU J 88 2.57 33.44 -3.89
CA LEU J 88 1.55 32.39 -4.07
C LEU J 88 1.52 31.50 -2.83
N LYS J 89 2.69 31.04 -2.41
CA LYS J 89 2.81 30.23 -1.20
C LYS J 89 2.45 30.97 0.10
N GLU J 90 3.00 32.15 0.31
CA GLU J 90 2.80 32.85 1.58
C GLU J 90 1.43 33.52 1.74
N HIS J 91 0.90 34.13 0.67
CA HIS J 91 -0.30 34.96 0.79
C HIS J 91 -1.57 34.41 0.14
N TYR J 92 -1.45 33.50 -0.83
CA TYR J 92 -2.63 33.04 -1.59
C TYR J 92 -2.87 31.54 -1.52
N TYR J 93 -2.17 30.90 -0.59
CA TYR J 93 -2.44 29.52 -0.21
C TYR J 93 -2.31 28.53 -1.38
N LEU J 94 -1.19 28.63 -2.07
CA LEU J 94 -0.78 27.63 -3.05
C LEU J 94 -0.25 26.42 -2.29
N GLN J 95 -0.57 25.21 -2.79
CA GLN J 95 0.02 23.98 -2.27
C GLN J 95 1.24 23.50 -3.08
N GLU J 101 8.49 14.59 -6.17
CA GLU J 101 8.43 14.17 -7.57
C GLU J 101 9.26 15.10 -8.47
N ASP J 102 8.89 16.38 -8.50
CA ASP J 102 9.45 17.35 -9.44
C ASP J 102 10.81 17.90 -9.03
N ASP J 103 11.57 18.39 -10.01
CA ASP J 103 12.82 19.11 -9.77
C ASP J 103 12.62 20.35 -8.89
N LEU J 104 11.73 21.23 -9.33
CA LEU J 104 11.40 22.47 -8.62
C LEU J 104 9.95 22.48 -8.22
N GLU J 105 9.60 23.38 -7.30
CA GLU J 105 8.21 23.56 -6.93
C GLU J 105 7.46 24.06 -8.14
N SER J 106 6.20 23.69 -8.21
CA SER J 106 5.33 24.15 -9.27
C SER J 106 4.63 25.43 -8.81
N SER J 107 4.43 26.34 -9.75
CA SER J 107 3.57 27.47 -9.50
C SER J 107 2.15 27.16 -9.95
N ARG J 108 1.95 25.98 -10.54
CA ARG J 108 0.63 25.42 -10.86
C ARG J 108 -0.14 26.14 -11.95
N MET J 109 0.57 26.80 -12.84
CA MET J 109 -0.05 27.75 -13.72
C MET J 109 0.93 27.94 -14.88
N ASP J 110 0.40 27.93 -16.10
CA ASP J 110 1.19 28.14 -17.33
C ASP J 110 0.64 29.41 -17.94
N VAL J 111 1.50 30.42 -18.13
CA VAL J 111 1.06 31.70 -18.70
C VAL J 111 1.81 32.05 -19.99
N LEU J 112 1.15 32.88 -20.82
CA LEU J 112 1.77 33.52 -21.97
C LEU J 112 1.73 35.03 -21.76
N ILE J 113 2.80 35.71 -22.14
CA ILE J 113 2.95 37.15 -21.91
C ILE J 113 3.22 37.82 -23.25
N ALA J 114 2.34 38.71 -23.67
CA ALA J 114 2.51 39.43 -24.91
C ALA J 114 2.72 40.89 -24.59
N ASN J 115 3.68 41.53 -25.25
CA ASN J 115 3.86 42.99 -25.13
C ASN J 115 4.59 43.54 -26.35
N PRO J 116 4.71 44.87 -26.45
CA PRO J 116 5.36 45.40 -27.63
C PRO J 116 6.82 44.97 -27.84
N ARG J 117 7.44 44.37 -26.83
CA ARG J 117 8.85 43.98 -26.94
C ARG J 117 9.11 42.50 -27.13
N GLY J 118 8.08 41.65 -27.17
CA GLY J 118 8.24 40.22 -27.52
C GLY J 118 7.06 39.33 -27.15
N ILE J 119 7.18 38.04 -27.38
CA ILE J 119 6.20 37.10 -26.84
C ILE J 119 6.90 36.11 -25.95
N PHE J 120 6.33 35.86 -24.78
CA PHE J 120 6.96 34.99 -23.81
C PHE J 120 5.98 33.97 -23.23
N GLY J 121 6.54 33.04 -22.47
CA GLY J 121 5.75 32.12 -21.68
C GLY J 121 6.50 31.74 -20.44
N VAL J 122 5.77 31.52 -19.34
CA VAL J 122 6.35 31.00 -18.12
C VAL J 122 5.58 29.76 -17.76
N ALA J 123 6.23 28.61 -17.86
CA ALA J 123 5.57 27.36 -17.50
C ALA J 123 5.49 27.26 -15.99
N ALA J 124 4.73 26.26 -15.52
CA ALA J 124 4.47 26.03 -14.09
C ALA J 124 5.74 25.92 -13.25
N HIS J 125 6.82 25.41 -13.82
CA HIS J 125 8.07 25.27 -13.09
C HIS J 125 9.01 26.43 -13.34
N ARG J 126 8.42 27.60 -13.62
CA ARG J 126 9.12 28.87 -13.88
C ARG J 126 10.12 28.83 -15.04
N THR J 127 9.81 28.01 -16.03
CA THR J 127 10.55 27.95 -17.28
C THR J 127 10.11 29.09 -18.19
N VAL J 128 10.94 30.12 -18.25
CA VAL J 128 10.66 31.33 -19.02
C VAL J 128 11.26 31.21 -20.41
N GLN J 129 10.40 31.36 -21.41
CA GLN J 129 10.81 31.20 -22.78
C GLN J 129 10.38 32.40 -23.57
N GLU J 130 11.18 32.80 -24.55
CA GLU J 130 10.73 33.76 -25.54
C GLU J 130 10.43 32.97 -26.78
N PHE J 131 9.27 33.19 -27.36
CA PHE J 131 8.90 32.47 -28.58
C PHE J 131 9.15 33.38 -29.76
N SER J 132 9.46 32.75 -30.89
CA SER J 132 9.80 33.46 -32.11
C SER J 132 8.67 33.44 -33.12
N LYS J 133 7.75 32.48 -33.03
CA LYS J 133 6.62 32.38 -33.97
C LYS J 133 5.31 32.37 -33.21
N PHE J 134 4.96 31.21 -32.65
CA PHE J 134 3.76 31.04 -31.84
C PHE J 134 3.93 29.95 -30.78
N TYR J 135 3.08 29.98 -29.77
CA TYR J 135 2.99 28.89 -28.81
C TYR J 135 1.62 28.86 -28.13
N ALA J 136 1.36 27.77 -27.41
CA ALA J 136 0.11 27.56 -26.71
C ALA J 136 0.35 26.88 -25.35
N TYR J 137 -0.44 27.24 -24.35
CA TYR J 137 -0.49 26.52 -23.07
C TYR J 137 -1.91 26.11 -22.71
N GLY J 138 -2.01 25.25 -21.71
CA GLY J 138 -3.29 24.75 -21.25
C GLY J 138 -3.61 23.41 -21.92
N SER J 139 -4.60 22.70 -21.40
CA SER J 139 -4.93 21.36 -21.88
C SER J 139 -5.29 21.35 -23.35
N GLY J 140 -5.80 22.46 -23.88
CA GLY J 140 -6.10 22.54 -25.30
C GLY J 140 -4.94 22.84 -26.24
N SER J 141 -3.71 23.00 -25.71
CA SER J 141 -2.61 23.53 -26.51
C SER J 141 -2.14 22.70 -27.72
N PRO J 142 -2.23 21.37 -27.65
CA PRO J 142 -1.83 20.56 -28.83
C PRO J 142 -2.67 20.88 -30.07
N TYR J 143 -3.97 21.00 -29.86
CA TYR J 143 -4.90 21.36 -30.91
C TYR J 143 -4.50 22.73 -31.44
N ALA J 144 -4.28 23.67 -30.52
CA ALA J 144 -3.86 25.02 -30.89
C ALA J 144 -2.56 25.06 -31.68
N LEU J 145 -1.60 24.24 -31.28
CA LEU J 145 -0.32 24.17 -31.96
C LEU J 145 -0.48 23.59 -33.34
N GLY J 146 -1.27 22.51 -33.47
CA GLY J 146 -1.57 21.93 -34.77
C GLY J 146 -2.18 22.96 -35.71
N ALA J 147 -3.22 23.64 -35.25
CA ALA J 147 -3.92 24.61 -36.07
C ALA J 147 -3.02 25.76 -36.47
N MET J 148 -2.32 26.33 -35.51
CA MET J 148 -1.50 27.51 -35.79
C MET J 148 -0.31 27.11 -36.68
N TYR J 149 0.17 25.88 -36.52
CA TYR J 149 1.17 25.36 -37.43
C TYR J 149 0.68 25.36 -38.88
N ALA J 150 -0.55 24.90 -39.11
CA ALA J 150 -1.10 24.83 -40.48
C ALA J 150 -1.36 26.23 -41.04
N ALA J 151 -1.71 27.17 -40.18
CA ALA J 151 -2.14 28.48 -40.60
C ALA J 151 -1.07 29.57 -40.48
N TYR J 152 0.00 29.35 -39.73
CA TYR J 152 0.91 30.46 -39.45
C TYR J 152 1.37 31.18 -40.70
N ARG J 153 1.68 30.45 -41.76
CA ARG J 153 2.29 31.05 -42.96
C ARG J 153 1.30 31.52 -44.03
N ALA J 154 0.00 31.44 -43.73
CA ALA J 154 -1.04 31.93 -44.63
C ALA J 154 -0.98 33.47 -44.67
N PRO J 155 -0.74 34.05 -45.86
CA PRO J 155 -0.69 35.52 -45.96
C PRO J 155 -1.95 36.20 -45.40
N SER J 156 -3.12 35.64 -45.69
CA SER J 156 -4.42 36.24 -45.33
C SER J 156 -4.72 36.35 -43.84
N LEU J 157 -3.99 35.62 -43.00
CA LEU J 157 -4.25 35.59 -41.56
C LEU J 157 -3.13 36.32 -40.81
N ASP J 158 -3.47 37.40 -40.11
CA ASP J 158 -2.47 38.16 -39.35
C ASP J 158 -2.22 37.45 -38.01
N ALA J 159 -1.35 38.03 -37.19
CA ALA J 159 -1.03 37.44 -35.90
C ALA J 159 -2.30 37.07 -35.14
N GLU J 160 -3.26 38.00 -35.07
CA GLU J 160 -4.48 37.78 -34.30
C GLU J 160 -5.41 36.69 -34.87
N ALA J 161 -5.48 36.59 -36.19
CA ALA J 161 -6.32 35.59 -36.80
C ALA J 161 -5.75 34.23 -36.44
N VAL J 162 -4.43 34.10 -36.52
CA VAL J 162 -3.75 32.82 -36.23
C VAL J 162 -3.96 32.41 -34.77
N ALA J 163 -3.73 33.34 -33.86
CA ALA J 163 -3.94 33.10 -32.44
C ALA J 163 -5.35 32.61 -32.12
N ARG J 164 -6.35 33.25 -32.72
CA ARG J 164 -7.75 32.93 -32.44
C ARG J 164 -8.11 31.55 -32.96
N LEU J 165 -7.59 31.24 -34.14
CA LEU J 165 -7.80 29.96 -34.77
C LEU J 165 -7.23 28.84 -33.89
N GLY J 166 -6.08 29.10 -33.27
CA GLY J 166 -5.54 28.18 -32.28
C GLY J 166 -6.54 27.82 -31.20
N VAL J 167 -7.20 28.84 -30.63
CA VAL J 167 -8.20 28.64 -29.58
C VAL J 167 -9.45 27.94 -30.14
N MET J 168 -9.86 28.31 -31.35
CA MET J 168 -11.04 27.71 -31.99
C MET J 168 -10.89 26.20 -32.13
N ALA J 169 -9.71 25.77 -32.60
CA ALA J 169 -9.37 24.38 -32.78
C ALA J 169 -9.45 23.60 -31.49
N ALA J 170 -8.93 24.21 -30.42
CA ALA J 170 -8.97 23.58 -29.10
C ALA J 170 -10.41 23.43 -28.66
N ALA J 171 -11.18 24.52 -28.79
CA ALA J 171 -12.58 24.52 -28.35
C ALA J 171 -13.43 23.55 -29.16
N GLU J 172 -13.03 23.32 -30.40
CA GLU J 172 -13.75 22.42 -31.27
C GLU J 172 -13.68 21.00 -30.75
N PHE J 173 -12.51 20.60 -30.24
CA PHE J 173 -12.23 19.20 -29.95
C PHE J 173 -11.98 18.85 -28.48
N HIS J 174 -11.80 19.84 -27.62
CA HIS J 174 -11.51 19.48 -26.24
C HIS J 174 -12.53 20.00 -25.24
N ASP J 175 -12.80 19.20 -24.20
CA ASP J 175 -13.92 19.46 -23.28
C ASP J 175 -13.65 20.49 -22.19
N GLU J 176 -12.45 21.10 -22.18
CA GLU J 176 -12.06 22.09 -21.21
C GLU J 176 -11.85 23.45 -21.87
N SER J 177 -12.15 23.56 -23.16
CA SER J 177 -12.11 24.85 -23.84
C SER J 177 -13.46 25.11 -24.51
N GLY J 178 -13.84 26.39 -24.60
CA GLY J 178 -15.12 26.74 -25.23
C GLY J 178 -15.14 28.15 -25.77
N LEU J 179 -15.89 28.35 -26.86
CA LEU J 179 -16.06 29.66 -27.46
C LEU J 179 -16.95 30.46 -26.51
N PRO J 180 -16.87 31.80 -26.57
CA PRO J 180 -16.10 32.66 -27.48
C PRO J 180 -14.60 32.76 -27.20
N VAL J 181 -13.88 33.20 -28.22
CA VAL J 181 -12.47 33.52 -28.08
C VAL J 181 -12.31 35.00 -27.73
N GLN J 182 -11.47 35.27 -26.74
CA GLN J 182 -10.98 36.61 -26.46
C GLN J 182 -9.60 36.78 -27.10
N SER J 183 -9.29 37.97 -27.61
CA SER J 183 -7.96 38.24 -28.13
C SER J 183 -7.57 39.72 -28.09
N PHE J 184 -6.26 39.97 -28.07
CA PHE J 184 -5.71 41.33 -28.13
C PHE J 184 -4.56 41.32 -29.13
N VAL J 185 -4.37 42.43 -29.85
CA VAL J 185 -3.27 42.55 -30.80
C VAL J 185 -2.54 43.87 -30.61
N MET J 186 -1.23 43.89 -30.88
CA MET J 186 -0.45 45.10 -30.73
C MET J 186 0.70 45.18 -31.72
N GLU J 187 1.31 46.36 -31.80
CA GLU J 187 2.45 46.60 -32.69
C GLU J 187 3.74 46.14 -32.03
N LEU J 188 4.65 45.59 -32.82
CA LEU J 188 5.98 45.26 -32.33
C LEU J 188 6.75 46.57 -32.22
N SER J 189 7.38 46.80 -31.07
CA SER J 189 8.19 48.00 -30.86
C SER J 189 9.40 47.99 -31.79
N PRO J 190 9.90 49.19 -32.17
CA PRO J 190 11.17 49.21 -32.91
C PRO J 190 12.35 48.86 -31.99
N ASP J 191 12.78 47.60 -32.05
CA ASP J 191 13.86 47.06 -31.20
C ASP J 191 15.00 46.49 -32.05
N THR K 1 17.99 15.85 -23.02
CA THR K 1 19.11 16.82 -23.18
C THR K 1 20.41 16.04 -23.39
N THR K 2 21.31 16.59 -24.21
CA THR K 2 22.68 16.10 -24.28
C THR K 2 23.63 17.27 -24.24
N VAL K 3 24.60 17.18 -23.33
CA VAL K 3 25.72 18.12 -23.26
C VAL K 3 27.01 17.32 -23.36
N THR K 4 27.99 17.85 -24.08
CA THR K 4 29.26 17.17 -24.24
C THR K 4 30.44 18.11 -23.97
N ILE K 5 31.55 17.51 -23.61
CA ILE K 5 32.73 18.26 -23.32
C ILE K 5 33.94 17.44 -23.76
N VAL K 6 34.89 18.13 -24.41
CA VAL K 6 36.01 17.45 -25.06
C VAL K 6 37.28 18.29 -24.95
N ARG K 7 38.37 17.56 -24.76
CA ARG K 7 39.69 18.08 -24.60
C ARG K 7 40.56 17.34 -25.60
N LYS K 8 41.10 18.03 -26.60
CA LYS K 8 41.92 17.34 -27.59
C LYS K 8 42.82 18.30 -28.33
N ASP K 9 44.08 17.91 -28.48
CA ASP K 9 45.10 18.67 -29.22
C ASP K 9 45.26 20.14 -28.77
N GLY K 10 45.36 20.36 -27.46
CA GLY K 10 45.56 21.71 -26.90
C GLY K 10 44.34 22.62 -26.98
N ARG K 11 43.19 22.03 -27.25
CA ARG K 11 41.93 22.74 -27.50
C ARG K 11 40.85 22.13 -26.61
N ILE K 12 39.93 22.95 -26.13
CA ILE K 12 38.83 22.48 -25.30
C ILE K 12 37.53 22.89 -25.96
N ALA K 13 36.59 21.96 -26.06
CA ALA K 13 35.29 22.25 -26.64
C ALA K 13 34.15 21.76 -25.76
N ILE K 14 32.99 22.35 -25.98
CA ILE K 14 31.80 22.05 -25.20
C ILE K 14 30.59 22.23 -26.11
N ALA K 15 29.63 21.30 -26.05
CA ALA K 15 28.46 21.38 -26.91
C ALA K 15 27.16 21.00 -26.20
N ALA K 16 26.04 21.29 -26.85
CA ALA K 16 24.74 20.95 -26.30
C ALA K 16 23.73 20.94 -27.41
N ASP K 17 22.69 20.11 -27.26
CA ASP K 17 21.56 20.18 -28.15
C ASP K 17 20.73 21.42 -27.74
N THR K 18 19.64 21.68 -28.44
CA THR K 18 18.86 22.89 -28.17
C THR K 18 17.36 22.67 -27.94
N LEU K 19 16.95 21.39 -27.83
CA LEU K 19 15.54 21.03 -27.68
C LEU K 19 15.08 21.07 -26.21
N THR K 20 13.94 21.71 -25.97
CA THR K 20 13.25 21.60 -24.66
C THR K 20 12.07 20.64 -24.77
N LYS K 21 11.73 19.98 -23.67
CA LYS K 21 10.53 19.15 -23.63
C LYS K 21 9.54 19.63 -22.60
N TRP K 22 8.28 19.57 -22.98
CA TRP K 22 7.17 19.78 -22.08
C TRP K 22 6.34 18.52 -22.28
N GLY K 23 6.52 17.56 -21.37
CA GLY K 23 5.96 16.23 -21.53
C GLY K 23 6.57 15.60 -22.78
N GLY K 24 5.73 14.91 -23.54
CA GLY K 24 6.09 14.41 -24.87
C GLY K 24 6.09 15.50 -25.95
N GLY K 25 5.84 16.74 -25.54
CA GLY K 25 5.86 17.88 -26.45
C GLY K 25 7.26 18.42 -26.68
N LYS K 26 7.53 18.78 -27.94
CA LYS K 26 8.82 19.31 -28.32
C LYS K 26 8.76 20.82 -28.42
N GLU K 27 9.80 21.47 -27.91
CA GLU K 27 9.95 22.92 -28.04
C GLU K 27 11.34 23.14 -28.63
N SER K 28 11.41 23.22 -29.96
CA SER K 28 12.68 23.26 -30.68
C SER K 28 13.20 24.68 -30.78
N ALA K 29 14.43 24.81 -31.27
CA ALA K 29 15.08 26.12 -31.42
C ALA K 29 14.38 26.95 -32.51
N ASP K 30 13.61 26.25 -33.35
CA ASP K 30 12.83 26.90 -34.37
C ASP K 30 11.70 27.75 -33.76
N TYR K 31 11.22 27.35 -32.59
CA TYR K 31 10.10 28.00 -31.90
C TYR K 31 10.49 28.72 -30.62
N VAL K 32 11.55 28.27 -29.95
CA VAL K 32 12.01 28.94 -28.74
C VAL K 32 13.27 29.75 -29.06
N ALA K 33 13.23 31.05 -28.77
CA ALA K 33 14.34 31.94 -29.06
C ALA K 33 15.50 31.72 -28.12
N ASN K 34 15.22 31.49 -26.84
CA ASN K 34 16.29 31.27 -25.84
C ASN K 34 16.54 29.78 -25.60
N HIS K 35 16.96 29.10 -26.66
CA HIS K 35 17.05 27.64 -26.66
C HIS K 35 18.42 27.14 -26.23
N GLU K 36 19.32 28.06 -25.90
CA GLU K 36 20.69 27.72 -25.55
C GLU K 36 20.72 27.08 -24.17
N LYS K 37 21.48 25.99 -24.04
CA LYS K 37 21.63 25.28 -22.78
C LYS K 37 23.00 25.50 -22.15
N ILE K 38 23.77 26.45 -22.69
CA ILE K 38 25.11 26.73 -22.18
C ILE K 38 25.20 28.21 -21.78
N ILE K 39 25.75 28.49 -20.61
CA ILE K 39 25.94 29.87 -20.16
C ILE K 39 27.41 30.16 -19.87
N ARG K 40 27.78 31.42 -20.00
CA ARG K 40 29.14 31.83 -19.67
C ARG K 40 29.13 32.18 -18.22
N VAL K 41 30.16 31.75 -17.50
CA VAL K 41 30.38 32.22 -16.13
C VAL K 41 31.88 32.53 -15.99
N GLY K 42 32.21 33.82 -16.00
CA GLY K 42 33.59 34.25 -16.10
C GLY K 42 34.12 33.80 -17.45
N ASP K 43 35.26 33.11 -17.44
CA ASP K 43 35.75 32.50 -18.66
C ASP K 43 35.48 30.99 -18.70
N SER K 44 34.47 30.55 -17.95
CA SER K 44 33.96 29.19 -18.09
C SER K 44 32.65 29.18 -18.86
N TYR K 45 32.37 28.08 -19.55
CA TYR K 45 31.07 27.83 -20.12
C TYR K 45 30.47 26.69 -19.35
N VAL K 46 29.22 26.86 -18.93
CA VAL K 46 28.53 25.86 -18.17
C VAL K 46 27.34 25.33 -18.98
N ALA K 47 27.33 24.03 -19.21
CA ALA K 47 26.29 23.36 -19.97
C ALA K 47 25.43 22.59 -19.00
N ILE K 48 24.11 22.80 -19.06
CA ILE K 48 23.22 22.42 -17.98
C ILE K 48 22.14 21.45 -18.45
N THR K 49 21.97 20.34 -17.72
CA THR K 49 20.91 19.35 -18.01
C THR K 49 19.86 19.39 -16.91
N GLY K 50 18.70 18.80 -17.15
CA GLY K 50 17.58 18.84 -16.20
C GLY K 50 16.54 19.83 -16.67
N SER K 51 15.72 20.32 -15.75
CA SER K 51 14.72 21.35 -16.07
C SER K 51 15.35 22.57 -16.73
N ALA K 52 14.69 23.09 -17.75
CA ALA K 52 15.16 24.28 -18.47
C ALA K 52 15.19 25.54 -17.62
N THR K 53 14.60 25.48 -16.44
CA THR K 53 14.58 26.61 -15.54
C THR K 53 15.99 26.82 -14.95
N PHE K 54 16.78 25.75 -14.90
CA PHE K 54 18.06 25.78 -14.20
C PHE K 54 19.03 26.78 -14.79
N LYS K 55 19.01 26.92 -16.12
CA LYS K 55 19.89 27.87 -16.80
C LYS K 55 19.55 29.33 -16.39
N LEU K 56 18.27 29.57 -16.12
CA LEU K 56 17.81 30.88 -15.66
C LEU K 56 18.19 31.07 -14.21
N ILE K 57 17.95 30.03 -13.41
CA ILE K 57 18.36 30.07 -12.01
C ILE K 57 19.85 30.37 -11.92
N LEU K 58 20.68 29.62 -12.67
CA LEU K 58 22.14 29.71 -12.51
C LEU K 58 22.74 31.05 -12.92
N ALA K 59 22.27 31.60 -14.03
CA ALA K 59 22.68 32.93 -14.49
C ALA K 59 22.33 34.02 -13.48
N ASP K 60 21.08 33.99 -13.01
CA ASP K 60 20.63 34.85 -11.91
C ASP K 60 21.56 34.72 -10.71
N TYR K 61 21.73 33.49 -10.25
CA TYR K 61 22.57 33.23 -9.09
C TYR K 61 23.99 33.81 -9.27
N PHE K 62 24.63 33.49 -10.39
CA PHE K 62 26.03 33.88 -10.59
C PHE K 62 26.18 35.36 -10.87
N ALA K 63 25.17 35.97 -11.48
CA ALA K 63 25.12 37.43 -11.65
C ALA K 63 25.02 38.15 -10.30
N SER K 64 24.28 37.55 -9.36
CA SER K 64 24.10 38.17 -8.03
C SER K 64 25.37 38.14 -7.17
N LEU K 65 26.27 37.19 -7.42
CA LEU K 65 27.51 37.11 -6.64
C LEU K 65 28.36 38.37 -6.79
N ASP K 66 29.16 38.67 -5.77
CA ASP K 66 30.08 39.83 -5.81
C ASP K 66 31.01 39.74 -7.03
N GLU K 67 31.48 38.53 -7.28
CA GLU K 67 32.51 38.28 -8.26
C GLU K 67 32.28 36.89 -8.85
N PRO K 68 32.56 36.71 -10.15
CA PRO K 68 32.36 35.37 -10.71
C PRO K 68 33.18 34.31 -9.96
N PRO K 69 32.62 33.10 -9.81
CA PRO K 69 33.35 32.01 -9.16
C PRO K 69 34.49 31.47 -10.04
N GLN K 70 35.61 31.16 -9.43
CA GLN K 70 36.69 30.50 -10.13
C GLN K 70 36.31 29.03 -10.17
N LEU K 71 36.14 28.50 -11.37
CA LEU K 71 35.65 27.13 -11.58
C LEU K 71 36.72 26.34 -12.32
N ASP K 72 37.95 26.36 -11.79
CA ASP K 72 39.10 25.77 -12.51
C ASP K 72 39.88 24.75 -11.71
N SER K 73 39.29 24.26 -10.61
CA SER K 73 39.77 23.04 -9.96
C SER K 73 38.59 22.27 -9.37
N VAL K 74 38.81 20.98 -9.11
CA VAL K 74 37.79 20.13 -8.49
C VAL K 74 37.33 20.67 -7.13
N ALA K 75 38.30 21.01 -6.27
CA ALA K 75 38.00 21.56 -4.94
C ALA K 75 37.25 22.91 -4.98
N ARG K 76 37.56 23.72 -5.98
CA ARG K 76 36.88 25.01 -6.12
C ARG K 76 35.47 24.85 -6.66
N ILE K 77 35.29 23.93 -7.58
CA ILE K 77 33.98 23.67 -8.14
C ILE K 77 33.08 23.04 -7.08
N PHE K 78 33.62 22.11 -6.30
CA PHE K 78 32.81 21.49 -5.26
C PHE K 78 32.28 22.51 -4.26
N CYS K 79 33.16 23.40 -3.85
CA CYS K 79 32.84 24.44 -2.90
C CYS K 79 31.74 25.37 -3.41
N VAL K 80 31.85 25.78 -4.66
CA VAL K 80 30.83 26.62 -5.31
C VAL K 80 29.48 25.87 -5.41
N TRP K 81 29.51 24.63 -5.93
CA TRP K 81 28.29 23.84 -6.07
C TRP K 81 27.63 23.53 -4.73
N ASN K 82 28.44 23.30 -3.70
CA ASN K 82 27.87 23.05 -2.38
C ASN K 82 27.14 24.28 -1.84
N THR K 83 27.73 25.46 -2.00
CA THR K 83 27.07 26.72 -1.66
C THR K 83 25.85 26.96 -2.55
N LEU K 84 25.99 26.76 -3.86
CA LEU K 84 24.87 26.88 -4.78
C LEU K 84 23.67 26.07 -4.32
N HIS K 85 23.92 24.82 -3.90
CA HIS K 85 22.83 23.93 -3.53
C HIS K 85 21.96 24.52 -2.39
N GLY K 86 22.63 25.17 -1.44
CA GLY K 86 21.95 25.85 -0.35
C GLY K 86 21.11 27.02 -0.83
N ALA K 87 21.56 27.68 -1.89
CA ALA K 87 20.77 28.74 -2.51
C ALA K 87 19.62 28.18 -3.35
N LEU K 88 19.81 27.03 -4.01
CA LEU K 88 18.72 26.38 -4.77
C LEU K 88 17.52 26.04 -3.88
N LYS K 89 17.81 25.56 -2.67
CA LYS K 89 16.76 25.27 -1.71
C LYS K 89 16.15 26.53 -1.13
N GLU K 90 17.01 27.48 -0.75
CA GLU K 90 16.57 28.66 -0.03
C GLU K 90 15.84 29.71 -0.86
N HIS K 91 16.31 29.97 -2.08
CA HIS K 91 15.75 31.06 -2.90
C HIS K 91 15.04 30.63 -4.15
N TYR K 92 15.28 29.42 -4.65
CA TYR K 92 14.77 29.03 -5.97
C TYR K 92 13.86 27.78 -5.96
N TYR K 93 13.44 27.38 -4.77
CA TYR K 93 12.34 26.40 -4.60
C TYR K 93 12.65 25.00 -5.16
N LEU K 94 13.89 24.57 -4.94
CA LEU K 94 14.32 23.21 -5.26
C LEU K 94 13.65 22.23 -4.31
N GLN K 95 13.32 21.03 -4.80
CA GLN K 95 12.75 19.97 -3.93
C GLN K 95 13.75 18.87 -3.58
N GLU K 101 16.14 8.21 0.67
CA GLU K 101 16.33 7.58 -0.65
C GLU K 101 17.82 7.56 -1.05
N ASP K 102 18.40 8.73 -1.32
CA ASP K 102 19.80 8.86 -1.76
C ASP K 102 20.78 9.05 -0.59
N ASP K 103 22.07 8.96 -0.89
CA ASP K 103 23.11 9.30 0.10
C ASP K 103 23.05 10.77 0.44
N LEU K 104 23.10 11.59 -0.60
CA LEU K 104 23.08 13.05 -0.47
C LEU K 104 21.88 13.64 -1.19
N GLU K 105 21.62 14.93 -0.92
CA GLU K 105 20.57 15.65 -1.61
C GLU K 105 20.99 15.87 -3.06
N SER K 106 20.06 15.65 -3.97
CA SER K 106 20.28 15.94 -5.38
C SER K 106 20.13 17.44 -5.61
N SER K 107 20.96 18.00 -6.48
CA SER K 107 20.71 19.33 -7.03
C SER K 107 19.85 19.24 -8.31
N ARG K 108 19.53 18.01 -8.72
CA ARG K 108 18.63 17.73 -9.86
C ARG K 108 19.17 18.13 -11.23
N MET K 109 20.44 18.53 -11.30
CA MET K 109 21.03 18.83 -12.58
C MET K 109 22.43 18.25 -12.64
N ASP K 110 22.85 17.89 -13.84
CA ASP K 110 24.21 17.50 -14.08
C ASP K 110 24.79 18.60 -14.97
N VAL K 111 26.03 19.00 -14.74
CA VAL K 111 26.63 20.00 -15.62
C VAL K 111 28.04 19.66 -16.07
N LEU K 112 28.40 20.20 -17.23
CA LEU K 112 29.77 20.17 -17.69
C LEU K 112 30.30 21.61 -17.67
N ILE K 113 31.55 21.79 -17.27
CA ILE K 113 32.19 23.11 -17.14
C ILE K 113 33.49 23.10 -17.92
N ALA K 114 33.54 23.91 -18.99
CA ALA K 114 34.72 24.05 -19.81
C ALA K 114 35.38 25.38 -19.51
N ASN K 115 36.67 25.35 -19.22
CA ASN K 115 37.47 26.59 -19.21
C ASN K 115 38.93 26.30 -19.57
N PRO K 116 39.70 27.36 -19.90
CA PRO K 116 41.07 27.10 -20.32
C PRO K 116 41.87 26.15 -19.41
N ARG K 117 41.56 26.09 -18.12
CA ARG K 117 42.36 25.27 -17.22
C ARG K 117 41.88 23.81 -17.07
N GLY K 118 40.85 23.41 -17.82
CA GLY K 118 40.47 22.00 -17.87
C GLY K 118 39.00 21.79 -18.18
N ILE K 119 38.61 20.53 -18.32
CA ILE K 119 37.21 20.19 -18.48
C ILE K 119 36.71 19.39 -17.28
N PHE K 120 35.53 19.75 -16.80
CA PHE K 120 35.02 19.22 -15.55
C PHE K 120 33.53 18.90 -15.67
N GLY K 121 33.03 18.16 -14.70
CA GLY K 121 31.60 17.93 -14.59
C GLY K 121 31.20 17.88 -13.14
N VAL K 122 29.95 18.24 -12.88
CA VAL K 122 29.36 18.10 -11.56
C VAL K 122 28.05 17.39 -11.75
N ALA K 123 27.95 16.17 -11.23
CA ALA K 123 26.71 15.43 -11.30
C ALA K 123 25.78 15.96 -10.22
N ALA K 124 24.52 15.52 -10.26
CA ALA K 124 23.44 16.05 -9.41
C ALA K 124 23.72 15.96 -7.91
N HIS K 125 24.49 14.95 -7.49
CA HIS K 125 24.85 14.79 -6.08
C HIS K 125 26.18 15.47 -5.73
N ARG K 126 26.53 16.51 -6.49
CA ARG K 126 27.75 17.32 -6.32
C ARG K 126 29.06 16.53 -6.46
N THR K 127 29.00 15.47 -7.26
CA THR K 127 30.16 14.69 -7.63
C THR K 127 30.95 15.46 -8.67
N VAL K 128 32.02 16.10 -8.25
CA VAL K 128 32.85 16.89 -9.16
C VAL K 128 33.96 16.05 -9.74
N GLN K 129 34.15 16.14 -11.05
CA GLN K 129 35.13 15.33 -11.75
C GLN K 129 35.91 16.18 -12.74
N GLU K 130 37.21 15.90 -12.88
CA GLU K 130 37.96 16.46 -14.00
C GLU K 130 38.10 15.37 -15.02
N PHE K 131 37.85 15.69 -16.29
CA PHE K 131 37.90 14.70 -17.34
C PHE K 131 39.18 14.80 -18.12
N SER K 132 39.67 13.66 -18.60
CA SER K 132 40.96 13.58 -19.27
C SER K 132 40.83 13.70 -20.79
N LYS K 133 39.65 13.38 -21.32
CA LYS K 133 39.44 13.24 -22.76
C LYS K 133 38.11 13.85 -23.16
N PHE K 134 37.03 13.19 -22.78
CA PHE K 134 35.69 13.68 -23.04
C PHE K 134 34.70 13.17 -22.00
N TYR K 135 33.51 13.77 -21.97
CA TYR K 135 32.38 13.18 -21.26
C TYR K 135 31.08 13.84 -21.72
N ALA K 136 29.96 13.29 -21.25
CA ALA K 136 28.62 13.77 -21.63
C ALA K 136 27.63 13.55 -20.50
N TYR K 137 26.65 14.44 -20.37
CA TYR K 137 25.55 14.30 -19.40
C TYR K 137 24.25 14.57 -20.11
N GLY K 138 23.16 14.30 -19.39
CA GLY K 138 21.82 14.32 -19.95
C GLY K 138 21.37 12.91 -20.31
N SER K 139 20.08 12.78 -20.61
CA SER K 139 19.50 11.49 -21.02
C SER K 139 20.16 10.98 -22.31
N GLY K 140 20.75 11.87 -23.10
CA GLY K 140 21.47 11.46 -24.31
C GLY K 140 22.95 11.10 -24.18
N SER K 141 23.50 11.05 -22.96
CA SER K 141 24.93 10.74 -22.75
C SER K 141 25.42 9.45 -23.35
N PRO K 142 24.68 8.34 -23.15
CA PRO K 142 25.25 7.07 -23.60
C PRO K 142 25.49 7.06 -25.09
N TYR K 143 24.54 7.57 -25.85
CA TYR K 143 24.69 7.79 -27.28
C TYR K 143 25.88 8.70 -27.61
N ALA K 144 26.01 9.81 -26.88
CA ALA K 144 27.12 10.74 -27.12
C ALA K 144 28.49 10.13 -26.79
N LEU K 145 28.55 9.37 -25.70
CA LEU K 145 29.76 8.69 -25.28
C LEU K 145 30.21 7.70 -26.31
N GLY K 146 29.30 6.84 -26.75
CA GLY K 146 29.60 5.87 -27.79
C GLY K 146 30.10 6.53 -29.06
N ALA K 147 29.43 7.60 -29.46
CA ALA K 147 29.84 8.34 -30.65
C ALA K 147 31.24 8.97 -30.47
N MET K 148 31.47 9.63 -29.34
CA MET K 148 32.79 10.24 -29.11
C MET K 148 33.88 9.21 -28.89
N TYR K 149 33.51 8.06 -28.31
CA TYR K 149 34.45 6.96 -28.20
C TYR K 149 34.98 6.58 -29.58
N ALA K 150 34.09 6.55 -30.56
CA ALA K 150 34.44 6.16 -31.93
C ALA K 150 35.23 7.22 -32.69
N ALA K 151 35.01 8.49 -32.39
CA ALA K 151 35.55 9.59 -33.18
C ALA K 151 36.69 10.37 -32.52
N TYR K 152 36.98 10.06 -31.26
CA TYR K 152 37.91 10.87 -30.50
C TYR K 152 39.30 10.90 -31.15
N ARG K 153 39.72 9.74 -31.64
CA ARG K 153 41.03 9.62 -32.22
C ARG K 153 41.02 9.69 -33.74
N ALA K 154 39.92 10.10 -34.36
CA ALA K 154 39.93 10.35 -35.79
C ALA K 154 40.72 11.62 -36.03
N PRO K 155 41.76 11.55 -36.88
CA PRO K 155 42.68 12.69 -36.99
C PRO K 155 42.08 13.94 -37.66
N SER K 156 41.07 13.75 -38.50
CA SER K 156 40.43 14.89 -39.15
C SER K 156 39.51 15.72 -38.22
N LEU K 157 39.23 15.26 -37.00
CA LEU K 157 38.26 15.92 -36.13
C LEU K 157 38.91 16.60 -34.93
N ASP K 158 38.68 17.89 -34.77
CA ASP K 158 39.19 18.60 -33.59
C ASP K 158 38.23 18.37 -32.41
N ALA K 159 38.52 18.97 -31.26
CA ALA K 159 37.68 18.78 -30.06
C ALA K 159 36.24 19.23 -30.31
N GLU K 160 36.06 20.34 -31.02
CA GLU K 160 34.71 20.84 -31.28
C GLU K 160 33.90 19.87 -32.15
N ALA K 161 34.51 19.35 -33.20
CA ALA K 161 33.82 18.41 -34.08
C ALA K 161 33.44 17.14 -33.35
N VAL K 162 34.28 16.73 -32.41
CA VAL K 162 33.99 15.54 -31.61
C VAL K 162 32.86 15.80 -30.60
N ALA K 163 32.91 16.96 -29.96
CA ALA K 163 31.88 17.37 -29.00
C ALA K 163 30.54 17.49 -29.69
N ARG K 164 30.53 18.13 -30.86
CA ARG K 164 29.31 18.28 -31.64
C ARG K 164 28.79 16.94 -32.09
N LEU K 165 29.67 16.08 -32.57
CA LEU K 165 29.24 14.79 -33.06
C LEU K 165 28.53 14.02 -31.94
N GLY K 166 28.99 14.20 -30.71
CA GLY K 166 28.39 13.54 -29.55
C GLY K 166 26.93 13.92 -29.40
N VAL K 167 26.65 15.18 -29.62
CA VAL K 167 25.30 15.68 -29.50
C VAL K 167 24.41 15.17 -30.63
N MET K 168 24.98 15.05 -31.84
CA MET K 168 24.21 14.67 -33.04
C MET K 168 23.80 13.19 -33.00
N ALA K 169 24.65 12.35 -32.40
CA ALA K 169 24.33 10.94 -32.20
C ALA K 169 23.13 10.80 -31.27
N ALA K 170 23.11 11.61 -30.22
CA ALA K 170 22.00 11.59 -29.27
C ALA K 170 20.72 12.07 -29.94
N ALA K 171 20.81 13.17 -30.67
CA ALA K 171 19.63 13.71 -31.37
C ALA K 171 19.09 12.71 -32.39
N GLU K 172 19.95 11.88 -32.96
CA GLU K 172 19.57 10.93 -33.97
C GLU K 172 18.70 9.82 -33.36
N PHE K 173 19.02 9.42 -32.14
CA PHE K 173 18.39 8.25 -31.54
C PHE K 173 17.53 8.46 -30.30
N HIS K 174 17.55 9.66 -29.72
CA HIS K 174 16.80 9.88 -28.48
C HIS K 174 15.84 11.07 -28.47
N ASP K 175 14.61 10.80 -28.01
CA ASP K 175 13.52 11.77 -28.19
C ASP K 175 13.62 13.03 -27.30
N GLU K 176 14.56 13.06 -26.37
CA GLU K 176 14.76 14.23 -25.52
C GLU K 176 15.88 15.17 -26.01
N SER K 177 16.51 14.84 -27.15
CA SER K 177 17.58 15.67 -27.70
C SER K 177 17.26 16.04 -29.15
N GLY K 178 17.61 17.27 -29.56
CA GLY K 178 17.31 17.73 -30.93
C GLY K 178 18.26 18.77 -31.48
N LEU K 179 18.41 18.76 -32.81
CA LEU K 179 19.24 19.73 -33.54
C LEU K 179 18.51 21.06 -33.62
N PRO K 180 19.25 22.17 -33.78
CA PRO K 180 20.70 22.26 -33.98
C PRO K 180 21.52 22.04 -32.72
N VAL K 181 22.80 21.76 -32.94
CA VAL K 181 23.80 21.71 -31.90
C VAL K 181 24.46 23.08 -31.73
N GLN K 182 24.66 23.48 -30.48
CA GLN K 182 25.40 24.69 -30.14
C GLN K 182 26.75 24.25 -29.60
N SER K 183 27.80 25.01 -29.85
CA SER K 183 29.08 24.68 -29.27
C SER K 183 30.01 25.88 -29.10
N PHE K 184 31.01 25.71 -28.26
CA PHE K 184 32.05 26.71 -28.08
C PHE K 184 33.38 25.99 -28.02
N VAL K 185 34.43 26.68 -28.43
CA VAL K 185 35.79 26.14 -28.38
C VAL K 185 36.75 27.19 -27.80
N MET K 186 37.76 26.72 -27.08
CA MET K 186 38.76 27.60 -26.50
C MET K 186 40.10 26.88 -26.41
N GLU K 187 41.14 27.66 -26.15
CA GLU K 187 42.50 27.13 -26.06
C GLU K 187 42.75 26.59 -24.65
N LEU K 188 43.43 25.44 -24.58
CA LEU K 188 43.93 24.91 -23.32
C LEU K 188 45.04 25.84 -22.87
N SER K 189 44.99 26.29 -21.63
CA SER K 189 45.96 27.29 -21.19
C SER K 189 47.33 26.61 -21.04
N PRO K 190 48.41 27.39 -21.19
CA PRO K 190 49.74 26.79 -21.16
C PRO K 190 50.27 26.39 -19.79
N ASP K 191 49.47 26.58 -18.75
CA ASP K 191 49.91 26.24 -17.40
C ASP K 191 49.40 24.87 -16.95
N VAL K 192 48.66 24.18 -17.82
CA VAL K 192 48.17 22.81 -17.57
C VAL K 192 48.51 21.88 -18.75
N THR L 1 32.89 -0.29 -5.27
CA THR L 1 34.20 0.12 -4.69
C THR L 1 34.80 -0.97 -3.80
N THR L 2 36.11 -1.13 -3.89
CA THR L 2 36.87 -1.92 -2.93
C THR L 2 37.98 -1.04 -2.35
N VAL L 3 38.07 -1.04 -1.03
CA VAL L 3 39.24 -0.53 -0.32
C VAL L 3 39.73 -1.62 0.61
N THR L 4 41.05 -1.69 0.78
CA THR L 4 41.66 -2.72 1.61
C THR L 4 42.71 -2.10 2.50
N ILE L 5 42.97 -2.77 3.61
CA ILE L 5 43.96 -2.32 4.55
C ILE L 5 44.65 -3.56 5.13
N VAL L 6 45.96 -3.49 5.30
CA VAL L 6 46.72 -4.67 5.73
C VAL L 6 47.86 -4.29 6.66
N ARG L 7 48.01 -5.09 7.71
CA ARG L 7 49.09 -4.98 8.66
C ARG L 7 49.86 -6.30 8.67
N LYS L 8 51.13 -6.26 8.27
CA LYS L 8 51.94 -7.48 8.17
C LYS L 8 53.44 -7.16 8.24
N ASP L 9 54.12 -7.80 9.19
CA ASP L 9 55.58 -7.70 9.32
C ASP L 9 56.10 -6.27 9.47
N GLY L 10 55.49 -5.51 10.38
CA GLY L 10 55.93 -4.16 10.67
C GLY L 10 55.72 -3.15 9.55
N ARG L 11 54.87 -3.48 8.59
CA ARG L 11 54.48 -2.56 7.55
C ARG L 11 52.98 -2.45 7.53
N ILE L 12 52.49 -1.34 7.01
CA ILE L 12 51.06 -1.09 6.91
C ILE L 12 50.75 -0.56 5.52
N ALA L 13 49.76 -1.16 4.89
CA ALA L 13 49.38 -0.79 3.54
C ALA L 13 47.88 -0.53 3.47
N ILE L 14 47.49 0.20 2.44
CA ILE L 14 46.09 0.52 2.18
C ILE L 14 45.92 0.63 0.68
N ALA L 15 44.81 0.09 0.16
CA ALA L 15 44.59 0.08 -1.27
C ALA L 15 43.14 0.40 -1.62
N ALA L 16 42.92 0.66 -2.91
CA ALA L 16 41.61 0.99 -3.43
C ALA L 16 41.62 0.81 -4.93
N ASP L 17 40.45 0.48 -5.48
CA ASP L 17 40.24 0.55 -6.93
C ASP L 17 40.10 2.01 -7.36
N THR L 18 39.79 2.24 -8.64
CA THR L 18 39.72 3.60 -9.20
C THR L 18 38.45 3.90 -10.04
N LEU L 19 37.56 2.92 -10.16
CA LEU L 19 36.34 3.02 -10.97
C LEU L 19 35.27 3.80 -10.25
N THR L 20 34.72 4.82 -10.92
CA THR L 20 33.51 5.47 -10.42
C THR L 20 32.35 4.93 -11.22
N LYS L 21 31.18 4.85 -10.58
CA LYS L 21 29.96 4.37 -11.22
C LYS L 21 28.86 5.42 -11.15
N TRP L 22 28.22 5.65 -12.29
CA TRP L 22 27.05 6.52 -12.38
C TRP L 22 25.98 5.61 -12.99
N GLY L 23 25.16 5.02 -12.13
CA GLY L 23 24.23 3.98 -12.54
C GLY L 23 25.01 2.77 -12.99
N GLY L 24 24.63 2.21 -14.12
CA GLY L 24 25.38 1.13 -14.76
C GLY L 24 26.60 1.66 -15.50
N GLY L 25 26.72 2.98 -15.60
CA GLY L 25 27.79 3.63 -16.35
C GLY L 25 29.13 3.59 -15.64
N LYS L 26 30.18 3.32 -16.42
CA LYS L 26 31.55 3.26 -15.90
C LYS L 26 32.29 4.54 -16.22
N GLU L 27 33.00 5.04 -15.22
CA GLU L 27 33.86 6.19 -15.38
C GLU L 27 35.21 5.73 -14.83
N SER L 28 36.08 5.25 -15.71
CA SER L 28 37.34 4.65 -15.30
C SER L 28 38.41 5.74 -15.17
N ALA L 29 39.52 5.40 -14.52
CA ALA L 29 40.65 6.32 -14.39
C ALA L 29 41.23 6.69 -15.76
N ASP L 30 40.81 6.01 -16.81
CA ASP L 30 41.14 6.40 -18.16
C ASP L 30 40.37 7.66 -18.57
N TYR L 31 39.21 7.88 -17.96
CA TYR L 31 38.34 9.01 -18.32
C TYR L 31 38.28 10.11 -17.28
N VAL L 32 38.45 9.76 -16.00
CA VAL L 32 38.41 10.71 -14.89
C VAL L 32 39.83 10.91 -14.34
N ALA L 33 40.28 12.16 -14.26
CA ALA L 33 41.61 12.46 -13.73
C ALA L 33 41.68 12.34 -12.20
N ASN L 34 40.63 12.78 -11.49
CA ASN L 34 40.56 12.63 -10.02
C ASN L 34 39.84 11.35 -9.59
N HIS L 35 40.46 10.23 -9.95
CA HIS L 35 39.89 8.89 -9.77
C HIS L 35 40.36 8.22 -8.48
N GLU L 36 41.18 8.92 -7.68
CA GLU L 36 41.69 8.40 -6.41
C GLU L 36 40.57 8.39 -5.38
N LYS L 37 40.56 7.37 -4.53
CA LYS L 37 39.58 7.19 -3.48
C LYS L 37 40.23 7.18 -2.11
N ILE L 38 41.54 7.38 -2.09
CA ILE L 38 42.31 7.50 -0.87
C ILE L 38 42.77 8.95 -0.79
N ILE L 39 42.59 9.58 0.37
CA ILE L 39 43.09 10.96 0.60
C ILE L 39 44.03 10.97 1.79
N ARG L 40 44.84 12.02 1.89
CA ARG L 40 45.72 12.19 3.06
C ARG L 40 45.02 13.08 4.08
N VAL L 41 45.12 12.69 5.34
CA VAL L 41 44.66 13.51 6.44
C VAL L 41 45.76 13.46 7.50
N GLY L 42 46.60 14.49 7.53
CA GLY L 42 47.76 14.49 8.43
C GLY L 42 48.70 13.42 7.95
N ASP L 43 49.10 12.51 8.83
CA ASP L 43 49.89 11.35 8.43
C ASP L 43 49.05 10.06 8.27
N SER L 44 47.73 10.20 8.21
CA SER L 44 46.85 9.07 7.92
C SER L 44 46.49 9.09 6.45
N TYR L 45 46.22 7.91 5.91
CA TYR L 45 45.58 7.76 4.61
C TYR L 45 44.20 7.25 4.92
N VAL L 46 43.18 7.82 4.26
CA VAL L 46 41.78 7.45 4.49
C VAL L 46 41.15 7.03 3.18
N ALA L 47 40.69 5.77 3.11
CA ALA L 47 40.08 5.19 1.91
C ALA L 47 38.57 5.21 2.04
N ILE L 48 37.88 5.75 1.04
CA ILE L 48 36.47 6.12 1.17
C ILE L 48 35.54 5.37 0.21
N THR L 49 34.57 4.64 0.76
CA THR L 49 33.50 4.04 -0.04
C THR L 49 32.24 4.89 0.09
N GLY L 50 31.19 4.52 -0.64
CA GLY L 50 30.00 5.35 -0.76
C GLY L 50 30.11 6.19 -2.01
N SER L 51 29.22 7.18 -2.13
CA SER L 51 29.25 8.15 -3.23
C SER L 51 30.65 8.69 -3.48
N ALA L 52 30.97 8.94 -4.75
CA ALA L 52 32.20 9.57 -5.15
C ALA L 52 32.30 11.00 -4.64
N THR L 53 31.18 11.52 -4.13
CA THR L 53 31.20 12.87 -3.59
C THR L 53 31.87 12.91 -2.23
N PHE L 54 31.93 11.78 -1.52
CA PHE L 54 32.40 11.86 -0.14
C PHE L 54 33.86 12.26 0.03
N LYS L 55 34.72 11.87 -0.92
CA LYS L 55 36.14 12.20 -0.84
C LYS L 55 36.34 13.72 -0.99
N LEU L 56 35.43 14.38 -1.68
CA LEU L 56 35.44 15.82 -1.83
C LEU L 56 34.99 16.44 -0.52
N ILE L 57 33.95 15.84 0.06
CA ILE L 57 33.43 16.33 1.32
C ILE L 57 34.48 16.22 2.40
N LEU L 58 35.04 15.03 2.59
CA LEU L 58 35.99 14.82 3.67
C LEU L 58 37.22 15.69 3.50
N ALA L 59 37.67 15.81 2.26
CA ALA L 59 38.82 16.65 1.95
C ALA L 59 38.54 18.07 2.38
N ASP L 60 37.40 18.60 1.94
CA ASP L 60 36.94 19.96 2.28
C ASP L 60 36.79 20.11 3.80
N TYR L 61 36.11 19.15 4.45
CA TYR L 61 35.92 19.20 5.90
C TYR L 61 37.24 19.22 6.66
N PHE L 62 38.07 18.21 6.43
CA PHE L 62 39.32 18.11 7.17
C PHE L 62 40.26 19.29 6.90
N ALA L 63 40.20 19.87 5.70
CA ALA L 63 41.03 21.03 5.39
C ALA L 63 40.53 22.28 6.11
N SER L 64 39.23 22.30 6.42
CA SER L 64 38.65 23.43 7.16
C SER L 64 38.96 23.42 8.67
N LEU L 65 39.35 22.28 9.23
CA LEU L 65 39.70 22.21 10.66
C LEU L 65 41.02 22.92 10.96
N ASP L 66 41.14 23.43 12.19
CA ASP L 66 42.34 24.13 12.68
C ASP L 66 43.61 23.28 12.54
N GLU L 67 43.48 22.01 12.92
CA GLU L 67 44.57 21.03 12.82
C GLU L 67 44.03 19.72 12.27
N PRO L 68 44.87 19.00 11.52
CA PRO L 68 44.43 17.66 11.20
C PRO L 68 44.14 16.88 12.48
N PRO L 69 43.12 16.00 12.44
CA PRO L 69 42.76 15.23 13.62
C PRO L 69 43.74 14.10 13.93
N GLN L 70 43.73 13.62 15.17
CA GLN L 70 44.40 12.38 15.51
C GLN L 70 43.49 11.22 15.12
N LEU L 71 43.99 10.30 14.31
CA LEU L 71 43.19 9.14 13.89
C LEU L 71 43.92 7.85 14.20
N ASP L 72 44.40 7.72 15.44
CA ASP L 72 45.19 6.55 15.83
C ASP L 72 44.78 5.97 17.16
N SER L 73 43.55 6.22 17.57
CA SER L 73 42.91 5.41 18.59
C SER L 73 41.43 5.26 18.26
N VAL L 74 40.82 4.19 18.74
CA VAL L 74 39.41 3.95 18.53
C VAL L 74 38.58 5.07 19.20
N ALA L 75 38.97 5.48 20.40
CA ALA L 75 38.30 6.58 21.07
C ALA L 75 38.40 7.89 20.28
N ARG L 76 39.57 8.19 19.72
CA ARG L 76 39.77 9.45 18.99
C ARG L 76 39.05 9.50 17.65
N ILE L 77 39.11 8.38 16.94
CA ILE L 77 38.49 8.27 15.63
C ILE L 77 36.97 8.40 15.78
N PHE L 78 36.41 7.76 16.80
CA PHE L 78 34.98 7.89 17.06
C PHE L 78 34.56 9.33 17.28
N CYS L 79 35.31 10.06 18.10
CA CYS L 79 35.02 11.48 18.36
C CYS L 79 34.95 12.25 17.05
N VAL L 80 35.96 12.06 16.23
CA VAL L 80 36.11 12.76 14.96
C VAL L 80 34.95 12.45 14.01
N TRP L 81 34.56 11.18 13.93
CA TRP L 81 33.45 10.81 13.05
C TRP L 81 32.08 11.21 13.59
N ASN L 82 31.88 11.15 14.89
CA ASN L 82 30.63 11.62 15.46
C ASN L 82 30.41 13.10 15.16
N THR L 83 31.44 13.92 15.38
CA THR L 83 31.40 15.33 15.00
C THR L 83 31.26 15.51 13.48
N LEU L 84 32.02 14.74 12.72
CA LEU L 84 31.92 14.76 11.27
C LEU L 84 30.47 14.54 10.79
N HIS L 85 29.78 13.55 11.36
CA HIS L 85 28.42 13.24 10.96
C HIS L 85 27.49 14.45 11.10
N GLY L 86 27.69 15.24 12.15
CA GLY L 86 26.91 16.46 12.35
C GLY L 86 27.15 17.47 11.24
N ALA L 87 28.42 17.62 10.88
CA ALA L 87 28.81 18.49 9.75
C ALA L 87 28.30 18.03 8.40
N LEU L 88 28.18 16.70 8.23
CA LEU L 88 27.64 16.13 7.00
C LEU L 88 26.21 16.57 6.77
N LYS L 89 25.39 16.48 7.81
CA LYS L 89 23.99 16.88 7.74
C LYS L 89 23.85 18.39 7.61
N GLU L 90 24.58 19.11 8.47
CA GLU L 90 24.47 20.56 8.52
C GLU L 90 25.03 21.29 7.29
N HIS L 91 26.20 20.91 6.80
CA HIS L 91 26.86 21.67 5.73
C HIS L 91 26.90 21.00 4.37
N TYR L 92 26.74 19.68 4.33
CA TYR L 92 26.95 18.92 3.08
C TYR L 92 25.74 18.10 2.64
N TYR L 93 24.60 18.33 3.26
CA TYR L 93 23.31 17.83 2.76
C TYR L 93 23.22 16.30 2.71
N LEU L 94 23.75 15.67 3.75
CA LEU L 94 23.60 14.24 3.92
C LEU L 94 22.15 13.92 4.25
N GLN L 95 21.65 12.79 3.75
CA GLN L 95 20.35 12.26 4.18
C GLN L 95 20.53 11.04 5.07
N GLU L 101 14.44 3.52 10.75
CA GLU L 101 15.03 2.41 10.02
C GLU L 101 16.04 1.65 10.88
N ASP L 102 17.18 2.30 11.17
CA ASP L 102 18.32 1.67 11.84
C ASP L 102 18.40 2.06 13.30
N ASP L 103 19.34 1.45 14.04
CA ASP L 103 19.64 1.86 15.42
C ASP L 103 20.10 3.31 15.45
N LEU L 104 21.15 3.59 14.69
CA LEU L 104 21.73 4.91 14.62
C LEU L 104 21.63 5.44 13.20
N GLU L 105 21.73 6.75 13.06
CA GLU L 105 21.81 7.38 11.75
C GLU L 105 23.04 6.85 11.01
N SER L 106 22.93 6.79 9.70
CA SER L 106 24.05 6.38 8.86
C SER L 106 24.77 7.57 8.28
N SER L 107 26.09 7.52 8.29
CA SER L 107 26.93 8.51 7.63
C SER L 107 27.10 8.17 6.15
N ARG L 108 26.57 7.02 5.73
CA ARG L 108 26.52 6.56 4.33
C ARG L 108 27.85 6.23 3.70
N MET L 109 28.87 6.02 4.52
CA MET L 109 30.17 5.64 3.98
C MET L 109 30.88 4.77 5.00
N ASP L 110 31.75 3.91 4.48
CA ASP L 110 32.62 3.07 5.26
C ASP L 110 33.99 3.49 4.83
N VAL L 111 34.89 3.67 5.80
CA VAL L 111 36.24 4.02 5.45
C VAL L 111 37.24 3.14 6.17
N LEU L 112 38.40 2.94 5.52
CA LEU L 112 39.58 2.37 6.17
C LEU L 112 40.60 3.50 6.42
N ILE L 113 41.31 3.43 7.54
CA ILE L 113 42.26 4.47 7.95
C ILE L 113 43.60 3.85 8.33
N ALA L 114 44.62 4.12 7.53
CA ALA L 114 45.97 3.63 7.79
C ALA L 114 46.88 4.76 8.24
N ASN L 115 47.61 4.52 9.35
CA ASN L 115 48.69 5.39 9.77
C ASN L 115 49.77 4.54 10.47
N PRO L 116 50.94 5.15 10.75
CA PRO L 116 52.01 4.39 11.39
C PRO L 116 51.68 3.77 12.74
N ARG L 117 50.63 4.26 13.42
CA ARG L 117 50.27 3.72 14.73
C ARG L 117 49.21 2.59 14.71
N GLY L 118 48.63 2.29 13.54
CA GLY L 118 47.70 1.16 13.42
C GLY L 118 46.82 1.21 12.17
N ILE L 119 45.97 0.20 12.02
CA ILE L 119 45.01 0.16 10.93
C ILE L 119 43.61 0.07 11.50
N PHE L 120 42.70 0.80 10.90
CA PHE L 120 41.38 1.00 11.47
C PHE L 120 40.35 1.13 10.37
N GLY L 121 39.09 1.00 10.76
CA GLY L 121 37.97 1.26 9.89
C GLY L 121 36.86 1.95 10.64
N VAL L 122 36.04 2.71 9.93
CA VAL L 122 34.84 3.31 10.48
C VAL L 122 33.72 2.96 9.54
N ALA L 123 32.73 2.22 10.04
CA ALA L 123 31.61 1.81 9.23
C ALA L 123 30.58 2.93 9.18
N ALA L 124 29.55 2.72 8.36
CA ALA L 124 28.48 3.69 8.10
C ALA L 124 27.76 4.18 9.36
N HIS L 125 27.67 3.31 10.35
CA HIS L 125 26.98 3.64 11.58
C HIS L 125 27.98 4.01 12.66
N ARG L 126 29.16 4.48 12.21
CA ARG L 126 30.22 4.94 13.09
C ARG L 126 30.74 3.87 14.07
N THR L 127 30.69 2.62 13.63
CA THR L 127 31.37 1.54 14.29
C THR L 127 32.85 1.64 13.92
N VAL L 128 33.65 2.11 14.86
CA VAL L 128 35.08 2.25 14.68
C VAL L 128 35.73 0.97 15.16
N GLN L 129 36.65 0.44 14.37
CA GLN L 129 37.35 -0.78 14.73
C GLN L 129 38.83 -0.62 14.44
N GLU L 130 39.65 -1.30 15.24
CA GLU L 130 41.05 -1.47 14.92
C GLU L 130 41.22 -2.90 14.50
N PHE L 131 41.89 -3.09 13.36
CA PHE L 131 42.09 -4.40 12.80
C PHE L 131 43.48 -4.95 13.15
N SER L 132 43.58 -6.26 13.25
CA SER L 132 44.81 -6.90 13.69
C SER L 132 45.63 -7.44 12.52
N LYS L 133 44.99 -7.69 11.38
CA LYS L 133 45.64 -8.30 10.23
C LYS L 133 45.26 -7.59 8.95
N PHE L 134 43.99 -7.70 8.56
CA PHE L 134 43.50 -7.00 7.38
C PHE L 134 41.99 -6.80 7.43
N TYR L 135 41.47 -6.00 6.51
CA TYR L 135 40.02 -5.89 6.32
C TYR L 135 39.72 -5.17 5.01
N ALA L 136 38.44 -5.11 4.64
CA ALA L 136 38.05 -4.47 3.41
C ALA L 136 36.63 -3.92 3.54
N TYR L 137 36.38 -2.81 2.85
CA TYR L 137 35.04 -2.24 2.77
C TYR L 137 34.67 -1.96 1.31
N GLY L 138 33.41 -1.57 1.13
CA GLY L 138 32.85 -1.38 -0.20
C GLY L 138 32.19 -2.65 -0.68
N SER L 139 31.49 -2.55 -1.80
CA SER L 139 30.73 -3.67 -2.34
C SER L 139 31.64 -4.81 -2.79
N GLY L 140 32.90 -4.50 -3.07
CA GLY L 140 33.88 -5.55 -3.38
C GLY L 140 34.59 -6.24 -2.21
N SER L 141 34.30 -5.86 -0.95
CA SER L 141 35.07 -6.40 0.17
C SER L 141 35.06 -7.93 0.31
N PRO L 142 33.92 -8.59 0.08
CA PRO L 142 33.91 -10.05 0.19
C PRO L 142 34.99 -10.73 -0.65
N TYR L 143 35.06 -10.37 -1.92
CA TYR L 143 36.08 -10.85 -2.83
C TYR L 143 37.47 -10.52 -2.31
N ALA L 144 37.65 -9.29 -1.83
CA ALA L 144 38.95 -8.85 -1.31
C ALA L 144 39.34 -9.59 -0.02
N LEU L 145 38.37 -9.81 0.87
CA LEU L 145 38.67 -10.50 2.11
C LEU L 145 39.11 -11.90 1.80
N GLY L 146 38.36 -12.60 0.95
CA GLY L 146 38.69 -13.95 0.53
C GLY L 146 40.08 -14.04 -0.07
N ALA L 147 40.41 -13.12 -0.97
CA ALA L 147 41.71 -13.12 -1.59
C ALA L 147 42.83 -12.89 -0.56
N MET L 148 42.59 -12.01 0.40
CA MET L 148 43.63 -11.65 1.37
C MET L 148 43.82 -12.75 2.43
N TYR L 149 42.73 -13.34 2.87
CA TYR L 149 42.80 -14.60 3.62
C TYR L 149 43.68 -15.65 2.93
N ALA L 150 43.51 -15.83 1.61
CA ALA L 150 44.32 -16.78 0.86
C ALA L 150 45.80 -16.37 0.69
N ALA L 151 46.08 -15.08 0.72
CA ALA L 151 47.42 -14.57 0.42
C ALA L 151 48.17 -14.06 1.63
N TYR L 152 47.46 -13.75 2.71
CA TYR L 152 48.05 -13.06 3.84
C TYR L 152 49.37 -13.66 4.33
N ARG L 153 49.44 -14.99 4.39
CA ARG L 153 50.60 -15.65 4.98
C ARG L 153 51.74 -15.87 3.98
N ALA L 154 51.46 -15.72 2.68
CA ALA L 154 52.46 -15.96 1.64
C ALA L 154 53.72 -15.19 1.95
N PRO L 155 54.87 -15.89 1.95
CA PRO L 155 56.12 -15.31 2.44
C PRO L 155 56.69 -14.26 1.49
N SER L 156 56.39 -14.40 0.21
CA SER L 156 56.88 -13.50 -0.82
C SER L 156 56.05 -12.21 -0.97
N LEU L 157 54.91 -12.10 -0.29
CA LEU L 157 54.02 -10.93 -0.42
C LEU L 157 54.06 -10.04 0.83
N ASP L 158 54.41 -8.76 0.66
CA ASP L 158 54.37 -7.81 1.78
C ASP L 158 52.93 -7.32 1.96
N ALA L 159 52.73 -6.41 2.92
CA ALA L 159 51.39 -5.88 3.18
C ALA L 159 50.80 -5.14 1.98
N GLU L 160 51.64 -4.48 1.19
CA GLU L 160 51.14 -3.76 0.03
C GLU L 160 50.70 -4.72 -1.05
N ALA L 161 51.46 -5.77 -1.29
CA ALA L 161 51.10 -6.78 -2.28
C ALA L 161 49.76 -7.45 -1.93
N VAL L 162 49.58 -7.68 -0.62
CA VAL L 162 48.38 -8.32 -0.12
C VAL L 162 47.18 -7.40 -0.32
N ALA L 163 47.36 -6.13 0.05
CA ALA L 163 46.32 -5.12 -0.07
C ALA L 163 45.85 -5.01 -1.53
N ARG L 164 46.80 -4.86 -2.44
CA ARG L 164 46.50 -4.73 -3.87
C ARG L 164 45.84 -6.00 -4.42
N LEU L 165 46.29 -7.16 -3.98
CA LEU L 165 45.66 -8.38 -4.45
C LEU L 165 44.18 -8.42 -4.06
N GLY L 166 43.84 -7.91 -2.88
CA GLY L 166 42.45 -7.78 -2.46
C GLY L 166 41.62 -7.04 -3.49
N VAL L 167 42.04 -5.82 -3.81
CA VAL L 167 41.33 -5.02 -4.81
C VAL L 167 41.21 -5.73 -6.16
N MET L 168 42.33 -6.27 -6.64
CA MET L 168 42.39 -6.93 -7.93
C MET L 168 41.37 -8.04 -8.06
N ALA L 169 41.13 -8.74 -6.97
CA ALA L 169 40.18 -9.86 -6.94
C ALA L 169 38.75 -9.37 -7.14
N ALA L 170 38.45 -8.19 -6.60
CA ALA L 170 37.12 -7.63 -6.66
C ALA L 170 36.89 -6.95 -8.00
N ALA L 171 37.91 -6.28 -8.51
CA ALA L 171 37.88 -5.77 -9.89
C ALA L 171 37.68 -6.92 -10.89
N GLU L 172 38.19 -8.10 -10.56
CA GLU L 172 38.02 -9.25 -11.43
C GLU L 172 36.55 -9.68 -11.54
N PHE L 173 35.84 -9.69 -10.40
CA PHE L 173 34.53 -10.35 -10.33
C PHE L 173 33.29 -9.50 -10.09
N HIS L 174 33.47 -8.20 -9.84
CA HIS L 174 32.34 -7.38 -9.43
C HIS L 174 32.27 -6.08 -10.18
N ASP L 175 31.07 -5.69 -10.60
CA ASP L 175 30.93 -4.62 -11.59
C ASP L 175 31.08 -3.16 -11.07
N GLU L 176 31.48 -3.01 -9.80
CA GLU L 176 31.61 -1.71 -9.18
C GLU L 176 33.03 -1.37 -8.74
N SER L 177 33.97 -2.27 -9.03
CA SER L 177 35.38 -2.00 -8.78
C SER L 177 36.11 -2.11 -10.11
N GLY L 178 37.20 -1.35 -10.28
CA GLY L 178 38.01 -1.43 -11.49
C GLY L 178 39.47 -1.02 -11.36
N LEU L 179 40.31 -1.67 -12.18
CA LEU L 179 41.75 -1.36 -12.24
C LEU L 179 41.91 -0.03 -12.98
N PRO L 180 43.00 0.70 -12.69
CA PRO L 180 44.12 0.35 -11.84
C PRO L 180 43.79 0.33 -10.34
N VAL L 181 44.69 -0.27 -9.58
CA VAL L 181 44.71 -0.20 -8.11
C VAL L 181 45.62 0.94 -7.67
N GLN L 182 45.21 1.67 -6.65
CA GLN L 182 46.05 2.66 -6.01
C GLN L 182 46.38 2.10 -4.62
N SER L 183 47.65 2.16 -4.25
CA SER L 183 48.04 1.72 -2.91
C SER L 183 49.15 2.58 -2.32
N PHE L 184 49.14 2.69 -0.99
CA PHE L 184 50.24 3.27 -0.23
C PHE L 184 50.76 2.27 0.80
N VAL L 185 51.99 2.51 1.27
CA VAL L 185 52.62 1.66 2.27
C VAL L 185 53.41 2.52 3.27
N MET L 186 53.53 2.04 4.51
CA MET L 186 54.28 2.74 5.55
C MET L 186 54.76 1.77 6.63
N GLU L 187 55.77 2.21 7.40
CA GLU L 187 56.36 1.38 8.45
C GLU L 187 55.58 1.55 9.75
N LEU L 188 55.27 0.44 10.41
CA LEU L 188 54.65 0.49 11.72
C LEU L 188 55.56 1.24 12.69
N SER L 189 55.03 2.24 13.38
CA SER L 189 55.81 3.07 14.29
C SER L 189 55.88 2.43 15.69
N PRO L 190 56.99 2.67 16.43
CA PRO L 190 57.16 2.00 17.72
C PRO L 190 56.55 2.78 18.89
N THR M 1 24.94 -11.36 19.45
CA THR M 1 25.58 -11.05 20.74
C THR M 1 24.94 -11.83 21.86
N THR M 2 25.77 -12.26 22.80
CA THR M 2 25.30 -12.85 24.02
C THR M 2 26.10 -12.24 25.14
N VAL M 3 25.41 -11.70 26.13
CA VAL M 3 26.02 -11.24 27.38
C VAL M 3 25.29 -11.90 28.53
N THR M 4 26.02 -12.31 29.56
CA THR M 4 25.45 -13.01 30.69
C THR M 4 25.93 -12.39 31.99
N ILE M 5 25.13 -12.59 33.05
CA ILE M 5 25.45 -12.06 34.35
C ILE M 5 25.01 -13.09 35.39
N VAL M 6 25.84 -13.32 36.40
CA VAL M 6 25.60 -14.38 37.38
C VAL M 6 26.04 -13.97 38.79
N ARG M 7 25.22 -14.38 39.76
CA ARG M 7 25.46 -14.15 41.18
C ARG M 7 25.43 -15.52 41.84
N LYS M 8 26.53 -15.91 42.48
CA LYS M 8 26.60 -17.25 43.11
C LYS M 8 27.67 -17.32 44.19
N ASP M 9 27.28 -17.82 45.38
CA ASP M 9 28.19 -18.03 46.51
C ASP M 9 29.08 -16.82 46.80
N GLY M 10 28.49 -15.65 46.95
CA GLY M 10 29.25 -14.43 47.23
C GLY M 10 30.14 -13.95 46.10
N ARG M 11 29.86 -14.39 44.87
CA ARG M 11 30.61 -13.92 43.71
C ARG M 11 29.67 -13.47 42.60
N ILE M 12 30.07 -12.38 41.94
CA ILE M 12 29.33 -11.81 40.84
C ILE M 12 30.19 -11.85 39.57
N ALA M 13 29.70 -12.55 38.56
CA ALA M 13 30.38 -12.62 37.26
C ALA M 13 29.55 -11.96 36.16
N ILE M 14 30.21 -11.69 35.04
CA ILE M 14 29.57 -11.11 33.86
C ILE M 14 30.40 -11.50 32.66
N ALA M 15 29.74 -11.93 31.59
CA ALA M 15 30.45 -12.46 30.43
C ALA M 15 29.84 -11.98 29.11
N ALA M 16 30.60 -12.15 28.04
CA ALA M 16 30.15 -11.75 26.71
C ALA M 16 30.95 -12.45 25.62
N ASP M 17 30.30 -12.72 24.49
CA ASP M 17 31.00 -13.17 23.30
C ASP M 17 31.77 -11.97 22.72
N THR M 18 32.47 -12.19 21.62
CA THR M 18 33.38 -11.20 21.06
C THR M 18 33.19 -10.99 19.56
N LEU M 19 32.14 -11.58 18.99
CA LEU M 19 31.88 -11.52 17.56
C LEU M 19 31.06 -10.31 17.17
N THR M 20 31.49 -9.65 16.10
CA THR M 20 30.75 -8.53 15.53
C THR M 20 30.19 -9.00 14.20
N LYS M 21 29.01 -8.51 13.84
CA LYS M 21 28.37 -8.90 12.60
C LYS M 21 28.07 -7.69 11.75
N TRP M 22 28.51 -7.73 10.50
CA TRP M 22 28.24 -6.69 9.52
C TRP M 22 27.40 -7.39 8.48
N GLY M 23 26.10 -7.35 8.67
CA GLY M 23 25.19 -8.17 7.89
C GLY M 23 25.42 -9.62 8.23
N GLY M 24 25.63 -10.44 7.20
CA GLY M 24 26.07 -11.81 7.39
C GLY M 24 27.57 -11.90 7.65
N GLY M 25 28.29 -10.81 7.38
CA GLY M 25 29.73 -10.78 7.54
C GLY M 25 30.15 -10.93 8.98
N LYS M 26 31.04 -11.88 9.23
CA LYS M 26 31.64 -12.07 10.55
C LYS M 26 32.90 -11.22 10.74
N GLU M 27 33.01 -10.63 11.90
CA GLU M 27 34.21 -9.93 12.29
C GLU M 27 34.61 -10.48 13.65
N SER M 28 35.45 -11.51 13.63
CA SER M 28 35.83 -12.19 14.85
C SER M 28 36.90 -11.42 15.61
N ALA M 29 37.13 -11.84 16.85
CA ALA M 29 38.19 -11.29 17.70
C ALA M 29 39.57 -11.51 17.07
N ASP M 30 39.64 -12.53 16.22
CA ASP M 30 40.82 -12.83 15.42
C ASP M 30 41.23 -11.70 14.46
N TYR M 31 40.26 -10.90 14.05
CA TYR M 31 40.52 -9.83 13.08
C TYR M 31 40.30 -8.42 13.65
N VAL M 32 39.56 -8.34 14.75
CA VAL M 32 39.23 -7.08 15.38
C VAL M 32 39.90 -7.07 16.73
N ALA M 33 40.65 -6.01 17.01
CA ALA M 33 41.42 -5.89 18.25
C ALA M 33 40.51 -5.39 19.38
N ASN M 34 39.67 -4.40 19.09
CA ASN M 34 38.71 -3.92 20.08
C ASN M 34 37.39 -4.70 20.01
N HIS M 35 37.45 -5.99 20.31
CA HIS M 35 36.28 -6.88 20.23
C HIS M 35 35.54 -7.02 21.56
N GLU M 36 35.93 -6.24 22.56
CA GLU M 36 35.37 -6.36 23.90
C GLU M 36 34.01 -5.70 23.89
N LYS M 37 33.02 -6.37 24.46
CA LYS M 37 31.67 -5.86 24.55
C LYS M 37 31.33 -5.39 25.95
N ILE M 38 32.25 -5.57 26.90
CA ILE M 38 32.08 -5.11 28.26
C ILE M 38 32.99 -3.92 28.52
N ILE M 39 32.46 -2.87 29.13
CA ILE M 39 33.28 -1.73 29.51
C ILE M 39 33.18 -1.52 31.01
N ARG M 40 34.11 -0.73 31.55
CA ARG M 40 34.12 -0.40 32.96
C ARG M 40 33.61 1.00 33.17
N VAL M 41 32.66 1.15 34.09
CA VAL M 41 32.12 2.45 34.49
C VAL M 41 32.25 2.51 36.02
N GLY M 42 33.29 3.18 36.50
CA GLY M 42 33.61 3.21 37.93
C GLY M 42 33.94 1.80 38.40
N ASP M 43 33.23 1.32 39.43
CA ASP M 43 33.37 -0.07 39.88
C ASP M 43 32.28 -1.00 39.32
N SER M 44 31.63 -0.60 38.23
CA SER M 44 30.69 -1.45 37.52
C SER M 44 31.28 -1.94 36.20
N TYR M 45 30.82 -3.12 35.79
CA TYR M 45 31.07 -3.65 34.46
C TYR M 45 29.73 -3.60 33.74
N VAL M 46 29.74 -3.12 32.49
CA VAL M 46 28.53 -2.97 31.69
C VAL M 46 28.71 -3.77 30.42
N ALA M 47 27.83 -4.75 30.21
CA ALA M 47 27.88 -5.59 29.03
C ALA M 47 26.82 -5.11 28.07
N ILE M 48 27.21 -4.88 26.82
CA ILE M 48 26.37 -4.17 25.86
C ILE M 48 26.02 -5.00 24.65
N THR M 49 24.72 -5.06 24.33
CA THR M 49 24.23 -5.59 23.05
C THR M 49 23.69 -4.46 22.20
N GLY M 50 23.59 -4.71 20.90
CA GLY M 50 23.05 -3.75 19.94
C GLY M 50 24.14 -3.48 18.94
N SER M 51 24.02 -2.37 18.21
CA SER M 51 25.09 -1.89 17.35
C SER M 51 26.40 -1.92 18.12
N ALA M 52 27.47 -2.32 17.43
CA ALA M 52 28.78 -2.36 18.03
C ALA M 52 29.32 -0.95 18.31
N THR M 53 28.57 0.07 17.91
CA THR M 53 28.97 1.44 18.15
C THR M 53 28.59 1.88 19.56
N PHE M 54 27.68 1.14 20.18
CA PHE M 54 27.16 1.54 21.48
C PHE M 54 28.24 1.57 22.55
N LYS M 55 29.10 0.55 22.54
CA LYS M 55 30.21 0.50 23.48
C LYS M 55 31.15 1.73 23.42
N LEU M 56 31.22 2.36 22.26
CA LEU M 56 32.02 3.57 22.07
C LEU M 56 31.25 4.79 22.54
N ILE M 57 29.95 4.79 22.28
CA ILE M 57 29.08 5.87 22.72
C ILE M 57 29.04 5.96 24.25
N LEU M 58 28.80 4.84 24.92
CA LEU M 58 28.72 4.82 26.39
C LEU M 58 30.04 5.18 27.05
N ALA M 59 31.14 4.64 26.52
CA ALA M 59 32.48 4.98 27.01
C ALA M 59 32.69 6.51 26.97
N ASP M 60 32.43 7.10 25.81
CA ASP M 60 32.53 8.56 25.61
C ASP M 60 31.57 9.29 26.55
N TYR M 61 30.32 8.86 26.60
CA TYR M 61 29.31 9.56 27.41
C TYR M 61 29.68 9.56 28.88
N PHE M 62 29.88 8.35 29.42
CA PHE M 62 30.23 8.18 30.83
C PHE M 62 31.54 8.87 31.20
N ALA M 63 32.49 8.89 30.27
CA ALA M 63 33.78 9.57 30.49
C ALA M 63 33.66 11.10 30.51
N SER M 64 32.62 11.63 29.88
CA SER M 64 32.43 13.07 29.80
C SER M 64 31.71 13.62 31.05
N LEU M 65 31.05 12.74 31.82
CA LEU M 65 30.36 13.18 33.05
C LEU M 65 31.30 13.71 34.13
N ASP M 66 30.77 14.54 35.03
CA ASP M 66 31.54 15.11 36.14
C ASP M 66 32.15 14.03 37.03
N GLU M 67 31.40 12.97 37.29
CA GLU M 67 31.94 11.78 37.92
C GLU M 67 31.16 10.55 37.49
N PRO M 68 31.75 9.35 37.70
CA PRO M 68 31.02 8.15 37.30
C PRO M 68 29.67 8.08 38.01
N PRO M 69 28.64 7.60 37.32
CA PRO M 69 27.34 7.47 37.96
C PRO M 69 27.34 6.30 38.93
N GLN M 70 26.37 6.32 39.83
CA GLN M 70 26.13 5.20 40.75
C GLN M 70 25.13 4.25 40.10
N LEU M 71 25.53 3.00 39.97
CA LEU M 71 24.75 2.02 39.23
C LEU M 71 24.45 0.82 40.10
N ASP M 72 24.08 1.09 41.35
CA ASP M 72 23.93 0.02 42.36
C ASP M 72 22.50 -0.14 42.90
N SER M 73 21.53 0.58 42.33
CA SER M 73 20.12 0.41 42.67
C SER M 73 19.25 0.62 41.46
N VAL M 74 18.11 -0.03 41.44
CA VAL M 74 17.18 0.07 40.33
C VAL M 74 16.87 1.54 40.04
N ALA M 75 16.49 2.29 41.07
CA ALA M 75 16.14 3.70 40.91
C ALA M 75 17.30 4.57 40.39
N ARG M 76 18.52 4.32 40.85
CA ARG M 76 19.69 5.08 40.37
C ARG M 76 20.05 4.77 38.93
N ILE M 77 19.97 3.49 38.58
CA ILE M 77 20.21 3.02 37.23
C ILE M 77 19.21 3.61 36.26
N PHE M 78 17.93 3.58 36.66
CA PHE M 78 16.87 4.16 35.82
C PHE M 78 17.11 5.66 35.55
N CYS M 79 17.40 6.41 36.61
CA CYS M 79 17.70 7.85 36.49
C CYS M 79 18.82 8.05 35.48
N VAL M 80 19.91 7.33 35.67
CA VAL M 80 21.07 7.42 34.78
C VAL M 80 20.71 7.13 33.31
N TRP M 81 20.04 6.01 33.10
CA TRP M 81 19.63 5.59 31.75
C TRP M 81 18.59 6.52 31.07
N ASN M 82 17.71 7.14 31.86
CA ASN M 82 16.73 8.09 31.29
C ASN M 82 17.42 9.38 30.80
N THR M 83 18.44 9.80 31.53
CA THR M 83 19.26 10.92 31.09
C THR M 83 20.09 10.49 29.88
N LEU M 84 20.68 9.30 29.97
CA LEU M 84 21.45 8.74 28.86
C LEU M 84 20.66 8.78 27.53
N HIS M 85 19.39 8.38 27.58
CA HIS M 85 18.58 8.33 26.36
C HIS M 85 18.42 9.69 25.72
N GLY M 86 18.27 10.73 26.55
CA GLY M 86 18.22 12.12 26.06
C GLY M 86 19.48 12.48 25.28
N ALA M 87 20.64 12.06 25.80
CA ALA M 87 21.93 12.32 25.16
C ALA M 87 22.17 11.50 23.89
N LEU M 88 21.75 10.23 23.90
CA LEU M 88 21.80 9.38 22.70
C LEU M 88 21.09 9.97 21.49
N LYS M 89 19.96 10.62 21.74
CA LYS M 89 19.21 11.31 20.69
C LYS M 89 19.89 12.63 20.35
N GLU M 90 20.18 13.42 21.38
CA GLU M 90 20.72 14.76 21.20
C GLU M 90 22.13 14.79 20.59
N HIS M 91 23.02 13.92 21.07
CA HIS M 91 24.46 14.00 20.74
C HIS M 91 25.04 12.89 19.86
N TYR M 92 24.46 11.68 19.90
CA TYR M 92 25.04 10.50 19.23
C TYR M 92 24.14 9.93 18.13
N TYR M 93 23.18 10.75 17.68
CA TYR M 93 22.32 10.45 16.52
C TYR M 93 21.59 9.12 16.57
N LEU M 94 20.96 8.82 17.70
CA LEU M 94 20.06 7.66 17.79
C LEU M 94 18.76 7.96 17.06
N GLN M 95 18.17 6.93 16.45
CA GLN M 95 16.87 7.05 15.77
C GLN M 95 15.74 6.47 16.63
N GLU M 101 4.89 2.55 17.37
CA GLU M 101 4.98 1.11 17.55
C GLU M 101 4.89 0.74 19.04
N ASP M 102 5.86 1.22 19.83
CA ASP M 102 5.97 0.82 21.24
C ASP M 102 5.39 1.85 22.21
N ASP M 103 5.30 1.47 23.49
CA ASP M 103 4.89 2.37 24.57
C ASP M 103 5.86 3.54 24.75
N LEU M 104 7.12 3.19 24.94
CA LEU M 104 8.19 4.15 25.15
C LEU M 104 9.18 4.06 24.00
N GLU M 105 9.98 5.12 23.83
CA GLU M 105 11.06 5.09 22.87
C GLU M 105 12.08 4.06 23.28
N SER M 106 12.72 3.47 22.29
CA SER M 106 13.75 2.47 22.52
C SER M 106 15.13 3.11 22.52
N SER M 107 15.97 2.73 23.48
CA SER M 107 17.39 3.09 23.50
C SER M 107 18.23 2.14 22.62
N ARG M 108 17.58 1.10 22.05
CA ARG M 108 18.18 0.20 21.05
C ARG M 108 19.28 -0.70 21.57
N MET M 109 19.34 -0.90 22.88
CA MET M 109 20.33 -1.79 23.46
C MET M 109 19.79 -2.37 24.75
N ASP M 110 20.21 -3.60 25.01
CA ASP M 110 19.95 -4.27 26.25
C ASP M 110 21.31 -4.40 26.87
N VAL M 111 21.44 -4.05 28.15
CA VAL M 111 22.72 -4.19 28.84
C VAL M 111 22.56 -4.90 30.17
N LEU M 112 23.64 -5.51 30.62
CA LEU M 112 23.72 -6.08 31.96
C LEU M 112 24.75 -5.26 32.72
N ILE M 113 24.49 -5.00 33.99
CA ILE M 113 25.42 -4.27 34.83
C ILE M 113 25.79 -5.09 36.08
N ALA M 114 27.09 -5.32 36.25
CA ALA M 114 27.61 -6.08 37.38
C ALA M 114 28.54 -5.20 38.22
N ASN M 115 28.30 -5.18 39.52
CA ASN M 115 29.18 -4.53 40.48
C ASN M 115 29.12 -5.26 41.83
N PRO M 116 29.98 -4.88 42.79
CA PRO M 116 29.94 -5.56 44.09
C PRO M 116 28.62 -5.54 44.84
N ARG M 117 27.72 -4.61 44.50
CA ARG M 117 26.48 -4.44 45.27
C ARG M 117 25.23 -5.10 44.64
N GLY M 118 25.42 -5.80 43.52
CA GLY M 118 24.31 -6.56 42.90
C GLY M 118 24.43 -6.69 41.38
N ILE M 119 23.67 -7.63 40.82
CA ILE M 119 23.58 -7.79 39.36
C ILE M 119 22.26 -7.24 38.83
N PHE M 120 22.36 -6.52 37.70
CA PHE M 120 21.25 -5.75 37.16
C PHE M 120 21.15 -5.87 35.64
N GLY M 121 20.07 -5.33 35.09
CA GLY M 121 19.92 -5.23 33.65
C GLY M 121 19.03 -4.08 33.25
N VAL M 122 19.31 -3.52 32.08
CA VAL M 122 18.47 -2.48 31.52
C VAL M 122 18.14 -2.85 30.09
N ALA M 123 16.84 -3.02 29.80
CA ALA M 123 16.41 -3.32 28.45
C ALA M 123 16.35 -2.06 27.58
N ALA M 124 16.08 -2.26 26.29
CA ALA M 124 16.01 -1.18 25.32
C ALA M 124 15.00 -0.11 25.72
N HIS M 125 13.89 -0.52 26.33
CA HIS M 125 12.85 0.42 26.75
C HIS M 125 13.02 0.83 28.22
N ARG M 126 14.26 0.76 28.70
CA ARG M 126 14.68 1.25 30.02
C ARG M 126 13.99 0.57 31.19
N THR M 127 13.59 -0.67 30.96
CA THR M 127 13.19 -1.58 32.03
C THR M 127 14.43 -2.01 32.82
N VAL M 128 14.63 -1.38 33.97
CA VAL M 128 15.75 -1.69 34.84
C VAL M 128 15.33 -2.78 35.80
N GLN M 129 16.18 -3.78 35.95
CA GLN M 129 15.87 -4.95 36.76
C GLN M 129 17.07 -5.42 37.56
N GLU M 130 16.86 -5.69 38.85
CA GLU M 130 17.83 -6.41 39.64
C GLU M 130 17.50 -7.89 39.57
N PHE M 131 18.55 -8.69 39.30
CA PHE M 131 18.43 -10.14 39.16
C PHE M 131 18.91 -10.86 40.42
N SER M 132 18.29 -11.99 40.72
CA SER M 132 18.56 -12.76 41.94
C SER M 132 19.55 -13.90 41.73
N LYS M 133 19.66 -14.41 40.52
CA LYS M 133 20.53 -15.54 40.22
C LYS M 133 21.42 -15.25 39.02
N PHE M 134 20.78 -15.07 37.86
CA PHE M 134 21.48 -14.83 36.60
C PHE M 134 20.52 -14.34 35.52
N TYR M 135 21.06 -13.82 34.43
CA TYR M 135 20.24 -13.53 33.24
C TYR M 135 21.13 -13.35 32.02
N ALA M 136 20.51 -13.23 30.85
CA ALA M 136 21.22 -13.01 29.60
C ALA M 136 20.46 -12.04 28.68
N TYR M 137 21.21 -11.32 27.86
CA TYR M 137 20.63 -10.48 26.82
C TYR M 137 21.30 -10.77 25.48
N GLY M 138 20.80 -10.12 24.44
CA GLY M 138 21.30 -10.31 23.09
C GLY M 138 20.55 -11.44 22.41
N SER M 139 20.83 -11.62 21.12
CA SER M 139 20.15 -12.62 20.33
C SER M 139 20.49 -14.01 20.81
N GLY M 140 21.63 -14.15 21.50
CA GLY M 140 22.02 -15.45 22.06
C GLY M 140 21.43 -15.76 23.42
N SER M 141 20.66 -14.81 23.97
CA SER M 141 20.06 -14.93 25.30
C SER M 141 19.33 -16.24 25.62
N PRO M 142 18.42 -16.70 24.76
CA PRO M 142 17.68 -17.92 25.14
C PRO M 142 18.56 -19.16 25.29
N TYR M 143 19.68 -19.20 24.56
CA TYR M 143 20.64 -20.28 24.65
C TYR M 143 21.39 -20.25 25.96
N ALA M 144 21.80 -19.06 26.37
CA ALA M 144 22.52 -18.89 27.62
C ALA M 144 21.61 -19.19 28.82
N LEU M 145 20.41 -18.64 28.82
CA LEU M 145 19.49 -18.88 29.92
C LEU M 145 19.31 -20.39 30.11
N GLY M 146 19.18 -21.12 29.01
CA GLY M 146 19.06 -22.56 29.10
C GLY M 146 20.28 -23.22 29.70
N ALA M 147 21.46 -22.78 29.27
CA ALA M 147 22.70 -23.40 29.69
C ALA M 147 22.97 -23.12 31.16
N MET M 148 22.67 -21.90 31.58
CA MET M 148 22.89 -21.48 32.96
C MET M 148 21.84 -22.08 33.89
N TYR M 149 20.60 -22.19 33.43
CA TYR M 149 19.56 -22.89 34.21
C TYR M 149 19.99 -24.32 34.56
N ALA M 150 20.63 -25.00 33.60
CA ALA M 150 21.06 -26.39 33.81
C ALA M 150 22.30 -26.48 34.67
N ALA M 151 23.16 -25.45 34.60
CA ALA M 151 24.47 -25.50 35.25
C ALA M 151 24.51 -24.81 36.60
N TYR M 152 23.55 -23.94 36.87
CA TYR M 152 23.68 -23.00 37.98
C TYR M 152 23.97 -23.65 39.34
N ARG M 153 23.36 -24.79 39.60
CA ARG M 153 23.48 -25.43 40.91
C ARG M 153 24.58 -26.49 41.00
N ALA M 154 25.30 -26.68 39.90
CA ALA M 154 26.49 -27.56 39.89
C ALA M 154 27.59 -26.95 40.77
N PRO M 155 27.98 -27.65 41.84
CA PRO M 155 28.91 -27.08 42.82
C PRO M 155 30.33 -26.86 42.27
N SER M 156 30.73 -27.62 41.26
CA SER M 156 32.06 -27.44 40.65
C SER M 156 32.22 -26.09 39.92
N LEU M 157 31.12 -25.53 39.44
CA LEU M 157 31.14 -24.28 38.68
C LEU M 157 30.83 -23.08 39.59
N ASP M 158 31.73 -22.11 39.61
CA ASP M 158 31.48 -20.85 40.32
C ASP M 158 30.68 -19.90 39.41
N ALA M 159 30.59 -18.62 39.79
CA ALA M 159 29.78 -17.65 39.07
C ALA M 159 30.30 -17.37 37.66
N GLU M 160 31.62 -17.34 37.53
CA GLU M 160 32.25 -17.08 36.23
C GLU M 160 32.13 -18.27 35.28
N ALA M 161 32.26 -19.49 35.79
CA ALA M 161 32.08 -20.68 34.95
C ALA M 161 30.66 -20.78 34.39
N VAL M 162 29.66 -20.46 35.21
CA VAL M 162 28.27 -20.53 34.80
C VAL M 162 28.03 -19.51 33.68
N ALA M 163 28.46 -18.27 33.94
CA ALA M 163 28.31 -17.16 33.02
C ALA M 163 28.96 -17.48 31.67
N ARG M 164 30.21 -17.93 31.74
CA ARG M 164 30.99 -18.28 30.53
C ARG M 164 30.31 -19.40 29.77
N LEU M 165 29.87 -20.43 30.47
CA LEU M 165 29.21 -21.55 29.81
C LEU M 165 27.96 -21.07 29.07
N GLY M 166 27.27 -20.08 29.63
CA GLY M 166 26.14 -19.45 28.96
C GLY M 166 26.48 -18.91 27.58
N VAL M 167 27.60 -18.19 27.48
CA VAL M 167 28.01 -17.64 26.19
C VAL M 167 28.37 -18.75 25.22
N MET M 168 29.10 -19.74 25.70
CA MET M 168 29.55 -20.87 24.88
C MET M 168 28.39 -21.57 24.23
N ALA M 169 27.30 -21.72 24.98
CA ALA M 169 26.09 -22.33 24.46
C ALA M 169 25.56 -21.58 23.24
N ALA M 170 25.51 -20.26 23.36
CA ALA M 170 24.96 -19.40 22.32
C ALA M 170 25.87 -19.43 21.09
N ALA M 171 27.18 -19.32 21.32
CA ALA M 171 28.18 -19.39 20.25
C ALA M 171 28.19 -20.76 19.58
N GLU M 172 27.86 -21.80 20.33
CA GLU M 172 27.71 -23.13 19.74
C GLU M 172 26.57 -23.16 18.72
N PHE M 173 25.45 -22.47 18.99
CA PHE M 173 24.24 -22.64 18.18
C PHE M 173 23.71 -21.41 17.43
N HIS M 174 24.25 -20.22 17.67
CA HIS M 174 23.70 -19.01 17.04
C HIS M 174 24.71 -18.17 16.31
N ASP M 175 24.30 -17.70 15.12
CA ASP M 175 25.22 -17.08 14.18
C ASP M 175 25.61 -15.62 14.47
N GLU M 176 25.17 -15.07 15.60
CA GLU M 176 25.57 -13.70 16.00
C GLU M 176 26.47 -13.71 17.24
N SER M 177 26.84 -14.89 17.73
CA SER M 177 27.75 -14.99 18.86
C SER M 177 28.97 -15.81 18.46
N GLY M 178 30.13 -15.45 18.99
CA GLY M 178 31.34 -16.21 18.68
C GLY M 178 32.42 -16.15 19.74
N LEU M 179 33.20 -17.22 19.80
CA LEU M 179 34.33 -17.35 20.72
C LEU M 179 35.48 -16.45 20.27
N PRO M 180 36.38 -16.07 21.20
CA PRO M 180 36.44 -16.45 22.61
C PRO M 180 35.44 -15.69 23.49
N VAL M 181 35.32 -16.14 24.73
CA VAL M 181 34.45 -15.50 25.70
C VAL M 181 35.29 -14.58 26.52
N GLN M 182 34.79 -13.38 26.76
CA GLN M 182 35.40 -12.46 27.71
C GLN M 182 34.55 -12.56 28.97
N SER M 183 35.16 -12.48 30.14
CA SER M 183 34.42 -12.45 31.39
C SER M 183 35.16 -11.71 32.49
N PHE M 184 34.41 -11.34 33.53
CA PHE M 184 34.97 -10.71 34.72
C PHE M 184 34.26 -11.28 35.93
N VAL M 185 34.90 -11.23 37.08
CA VAL M 185 34.29 -11.70 38.33
C VAL M 185 34.67 -10.78 39.47
N MET M 186 33.80 -10.66 40.45
CA MET M 186 34.09 -9.82 41.60
C MET M 186 33.41 -10.37 42.86
N GLU M 187 33.72 -9.75 43.99
CA GLU M 187 33.18 -10.20 45.28
C GLU M 187 31.91 -9.42 45.63
N LEU M 188 30.90 -10.14 46.10
CA LEU M 188 29.70 -9.51 46.62
C LEU M 188 30.07 -8.73 47.88
N SER M 189 29.65 -7.47 47.95
CA SER M 189 29.94 -6.64 49.11
C SER M 189 28.99 -7.00 50.28
N PRO M 190 29.51 -7.02 51.53
CA PRO M 190 28.66 -7.33 52.68
C PRO M 190 27.84 -6.12 53.15
N THR N 1 0.07 -8.96 32.39
CA THR N 1 -0.15 -8.42 33.75
C THR N 1 -1.62 -8.48 34.12
N THR N 2 -1.89 -8.81 35.38
CA THR N 2 -3.20 -8.64 35.99
C THR N 2 -3.03 -7.80 37.24
N VAL N 3 -3.81 -6.75 37.37
CA VAL N 3 -3.95 -6.06 38.64
C VAL N 3 -5.44 -6.12 38.99
N THR N 4 -5.74 -6.22 40.28
CA THR N 4 -7.12 -6.17 40.77
C THR N 4 -7.24 -5.20 41.95
N ILE N 5 -8.48 -4.87 42.26
CA ILE N 5 -8.81 -3.95 43.34
C ILE N 5 -10.22 -4.25 43.80
N VAL N 6 -10.42 -4.26 45.11
CA VAL N 6 -11.68 -4.68 45.72
C VAL N 6 -11.98 -3.86 46.95
N ARG N 7 -13.27 -3.67 47.19
CA ARG N 7 -13.77 -2.97 48.34
C ARG N 7 -14.91 -3.82 48.88
N LYS N 8 -14.82 -4.20 50.15
CA LYS N 8 -15.80 -5.12 50.74
C LYS N 8 -15.73 -5.09 52.26
N ASP N 9 -16.89 -4.98 52.91
CA ASP N 9 -16.99 -5.02 54.37
C ASP N 9 -16.01 -4.06 55.05
N GLY N 10 -16.02 -2.81 54.59
CA GLY N 10 -15.20 -1.75 55.19
C GLY N 10 -13.70 -1.85 54.91
N ARG N 11 -13.30 -2.81 54.10
CA ARG N 11 -11.90 -3.00 53.79
C ARG N 11 -11.67 -2.79 52.29
N ILE N 12 -10.50 -2.23 51.97
CA ILE N 12 -10.09 -2.00 50.60
C ILE N 12 -8.80 -2.77 50.37
N ALA N 13 -8.79 -3.57 49.31
CA ALA N 13 -7.61 -4.35 48.95
C ALA N 13 -7.18 -4.10 47.50
N ILE N 14 -5.90 -4.32 47.22
CA ILE N 14 -5.34 -4.17 45.89
C ILE N 14 -4.29 -5.26 45.67
N ALA N 15 -4.19 -5.78 44.44
CA ALA N 15 -3.31 -6.92 44.19
C ALA N 15 -2.81 -6.95 42.76
N ALA N 16 -1.68 -7.64 42.56
CA ALA N 16 -1.07 -7.79 41.24
C ALA N 16 -0.33 -9.13 41.14
N ASP N 17 -0.14 -9.63 39.91
CA ASP N 17 0.78 -10.74 39.68
C ASP N 17 2.23 -10.21 39.70
N THR N 18 3.20 -11.07 39.38
CA THR N 18 4.61 -10.69 39.51
C THR N 18 5.49 -11.05 38.29
N LEU N 19 4.86 -11.50 37.22
CA LEU N 19 5.57 -11.94 36.03
C LEU N 19 5.80 -10.78 35.06
N THR N 20 7.03 -10.65 34.55
CA THR N 20 7.34 -9.66 33.53
C THR N 20 7.59 -10.45 32.26
N LYS N 21 7.31 -9.82 31.12
CA LYS N 21 7.49 -10.45 29.82
C LYS N 21 8.54 -9.70 29.02
N TRP N 22 9.26 -10.46 28.20
CA TRP N 22 10.21 -9.90 27.24
C TRP N 22 10.10 -10.79 26.00
N GLY N 23 9.30 -10.34 25.04
CA GLY N 23 8.83 -11.20 23.95
C GLY N 23 7.97 -12.30 24.55
N GLY N 24 8.15 -13.52 24.05
CA GLY N 24 7.60 -14.71 24.70
C GLY N 24 8.42 -15.12 25.92
N GLY N 25 9.53 -14.42 26.17
CA GLY N 25 10.35 -14.67 27.35
C GLY N 25 9.64 -14.35 28.66
N LYS N 26 9.81 -15.25 29.64
CA LYS N 26 9.29 -15.09 31.00
C LYS N 26 10.40 -14.64 31.96
N GLU N 27 10.08 -13.64 32.76
CA GLU N 27 10.98 -13.10 33.77
C GLU N 27 10.23 -13.09 35.12
N SER N 28 10.23 -14.24 35.78
CA SER N 28 9.42 -14.44 36.97
C SER N 28 10.07 -13.81 38.20
N ALA N 29 9.31 -13.78 39.30
CA ALA N 29 9.78 -13.25 40.57
C ALA N 29 10.91 -14.10 41.14
N ASP N 30 10.96 -15.37 40.72
CA ASP N 30 12.03 -16.28 41.09
C ASP N 30 13.39 -15.81 40.53
N TYR N 31 13.38 -15.09 39.40
CA TYR N 31 14.59 -14.56 38.75
C TYR N 31 14.75 -13.02 38.82
N VAL N 32 13.67 -12.30 39.09
CA VAL N 32 13.72 -10.85 39.20
C VAL N 32 13.38 -10.42 40.62
N ALA N 33 14.28 -9.67 41.24
CA ALA N 33 14.11 -9.21 42.61
C ALA N 33 13.07 -8.10 42.72
N ASN N 34 13.07 -7.16 41.78
CA ASN N 34 12.10 -6.05 41.77
C ASN N 34 10.90 -6.33 40.86
N HIS N 35 10.14 -7.34 41.26
CA HIS N 35 8.97 -7.85 40.52
C HIS N 35 7.66 -7.21 40.98
N GLU N 36 7.76 -6.32 41.98
CA GLU N 36 6.58 -5.63 42.52
C GLU N 36 5.97 -4.72 41.46
N LYS N 37 4.68 -4.93 41.18
CA LYS N 37 3.92 -4.08 40.24
C LYS N 37 3.10 -2.99 40.93
N ILE N 38 3.05 -3.04 42.26
CA ILE N 38 2.36 -2.01 43.02
C ILE N 38 3.37 -1.09 43.70
N ILE N 39 3.13 0.23 43.63
CA ILE N 39 3.93 1.22 44.37
C ILE N 39 3.10 1.99 45.39
N ARG N 40 3.78 2.64 46.32
CA ARG N 40 3.14 3.50 47.30
C ARG N 40 3.28 4.96 46.89
N VAL N 41 2.17 5.66 46.87
CA VAL N 41 2.15 7.10 46.63
C VAL N 41 1.34 7.71 47.78
N GLY N 42 2.05 8.32 48.73
CA GLY N 42 1.45 8.70 50.00
C GLY N 42 0.79 7.49 50.62
N ASP N 43 -0.48 7.63 51.02
CA ASP N 43 -1.24 6.50 51.58
C ASP N 43 -2.01 5.73 50.51
N SER N 44 -1.82 6.12 49.24
CA SER N 44 -2.40 5.39 48.14
C SER N 44 -1.46 4.30 47.66
N TYR N 45 -2.04 3.17 47.26
CA TYR N 45 -1.34 2.14 46.53
C TYR N 45 -1.74 2.23 45.06
N VAL N 46 -0.76 2.10 44.16
CA VAL N 46 -0.98 2.21 42.71
C VAL N 46 -0.46 0.98 41.97
N ALA N 47 -1.38 0.13 41.52
CA ALA N 47 -1.03 -1.07 40.76
C ALA N 47 -0.97 -0.75 39.26
N ILE N 48 0.12 -1.15 38.59
CA ILE N 48 0.44 -0.64 37.25
C ILE N 48 0.55 -1.73 36.17
N THR N 49 -0.12 -1.50 35.05
CA THR N 49 -0.09 -2.41 33.90
C THR N 49 0.57 -1.71 32.74
N GLY N 50 1.06 -2.50 31.79
CA GLY N 50 1.82 -1.98 30.66
C GLY N 50 3.28 -2.34 30.80
N SER N 51 4.12 -1.68 30.00
CA SER N 51 5.58 -1.87 30.05
C SER N 51 6.10 -1.83 31.49
N ALA N 52 6.95 -2.79 31.83
CA ALA N 52 7.54 -2.88 33.16
C ALA N 52 8.25 -1.60 33.62
N THR N 53 8.52 -0.68 32.69
CA THR N 53 9.21 0.58 32.97
C THR N 53 8.36 1.63 33.67
N PHE N 54 7.03 1.57 33.51
CA PHE N 54 6.15 2.61 34.07
C PHE N 54 6.17 2.70 35.60
N LYS N 55 6.45 1.59 36.29
CA LYS N 55 6.52 1.61 37.74
C LYS N 55 7.75 2.34 38.26
N LEU N 56 8.77 2.42 37.42
CA LEU N 56 9.97 3.17 37.74
C LEU N 56 9.73 4.64 37.41
N ILE N 57 9.03 4.89 36.30
CA ILE N 57 8.70 6.24 35.85
C ILE N 57 7.83 6.95 36.86
N LEU N 58 6.75 6.28 37.28
CA LEU N 58 5.83 6.88 38.26
C LEU N 58 6.54 7.10 39.59
N ALA N 59 7.22 6.07 40.09
CA ALA N 59 8.01 6.18 41.31
C ALA N 59 8.85 7.45 41.25
N ASP N 60 9.58 7.63 40.16
CA ASP N 60 10.51 8.75 40.02
C ASP N 60 9.75 10.09 39.94
N TYR N 61 8.69 10.12 39.13
CA TYR N 61 7.91 11.34 38.92
C TYR N 61 7.24 11.82 40.21
N PHE N 62 6.41 10.96 40.79
CA PHE N 62 5.72 11.31 42.04
C PHE N 62 6.65 11.74 43.16
N ALA N 63 7.84 11.13 43.23
CA ALA N 63 8.85 11.50 44.24
C ALA N 63 9.42 12.88 44.00
N SER N 64 9.39 13.34 42.75
CA SER N 64 9.95 14.63 42.38
C SER N 64 9.03 15.81 42.69
N LEU N 65 7.77 15.53 43.01
CA LEU N 65 6.79 16.58 43.32
C LEU N 65 7.00 17.14 44.72
N ASP N 66 6.67 18.42 44.90
CA ASP N 66 6.86 19.10 46.19
C ASP N 66 6.19 18.39 47.34
N GLU N 67 5.08 17.70 47.07
CA GLU N 67 4.47 16.76 48.02
C GLU N 67 3.61 15.72 47.29
N PRO N 68 3.37 14.55 47.92
CA PRO N 68 2.63 13.53 47.19
C PRO N 68 1.24 14.01 46.81
N PRO N 69 0.70 13.53 45.68
CA PRO N 69 -0.58 14.01 45.21
C PRO N 69 -1.71 13.47 46.04
N GLN N 70 -2.86 14.12 45.98
CA GLN N 70 -4.10 13.58 46.50
C GLN N 70 -4.73 12.75 45.39
N LEU N 71 -4.93 11.46 45.67
CA LEU N 71 -5.48 10.54 44.69
C LEU N 71 -6.75 9.91 45.26
N ASP N 72 -7.64 10.75 45.80
CA ASP N 72 -8.84 10.28 46.50
C ASP N 72 -10.14 10.91 45.99
N SER N 73 -10.11 11.47 44.78
CA SER N 73 -11.33 11.90 44.11
C SER N 73 -11.09 11.89 42.61
N VAL N 74 -12.15 11.58 41.87
CA VAL N 74 -12.10 11.44 40.43
C VAL N 74 -11.52 12.70 39.81
N ALA N 75 -12.00 13.85 40.24
CA ALA N 75 -11.53 15.15 39.75
C ALA N 75 -10.03 15.37 39.98
N ARG N 76 -9.59 15.09 41.19
CA ARG N 76 -8.19 15.27 41.58
C ARG N 76 -7.23 14.30 40.87
N ILE N 77 -7.64 13.05 40.74
CA ILE N 77 -6.87 12.04 40.01
C ILE N 77 -6.68 12.46 38.56
N PHE N 78 -7.78 12.86 37.91
CA PHE N 78 -7.72 13.29 36.54
C PHE N 78 -6.73 14.44 36.39
N CYS N 79 -6.83 15.41 37.28
CA CYS N 79 -5.93 16.56 37.23
C CYS N 79 -4.48 16.10 37.30
N VAL N 80 -4.17 15.22 38.26
CA VAL N 80 -2.83 14.66 38.40
C VAL N 80 -2.37 13.93 37.16
N TRP N 81 -3.21 13.02 36.66
CA TRP N 81 -2.86 12.21 35.49
C TRP N 81 -2.72 13.06 34.23
N ASN N 82 -3.59 14.04 34.04
CA ASN N 82 -3.47 14.91 32.88
C ASN N 82 -2.10 15.62 32.87
N THR N 83 -1.65 16.05 34.06
CA THR N 83 -0.34 16.67 34.22
C THR N 83 0.74 15.60 34.02
N LEU N 84 0.50 14.40 34.55
CA LEU N 84 1.40 13.27 34.37
C LEU N 84 1.63 12.95 32.90
N HIS N 85 0.57 12.92 32.10
CA HIS N 85 0.72 12.62 30.69
C HIS N 85 1.72 13.55 30.01
N GLY N 86 1.64 14.84 30.34
CA GLY N 86 2.57 15.85 29.83
C GLY N 86 4.01 15.56 30.19
N ALA N 87 4.22 15.05 31.40
CA ALA N 87 5.53 14.64 31.88
C ALA N 87 6.06 13.36 31.23
N LEU N 88 5.19 12.39 30.96
CA LEU N 88 5.62 11.17 30.27
C LEU N 88 6.17 11.49 28.88
N LYS N 89 5.47 12.34 28.14
CA LYS N 89 5.92 12.75 26.81
C LYS N 89 7.19 13.57 26.87
N GLU N 90 7.22 14.54 27.78
CA GLU N 90 8.34 15.46 27.88
C GLU N 90 9.61 14.80 28.42
N HIS N 91 9.55 14.23 29.63
CA HIS N 91 10.76 13.81 30.36
C HIS N 91 11.12 12.31 30.25
N TYR N 92 10.14 11.46 29.90
CA TYR N 92 10.31 9.99 29.93
C TYR N 92 10.09 9.27 28.58
N TYR N 93 10.02 10.03 27.48
CA TYR N 93 10.03 9.46 26.13
C TYR N 93 8.89 8.50 25.80
N LEU N 94 7.66 8.89 26.15
CA LEU N 94 6.46 8.18 25.74
C LEU N 94 6.17 8.43 24.26
N GLN N 95 5.57 7.45 23.59
CA GLN N 95 5.12 7.59 22.19
C GLN N 95 3.60 7.67 22.10
N GLU N 101 -5.57 7.32 14.83
CA GLU N 101 -6.08 6.25 15.68
C GLU N 101 -7.18 6.77 16.63
N ASP N 102 -6.86 7.03 17.91
CA ASP N 102 -7.86 7.23 18.98
C ASP N 102 -8.41 8.67 19.11
N ASP N 103 -9.36 8.87 20.01
CA ASP N 103 -9.88 10.21 20.33
C ASP N 103 -8.80 11.08 20.99
N LEU N 104 -8.24 10.55 22.07
CA LEU N 104 -7.25 11.22 22.88
C LEU N 104 -5.93 10.45 22.80
N GLU N 105 -4.82 11.14 23.04
CA GLU N 105 -3.52 10.47 23.18
C GLU N 105 -3.54 9.47 24.35
N SER N 106 -2.81 8.38 24.18
CA SER N 106 -2.76 7.33 25.18
C SER N 106 -1.54 7.48 26.08
N SER N 107 -1.77 7.35 27.37
CA SER N 107 -0.70 7.28 28.36
C SER N 107 -0.08 5.88 28.41
N ARG N 108 -0.72 4.92 27.72
CA ARG N 108 -0.20 3.56 27.50
C ARG N 108 -0.15 2.68 28.73
N MET N 109 -0.87 3.03 29.78
CA MET N 109 -0.95 2.19 30.97
C MET N 109 -2.32 2.33 31.60
N ASP N 110 -2.75 1.25 32.22
CA ASP N 110 -3.99 1.24 32.97
C ASP N 110 -3.61 0.98 34.43
N VAL N 111 -4.00 1.89 35.34
CA VAL N 111 -3.67 1.74 36.77
C VAL N 111 -4.91 1.56 37.61
N LEU N 112 -4.74 0.93 38.78
CA LEU N 112 -5.74 0.88 39.81
C LEU N 112 -5.16 1.59 41.01
N ILE N 113 -5.98 2.35 41.70
CA ILE N 113 -5.52 3.14 42.82
C ILE N 113 -6.39 2.81 44.03
N ALA N 114 -5.75 2.30 45.09
CA ALA N 114 -6.42 2.03 46.35
C ALA N 114 -5.91 2.98 47.40
N ASN N 115 -6.83 3.53 48.20
CA ASN N 115 -6.50 4.19 49.46
C ASN N 115 -7.66 4.08 50.46
N PRO N 116 -7.51 4.65 51.68
CA PRO N 116 -8.59 4.56 52.65
C PRO N 116 -9.89 5.30 52.29
N ARG N 117 -9.85 6.16 51.27
CA ARG N 117 -11.02 6.93 50.86
C ARG N 117 -11.75 6.35 49.64
N GLY N 118 -11.35 5.17 49.18
CA GLY N 118 -12.05 4.52 48.06
C GLY N 118 -11.12 3.88 47.05
N ILE N 119 -11.71 3.22 46.05
CA ILE N 119 -10.96 2.52 45.03
C ILE N 119 -11.23 3.13 43.67
N PHE N 120 -10.18 3.27 42.89
CA PHE N 120 -10.26 3.99 41.63
C PHE N 120 -9.49 3.28 40.55
N GLY N 121 -9.64 3.78 39.33
CA GLY N 121 -8.83 3.32 38.20
C GLY N 121 -8.59 4.45 37.23
N VAL N 122 -7.47 4.39 36.52
CA VAL N 122 -7.25 5.30 35.40
C VAL N 122 -6.89 4.44 34.22
N ALA N 123 -7.69 4.56 33.16
CA ALA N 123 -7.37 3.87 31.92
C ALA N 123 -6.39 4.69 31.12
N ALA N 124 -5.77 4.04 30.14
CA ALA N 124 -4.78 4.62 29.25
C ALA N 124 -5.15 5.98 28.68
N HIS N 125 -6.44 6.18 28.43
CA HIS N 125 -6.92 7.44 27.87
C HIS N 125 -7.44 8.39 28.93
N ARG N 126 -6.94 8.21 30.16
CA ARG N 126 -7.22 9.08 31.30
C ARG N 126 -8.69 9.11 31.72
N THR N 127 -9.38 8.00 31.46
CA THR N 127 -10.69 7.74 32.00
C THR N 127 -10.49 7.42 33.48
N VAL N 128 -10.81 8.37 34.34
CA VAL N 128 -10.76 8.16 35.78
C VAL N 128 -12.08 7.60 36.23
N GLN N 129 -12.04 6.53 37.02
CA GLN N 129 -13.25 5.93 37.53
C GLN N 129 -13.13 5.62 39.01
N GLU N 130 -14.21 5.81 39.76
CA GLU N 130 -14.32 5.21 41.10
C GLU N 130 -15.15 3.94 40.98
N PHE N 131 -14.68 2.87 41.60
CA PHE N 131 -15.37 1.60 41.58
C PHE N 131 -16.16 1.41 42.88
N SER N 132 -17.25 0.66 42.78
CA SER N 132 -18.15 0.42 43.92
C SER N 132 -17.95 -0.95 44.56
N LYS N 133 -17.56 -1.94 43.75
CA LYS N 133 -17.28 -3.30 44.25
C LYS N 133 -15.82 -3.71 43.97
N PHE N 134 -15.48 -3.84 42.70
CA PHE N 134 -14.14 -4.27 42.31
C PHE N 134 -13.90 -3.98 40.83
N TYR N 135 -12.64 -4.07 40.40
CA TYR N 135 -12.33 -4.02 38.98
C TYR N 135 -10.95 -4.64 38.72
N ALA N 136 -10.61 -4.81 37.46
CA ALA N 136 -9.31 -5.33 37.06
C ALA N 136 -8.78 -4.69 35.79
N TYR N 137 -7.47 -4.68 35.66
CA TYR N 137 -6.82 -4.16 34.47
C TYR N 137 -5.68 -5.07 34.06
N GLY N 138 -5.14 -4.85 32.87
CA GLY N 138 -4.10 -5.70 32.29
C GLY N 138 -4.72 -6.72 31.35
N SER N 139 -3.86 -7.47 30.65
CA SER N 139 -4.34 -8.50 29.73
C SER N 139 -5.08 -9.61 30.47
N GLY N 140 -4.84 -9.73 31.77
CA GLY N 140 -5.48 -10.77 32.57
C GLY N 140 -6.81 -10.41 33.21
N SER N 141 -7.27 -9.16 33.05
CA SER N 141 -8.48 -8.69 33.77
C SER N 141 -9.78 -9.42 33.46
N PRO N 142 -9.97 -9.90 32.21
CA PRO N 142 -11.21 -10.66 31.97
C PRO N 142 -11.35 -11.89 32.88
N TYR N 143 -10.27 -12.65 33.00
CA TYR N 143 -10.18 -13.80 33.91
C TYR N 143 -10.43 -13.37 35.35
N ALA N 144 -9.84 -12.23 35.72
CA ALA N 144 -9.94 -11.69 37.07
C ALA N 144 -11.36 -11.24 37.42
N LEU N 145 -11.97 -10.47 36.51
CA LEU N 145 -13.35 -10.02 36.67
C LEU N 145 -14.26 -11.24 36.79
N GLY N 146 -14.03 -12.24 35.95
CA GLY N 146 -14.74 -13.51 36.05
C GLY N 146 -14.73 -14.07 37.46
N ALA N 147 -13.53 -14.32 37.98
CA ALA N 147 -13.38 -14.97 39.29
C ALA N 147 -13.96 -14.12 40.42
N MET N 148 -13.58 -12.85 40.44
CA MET N 148 -14.02 -11.93 41.45
C MET N 148 -15.54 -11.75 41.46
N TYR N 149 -16.16 -11.69 40.29
CA TYR N 149 -17.62 -11.77 40.18
C TYR N 149 -18.18 -13.02 40.88
N ALA N 150 -17.55 -14.18 40.68
CA ALA N 150 -18.03 -15.43 41.26
C ALA N 150 -17.81 -15.53 42.77
N ALA N 151 -16.86 -14.77 43.30
CA ALA N 151 -16.46 -14.90 44.69
C ALA N 151 -16.89 -13.73 45.58
N TYR N 152 -17.20 -12.58 44.97
CA TYR N 152 -17.32 -11.32 45.71
C TYR N 152 -18.16 -11.41 46.97
N ARG N 153 -19.24 -12.19 46.91
CA ARG N 153 -20.19 -12.24 48.00
C ARG N 153 -19.99 -13.43 48.93
N ALA N 154 -18.96 -14.24 48.69
CA ALA N 154 -18.64 -15.35 49.59
C ALA N 154 -18.24 -14.79 50.95
N PRO N 155 -18.89 -15.26 52.03
CA PRO N 155 -18.67 -14.67 53.36
C PRO N 155 -17.27 -14.94 53.92
N SER N 156 -16.72 -16.12 53.65
CA SER N 156 -15.38 -16.47 54.12
C SER N 156 -14.27 -15.62 53.49
N LEU N 157 -14.50 -15.08 52.29
CA LEU N 157 -13.48 -14.32 51.56
C LEU N 157 -13.63 -12.83 51.75
N ASP N 158 -12.63 -12.21 52.38
CA ASP N 158 -12.61 -10.76 52.55
C ASP N 158 -12.03 -10.07 51.30
N ALA N 159 -11.99 -8.74 51.33
CA ALA N 159 -11.53 -7.90 50.23
C ALA N 159 -10.19 -8.35 49.62
N GLU N 160 -9.21 -8.63 50.48
CA GLU N 160 -7.91 -9.08 50.03
C GLU N 160 -7.98 -10.45 49.41
N ALA N 161 -8.75 -11.35 50.00
CA ALA N 161 -8.89 -12.70 49.46
C ALA N 161 -9.49 -12.67 48.06
N VAL N 162 -10.50 -11.84 47.85
CA VAL N 162 -11.16 -11.74 46.56
C VAL N 162 -10.19 -11.15 45.53
N ALA N 163 -9.55 -10.04 45.88
CA ALA N 163 -8.54 -9.40 45.02
C ALA N 163 -7.49 -10.38 44.52
N ARG N 164 -6.89 -11.12 45.45
CA ARG N 164 -5.88 -12.15 45.13
C ARG N 164 -6.46 -13.26 44.25
N LEU N 165 -7.66 -13.70 44.57
CA LEU N 165 -8.29 -14.75 43.79
C LEU N 165 -8.38 -14.33 42.33
N GLY N 166 -8.60 -13.04 42.12
CA GLY N 166 -8.67 -12.49 40.76
C GLY N 166 -7.37 -12.66 39.99
N VAL N 167 -6.26 -12.35 40.64
CA VAL N 167 -4.95 -12.48 40.01
C VAL N 167 -4.66 -13.96 39.71
N MET N 168 -4.96 -14.84 40.65
CA MET N 168 -4.72 -16.26 40.49
C MET N 168 -5.45 -16.82 39.28
N ALA N 169 -6.69 -16.37 39.08
CA ALA N 169 -7.50 -16.82 37.95
C ALA N 169 -6.79 -16.60 36.62
N ALA N 170 -6.19 -15.41 36.49
CA ALA N 170 -5.52 -15.02 35.26
C ALA N 170 -4.20 -15.76 35.11
N ALA N 171 -3.46 -15.88 36.20
CA ALA N 171 -2.20 -16.63 36.17
C ALA N 171 -2.44 -18.07 35.72
N GLU N 172 -3.58 -18.63 36.12
CA GLU N 172 -3.94 -19.98 35.75
C GLU N 172 -4.05 -20.12 34.24
N PHE N 173 -4.66 -19.15 33.58
CA PHE N 173 -5.02 -19.31 32.16
C PHE N 173 -4.33 -18.42 31.13
N HIS N 174 -3.68 -17.34 31.57
CA HIS N 174 -3.05 -16.41 30.63
C HIS N 174 -1.54 -16.32 30.79
N ASP N 175 -0.85 -16.18 29.65
CA ASP N 175 0.61 -16.30 29.60
C ASP N 175 1.36 -14.98 29.86
N GLU N 176 0.64 -13.93 30.24
CA GLU N 176 1.29 -12.68 30.63
C GLU N 176 1.11 -12.46 32.12
N SER N 177 0.57 -13.45 32.83
CA SER N 177 0.42 -13.35 34.27
C SER N 177 1.05 -14.55 34.95
N GLY N 178 1.61 -14.33 36.13
CA GLY N 178 2.25 -15.43 36.88
C GLY N 178 2.35 -15.22 38.37
N LEU N 179 2.37 -16.32 39.10
CA LEU N 179 2.49 -16.30 40.56
C LEU N 179 3.94 -15.98 40.90
N PRO N 180 4.18 -15.52 42.14
CA PRO N 180 3.24 -15.28 43.24
C PRO N 180 2.39 -14.02 43.07
N VAL N 181 1.39 -13.88 43.95
CA VAL N 181 0.51 -12.72 43.94
C VAL N 181 0.90 -11.75 45.04
N GLN N 182 1.18 -10.51 44.67
CA GLN N 182 1.40 -9.45 45.64
C GLN N 182 0.03 -8.86 46.01
N SER N 183 -0.14 -8.39 47.25
CA SER N 183 -1.36 -7.68 47.64
C SER N 183 -1.18 -6.87 48.91
N PHE N 184 -2.02 -5.85 49.07
CA PHE N 184 -2.08 -5.05 50.28
C PHE N 184 -3.55 -4.93 50.66
N VAL N 185 -3.83 -4.68 51.94
CA VAL N 185 -5.19 -4.46 52.41
C VAL N 185 -5.22 -3.34 53.42
N MET N 186 -6.31 -2.58 53.46
CA MET N 186 -6.43 -1.44 54.37
C MET N 186 -7.87 -1.25 54.83
N GLU N 187 -8.09 -0.28 55.71
CA GLU N 187 -9.41 -0.05 56.27
C GLU N 187 -10.06 1.17 55.60
N LEU N 188 -11.35 1.06 55.28
CA LEU N 188 -12.11 2.18 54.76
C LEU N 188 -12.22 3.24 55.85
N SER N 189 -11.86 4.48 55.53
CA SER N 189 -11.95 5.55 56.52
C SER N 189 -13.43 5.92 56.68
N PRO N 190 -13.85 6.28 57.90
CA PRO N 190 -15.27 6.59 58.16
C PRO N 190 -15.71 7.92 57.55
#